data_6O4D
#
_entry.id   6O4D
#
_cell.length_a   155.775
_cell.length_b   161.975
_cell.length_c   159.044
_cell.angle_alpha   90.00
_cell.angle_beta   94.88
_cell.angle_gamma   90.00
#
_symmetry.space_group_name_H-M   'C 1 2 1'
#
loop_
_entity.id
_entity.type
_entity.pdbx_description
1 polymer 'Alpha-aminoadipic semialdehyde dehydrogenase'
2 polymer 'Alpha-aminoadipic semialdehyde dehydrogenase'
3 polymer 'Alpha-aminoadipic semialdehyde dehydrogenase'
4 non-polymer 'PYRIDINE-2-CARBOXYLIC ACID'
5 non-polymer 'TRIETHYLENE GLYCOL'
6 non-polymer DI(HYDROXYETHYL)ETHER
7 non-polymer 'PENTAETHYLENE GLYCOL'
8 non-polymer 'TETRAETHYLENE GLYCOL'
9 non-polymer 1,2-ETHANEDIOL
10 water water
#
loop_
_entity_poly.entity_id
_entity_poly.type
_entity_poly.pdbx_seq_one_letter_code
_entity_poly.pdbx_strand_id
1 'polypeptide(L)'
;GHMSTLLINQPQYAWLKELGLREENEGVYNGSWGGRGEVITTYCPANNEPIARVRQASVADYEETVKKAREAWKIWADIP
APKRGEIVRQIGDALREKIQVLGSLVSLEMGKILVEGVGEVQEYVDICDYAVGLSRMIGGPILPSERSGHALIEQWNPVG
LVGIITAFNFPVAVYGANNAIAMICGNVCLWKGAPTTSLISVAVTKIIAKVLEDNKLPGAICSLTCGGADIGTAMAKDER
VNLLSFTGSTQVGKQVGLMVQERFGRSLLELGGNNAIIAFEDADLSLVVPSALFAAVGTAGQR(CSO)TTARRLFIHESI
HDEVVNRLKKAYAQIRVGNPWDPNVLYGPLHTKQAVSMFLGAVEEAKKEGGTVVYGGKVMDRPGNYVEPTIVTGLGHDAS
IAHTETFAPILYVFKFKNEEEVFAWNNEVKQGLSSSIFTKDLGRIFRWLGPKGSDCGIVNVNIPTSGAEIGGAFGGEKHT
GGGRESGSDAWKQYMRRSTCTINYSKDLPLAQGIKFQ
;
A
2 'polypeptide(L)'
;GHMSTLLINQPQYAWLKELGLREENEGVYNGSWGGRGEVITTYCPANNEPIARVRQASVADYEETVKKAREAWKIWADIP
APKRGEIVRQIGDALREKIQVLGSLVSLEMGKILVEGVGEVQEYVDICDYAVGLSRMIGGPILPSERSGHALIEQWNPVG
LVGIITAFNFPVAVYGANNAIAMICGNVCLWKGAPTTSLISVAVTKIIAKVLEDNKLPGAICSLTCGGADIGTAMAKDER
VNLLSFTGSTQVGKQVGLMVQERFGRSLLELGGNNAIIAFEDADLSLVVPSALFAAVGTAGQR(OCS)TTARRLFIHESI
HDEVVNRLKKAYAQIRVGNPWDPNVLYGPLHTKQAVSMFLGAVEEAKKEGGTVVYGGKVMDRPGNYVEPTIVTGLGHDAS
IAHTETFAPILYVFKFKNEEEVFAWNNEVKQGLSSSIFTKDLGRIFRWLGPKGSDCGIVNVNIPTSGAEIGGAFGGEKHT
GGGRESGSDAWKQYMRRSTCTINYSKDLPLAQGIKFQ
;
B,G
3 'polypeptide(L)'
;GHMSTLLINQPQYAWLKELGLREENEGVYNGSWGGRGEVITTYCPANNEPIARVRQASVADYEETVKKAREAWKIWADIP
APKRGEIVRQIGDALREKIQVLGSLVSLEMGKILVEGVGEVQEYVDICDYAVGLSRMIGGPILPSERSGHALIEQWNPVG
LVGIITAFNFPVAVYGANNAIAMICGNVCLWKGAPTTSLISVAVTKIIAKVLEDNKLPGAICSLTCGGADIGTAMAKDER
VNLLSFTGSTQVGKQVGLMVQERFGRSLLELGGNNAIIAFEDADLSLVVPSALFAAVGTAGQRCTTARRLFIHESIHDEV
VNRLKKAYAQIRVGNPWDPNVLYGPLHTKQAVSMFLGAVEEAKKEGGTVVYGGKVMDRPGNYVEPTIVTGLGHDASIAHT
ETFAPILYVFKFKNEEEVFAWNNEVKQGLSSSIFTKDLGRIFRWLGPKGSDCGIVNVNIPTSGAEIGGAFGGEKHTGGGR
ESGSDAWKQYMRRSTCTINYSKDLPLAQGIKFQ
;
C,D,E,F,H
#
# COMPACT_ATOMS: atom_id res chain seq x y z
N THR A 5 -43.39 -17.99 -10.12
CA THR A 5 -42.26 -17.13 -10.46
C THR A 5 -40.99 -17.48 -9.68
N LEU A 6 -40.98 -17.19 -8.37
CA LEU A 6 -39.92 -17.65 -7.49
C LEU A 6 -39.97 -19.18 -7.35
N LEU A 7 -38.82 -19.83 -7.49
CA LEU A 7 -38.78 -21.29 -7.38
C LEU A 7 -39.35 -21.77 -6.04
N ILE A 8 -39.09 -21.02 -4.96
CA ILE A 8 -39.60 -21.42 -3.65
C ILE A 8 -41.12 -21.41 -3.64
N ASN A 9 -41.75 -20.64 -4.54
CA ASN A 9 -43.20 -20.61 -4.65
C ASN A 9 -43.75 -21.65 -5.63
N GLN A 10 -42.92 -22.62 -6.08
CA GLN A 10 -43.31 -23.72 -6.94
C GLN A 10 -43.33 -25.04 -6.14
N PRO A 11 -44.17 -26.03 -6.56
CA PRO A 11 -44.31 -27.25 -5.76
C PRO A 11 -43.14 -28.20 -5.91
N GLN A 12 -42.55 -28.21 -7.11
CA GLN A 12 -41.34 -28.98 -7.38
C GLN A 12 -40.20 -28.67 -6.40
N TYR A 13 -40.22 -27.49 -5.75
CA TYR A 13 -39.16 -27.06 -4.86
C TYR A 13 -39.65 -26.84 -3.44
N ALA A 14 -40.83 -27.36 -3.10
CA ALA A 14 -41.42 -27.10 -1.79
C ALA A 14 -40.54 -27.60 -0.64
N TRP A 15 -39.63 -28.54 -0.91
CA TRP A 15 -38.71 -29.03 0.10
C TRP A 15 -37.87 -27.91 0.70
N LEU A 16 -37.77 -26.77 0.00
CA LEU A 16 -37.02 -25.63 0.52
C LEU A 16 -37.58 -25.13 1.86
N LYS A 17 -38.88 -25.29 2.08
CA LYS A 17 -39.46 -24.82 3.34
C LYS A 17 -39.05 -25.70 4.51
N GLU A 18 -38.55 -26.92 4.25
CA GLU A 18 -38.02 -27.75 5.33
C GLU A 18 -36.81 -27.12 5.99
N LEU A 19 -36.12 -26.21 5.31
CA LEU A 19 -35.01 -25.46 5.89
C LEU A 19 -35.49 -24.17 6.54
N GLY A 20 -36.79 -23.94 6.57
CA GLY A 20 -37.35 -22.73 7.12
C GLY A 20 -37.24 -21.51 6.22
N LEU A 21 -36.93 -21.69 4.95
CA LEU A 21 -36.83 -20.56 4.03
C LEU A 21 -38.20 -20.19 3.47
N ARG A 22 -38.36 -18.91 3.15
CA ARG A 22 -39.61 -18.42 2.59
C ARG A 22 -39.28 -17.43 1.47
N GLU A 23 -40.30 -16.70 1.03
CA GLU A 23 -40.16 -15.83 -0.14
C GLU A 23 -39.10 -14.76 0.08
N GLU A 24 -39.16 -14.07 1.23
CA GLU A 24 -38.15 -13.09 1.61
C GLU A 24 -37.64 -13.47 2.99
N ASN A 25 -36.32 -13.56 3.14
CA ASN A 25 -35.70 -14.06 4.35
C ASN A 25 -34.81 -12.99 4.96
N GLU A 26 -34.84 -12.90 6.29
CA GLU A 26 -33.90 -12.05 7.01
C GLU A 26 -32.49 -12.61 6.87
N GLY A 27 -31.55 -11.74 6.50
CA GLY A 27 -30.16 -12.11 6.37
C GLY A 27 -29.23 -11.62 7.46
N VAL A 28 -29.74 -11.05 8.55
CA VAL A 28 -28.95 -10.73 9.73
C VAL A 28 -29.46 -11.60 10.88
N TYR A 29 -28.55 -12.27 11.58
CA TYR A 29 -28.89 -12.96 12.82
C TYR A 29 -27.87 -12.59 13.89
N ASN A 30 -28.36 -12.13 15.04
CA ASN A 30 -27.49 -11.86 16.17
C ASN A 30 -28.21 -12.21 17.46
N GLY A 31 -29.07 -13.24 17.42
CA GLY A 31 -30.02 -13.53 18.46
C GLY A 31 -31.40 -13.06 18.11
N SER A 32 -31.49 -12.01 17.30
CA SER A 32 -32.69 -11.59 16.58
C SER A 32 -32.40 -11.69 15.09
N TRP A 33 -33.43 -12.00 14.32
CA TRP A 33 -33.35 -11.98 12.86
C TRP A 33 -33.78 -10.62 12.35
N GLY A 34 -33.08 -10.14 11.30
CA GLY A 34 -33.40 -8.87 10.69
C GLY A 34 -32.65 -8.60 9.40
N GLY A 35 -32.46 -7.33 9.09
CA GLY A 35 -31.75 -6.92 7.90
C GLY A 35 -32.37 -5.69 7.26
N ARG A 36 -31.66 -4.57 7.29
CA ARG A 36 -32.14 -3.33 6.71
C ARG A 36 -31.37 -2.91 5.47
N GLY A 37 -30.43 -3.71 5.01
CA GLY A 37 -29.73 -3.42 3.78
C GLY A 37 -30.57 -3.77 2.55
N GLU A 38 -29.90 -3.80 1.40
CA GLU A 38 -30.60 -4.07 0.16
C GLU A 38 -31.08 -5.52 0.11
N VAL A 39 -32.24 -5.73 -0.50
CA VAL A 39 -32.79 -7.06 -0.68
C VAL A 39 -32.17 -7.69 -1.92
N ILE A 40 -31.52 -8.84 -1.77
CA ILE A 40 -30.89 -9.54 -2.89
C ILE A 40 -31.77 -10.72 -3.29
N THR A 41 -31.83 -11.00 -4.58
CA THR A 41 -32.45 -12.21 -5.10
C THR A 41 -31.35 -13.14 -5.58
N THR A 42 -31.39 -14.41 -5.16
CA THR A 42 -30.42 -15.37 -5.69
C THR A 42 -31.08 -16.27 -6.71
N TYR A 43 -30.29 -16.68 -7.70
CA TYR A 43 -30.80 -17.38 -8.87
C TYR A 43 -30.20 -18.78 -8.95
N CYS A 44 -30.98 -19.71 -9.51
CA CYS A 44 -30.49 -21.05 -9.76
C CYS A 44 -29.59 -21.04 -11.00
N PRO A 45 -28.31 -21.40 -10.88
CA PRO A 45 -27.41 -21.31 -12.05
C PRO A 45 -27.71 -22.29 -13.17
N ALA A 46 -28.54 -23.30 -12.93
CA ALA A 46 -28.84 -24.26 -13.98
C ALA A 46 -29.94 -23.80 -14.91
N ASN A 47 -30.69 -22.75 -14.54
CA ASN A 47 -31.76 -22.28 -15.41
C ASN A 47 -32.02 -20.78 -15.29
N ASN A 48 -31.21 -20.05 -14.52
CA ASN A 48 -31.32 -18.60 -14.33
C ASN A 48 -32.66 -18.16 -13.76
N GLU A 49 -33.37 -19.04 -13.07
CA GLU A 49 -34.62 -18.61 -12.46
C GLU A 49 -34.40 -18.20 -11.01
N PRO A 50 -35.08 -17.14 -10.56
CA PRO A 50 -34.91 -16.70 -9.18
C PRO A 50 -35.47 -17.73 -8.20
N ILE A 51 -34.81 -17.84 -7.04
CA ILE A 51 -35.18 -18.85 -6.05
C ILE A 51 -36.03 -18.20 -4.97
N ALA A 52 -35.44 -17.23 -4.27
CA ALA A 52 -36.01 -16.55 -3.11
C ALA A 52 -35.13 -15.34 -2.82
N ARG A 53 -35.54 -14.55 -1.82
CA ARG A 53 -34.87 -13.29 -1.52
C ARG A 53 -34.35 -13.26 -0.09
N VAL A 54 -33.35 -12.40 0.13
CA VAL A 54 -32.67 -12.27 1.42
C VAL A 54 -32.44 -10.79 1.68
N ARG A 55 -32.82 -10.32 2.87
CA ARG A 55 -32.61 -8.94 3.27
C ARG A 55 -31.23 -8.80 3.89
N GLN A 56 -30.36 -8.03 3.23
CA GLN A 56 -28.96 -7.99 3.64
C GLN A 56 -28.76 -6.98 4.78
N ALA A 57 -27.55 -7.04 5.35
CA ALA A 57 -27.15 -6.15 6.43
C ALA A 57 -26.87 -4.74 5.92
N SER A 58 -27.44 -3.74 6.60
CA SER A 58 -26.96 -2.37 6.50
C SER A 58 -25.70 -2.23 7.36
N VAL A 59 -25.10 -1.04 7.33
CA VAL A 59 -23.95 -0.81 8.17
C VAL A 59 -24.36 -0.75 9.64
N ALA A 60 -25.54 -0.20 9.92
CA ALA A 60 -26.05 -0.20 11.30
C ALA A 60 -26.32 -1.62 11.79
N ASP A 61 -26.85 -2.49 10.91
CA ASP A 61 -27.02 -3.90 11.27
C ASP A 61 -25.69 -4.52 11.66
N TYR A 62 -24.64 -4.24 10.88
CA TYR A 62 -23.32 -4.78 11.17
C TYR A 62 -22.84 -4.31 12.53
N GLU A 63 -22.94 -3.00 12.78
CA GLU A 63 -22.46 -2.43 14.03
C GLU A 63 -23.14 -3.06 15.24
N GLU A 64 -24.47 -3.14 15.24
CA GLU A 64 -25.15 -3.76 16.37
C GLU A 64 -24.77 -5.22 16.52
N THR A 65 -24.53 -5.91 15.42
CA THR A 65 -24.24 -7.34 15.49
C THR A 65 -22.87 -7.61 16.10
N VAL A 66 -21.85 -6.88 15.63
CA VAL A 66 -20.53 -6.96 16.26
C VAL A 66 -20.65 -6.73 17.76
N LYS A 67 -21.42 -5.71 18.15
CA LYS A 67 -21.54 -5.39 19.57
C LYS A 67 -22.24 -6.50 20.34
N LYS A 68 -23.27 -7.10 19.76
CA LYS A 68 -23.97 -8.18 20.46
C LYS A 68 -23.13 -9.45 20.50
N ALA A 69 -22.31 -9.68 19.49
CA ALA A 69 -21.46 -10.87 19.52
C ALA A 69 -20.43 -10.77 20.63
N ARG A 70 -19.82 -9.60 20.77
CA ARG A 70 -18.78 -9.40 21.79
C ARG A 70 -19.38 -9.46 23.20
N GLU A 71 -20.62 -9.01 23.36
CA GLU A 71 -21.31 -9.19 24.63
C GLU A 71 -21.58 -10.67 24.89
N ALA A 72 -22.00 -11.41 23.86
CA ALA A 72 -22.23 -12.84 24.05
C ALA A 72 -20.95 -13.57 24.42
N TRP A 73 -19.80 -13.10 23.90
CA TRP A 73 -18.53 -13.75 24.20
C TRP A 73 -18.25 -13.78 25.71
N LYS A 74 -18.73 -12.78 26.46
CA LYS A 74 -18.51 -12.79 27.90
C LYS A 74 -19.10 -14.03 28.54
N ILE A 75 -20.26 -14.47 28.06
CA ILE A 75 -20.86 -15.70 28.57
C ILE A 75 -20.15 -16.93 28.00
N TRP A 76 -19.90 -16.92 26.68
CA TRP A 76 -19.41 -18.11 25.99
C TRP A 76 -17.99 -18.48 26.42
N ALA A 77 -17.10 -17.49 26.62
CA ALA A 77 -15.74 -17.79 27.05
C ALA A 77 -15.70 -18.38 28.46
N ASP A 78 -16.75 -18.17 29.26
CA ASP A 78 -16.81 -18.76 30.59
C ASP A 78 -17.35 -20.19 30.58
N ILE A 79 -17.80 -20.70 29.44
CA ILE A 79 -18.26 -22.08 29.36
C ILE A 79 -17.07 -22.99 29.16
N PRO A 80 -16.86 -23.98 30.02
CA PRO A 80 -15.75 -24.92 29.82
C PRO A 80 -15.74 -25.50 28.41
N ALA A 81 -14.53 -25.62 27.84
CA ALA A 81 -14.38 -26.12 26.48
C ALA A 81 -15.14 -27.41 26.22
N PRO A 82 -15.06 -28.46 27.07
CA PRO A 82 -15.85 -29.66 26.79
C PRO A 82 -17.35 -29.40 26.70
N LYS A 83 -17.85 -28.43 27.48
CA LYS A 83 -19.27 -28.08 27.37
C LYS A 83 -19.54 -27.32 26.07
N ARG A 84 -18.59 -26.49 25.63
CA ARG A 84 -18.71 -25.92 24.29
C ARG A 84 -18.72 -27.01 23.22
N GLY A 85 -17.88 -28.03 23.39
CA GLY A 85 -17.91 -29.15 22.44
C GLY A 85 -19.27 -29.83 22.36
N GLU A 86 -19.96 -29.94 23.51
CA GLU A 86 -21.30 -30.52 23.50
C GLU A 86 -22.26 -29.69 22.64
N ILE A 87 -22.14 -28.37 22.67
CA ILE A 87 -22.95 -27.55 21.76
C ILE A 87 -22.61 -27.89 20.31
N VAL A 88 -21.31 -28.02 19.99
CA VAL A 88 -20.91 -28.30 18.61
C VAL A 88 -21.38 -29.70 18.20
N ARG A 89 -21.37 -30.65 19.14
CA ARG A 89 -21.89 -31.98 18.84
C ARG A 89 -23.35 -31.91 18.44
N GLN A 90 -24.13 -31.05 19.11
CA GLN A 90 -25.55 -30.91 18.80
C GLN A 90 -25.76 -30.22 17.46
N ILE A 91 -24.89 -29.29 17.11
CA ILE A 91 -24.87 -28.72 15.76
C ILE A 91 -24.68 -29.83 14.74
N GLY A 92 -23.71 -30.72 14.99
CA GLY A 92 -23.49 -31.85 14.10
C GLY A 92 -24.72 -32.71 13.90
N ASP A 93 -25.46 -32.99 14.98
CA ASP A 93 -26.70 -33.75 14.85
C ASP A 93 -27.75 -32.98 14.06
N ALA A 94 -27.86 -31.66 14.29
CA ALA A 94 -28.86 -30.87 13.58
C ALA A 94 -28.56 -30.83 12.09
N LEU A 95 -27.27 -30.80 11.74
CA LEU A 95 -26.89 -30.93 10.33
C LEU A 95 -27.25 -32.31 9.79
N ARG A 96 -27.03 -33.37 10.58
CA ARG A 96 -27.42 -34.70 10.15
C ARG A 96 -28.91 -34.77 9.84
N GLU A 97 -29.73 -34.14 10.69
CA GLU A 97 -31.18 -34.17 10.50
C GLU A 97 -31.63 -33.54 9.20
N LYS A 98 -30.80 -32.68 8.59
CA LYS A 98 -31.20 -31.94 7.39
C LYS A 98 -30.21 -32.12 6.24
N ILE A 99 -29.40 -33.19 6.27
CA ILE A 99 -28.28 -33.28 5.34
C ILE A 99 -28.76 -33.41 3.90
N GLN A 100 -29.87 -34.13 3.67
CA GLN A 100 -30.34 -34.30 2.31
C GLN A 100 -30.89 -33.01 1.74
N VAL A 101 -31.76 -32.31 2.49
CA VAL A 101 -32.35 -31.09 1.94
C VAL A 101 -31.34 -29.94 1.90
N LEU A 102 -30.42 -29.86 2.87
CA LEU A 102 -29.42 -28.81 2.81
C LEU A 102 -28.49 -28.99 1.62
N GLY A 103 -28.02 -30.23 1.39
CA GLY A 103 -27.22 -30.48 0.20
C GLY A 103 -27.99 -30.23 -1.09
N SER A 104 -29.31 -30.45 -1.07
CA SER A 104 -30.13 -30.13 -2.24
C SER A 104 -30.13 -28.63 -2.49
N LEU A 105 -30.12 -27.83 -1.41
CA LEU A 105 -30.05 -26.38 -1.57
C LEU A 105 -28.70 -25.96 -2.13
N VAL A 106 -27.62 -26.58 -1.65
CA VAL A 106 -26.30 -26.28 -2.23
C VAL A 106 -26.32 -26.52 -3.74
N SER A 107 -26.94 -27.63 -4.17
CA SER A 107 -27.00 -27.92 -5.60
C SER A 107 -27.87 -26.89 -6.33
N LEU A 108 -28.93 -26.41 -5.68
CA LEU A 108 -29.85 -25.50 -6.35
C LEU A 108 -29.28 -24.09 -6.47
N GLU A 109 -28.74 -23.56 -5.37
CA GLU A 109 -28.32 -22.16 -5.37
C GLU A 109 -26.88 -21.99 -5.82
N MET A 110 -26.01 -22.96 -5.52
CA MET A 110 -24.60 -22.87 -5.90
C MET A 110 -24.35 -23.52 -7.26
N GLY A 111 -24.87 -24.73 -7.47
CA GLY A 111 -24.79 -25.39 -8.76
C GLY A 111 -23.98 -26.67 -8.81
N LYS A 112 -23.36 -27.13 -7.73
CA LYS A 112 -22.62 -28.38 -7.76
C LYS A 112 -23.57 -29.58 -7.65
N ILE A 113 -23.11 -30.74 -8.11
CA ILE A 113 -24.00 -31.91 -8.19
C ILE A 113 -24.35 -32.40 -6.78
N LEU A 114 -25.44 -33.19 -6.71
CA LEU A 114 -26.04 -33.50 -5.42
C LEU A 114 -25.08 -34.26 -4.50
N VAL A 115 -24.37 -35.25 -5.04
CA VAL A 115 -23.44 -35.99 -4.18
C VAL A 115 -22.39 -35.07 -3.58
N GLU A 116 -21.99 -34.01 -4.30
CA GLU A 116 -21.04 -33.05 -3.74
C GLU A 116 -21.70 -32.08 -2.77
N GLY A 117 -22.95 -31.66 -3.05
CA GLY A 117 -23.65 -30.83 -2.09
C GLY A 117 -23.82 -31.51 -0.75
N VAL A 118 -24.25 -32.77 -0.78
CA VAL A 118 -24.42 -33.56 0.43
C VAL A 118 -23.07 -33.86 1.07
N GLY A 119 -22.06 -34.18 0.23
CA GLY A 119 -20.71 -34.40 0.75
C GLY A 119 -20.16 -33.20 1.49
N GLU A 120 -20.50 -31.98 1.03
CA GLU A 120 -20.03 -30.77 1.69
C GLU A 120 -20.66 -30.61 3.07
N VAL A 121 -21.95 -30.96 3.21
CA VAL A 121 -22.56 -30.99 4.54
C VAL A 121 -21.89 -32.05 5.39
N GLN A 122 -21.62 -33.22 4.82
CA GLN A 122 -20.94 -34.28 5.57
C GLN A 122 -19.60 -33.81 6.09
N GLU A 123 -18.85 -33.06 5.29
CA GLU A 123 -17.59 -32.47 5.74
C GLU A 123 -17.81 -31.70 7.04
N TYR A 124 -18.82 -30.83 7.05
CA TYR A 124 -19.15 -30.06 8.25
C TYR A 124 -19.49 -31.01 9.40
N VAL A 125 -20.31 -32.02 9.14
CA VAL A 125 -20.68 -32.98 10.19
C VAL A 125 -19.42 -33.62 10.77
N ASP A 126 -18.51 -34.06 9.90
CA ASP A 126 -17.29 -34.73 10.38
C ASP A 126 -16.41 -33.80 11.21
N ILE A 127 -16.29 -32.53 10.80
CA ILE A 127 -15.44 -31.63 11.58
C ILE A 127 -16.10 -31.30 12.92
N CYS A 128 -17.43 -31.31 12.98
CA CYS A 128 -18.10 -31.22 14.28
C CYS A 128 -17.67 -32.36 15.20
N ASP A 129 -17.70 -33.60 14.71
CA ASP A 129 -17.31 -34.74 15.56
C ASP A 129 -15.86 -34.61 16.00
N TYR A 130 -14.99 -34.18 15.08
CA TYR A 130 -13.59 -33.95 15.39
C TYR A 130 -13.43 -32.89 16.48
N ALA A 131 -14.17 -31.78 16.36
CA ALA A 131 -14.06 -30.67 17.30
C ALA A 131 -14.52 -31.08 18.69
N VAL A 132 -15.54 -31.94 18.77
CA VAL A 132 -16.02 -32.42 20.06
C VAL A 132 -14.89 -33.10 20.83
N GLY A 133 -14.12 -33.95 20.14
CA GLY A 133 -12.94 -34.53 20.78
C GLY A 133 -11.89 -33.50 21.14
N LEU A 134 -11.64 -32.55 20.21
CA LEU A 134 -10.64 -31.52 20.47
C LEU A 134 -10.98 -30.69 21.69
N SER A 135 -12.27 -30.57 22.01
CA SER A 135 -12.69 -29.70 23.09
C SER A 135 -12.27 -30.25 24.46
N ARG A 136 -11.81 -31.49 24.52
CA ARG A 136 -11.23 -32.07 25.71
C ARG A 136 -9.70 -32.14 25.63
N MET A 137 -9.10 -31.54 24.60
CA MET A 137 -7.67 -31.74 24.37
C MET A 137 -6.89 -30.44 24.23
N ILE A 138 -7.55 -29.36 23.79
CA ILE A 138 -6.82 -28.14 23.45
C ILE A 138 -6.11 -27.60 24.69
N GLY A 139 -4.93 -27.04 24.47
CA GLY A 139 -4.09 -26.55 25.54
C GLY A 139 -2.63 -26.65 25.14
N GLY A 140 -1.77 -26.42 26.12
CA GLY A 140 -0.35 -26.42 25.86
C GLY A 140 0.42 -27.18 26.93
N PRO A 141 1.74 -27.28 26.77
CA PRO A 141 2.55 -28.06 27.69
C PRO A 141 2.83 -27.35 29.00
N ILE A 142 2.88 -28.13 30.08
CA ILE A 142 3.63 -27.73 31.27
C ILE A 142 5.09 -28.05 31.01
N LEU A 143 5.95 -27.07 31.24
CA LEU A 143 7.35 -27.21 30.91
C LEU A 143 8.19 -27.10 32.16
N PRO A 144 9.38 -27.71 32.19
CA PRO A 144 10.19 -27.67 33.40
C PRO A 144 11.01 -26.40 33.46
N SER A 145 10.70 -25.52 34.42
CA SER A 145 11.47 -24.29 34.61
C SER A 145 12.90 -24.61 35.04
N GLU A 146 13.84 -23.79 34.58
CA GLU A 146 15.20 -23.86 35.07
C GLU A 146 15.32 -23.31 36.48
N ARG A 147 14.24 -22.75 37.02
CA ARG A 147 14.25 -22.05 38.29
C ARG A 147 13.52 -22.88 39.34
N SER A 148 14.17 -23.09 40.47
CA SER A 148 13.54 -23.76 41.60
C SER A 148 12.30 -23.01 42.06
N GLY A 149 11.29 -23.76 42.51
CA GLY A 149 10.07 -23.14 42.99
C GLY A 149 9.28 -22.36 41.96
N HIS A 150 9.46 -22.64 40.67
CA HIS A 150 8.73 -21.95 39.62
C HIS A 150 8.05 -22.99 38.73
N ALA A 151 6.85 -22.68 38.27
CA ALA A 151 6.15 -23.46 37.27
C ALA A 151 6.10 -22.67 35.97
N LEU A 152 6.23 -23.37 34.84
CA LEU A 152 6.22 -22.77 33.52
C LEU A 152 5.18 -23.50 32.70
N ILE A 153 4.22 -22.77 32.17
CA ILE A 153 3.08 -23.38 31.48
C ILE A 153 2.76 -22.56 30.24
N GLU A 154 2.35 -23.25 29.19
CA GLU A 154 1.83 -22.60 28.00
C GLU A 154 0.30 -22.66 28.04
N GLN A 155 -0.33 -21.49 28.10
CA GLN A 155 -1.77 -21.37 28.10
C GLN A 155 -2.28 -20.92 26.73
N TRP A 156 -3.50 -21.35 26.40
CA TRP A 156 -4.16 -20.90 25.18
C TRP A 156 -5.55 -20.41 25.57
N ASN A 157 -5.93 -19.26 25.04
CA ASN A 157 -7.19 -18.62 25.37
C ASN A 157 -7.82 -18.10 24.08
N PRO A 158 -9.13 -17.97 24.05
CA PRO A 158 -9.78 -17.50 22.81
C PRO A 158 -9.35 -16.09 22.45
N VAL A 159 -9.31 -15.81 21.15
CA VAL A 159 -8.99 -14.46 20.71
C VAL A 159 -10.17 -13.51 20.86
N GLY A 160 -11.40 -14.03 20.89
CA GLY A 160 -12.57 -13.16 21.00
C GLY A 160 -13.56 -13.38 19.87
N LEU A 161 -13.71 -12.37 19.00
CA LEU A 161 -14.62 -12.44 17.86
C LEU A 161 -13.85 -12.85 16.63
N VAL A 162 -14.28 -13.95 16.00
CA VAL A 162 -13.69 -14.44 14.76
C VAL A 162 -14.66 -14.10 13.63
N GLY A 163 -14.28 -13.16 12.77
CA GLY A 163 -15.02 -12.95 11.54
C GLY A 163 -14.66 -14.02 10.52
N ILE A 164 -15.67 -14.46 9.77
CA ILE A 164 -15.49 -15.53 8.79
C ILE A 164 -16.13 -15.07 7.49
N ILE A 165 -15.31 -14.87 6.47
CA ILE A 165 -15.77 -14.50 5.13
C ILE A 165 -15.52 -15.71 4.24
N THR A 166 -16.59 -16.19 3.57
CA THR A 166 -16.50 -17.39 2.75
C THR A 166 -16.88 -17.06 1.30
N ALA A 167 -16.61 -18.00 0.40
CA ALA A 167 -16.80 -17.81 -1.03
C ALA A 167 -17.97 -18.65 -1.55
N PHE A 168 -18.33 -18.41 -2.82
CA PHE A 168 -19.48 -19.12 -3.40
C PHE A 168 -19.25 -20.62 -3.54
N ASN A 169 -18.00 -21.06 -3.69
CA ASN A 169 -17.82 -22.41 -4.23
C ASN A 169 -17.88 -23.49 -3.16
N PHE A 170 -17.65 -23.15 -1.89
CA PHE A 170 -17.94 -24.06 -0.77
C PHE A 170 -18.75 -23.25 0.25
N PRO A 171 -20.04 -23.05 -0.01
CA PRO A 171 -20.85 -22.17 0.85
C PRO A 171 -21.23 -22.77 2.21
N VAL A 172 -20.97 -24.05 2.45
CA VAL A 172 -21.23 -24.67 3.75
C VAL A 172 -19.93 -25.05 4.47
N ALA A 173 -19.04 -25.77 3.80
CA ALA A 173 -17.98 -26.50 4.52
C ALA A 173 -16.91 -25.57 5.05
N VAL A 174 -16.56 -24.51 4.32
CA VAL A 174 -15.50 -23.62 4.81
C VAL A 174 -15.97 -22.93 6.08
N TYR A 175 -17.20 -22.41 6.06
CA TYR A 175 -17.75 -21.82 7.28
C TYR A 175 -17.77 -22.83 8.41
N GLY A 176 -18.20 -24.05 8.12
CA GLY A 176 -18.30 -25.05 9.16
C GLY A 176 -16.96 -25.37 9.79
N ALA A 177 -15.91 -25.46 8.97
CA ALA A 177 -14.59 -25.77 9.50
C ALA A 177 -14.11 -24.66 10.42
N ASN A 178 -14.34 -23.42 10.02
CA ASN A 178 -13.98 -22.27 10.85
C ASN A 178 -14.85 -22.22 12.09
N ASN A 179 -16.14 -22.49 11.93
CA ASN A 179 -17.10 -22.33 13.01
C ASN A 179 -16.88 -23.36 14.10
N ALA A 180 -16.82 -24.65 13.74
CA ALA A 180 -16.70 -25.68 14.77
C ALA A 180 -15.43 -25.51 15.59
N ILE A 181 -14.31 -25.22 14.92
CA ILE A 181 -13.04 -25.06 15.62
C ILE A 181 -13.06 -23.77 16.46
N ALA A 182 -13.48 -22.65 15.87
CA ALA A 182 -13.50 -21.39 16.63
C ALA A 182 -14.39 -21.52 17.87
N MET A 183 -15.48 -22.27 17.76
CA MET A 183 -16.42 -22.40 18.86
CA MET A 183 -16.42 -22.42 18.87
C MET A 183 -15.82 -23.19 20.02
N ILE A 184 -15.27 -24.38 19.77
CA ILE A 184 -14.73 -25.13 20.89
C ILE A 184 -13.55 -24.38 21.51
N CYS A 185 -12.89 -23.52 20.74
CA CYS A 185 -11.83 -22.67 21.25
C CYS A 185 -12.33 -21.45 22.04
N GLY A 186 -13.65 -21.28 22.20
CA GLY A 186 -14.20 -20.22 23.04
C GLY A 186 -14.39 -18.88 22.37
N ASN A 187 -14.34 -18.83 21.05
CA ASN A 187 -14.63 -17.62 20.32
C ASN A 187 -16.10 -17.56 19.92
N VAL A 188 -16.55 -16.34 19.64
CA VAL A 188 -17.80 -16.11 18.93
C VAL A 188 -17.46 -15.79 17.48
N CYS A 189 -18.42 -16.02 16.59
CA CYS A 189 -18.21 -15.92 15.15
C CYS A 189 -19.21 -14.97 14.51
N LEU A 190 -18.75 -14.28 13.47
CA LEU A 190 -19.60 -13.45 12.63
C LEU A 190 -19.34 -13.87 11.19
N TRP A 191 -20.40 -14.27 10.48
CA TRP A 191 -20.27 -14.84 9.14
C TRP A 191 -20.79 -13.85 8.09
N LYS A 192 -19.98 -13.58 7.07
CA LYS A 192 -20.43 -12.98 5.82
C LYS A 192 -20.08 -13.94 4.68
N GLY A 193 -21.09 -14.57 4.10
CA GLY A 193 -20.87 -15.45 2.98
C GLY A 193 -21.00 -14.74 1.63
N ALA A 194 -20.84 -15.51 0.56
CA ALA A 194 -20.96 -14.95 -0.78
C ALA A 194 -22.40 -14.50 -1.01
N PRO A 195 -22.61 -13.30 -1.57
CA PRO A 195 -23.99 -12.83 -1.78
C PRO A 195 -24.82 -13.77 -2.65
N THR A 196 -24.19 -14.43 -3.62
CA THR A 196 -24.93 -15.35 -4.50
C THR A 196 -25.19 -16.72 -3.86
N THR A 197 -24.79 -16.93 -2.59
CA THR A 197 -25.22 -18.10 -1.84
C THR A 197 -25.87 -17.69 -0.52
N SER A 198 -26.60 -16.59 -0.55
CA SER A 198 -27.23 -16.05 0.67
C SER A 198 -28.23 -17.02 1.27
N LEU A 199 -29.01 -17.74 0.45
CA LEU A 199 -30.00 -18.64 1.02
C LEU A 199 -29.32 -19.77 1.79
N ILE A 200 -28.18 -20.26 1.29
CA ILE A 200 -27.43 -21.29 2.00
C ILE A 200 -26.93 -20.76 3.34
N SER A 201 -26.40 -19.53 3.35
CA SER A 201 -25.89 -18.95 4.60
C SER A 201 -27.00 -18.81 5.61
N VAL A 202 -28.21 -18.47 5.13
CA VAL A 202 -29.35 -18.32 6.03
C VAL A 202 -29.77 -19.68 6.56
N ALA A 203 -29.85 -20.70 5.70
CA ALA A 203 -30.31 -22.02 6.13
C ALA A 203 -29.38 -22.63 7.17
N VAL A 204 -28.06 -22.52 6.97
CA VAL A 204 -27.10 -23.01 7.95
C VAL A 204 -27.28 -22.27 9.28
N THR A 205 -27.36 -20.93 9.22
CA THR A 205 -27.53 -20.14 10.43
C THR A 205 -28.85 -20.45 11.14
N LYS A 206 -29.89 -20.81 10.39
CA LYS A 206 -31.13 -21.20 11.06
C LYS A 206 -30.94 -22.46 11.87
N ILE A 207 -30.18 -23.42 11.31
CA ILE A 207 -29.89 -24.67 12.01
C ILE A 207 -29.10 -24.40 13.29
N ILE A 208 -28.11 -23.51 13.22
CA ILE A 208 -27.28 -23.27 14.39
C ILE A 208 -28.05 -22.47 15.43
N ALA A 209 -28.82 -21.48 14.97
CA ALA A 209 -29.55 -20.61 15.89
C ALA A 209 -30.48 -21.43 16.80
N LYS A 210 -31.14 -22.45 16.25
CA LYS A 210 -32.02 -23.26 17.06
C LYS A 210 -31.25 -24.03 18.13
N VAL A 211 -30.07 -24.56 17.80
CA VAL A 211 -29.27 -25.27 18.81
C VAL A 211 -28.89 -24.32 19.94
N LEU A 212 -28.45 -23.11 19.58
CA LEU A 212 -28.07 -22.13 20.59
C LEU A 212 -29.27 -21.77 21.47
N GLU A 213 -30.41 -21.46 20.85
CA GLU A 213 -31.58 -21.02 21.60
C GLU A 213 -32.17 -22.15 22.43
N ASP A 214 -32.13 -23.38 21.92
CA ASP A 214 -32.59 -24.53 22.72
C ASP A 214 -31.74 -24.72 23.96
N ASN A 215 -30.47 -24.34 23.89
CA ASN A 215 -29.57 -24.43 25.03
C ASN A 215 -29.52 -23.14 25.84
N LYS A 216 -30.40 -22.17 25.54
CA LYS A 216 -30.50 -20.93 26.30
C LYS A 216 -29.16 -20.18 26.31
N LEU A 217 -28.48 -20.23 25.19
CA LEU A 217 -27.26 -19.50 24.86
C LEU A 217 -27.57 -18.32 23.95
N PRO A 218 -26.85 -17.21 24.13
CA PRO A 218 -27.06 -16.05 23.25
C PRO A 218 -26.73 -16.40 21.81
N GLY A 219 -27.66 -16.09 20.90
CA GLY A 219 -27.49 -16.46 19.51
C GLY A 219 -26.36 -15.74 18.80
N ALA A 220 -25.97 -14.56 19.28
CA ALA A 220 -24.86 -13.86 18.65
C ALA A 220 -23.55 -14.65 18.72
N ILE A 221 -23.49 -15.73 19.49
CA ILE A 221 -22.34 -16.63 19.45
C ILE A 221 -22.03 -17.03 18.01
N CYS A 222 -23.06 -17.24 17.19
CA CYS A 222 -22.86 -17.56 15.76
C CYS A 222 -23.68 -16.55 14.95
N SER A 223 -23.13 -15.35 14.77
CA SER A 223 -23.84 -14.27 14.12
C SER A 223 -23.69 -14.35 12.61
N LEU A 224 -24.69 -13.80 11.90
CA LEU A 224 -24.73 -13.75 10.45
C LEU A 224 -25.00 -12.31 10.02
N THR A 225 -24.18 -11.77 9.11
CA THR A 225 -24.50 -10.50 8.44
C THR A 225 -24.28 -10.68 6.94
N CYS A 226 -25.33 -11.07 6.22
CA CYS A 226 -25.23 -11.19 4.77
C CYS A 226 -24.98 -9.83 4.12
N GLY A 227 -24.08 -9.81 3.15
CA GLY A 227 -23.83 -8.60 2.41
C GLY A 227 -22.67 -8.77 1.46
N GLY A 228 -22.31 -7.67 0.81
CA GLY A 228 -21.28 -7.61 -0.20
C GLY A 228 -19.94 -7.09 0.32
N ALA A 229 -19.23 -6.40 -0.56
CA ALA A 229 -17.84 -6.03 -0.25
C ALA A 229 -17.76 -5.01 0.87
N ASP A 230 -18.78 -4.17 1.02
CA ASP A 230 -18.77 -3.18 2.07
C ASP A 230 -18.76 -3.83 3.46
N ILE A 231 -19.54 -4.91 3.63
CA ILE A 231 -19.48 -5.65 4.89
C ILE A 231 -18.13 -6.35 5.03
N GLY A 232 -17.66 -7.00 3.96
CA GLY A 232 -16.35 -7.63 4.00
C GLY A 232 -15.24 -6.66 4.38
N THR A 233 -15.26 -5.46 3.79
CA THR A 233 -14.24 -4.46 4.08
C THR A 233 -14.35 -3.95 5.50
N ALA A 234 -15.58 -3.71 5.97
CA ALA A 234 -15.75 -3.26 7.34
C ALA A 234 -15.14 -4.25 8.32
N MET A 235 -15.36 -5.55 8.09
CA MET A 235 -14.78 -6.57 8.95
C MET A 235 -13.26 -6.51 8.91
N ALA A 236 -12.70 -6.29 7.72
CA ALA A 236 -11.25 -6.24 7.59
C ALA A 236 -10.64 -5.07 8.34
N LYS A 237 -11.39 -3.99 8.53
CA LYS A 237 -10.87 -2.81 9.18
C LYS A 237 -11.25 -2.70 10.65
N ASP A 238 -12.08 -3.61 11.14
CA ASP A 238 -12.71 -3.50 12.45
C ASP A 238 -11.79 -4.07 13.52
N GLU A 239 -11.27 -3.21 14.40
CA GLU A 239 -10.42 -3.72 15.48
C GLU A 239 -11.15 -4.70 16.37
N ARG A 240 -12.48 -4.66 16.43
CA ARG A 240 -13.23 -5.59 17.26
C ARG A 240 -13.28 -7.00 16.65
N VAL A 241 -12.87 -7.17 15.40
CA VAL A 241 -12.77 -8.50 14.79
C VAL A 241 -11.36 -9.01 15.05
N ASN A 242 -11.21 -9.85 16.09
CA ASN A 242 -9.89 -10.23 16.57
C ASN A 242 -9.14 -11.10 15.57
N LEU A 243 -9.85 -12.04 14.93
CA LEU A 243 -9.28 -12.88 13.89
C LEU A 243 -10.21 -12.79 12.69
N LEU A 244 -9.69 -12.53 11.50
CA LEU A 244 -10.49 -12.57 10.28
C LEU A 244 -10.05 -13.74 9.40
N SER A 245 -10.90 -14.75 9.29
CA SER A 245 -10.67 -15.86 8.36
C SER A 245 -11.31 -15.48 7.03
N PHE A 246 -10.51 -15.42 5.97
CA PHE A 246 -10.99 -15.02 4.66
C PHE A 246 -10.67 -16.12 3.65
N THR A 247 -11.70 -16.62 2.98
CA THR A 247 -11.57 -17.56 1.87
C THR A 247 -12.14 -16.87 0.65
N GLY A 248 -11.34 -16.76 -0.41
CA GLY A 248 -11.72 -15.97 -1.55
C GLY A 248 -10.55 -15.74 -2.48
N SER A 249 -10.74 -14.82 -3.42
CA SER A 249 -9.76 -14.58 -4.47
C SER A 249 -8.45 -14.06 -3.90
N THR A 250 -7.35 -14.37 -4.60
CA THR A 250 -6.06 -13.88 -4.17
C THR A 250 -6.02 -12.36 -4.20
N GLN A 251 -6.68 -11.75 -5.19
CA GLN A 251 -6.65 -10.30 -5.34
C GLN A 251 -7.32 -9.62 -4.16
N VAL A 252 -8.56 -10.03 -3.84
CA VAL A 252 -9.23 -9.46 -2.67
C VAL A 252 -8.50 -9.86 -1.39
N GLY A 253 -8.04 -11.11 -1.31
CA GLY A 253 -7.37 -11.58 -0.10
C GLY A 253 -6.14 -10.78 0.29
N LYS A 254 -5.37 -10.32 -0.72
CA LYS A 254 -4.18 -9.53 -0.42
C LYS A 254 -4.54 -8.23 0.29
N GLN A 255 -5.62 -7.59 -0.15
CA GLN A 255 -6.08 -6.35 0.45
C GLN A 255 -6.67 -6.59 1.84
N VAL A 256 -7.40 -7.70 2.02
CA VAL A 256 -7.81 -8.10 3.37
C VAL A 256 -6.60 -8.27 4.27
N GLY A 257 -5.60 -9.03 3.81
CA GLY A 257 -4.40 -9.22 4.61
C GLY A 257 -3.75 -7.90 5.02
N LEU A 258 -3.72 -6.93 4.10
CA LEU A 258 -3.10 -5.65 4.36
C LEU A 258 -3.91 -4.81 5.35
N MET A 259 -5.22 -4.77 5.19
CA MET A 259 -6.05 -4.01 6.13
C MET A 259 -5.94 -4.57 7.54
N VAL A 260 -5.90 -5.90 7.66
CA VAL A 260 -5.79 -6.51 8.98
C VAL A 260 -4.40 -6.27 9.58
N GLN A 261 -3.35 -6.36 8.77
CA GLN A 261 -2.00 -6.04 9.27
C GLN A 261 -1.90 -4.60 9.72
N GLU A 262 -2.54 -3.67 8.99
CA GLU A 262 -2.52 -2.25 9.33
C GLU A 262 -2.99 -1.98 10.76
N ARG A 263 -3.96 -2.74 11.25
CA ARG A 263 -4.49 -2.54 12.61
C ARG A 263 -3.94 -3.56 13.61
N PHE A 264 -2.87 -4.28 13.26
CA PHE A 264 -2.29 -5.35 14.06
C PHE A 264 -3.34 -6.40 14.47
N GLY A 265 -4.23 -6.75 13.56
CA GLY A 265 -5.15 -7.85 13.76
C GLY A 265 -4.54 -9.19 13.38
N ARG A 266 -5.37 -10.23 13.41
CA ARG A 266 -4.96 -11.56 12.99
C ARG A 266 -5.78 -11.94 11.78
N SER A 267 -5.15 -12.50 10.77
CA SER A 267 -5.88 -12.96 9.60
C SER A 267 -5.51 -14.42 9.31
N LEU A 268 -6.45 -15.12 8.69
CA LEU A 268 -6.26 -16.47 8.22
C LEU A 268 -6.73 -16.46 6.78
N LEU A 269 -5.79 -16.58 5.85
CA LEU A 269 -6.07 -16.35 4.43
C LEU A 269 -6.07 -17.68 3.68
N GLU A 270 -7.16 -17.95 2.96
CA GLU A 270 -7.32 -19.17 2.18
C GLU A 270 -7.63 -18.70 0.77
N LEU A 271 -6.61 -18.60 -0.07
CA LEU A 271 -6.73 -17.90 -1.34
C LEU A 271 -6.64 -18.90 -2.50
N GLY A 272 -6.27 -18.42 -3.67
CA GLY A 272 -6.40 -19.22 -4.87
C GLY A 272 -5.32 -20.28 -5.02
N GLY A 273 -5.58 -21.23 -5.92
CA GLY A 273 -4.59 -22.22 -6.28
C GLY A 273 -4.43 -22.29 -7.79
N ASN A 274 -3.31 -22.87 -8.21
CA ASN A 274 -3.06 -23.12 -9.62
C ASN A 274 -2.41 -24.51 -9.70
N ASN A 275 -3.21 -25.53 -9.38
CA ASN A 275 -2.69 -26.80 -8.88
C ASN A 275 -2.31 -27.72 -10.03
N ALA A 276 -1.19 -28.42 -9.85
CA ALA A 276 -0.61 -29.27 -10.87
C ALA A 276 -0.72 -30.75 -10.51
N ILE A 277 -0.96 -31.57 -11.52
CA ILE A 277 -0.77 -33.01 -11.47
C ILE A 277 0.40 -33.35 -12.38
N ILE A 278 1.27 -34.25 -11.92
CA ILE A 278 2.44 -34.67 -12.69
C ILE A 278 2.42 -36.18 -12.81
N ALA A 279 2.41 -36.67 -14.05
CA ALA A 279 2.41 -38.10 -14.33
C ALA A 279 3.78 -38.49 -14.88
N PHE A 280 4.53 -39.26 -14.09
CA PHE A 280 5.81 -39.75 -14.56
C PHE A 280 5.63 -40.98 -15.43
N GLU A 281 6.72 -41.37 -16.11
CA GLU A 281 6.65 -42.46 -17.07
C GLU A 281 6.20 -43.76 -16.42
N ASP A 282 6.49 -43.96 -15.14
CA ASP A 282 6.16 -45.21 -14.47
C ASP A 282 4.77 -45.19 -13.83
N ALA A 283 3.99 -44.14 -14.05
CA ALA A 283 2.70 -43.98 -13.39
C ALA A 283 1.70 -45.03 -13.84
N ASP A 284 0.75 -45.34 -12.95
CA ASP A 284 -0.37 -46.22 -13.28
C ASP A 284 -1.39 -45.39 -14.06
N LEU A 285 -1.42 -45.60 -15.38
CA LEU A 285 -2.31 -44.84 -16.23
C LEU A 285 -3.78 -45.12 -15.93
N SER A 286 -4.10 -46.33 -15.47
CA SER A 286 -5.44 -46.60 -14.97
C SER A 286 -5.78 -45.71 -13.78
N LEU A 287 -4.77 -45.25 -13.05
CA LEU A 287 -5.00 -44.33 -11.94
C LEU A 287 -4.94 -42.87 -12.38
N VAL A 288 -4.07 -42.53 -13.33
CA VAL A 288 -3.87 -41.15 -13.73
C VAL A 288 -5.13 -40.58 -14.39
N VAL A 289 -5.66 -41.29 -15.40
CA VAL A 289 -6.71 -40.70 -16.22
C VAL A 289 -7.96 -40.36 -15.42
N PRO A 290 -8.57 -41.28 -14.68
CA PRO A 290 -9.73 -40.87 -13.87
C PRO A 290 -9.39 -39.86 -12.79
N SER A 291 -8.17 -39.90 -12.23
CA SER A 291 -7.80 -38.90 -11.24
C SER A 291 -7.79 -37.51 -11.85
N ALA A 292 -7.18 -37.39 -13.03
CA ALA A 292 -7.17 -36.12 -13.75
C ALA A 292 -8.58 -35.64 -14.03
N LEU A 293 -9.45 -36.53 -14.51
CA LEU A 293 -10.81 -36.12 -14.87
C LEU A 293 -11.58 -35.61 -13.65
N PHE A 294 -11.59 -36.38 -12.56
CA PHE A 294 -12.29 -35.93 -11.36
C PHE A 294 -11.74 -34.60 -10.86
N ALA A 295 -10.41 -34.46 -10.83
CA ALA A 295 -9.83 -33.26 -10.28
C ALA A 295 -10.03 -32.05 -11.19
N ALA A 296 -10.14 -32.27 -12.50
CA ALA A 296 -10.29 -31.15 -13.41
C ALA A 296 -11.76 -30.73 -13.57
N VAL A 297 -12.67 -31.70 -13.69
CA VAL A 297 -14.05 -31.35 -14.01
C VAL A 297 -14.98 -31.37 -12.80
N GLY A 298 -14.58 -31.99 -11.69
CA GLY A 298 -15.37 -31.96 -10.48
C GLY A 298 -15.73 -30.54 -10.08
N THR A 299 -16.96 -30.32 -9.63
CA THR A 299 -17.47 -28.99 -9.29
C THR A 299 -17.37 -28.02 -10.48
N ALA A 300 -17.47 -28.56 -11.70
CA ALA A 300 -17.29 -27.79 -12.94
C ALA A 300 -16.03 -26.92 -12.89
N GLY A 301 -14.97 -27.48 -12.32
CA GLY A 301 -13.68 -26.81 -12.31
C GLY A 301 -13.58 -25.65 -11.35
N GLN A 302 -14.44 -25.59 -10.33
CA GLN A 302 -14.61 -24.41 -9.50
C GLN A 302 -14.11 -24.63 -8.07
N ARG A 303 -13.23 -25.59 -7.84
CA ARG A 303 -12.60 -25.73 -6.52
CA ARG A 303 -12.60 -25.72 -6.53
C ARG A 303 -11.31 -24.92 -6.45
N THR A 305 -8.91 -26.18 -5.09
CA THR A 305 -8.01 -27.30 -5.33
C THR A 305 -8.17 -27.99 -6.70
N THR A 306 -8.91 -27.35 -7.62
CA THR A 306 -9.11 -27.92 -8.94
C THR A 306 -7.78 -28.07 -9.66
N ALA A 307 -7.58 -29.23 -10.29
CA ALA A 307 -6.38 -29.47 -11.09
C ALA A 307 -6.43 -28.60 -12.34
N ARG A 308 -5.53 -27.63 -12.44
CA ARG A 308 -5.51 -26.74 -13.58
C ARG A 308 -4.31 -26.95 -14.50
N ARG A 309 -3.27 -27.63 -14.04
CA ARG A 309 -2.08 -27.90 -14.84
C ARG A 309 -1.79 -29.39 -14.79
N LEU A 310 -1.68 -30.01 -15.97
CA LEU A 310 -1.36 -31.43 -16.08
C LEU A 310 -0.04 -31.56 -16.84
N PHE A 311 1.00 -31.99 -16.14
CA PHE A 311 2.30 -32.31 -16.73
C PHE A 311 2.41 -33.82 -16.93
N ILE A 312 2.77 -34.23 -18.15
CA ILE A 312 2.85 -35.65 -18.49
C ILE A 312 4.20 -35.92 -19.15
N HIS A 313 4.85 -37.00 -18.73
CA HIS A 313 6.11 -37.37 -19.35
C HIS A 313 5.95 -37.49 -20.86
N GLU A 314 7.00 -37.08 -21.59
CA GLU A 314 6.97 -37.10 -23.06
C GLU A 314 6.48 -38.43 -23.61
N SER A 315 6.94 -39.53 -23.01
CA SER A 315 6.67 -40.86 -23.53
C SER A 315 5.19 -41.20 -23.44
N ILE A 316 4.48 -40.72 -22.42
CA ILE A 316 3.10 -41.11 -22.24
C ILE A 316 2.14 -39.96 -22.50
N HIS A 317 2.64 -38.82 -22.98
CA HIS A 317 1.80 -37.63 -23.13
C HIS A 317 0.63 -37.89 -24.07
N ASP A 318 0.92 -38.21 -25.32
CA ASP A 318 -0.14 -38.36 -26.30
C ASP A 318 -1.13 -39.44 -25.88
N GLU A 319 -0.64 -40.53 -25.29
CA GLU A 319 -1.53 -41.59 -24.83
C GLU A 319 -2.47 -41.10 -23.73
N VAL A 320 -1.95 -40.37 -22.74
CA VAL A 320 -2.80 -39.87 -21.66
C VAL A 320 -3.81 -38.86 -22.20
N VAL A 321 -3.38 -37.96 -23.10
CA VAL A 321 -4.28 -36.96 -23.66
C VAL A 321 -5.41 -37.62 -24.44
N ASN A 322 -5.07 -38.57 -25.32
CA ASN A 322 -6.12 -39.30 -26.05
C ASN A 322 -7.09 -39.96 -25.08
N ARG A 323 -6.56 -40.64 -24.05
CA ARG A 323 -7.43 -41.34 -23.12
C ARG A 323 -8.28 -40.36 -22.31
N LEU A 324 -7.70 -39.23 -21.89
CA LEU A 324 -8.48 -38.23 -21.20
C LEU A 324 -9.60 -37.70 -22.10
N LYS A 325 -9.33 -37.56 -23.40
CA LYS A 325 -10.32 -37.02 -24.33
C LYS A 325 -11.56 -37.91 -24.42
N LYS A 326 -11.33 -39.21 -24.64
CA LYS A 326 -12.44 -40.15 -24.72
C LYS A 326 -13.20 -40.24 -23.41
N ALA A 327 -12.57 -39.85 -22.30
CA ALA A 327 -13.26 -39.87 -21.02
C ALA A 327 -14.07 -38.61 -20.78
N TYR A 328 -13.57 -37.46 -21.26
CA TYR A 328 -14.35 -36.23 -21.20
C TYR A 328 -15.65 -36.37 -21.97
N ALA A 329 -15.60 -37.00 -23.15
CA ALA A 329 -16.79 -37.12 -23.98
C ALA A 329 -17.92 -37.87 -23.30
N GLN A 330 -17.60 -38.68 -22.28
CA GLN A 330 -18.60 -39.46 -21.58
C GLN A 330 -19.15 -38.76 -20.35
N ILE A 331 -18.61 -37.59 -20.00
CA ILE A 331 -19.13 -36.82 -18.87
C ILE A 331 -20.61 -36.52 -19.09
N ARG A 332 -21.43 -36.80 -18.08
CA ARG A 332 -22.87 -36.60 -18.15
C ARG A 332 -23.25 -35.23 -17.61
N VAL A 333 -23.86 -34.41 -18.48
CA VAL A 333 -24.19 -33.01 -18.24
C VAL A 333 -25.68 -32.89 -17.95
N GLY A 334 -26.06 -32.02 -17.00
CA GLY A 334 -27.46 -31.75 -16.80
C GLY A 334 -27.73 -30.92 -15.56
N ASN A 335 -28.95 -31.05 -15.05
CA ASN A 335 -29.30 -30.37 -13.81
C ASN A 335 -28.54 -31.01 -12.65
N PRO A 336 -27.90 -30.20 -11.79
CA PRO A 336 -27.01 -30.78 -10.79
C PRO A 336 -27.73 -31.61 -9.74
N TRP A 337 -29.03 -31.39 -9.54
CA TRP A 337 -29.79 -32.23 -8.61
C TRP A 337 -30.35 -33.48 -9.27
N ASP A 338 -30.39 -33.51 -10.60
CA ASP A 338 -30.72 -34.74 -11.32
C ASP A 338 -29.72 -35.81 -10.93
N PRO A 339 -30.18 -36.99 -10.49
CA PRO A 339 -29.27 -37.93 -9.82
C PRO A 339 -28.27 -38.61 -10.74
N ASN A 340 -28.45 -38.59 -12.06
CA ASN A 340 -27.51 -39.23 -12.96
C ASN A 340 -26.59 -38.24 -13.65
N VAL A 341 -26.29 -37.11 -13.02
CA VAL A 341 -25.50 -36.05 -13.62
C VAL A 341 -24.14 -36.00 -12.94
N LEU A 342 -23.09 -35.78 -13.73
CA LEU A 342 -21.73 -35.58 -13.25
C LEU A 342 -21.24 -34.15 -13.36
N TYR A 343 -21.91 -33.31 -14.14
CA TYR A 343 -21.36 -32.00 -14.51
C TYR A 343 -22.50 -31.00 -14.62
N GLY A 344 -22.48 -29.98 -13.78
CA GLY A 344 -23.51 -28.95 -13.76
C GLY A 344 -23.00 -27.65 -14.33
N PRO A 345 -23.70 -26.54 -14.05
CA PRO A 345 -23.30 -25.25 -14.61
C PRO A 345 -22.23 -24.57 -13.76
N LEU A 346 -21.55 -23.61 -14.39
CA LEU A 346 -20.77 -22.65 -13.61
C LEU A 346 -21.71 -21.80 -12.77
N HIS A 347 -21.13 -21.10 -11.79
CA HIS A 347 -21.96 -20.47 -10.78
C HIS A 347 -22.63 -19.18 -11.29
N THR A 348 -21.95 -18.41 -12.14
CA THR A 348 -22.48 -17.14 -12.62
C THR A 348 -22.26 -17.01 -14.12
N LYS A 349 -23.01 -16.08 -14.72
CA LYS A 349 -22.78 -15.75 -16.13
C LYS A 349 -21.44 -15.05 -16.34
N GLN A 350 -20.97 -14.28 -15.34
CA GLN A 350 -19.64 -13.69 -15.47
C GLN A 350 -18.58 -14.77 -15.61
N ALA A 351 -18.76 -15.90 -14.92
CA ALA A 351 -17.81 -17.01 -14.98
C ALA A 351 -17.77 -17.62 -16.38
N VAL A 352 -18.92 -17.68 -17.06
CA VAL A 352 -18.94 -18.11 -18.46
C VAL A 352 -18.15 -17.15 -19.32
N SER A 353 -18.36 -15.84 -19.13
CA SER A 353 -17.60 -14.84 -19.88
C SER A 353 -16.10 -15.01 -19.67
N MET A 354 -15.67 -15.16 -18.40
CA MET A 354 -14.24 -15.35 -18.11
C MET A 354 -13.71 -16.63 -18.73
N PHE A 355 -14.49 -17.71 -18.68
CA PHE A 355 -14.10 -18.96 -19.33
C PHE A 355 -13.87 -18.75 -20.82
N LEU A 356 -14.82 -18.10 -21.48
CA LEU A 356 -14.71 -17.87 -22.92
C LEU A 356 -13.48 -17.03 -23.24
N GLY A 357 -13.20 -16.00 -22.43
CA GLY A 357 -12.04 -15.18 -22.66
C GLY A 357 -10.73 -15.94 -22.45
N ALA A 358 -10.68 -16.79 -21.43
CA ALA A 358 -9.48 -17.57 -21.19
C ALA A 358 -9.20 -18.53 -22.34
N VAL A 359 -10.26 -19.15 -22.89
CA VAL A 359 -10.08 -20.08 -24.01
C VAL A 359 -9.49 -19.35 -25.20
N GLU A 360 -10.09 -18.21 -25.56
CA GLU A 360 -9.61 -17.49 -26.74
C GLU A 360 -8.23 -16.91 -26.50
N GLU A 361 -7.91 -16.52 -25.26
CA GLU A 361 -6.56 -16.08 -24.95
C GLU A 361 -5.58 -17.25 -25.02
N ALA A 362 -6.00 -18.45 -24.64
CA ALA A 362 -5.12 -19.61 -24.77
C ALA A 362 -4.82 -19.90 -26.23
N LYS A 363 -5.81 -19.70 -27.09
CA LYS A 363 -5.58 -19.86 -28.53
C LYS A 363 -4.61 -18.81 -29.04
N LYS A 364 -4.73 -17.57 -28.56
CA LYS A 364 -3.86 -16.51 -29.04
C LYS A 364 -2.44 -16.68 -28.55
N GLU A 365 -2.24 -17.35 -27.40
CA GLU A 365 -0.91 -17.66 -26.91
C GLU A 365 -0.32 -18.93 -27.50
N GLY A 366 -1.00 -19.55 -28.48
CA GLY A 366 -0.44 -20.68 -29.20
C GLY A 366 -0.95 -22.04 -28.77
N GLY A 367 -1.92 -22.10 -27.87
CA GLY A 367 -2.46 -23.38 -27.46
C GLY A 367 -3.46 -23.94 -28.45
N THR A 368 -3.72 -25.24 -28.30
CA THR A 368 -4.68 -25.95 -29.15
C THR A 368 -5.77 -26.53 -28.26
N VAL A 369 -7.01 -26.13 -28.52
CA VAL A 369 -8.15 -26.73 -27.82
C VAL A 369 -8.36 -28.11 -28.39
N VAL A 370 -7.95 -29.16 -27.66
CA VAL A 370 -8.16 -30.52 -28.15
C VAL A 370 -9.51 -31.11 -27.73
N TYR A 371 -10.13 -30.58 -26.69
CA TYR A 371 -11.48 -30.98 -26.32
C TYR A 371 -12.21 -29.79 -25.71
N GLY A 372 -13.43 -29.53 -26.18
CA GLY A 372 -14.28 -28.54 -25.53
C GLY A 372 -14.07 -27.11 -25.98
N GLY A 373 -14.09 -26.17 -25.02
CA GLY A 373 -13.83 -24.78 -25.30
C GLY A 373 -15.01 -23.95 -25.77
N LYS A 374 -16.23 -24.46 -25.68
CA LYS A 374 -17.42 -23.75 -26.16
C LYS A 374 -18.41 -23.55 -25.03
N VAL A 375 -19.07 -22.40 -25.04
CA VAL A 375 -20.20 -22.17 -24.15
C VAL A 375 -21.38 -22.96 -24.68
N MET A 376 -22.03 -23.75 -23.82
CA MET A 376 -23.11 -24.60 -24.27
C MET A 376 -24.39 -23.80 -24.52
N ASP A 377 -25.15 -24.22 -25.53
CA ASP A 377 -26.36 -23.52 -25.92
C ASP A 377 -27.54 -24.16 -25.20
N ARG A 378 -27.85 -23.60 -24.04
CA ARG A 378 -28.88 -24.12 -23.15
C ARG A 378 -29.07 -23.13 -22.00
N PRO A 379 -30.22 -23.18 -21.33
CA PRO A 379 -30.44 -22.29 -20.18
C PRO A 379 -29.40 -22.54 -19.09
N GLY A 380 -29.04 -21.46 -18.39
CA GLY A 380 -28.06 -21.55 -17.32
C GLY A 380 -26.68 -21.09 -17.72
N ASN A 381 -25.70 -21.47 -16.90
CA ASN A 381 -24.31 -21.05 -17.10
C ASN A 381 -23.41 -22.22 -17.49
N TYR A 382 -23.80 -22.99 -18.51
CA TYR A 382 -23.09 -24.20 -18.88
C TYR A 382 -21.98 -23.91 -19.88
N VAL A 383 -20.82 -24.52 -19.64
CA VAL A 383 -19.69 -24.52 -20.57
C VAL A 383 -19.15 -25.94 -20.69
N GLU A 384 -18.45 -26.21 -21.79
CA GLU A 384 -17.82 -27.51 -22.01
C GLU A 384 -16.53 -27.62 -21.22
N PRO A 385 -16.28 -28.73 -20.52
CA PRO A 385 -14.97 -28.91 -19.89
C PRO A 385 -13.91 -29.00 -20.98
N THR A 386 -12.73 -28.45 -20.70
CA THR A 386 -11.82 -28.07 -21.77
C THR A 386 -10.40 -28.54 -21.49
N ILE A 387 -9.74 -29.03 -22.53
CA ILE A 387 -8.35 -29.46 -22.47
C ILE A 387 -7.57 -28.65 -23.50
N VAL A 388 -6.45 -28.06 -23.08
CA VAL A 388 -5.60 -27.27 -23.96
C VAL A 388 -4.20 -27.84 -23.93
N THR A 389 -3.68 -28.19 -25.10
CA THR A 389 -2.32 -28.67 -25.26
C THR A 389 -1.47 -27.61 -25.95
N GLY A 390 -0.15 -27.78 -25.87
CA GLY A 390 0.77 -27.05 -26.72
C GLY A 390 1.26 -25.72 -26.19
N LEU A 391 0.78 -25.27 -25.05
CA LEU A 391 1.31 -24.08 -24.41
C LEU A 391 2.61 -24.37 -23.69
N GLY A 392 3.49 -23.37 -23.64
CA GLY A 392 4.64 -23.45 -22.77
C GLY A 392 4.20 -23.42 -21.32
N HIS A 393 5.00 -24.05 -20.46
CA HIS A 393 4.66 -24.13 -19.04
C HIS A 393 4.54 -22.74 -18.41
N ASP A 394 5.19 -21.73 -18.98
CA ASP A 394 5.17 -20.38 -18.43
C ASP A 394 4.29 -19.44 -19.26
N ALA A 395 3.40 -19.98 -20.08
CA ALA A 395 2.43 -19.14 -20.79
C ALA A 395 1.63 -18.32 -19.80
N SER A 396 1.39 -17.05 -20.16
CA SER A 396 0.71 -16.15 -19.24
C SER A 396 -0.66 -16.66 -18.83
N ILE A 397 -1.42 -17.21 -19.78
CA ILE A 397 -2.76 -17.67 -19.44
C ILE A 397 -2.69 -18.88 -18.54
N ALA A 398 -1.62 -19.67 -18.64
CA ALA A 398 -1.48 -20.82 -17.74
C ALA A 398 -1.19 -20.40 -16.31
N HIS A 399 -0.40 -19.33 -16.11
CA HIS A 399 -0.10 -18.86 -14.76
C HIS A 399 -1.23 -18.05 -14.14
N THR A 400 -2.29 -17.77 -14.91
CA THR A 400 -3.50 -17.14 -14.41
C THR A 400 -4.46 -18.19 -13.86
N GLU A 401 -5.04 -17.91 -12.70
CA GLU A 401 -6.12 -18.75 -12.16
C GLU A 401 -7.45 -18.26 -12.72
N THR A 402 -8.09 -19.09 -13.55
CA THR A 402 -9.43 -18.84 -14.06
C THR A 402 -10.36 -19.89 -13.45
N PHE A 403 -11.33 -19.44 -12.66
CA PHE A 403 -12.23 -20.38 -12.01
C PHE A 403 -13.16 -21.00 -13.03
N ALA A 404 -12.62 -21.87 -13.87
CA ALA A 404 -13.37 -22.45 -14.97
C ALA A 404 -12.75 -23.80 -15.30
N PRO A 405 -13.50 -24.71 -15.94
CA PRO A 405 -12.94 -26.04 -16.23
C PRO A 405 -12.06 -26.04 -17.48
N ILE A 406 -10.86 -25.47 -17.35
CA ILE A 406 -9.86 -25.47 -18.41
C ILE A 406 -8.61 -26.15 -17.86
N LEU A 407 -8.17 -27.21 -18.51
CA LEU A 407 -7.00 -27.97 -18.07
C LEU A 407 -5.87 -27.75 -19.08
N TYR A 408 -4.77 -27.17 -18.61
CA TYR A 408 -3.60 -26.93 -19.44
C TYR A 408 -2.63 -28.11 -19.30
N VAL A 409 -2.28 -28.72 -20.43
CA VAL A 409 -1.46 -29.92 -20.51
C VAL A 409 -0.08 -29.55 -21.05
N PHE A 410 0.96 -30.08 -20.41
CA PHE A 410 2.35 -29.83 -20.76
C PHE A 410 3.13 -31.14 -20.83
N LYS A 411 4.13 -31.17 -21.70
CA LYS A 411 5.15 -32.21 -21.72
C LYS A 411 6.29 -31.88 -20.76
N PHE A 412 6.98 -32.93 -20.30
CA PHE A 412 8.24 -32.77 -19.56
C PHE A 412 9.07 -34.04 -19.73
N LYS A 413 10.33 -33.96 -19.31
CA LYS A 413 11.25 -35.09 -19.38
C LYS A 413 11.79 -35.51 -18.02
N ASN A 414 12.40 -34.60 -17.28
CA ASN A 414 13.11 -34.98 -16.07
C ASN A 414 12.44 -34.44 -14.82
N GLU A 415 12.71 -35.12 -13.71
CA GLU A 415 12.03 -34.82 -12.46
C GLU A 415 12.36 -33.42 -11.98
N GLU A 416 13.60 -32.98 -12.15
CA GLU A 416 14.03 -31.73 -11.56
C GLU A 416 13.33 -30.54 -12.19
N GLU A 417 13.22 -30.51 -13.53
CA GLU A 417 12.57 -29.37 -14.16
C GLU A 417 11.09 -29.35 -13.84
N VAL A 418 10.44 -30.52 -13.78
CA VAL A 418 9.01 -30.51 -13.57
C VAL A 418 8.67 -30.20 -12.12
N PHE A 419 9.52 -30.56 -11.16
CA PHE A 419 9.32 -30.05 -9.80
C PHE A 419 9.42 -28.53 -9.79
N ALA A 420 10.39 -27.96 -10.52
CA ALA A 420 10.50 -26.52 -10.57
C ALA A 420 9.29 -25.89 -11.24
N TRP A 421 8.75 -26.55 -12.27
CA TRP A 421 7.59 -25.98 -12.97
C TRP A 421 6.35 -26.02 -12.07
N ASN A 422 6.20 -27.06 -11.26
CA ASN A 422 5.14 -27.07 -10.27
C ASN A 422 5.21 -25.84 -9.38
N ASN A 423 6.43 -25.49 -8.96
CA ASN A 423 6.67 -24.46 -7.96
C ASN A 423 6.77 -23.04 -8.53
N GLU A 424 6.81 -22.89 -9.85
CA GLU A 424 7.11 -21.58 -10.43
C GLU A 424 5.93 -20.60 -10.37
N VAL A 425 4.72 -21.06 -10.06
CA VAL A 425 3.56 -20.18 -10.06
C VAL A 425 3.52 -19.41 -8.75
N LYS A 426 2.70 -18.37 -8.69
CA LYS A 426 2.60 -17.54 -7.49
C LYS A 426 1.74 -18.18 -6.40
N GLN A 427 0.83 -19.09 -6.78
CA GLN A 427 -0.02 -19.77 -5.82
C GLN A 427 0.71 -20.96 -5.21
N GLY A 428 0.17 -21.48 -4.11
CA GLY A 428 0.78 -22.65 -3.51
C GLY A 428 -0.17 -23.56 -2.75
N LEU A 429 -1.26 -24.01 -3.39
CA LEU A 429 -2.24 -24.75 -2.60
C LEU A 429 -1.98 -26.25 -2.64
N SER A 430 -2.32 -26.92 -3.74
CA SER A 430 -2.25 -28.36 -3.81
C SER A 430 -1.39 -28.80 -4.99
N SER A 431 -0.91 -30.05 -4.90
CA SER A 431 0.02 -30.61 -5.86
C SER A 431 -0.06 -32.13 -5.77
N SER A 432 0.10 -32.81 -6.91
CA SER A 432 0.06 -34.27 -6.99
C SER A 432 1.11 -34.77 -7.98
N ILE A 433 1.82 -35.83 -7.60
CA ILE A 433 2.58 -36.62 -8.57
C ILE A 433 1.97 -38.01 -8.62
N PHE A 434 2.08 -38.64 -9.80
CA PHE A 434 1.73 -40.04 -9.98
C PHE A 434 2.97 -40.77 -10.44
N THR A 435 3.46 -41.69 -9.60
CA THR A 435 4.67 -42.44 -9.88
C THR A 435 4.70 -43.61 -8.92
N LYS A 436 5.55 -44.58 -9.22
CA LYS A 436 5.82 -45.69 -8.32
C LYS A 436 7.19 -45.60 -7.67
N ASP A 437 8.03 -44.67 -8.12
CA ASP A 437 9.42 -44.59 -7.69
C ASP A 437 9.50 -44.14 -6.24
N LEU A 438 10.03 -45.01 -5.38
CA LEU A 438 10.13 -44.73 -3.95
C LEU A 438 10.98 -43.49 -3.69
N GLY A 439 12.15 -43.41 -4.34
CA GLY A 439 12.99 -42.25 -4.16
C GLY A 439 12.29 -40.96 -4.55
N ARG A 440 11.65 -40.96 -5.72
CA ARG A 440 11.01 -39.76 -6.24
C ARG A 440 9.91 -39.27 -5.32
N ILE A 441 9.19 -40.20 -4.70
CA ILE A 441 8.10 -39.82 -3.80
C ILE A 441 8.65 -39.08 -2.58
N PHE A 442 9.73 -39.58 -1.98
CA PHE A 442 10.21 -38.90 -0.78
C PHE A 442 10.90 -37.57 -1.11
N ARG A 443 11.49 -37.44 -2.30
CA ARG A 443 12.01 -36.14 -2.71
C ARG A 443 10.90 -35.13 -2.94
N TRP A 444 9.78 -35.58 -3.54
CA TRP A 444 8.59 -34.75 -3.69
C TRP A 444 8.13 -34.20 -2.35
N LEU A 445 8.18 -35.03 -1.30
CA LEU A 445 7.74 -34.65 0.04
C LEU A 445 8.81 -33.88 0.81
N GLY A 446 10.03 -33.79 0.28
CA GLY A 446 11.13 -33.19 1.00
C GLY A 446 11.38 -31.73 0.65
N PRO A 447 12.53 -31.22 1.07
CA PRO A 447 12.78 -29.78 0.96
C PRO A 447 12.99 -29.29 -0.48
N LYS A 448 13.42 -30.16 -1.39
CA LYS A 448 13.56 -29.81 -2.79
C LYS A 448 12.38 -30.30 -3.63
N GLY A 449 11.27 -30.62 -3.00
CA GLY A 449 10.06 -31.11 -3.66
C GLY A 449 9.02 -30.02 -3.81
N SER A 450 7.76 -30.41 -3.67
CA SER A 450 6.66 -29.46 -3.86
C SER A 450 6.67 -28.40 -2.76
N ASP A 451 6.37 -27.17 -3.14
CA ASP A 451 6.29 -26.07 -2.20
C ASP A 451 4.88 -25.80 -1.69
N CYS A 452 3.91 -26.68 -1.99
CA CYS A 452 2.53 -26.40 -1.66
C CYS A 452 2.15 -26.90 -0.27
N GLY A 453 1.00 -26.43 0.22
CA GLY A 453 0.49 -26.88 1.51
C GLY A 453 -0.13 -28.26 1.48
N ILE A 454 -0.53 -28.72 0.30
CA ILE A 454 -1.02 -30.08 0.08
C ILE A 454 -0.15 -30.70 -0.99
N VAL A 455 0.43 -31.86 -0.68
CA VAL A 455 1.46 -32.52 -1.45
C VAL A 455 1.06 -33.99 -1.50
N ASN A 456 0.49 -34.43 -2.62
CA ASN A 456 -0.16 -35.73 -2.71
C ASN A 456 0.57 -36.67 -3.65
N VAL A 457 0.39 -37.97 -3.42
CA VAL A 457 1.02 -39.02 -4.22
C VAL A 457 -0.06 -39.99 -4.66
N ASN A 458 -0.23 -40.13 -5.98
CA ASN A 458 -1.15 -41.09 -6.60
C ASN A 458 -2.60 -40.84 -6.22
N ILE A 459 -2.91 -39.63 -5.77
CA ILE A 459 -4.27 -39.11 -5.71
C ILE A 459 -4.29 -37.70 -6.27
N PRO A 460 -5.44 -37.25 -6.76
CA PRO A 460 -5.49 -35.91 -7.36
C PRO A 460 -5.38 -34.78 -6.34
N THR A 461 -5.47 -33.55 -6.84
CA THR A 461 -5.20 -32.34 -6.07
C THR A 461 -6.33 -31.97 -5.10
N SER A 462 -7.53 -32.53 -5.27
CA SER A 462 -8.68 -32.06 -4.49
C SER A 462 -9.07 -33.09 -3.42
N GLY A 463 -10.18 -32.81 -2.74
CA GLY A 463 -10.82 -33.71 -1.81
C GLY A 463 -9.99 -34.21 -0.63
N ALA A 464 -9.36 -33.30 0.10
CA ALA A 464 -8.61 -33.70 1.29
C ALA A 464 -9.58 -34.11 2.40
N GLU A 465 -9.04 -34.70 3.46
CA GLU A 465 -9.82 -35.12 4.61
C GLU A 465 -9.57 -34.19 5.80
N ILE A 466 -10.52 -34.22 6.75
CA ILE A 466 -10.52 -33.17 7.78
C ILE A 466 -9.45 -33.36 8.86
N GLY A 467 -8.86 -34.56 8.98
CA GLY A 467 -7.88 -34.79 10.01
C GLY A 467 -6.62 -33.94 9.90
N GLY A 468 -6.29 -33.47 8.71
CA GLY A 468 -5.11 -32.66 8.48
C GLY A 468 -5.42 -31.17 8.35
N ALA A 469 -4.39 -30.35 8.52
CA ALA A 469 -4.58 -28.91 8.31
C ALA A 469 -4.70 -28.63 6.82
N PHE A 470 -5.66 -27.78 6.46
CA PHE A 470 -5.97 -27.47 5.07
C PHE A 470 -5.60 -26.02 4.76
N GLY A 471 -4.78 -25.83 3.75
CA GLY A 471 -4.38 -24.50 3.32
C GLY A 471 -3.14 -24.58 2.45
N GLY A 472 -2.67 -23.40 2.04
CA GLY A 472 -1.54 -23.32 1.13
C GLY A 472 -0.56 -22.23 1.52
N GLU A 473 0.51 -22.14 0.73
CA GLU A 473 1.60 -21.20 0.90
C GLU A 473 1.58 -20.15 -0.20
N LYS A 474 2.56 -19.26 -0.17
CA LYS A 474 2.81 -18.23 -1.21
C LYS A 474 1.53 -17.41 -1.39
N HIS A 475 1.02 -17.22 -2.61
CA HIS A 475 -0.15 -16.36 -2.78
C HIS A 475 -1.45 -17.04 -2.37
N THR A 476 -1.42 -18.27 -1.88
CA THR A 476 -2.59 -18.89 -1.29
C THR A 476 -2.85 -18.39 0.14
N GLY A 477 -1.87 -17.73 0.77
CA GLY A 477 -2.14 -16.85 1.89
C GLY A 477 -1.68 -17.34 3.24
N GLY A 478 -1.40 -18.62 3.41
CA GLY A 478 -0.72 -19.13 4.59
C GLY A 478 -1.62 -19.74 5.65
N GLY A 479 -2.92 -19.45 5.65
CA GLY A 479 -3.78 -19.94 6.70
C GLY A 479 -3.97 -21.45 6.61
N ARG A 480 -4.41 -22.04 7.74
CA ARG A 480 -4.79 -23.44 7.80
C ARG A 480 -6.16 -23.55 8.44
N GLU A 481 -6.93 -24.56 8.01
CA GLU A 481 -8.23 -24.86 8.59
C GLU A 481 -8.31 -26.33 8.96
N SER A 482 -9.27 -26.63 9.85
CA SER A 482 -9.65 -27.99 10.23
C SER A 482 -8.68 -28.69 11.18
N GLY A 483 -7.81 -29.56 10.67
CA GLY A 483 -7.19 -30.59 11.47
C GLY A 483 -5.79 -30.22 11.98
N SER A 484 -5.09 -31.24 12.50
CA SER A 484 -3.80 -31.03 13.16
C SER A 484 -3.91 -29.97 14.24
N ASP A 485 -2.96 -29.04 14.33
CA ASP A 485 -3.06 -27.97 15.33
C ASP A 485 -3.52 -26.65 14.73
N ALA A 486 -4.34 -26.72 13.67
CA ALA A 486 -4.92 -25.52 13.08
C ALA A 486 -5.72 -24.73 14.11
N TRP A 487 -6.25 -25.39 15.14
CA TRP A 487 -7.01 -24.71 16.20
C TRP A 487 -6.20 -23.59 16.85
N LYS A 488 -4.87 -23.67 16.83
CA LYS A 488 -4.05 -22.65 17.47
C LYS A 488 -4.24 -21.28 16.86
N GLN A 489 -4.62 -21.22 15.57
CA GLN A 489 -4.82 -19.92 14.93
C GLN A 489 -6.01 -19.18 15.51
N TYR A 490 -6.90 -19.90 16.21
CA TYR A 490 -8.10 -19.29 16.76
C TYR A 490 -7.92 -18.94 18.23
N MET A 491 -6.70 -19.00 18.75
CA MET A 491 -6.44 -18.74 20.15
C MET A 491 -5.15 -17.95 20.28
N ARG A 492 -4.97 -17.34 21.45
CA ARG A 492 -3.72 -16.65 21.75
C ARG A 492 -2.92 -17.46 22.75
N ARG A 493 -1.63 -17.63 22.44
CA ARG A 493 -0.69 -18.32 23.30
C ARG A 493 -0.18 -17.35 24.36
N SER A 494 -0.13 -17.78 25.61
CA SER A 494 0.65 -17.08 26.61
C SER A 494 1.65 -18.05 27.22
N THR A 495 2.84 -17.55 27.50
CA THR A 495 3.87 -18.29 28.20
C THR A 495 3.86 -17.76 29.64
N CYS A 496 3.61 -18.65 30.60
CA CYS A 496 3.27 -18.19 31.95
C CYS A 496 4.23 -18.81 32.96
N THR A 497 4.88 -17.96 33.77
CA THR A 497 5.78 -18.41 34.82
C THR A 497 5.20 -18.01 36.18
N ILE A 498 5.06 -18.98 37.07
CA ILE A 498 4.46 -18.78 38.38
C ILE A 498 5.49 -19.09 39.45
N ASN A 499 5.89 -18.05 40.19
CA ASN A 499 6.77 -18.23 41.33
C ASN A 499 5.90 -18.57 42.54
N TYR A 500 6.04 -19.78 43.05
CA TYR A 500 5.34 -20.19 44.26
C TYR A 500 6.26 -20.25 45.46
N SER A 501 7.49 -19.78 45.33
CA SER A 501 8.47 -19.79 46.40
C SER A 501 8.56 -18.42 47.06
N LYS A 502 9.51 -18.29 47.98
CA LYS A 502 9.83 -17.03 48.64
C LYS A 502 11.13 -16.42 48.15
N ASP A 503 11.71 -16.94 47.07
CA ASP A 503 12.97 -16.45 46.52
C ASP A 503 12.74 -15.93 45.11
N LEU A 504 13.74 -15.25 44.56
CA LEU A 504 13.65 -14.66 43.22
C LEU A 504 14.90 -14.94 42.38
N PRO A 505 15.19 -16.21 42.07
CA PRO A 505 16.27 -16.49 41.12
C PRO A 505 15.89 -16.00 39.73
N LEU A 506 16.87 -15.41 39.02
CA LEU A 506 16.62 -14.89 37.69
C LEU A 506 17.08 -15.89 36.63
N ALA A 507 16.40 -15.88 35.48
CA ALA A 507 16.80 -16.75 34.39
C ALA A 507 18.25 -16.46 33.98
N GLN A 508 18.90 -17.50 33.43
CA GLN A 508 20.30 -17.44 33.00
C GLN A 508 21.27 -17.18 34.14
N GLY A 509 20.81 -17.37 35.39
CA GLY A 509 21.68 -17.23 36.54
C GLY A 509 22.12 -15.82 36.85
N ILE A 510 21.37 -14.82 36.41
CA ILE A 510 21.80 -13.44 36.54
C ILE A 510 21.69 -13.03 38.01
N LYS A 511 22.80 -12.58 38.58
CA LYS A 511 22.84 -12.13 39.96
C LYS A 511 22.77 -10.61 39.93
N PHE A 512 21.57 -10.06 40.17
CA PHE A 512 21.39 -8.62 40.08
C PHE A 512 21.88 -7.92 41.36
N SER B 4 44.95 6.48 18.76
CA SER B 4 44.87 6.77 20.19
C SER B 4 43.45 7.09 20.64
N THR B 5 42.71 7.82 19.81
CA THR B 5 41.35 8.21 20.17
C THR B 5 40.40 7.02 20.18
N LEU B 6 40.60 6.04 19.29
CA LEU B 6 39.73 4.87 19.29
C LEU B 6 40.02 4.00 20.50
N LEU B 7 38.96 3.60 21.21
CA LEU B 7 39.14 2.74 22.38
C LEU B 7 39.99 1.52 22.03
N ILE B 8 39.74 0.92 20.87
CA ILE B 8 40.42 -0.30 20.46
C ILE B 8 41.92 -0.10 20.29
N ASN B 9 42.39 1.14 20.24
CA ASN B 9 43.82 1.42 20.22
C ASN B 9 44.36 1.84 21.59
N GLN B 10 43.54 1.76 22.63
CA GLN B 10 44.12 1.99 23.95
C GLN B 10 44.40 0.66 24.63
N PRO B 11 45.57 0.54 25.28
CA PRO B 11 45.94 -0.75 25.89
C PRO B 11 44.96 -1.27 26.92
N GLN B 12 44.20 -0.40 27.60
CA GLN B 12 43.25 -0.88 28.60
C GLN B 12 42.06 -1.61 27.96
N TYR B 13 41.83 -1.42 26.66
CA TYR B 13 40.77 -2.14 25.97
C TYR B 13 41.33 -3.16 24.98
N ALA B 14 42.58 -3.60 25.19
CA ALA B 14 43.20 -4.58 24.29
C ALA B 14 42.44 -5.89 24.22
N TRP B 15 41.60 -6.18 25.22
CA TRP B 15 40.83 -7.41 25.18
C TRP B 15 39.84 -7.47 24.02
N LEU B 16 39.54 -6.33 23.37
CA LEU B 16 38.65 -6.36 22.22
C LEU B 16 39.21 -7.19 21.09
N LYS B 17 40.55 -7.27 21.00
CA LYS B 17 41.17 -8.02 19.93
C LYS B 17 41.03 -9.52 20.11
N GLU B 18 40.65 -9.99 21.31
CA GLU B 18 40.33 -11.40 21.46
C GLU B 18 39.08 -11.80 20.68
N LEU B 19 38.25 -10.84 20.29
CA LEU B 19 37.10 -11.11 19.44
C LEU B 19 37.42 -10.94 17.96
N GLY B 20 38.70 -10.73 17.62
CA GLY B 20 39.10 -10.47 16.26
C GLY B 20 38.74 -9.10 15.72
N LEU B 21 38.41 -8.15 16.58
CA LEU B 21 38.07 -6.82 16.13
C LEU B 21 39.33 -6.00 15.93
N ARG B 22 39.32 -5.17 14.91
CA ARG B 22 40.43 -4.28 14.59
C ARG B 22 39.92 -2.85 14.50
N GLU B 23 40.84 -1.93 14.19
CA GLU B 23 40.53 -0.52 14.03
C GLU B 23 39.39 -0.31 13.02
N GLU B 24 39.46 -0.98 11.89
CA GLU B 24 38.40 -0.90 10.88
C GLU B 24 38.02 -2.33 10.51
N ASN B 25 36.72 -2.61 10.53
CA ASN B 25 36.22 -3.98 10.41
C ASN B 25 35.30 -4.10 9.21
N GLU B 26 35.32 -5.28 8.58
CA GLU B 26 34.36 -5.57 7.52
C GLU B 26 33.01 -5.90 8.14
N GLY B 27 31.96 -5.25 7.63
CA GLY B 27 30.62 -5.46 8.13
C GLY B 27 29.74 -6.32 7.25
N VAL B 28 30.26 -6.85 6.14
CA VAL B 28 29.52 -7.81 5.31
C VAL B 28 30.25 -9.14 5.38
N TYR B 29 29.50 -10.21 5.67
CA TYR B 29 30.00 -11.58 5.57
C TYR B 29 29.02 -12.42 4.77
N ASN B 30 29.55 -13.16 3.80
CA ASN B 30 28.74 -14.09 3.01
C ASN B 30 29.59 -15.28 2.59
N GLY B 31 30.54 -15.68 3.42
CA GLY B 31 31.60 -16.58 3.01
C GLY B 31 32.87 -15.78 2.88
N SER B 32 32.74 -14.57 2.33
CA SER B 32 33.80 -13.59 2.23
C SER B 32 33.45 -12.37 3.06
N TRP B 33 34.47 -11.69 3.57
CA TRP B 33 34.27 -10.46 4.33
C TRP B 33 34.46 -9.26 3.43
N GLY B 34 33.54 -8.31 3.51
CA GLY B 34 33.65 -7.10 2.74
C GLY B 34 32.85 -5.97 3.32
N GLY B 35 32.49 -5.02 2.46
CA GLY B 35 31.72 -3.88 2.87
C GLY B 35 32.09 -2.66 2.06
N ARG B 36 31.37 -2.42 0.98
CA ARG B 36 31.68 -1.29 0.10
C ARG B 36 30.80 -0.08 0.38
N GLY B 37 29.93 -0.16 1.39
CA GLY B 37 29.06 0.95 1.76
C GLY B 37 29.73 1.88 2.75
N GLU B 38 28.89 2.60 3.49
CA GLU B 38 29.38 3.63 4.40
C GLU B 38 30.17 3.04 5.56
N VAL B 39 31.20 3.75 5.98
CA VAL B 39 31.92 3.39 7.20
C VAL B 39 31.27 4.11 8.37
N ILE B 40 30.89 3.34 9.38
CA ILE B 40 30.30 3.90 10.58
C ILE B 40 31.28 3.70 11.73
N THR B 41 31.28 4.63 12.68
CA THR B 41 32.03 4.48 13.92
C THR B 41 31.03 4.33 15.06
N THR B 42 31.22 3.32 15.90
CA THR B 42 30.34 3.12 17.04
C THR B 42 31.02 3.62 18.30
N TYR B 43 30.22 4.07 19.25
CA TYR B 43 30.69 4.80 20.42
C TYR B 43 30.31 4.05 21.69
N CYS B 44 31.18 4.21 22.72
CA CYS B 44 30.95 3.72 24.06
C CYS B 44 30.02 4.67 24.81
N PRO B 45 28.78 4.26 25.13
CA PRO B 45 27.86 5.19 25.80
C PRO B 45 28.28 5.58 27.21
N ALA B 46 29.19 4.85 27.84
CA ALA B 46 29.62 5.18 29.21
C ALA B 46 30.62 6.32 29.27
N ASN B 47 31.32 6.63 28.18
CA ASN B 47 32.24 7.75 28.16
C ASN B 47 32.20 8.57 26.88
N ASN B 48 31.31 8.25 25.94
CA ASN B 48 31.16 8.98 24.68
C ASN B 48 32.46 8.99 23.87
N GLU B 49 33.29 7.93 24.04
CA GLU B 49 34.46 7.80 23.18
C GLU B 49 34.20 6.81 22.05
N PRO B 50 34.83 7.01 20.89
CA PRO B 50 34.68 6.05 19.79
C PRO B 50 35.45 4.78 20.07
N ILE B 51 34.89 3.64 19.65
CA ILE B 51 35.47 2.34 19.90
C ILE B 51 36.25 1.86 18.68
N ALA B 52 35.55 1.71 17.55
CA ALA B 52 36.14 1.23 16.29
C ALA B 52 35.12 1.49 15.19
N ARG B 53 35.50 1.17 13.96
CA ARG B 53 34.71 1.44 12.77
C ARG B 53 34.33 0.13 12.07
N VAL B 54 33.22 0.19 11.32
CA VAL B 54 32.70 -0.93 10.54
C VAL B 54 32.28 -0.41 9.17
N ARG B 55 32.73 -1.06 8.11
CA ARG B 55 32.31 -0.72 6.75
C ARG B 55 31.00 -1.46 6.45
N GLN B 56 29.92 -0.71 6.26
CA GLN B 56 28.60 -1.28 6.12
C GLN B 56 28.38 -1.77 4.69
N ALA B 57 27.24 -2.41 4.46
CA ALA B 57 26.93 -2.99 3.16
C ALA B 57 26.50 -1.93 2.16
N SER B 58 27.03 -2.02 0.94
CA SER B 58 26.42 -1.31 -0.16
C SER B 58 25.26 -2.12 -0.73
N VAL B 59 24.52 -1.53 -1.67
CA VAL B 59 23.39 -2.24 -2.27
C VAL B 59 23.89 -3.44 -3.06
N ALA B 60 25.02 -3.29 -3.76
CA ALA B 60 25.62 -4.44 -4.44
C ALA B 60 26.04 -5.52 -3.44
N ASP B 61 26.52 -5.12 -2.25
CA ASP B 61 26.87 -6.10 -1.24
C ASP B 61 25.65 -6.93 -0.83
N TYR B 62 24.53 -6.26 -0.60
CA TYR B 62 23.31 -6.96 -0.20
C TYR B 62 22.84 -7.90 -1.30
N GLU B 63 22.84 -7.42 -2.54
CA GLU B 63 22.42 -8.24 -3.67
C GLU B 63 23.29 -9.48 -3.80
N GLU B 64 24.61 -9.31 -3.70
CA GLU B 64 25.52 -10.46 -3.80
C GLU B 64 25.35 -11.43 -2.64
N THR B 65 25.06 -10.92 -1.44
CA THR B 65 24.95 -11.78 -0.28
C THR B 65 23.68 -12.64 -0.34
N VAL B 66 22.55 -12.03 -0.75
CA VAL B 66 21.31 -12.78 -0.90
C VAL B 66 21.52 -13.96 -1.85
N LYS B 67 22.23 -13.71 -2.96
CA LYS B 67 22.46 -14.77 -3.93
C LYS B 67 23.34 -15.87 -3.35
N LYS B 68 24.38 -15.49 -2.61
CA LYS B 68 25.28 -16.50 -2.05
C LYS B 68 24.59 -17.32 -0.97
N ALA B 69 23.74 -16.67 -0.16
CA ALA B 69 23.00 -17.41 0.85
C ALA B 69 22.05 -18.41 0.21
N ARG B 70 21.32 -17.99 -0.81
CA ARG B 70 20.37 -18.89 -1.42
C ARG B 70 21.08 -20.04 -2.15
N GLU B 71 22.28 -19.79 -2.69
CA GLU B 71 23.09 -20.88 -3.22
C GLU B 71 23.51 -21.84 -2.11
N ALA B 72 23.98 -21.29 -0.98
CA ALA B 72 24.38 -22.15 0.14
C ALA B 72 23.21 -22.98 0.67
N TRP B 73 21.98 -22.45 0.59
CA TRP B 73 20.83 -23.21 1.07
C TRP B 73 20.69 -24.55 0.36
N LYS B 74 21.03 -24.60 -0.94
CA LYS B 74 20.91 -25.85 -1.67
C LYS B 74 21.71 -26.97 -1.00
N ILE B 75 22.89 -26.63 -0.47
CA ILE B 75 23.71 -27.59 0.26
C ILE B 75 23.19 -27.80 1.67
N TRP B 76 22.90 -26.70 2.37
CA TRP B 76 22.49 -26.79 3.76
C TRP B 76 21.19 -27.58 3.92
N ALA B 77 20.20 -27.34 3.05
CA ALA B 77 18.92 -28.04 3.19
C ALA B 77 19.05 -29.54 2.99
N ASP B 78 20.10 -30.00 2.31
CA ASP B 78 20.32 -31.43 2.13
C ASP B 78 21.04 -32.08 3.30
N ILE B 79 21.51 -31.31 4.27
CA ILE B 79 22.13 -31.89 5.46
C ILE B 79 21.02 -32.30 6.42
N PRO B 80 21.02 -33.54 6.91
CA PRO B 80 19.95 -33.95 7.82
C PRO B 80 19.90 -33.04 9.04
N ALA B 81 18.70 -32.88 9.60
CA ALA B 81 18.53 -32.02 10.78
C ALA B 81 19.48 -32.37 11.92
N PRO B 82 19.65 -33.62 12.33
CA PRO B 82 20.58 -33.88 13.44
C PRO B 82 21.99 -33.40 13.16
N LYS B 83 22.45 -33.48 11.91
CA LYS B 83 23.80 -33.00 11.60
C LYS B 83 23.85 -31.47 11.59
N ARG B 84 22.77 -30.83 11.16
CA ARG B 84 22.65 -29.39 11.35
C ARG B 84 22.66 -29.05 12.83
N GLY B 85 22.06 -29.91 13.67
CA GLY B 85 22.12 -29.69 15.10
C GLY B 85 23.54 -29.74 15.63
N GLU B 86 24.37 -30.62 15.06
CA GLU B 86 25.75 -30.71 15.50
C GLU B 86 26.53 -29.44 15.21
N ILE B 87 26.20 -28.74 14.12
CA ILE B 87 26.80 -27.45 13.84
C ILE B 87 26.40 -26.44 14.90
N VAL B 88 25.10 -26.41 15.24
CA VAL B 88 24.60 -25.48 16.24
C VAL B 88 25.23 -25.79 17.60
N ARG B 89 25.41 -27.08 17.91
CA ARG B 89 26.09 -27.44 19.16
C ARG B 89 27.50 -26.86 19.21
N GLN B 90 28.19 -26.83 18.06
CA GLN B 90 29.55 -26.29 18.03
C GLN B 90 29.55 -24.77 18.16
N ILE B 91 28.53 -24.10 17.60
CA ILE B 91 28.34 -22.68 17.89
C ILE B 91 28.14 -22.48 19.38
N GLY B 92 27.36 -23.35 20.02
CA GLY B 92 27.18 -23.26 21.46
C GLY B 92 28.50 -23.30 22.20
N ASP B 93 29.36 -24.26 21.83
CA ASP B 93 30.67 -24.37 22.48
C ASP B 93 31.52 -23.12 22.20
N ALA B 94 31.43 -22.58 20.99
CA ALA B 94 32.21 -21.40 20.65
C ALA B 94 31.80 -20.20 21.50
N LEU B 95 30.50 -20.00 21.69
CA LEU B 95 30.05 -18.92 22.58
C LEU B 95 30.53 -19.15 24.02
N ARG B 96 30.44 -20.39 24.51
CA ARG B 96 30.94 -20.70 25.85
C ARG B 96 32.38 -20.26 26.04
N GLU B 97 33.24 -20.52 25.05
CA GLU B 97 34.65 -20.20 25.18
C GLU B 97 34.92 -18.70 25.13
N LYS B 98 33.96 -17.91 24.67
CA LYS B 98 34.13 -16.47 24.54
C LYS B 98 33.19 -15.67 25.44
N ILE B 99 32.47 -16.33 26.35
CA ILE B 99 31.29 -15.69 26.95
C ILE B 99 31.68 -14.44 27.72
N GLN B 100 32.81 -14.47 28.46
CA GLN B 100 33.15 -13.32 29.29
C GLN B 100 33.60 -12.13 28.45
N VAL B 101 34.40 -12.37 27.42
CA VAL B 101 34.88 -11.25 26.62
C VAL B 101 33.80 -10.75 25.64
N LEU B 102 32.91 -11.63 25.17
CA LEU B 102 31.79 -11.16 24.35
C LEU B 102 30.80 -10.37 25.19
N GLY B 103 30.49 -10.85 26.40
CA GLY B 103 29.62 -10.08 27.28
C GLY B 103 30.22 -8.73 27.62
N SER B 104 31.55 -8.69 27.75
CA SER B 104 32.22 -7.42 28.02
C SER B 104 32.05 -6.45 26.85
N LEU B 105 32.08 -6.96 25.62
CA LEU B 105 31.85 -6.09 24.46
C LEU B 105 30.43 -5.56 24.43
N VAL B 106 29.45 -6.42 24.71
CA VAL B 106 28.06 -5.97 24.84
C VAL B 106 27.97 -4.84 25.86
N SER B 107 28.67 -4.98 27.00
CA SER B 107 28.68 -3.92 28.01
C SER B 107 29.31 -2.65 27.47
N LEU B 108 30.35 -2.78 26.63
CA LEU B 108 31.10 -1.62 26.17
C LEU B 108 30.36 -0.84 25.09
N GLU B 109 29.81 -1.55 24.09
CA GLU B 109 29.22 -0.90 22.93
C GLU B 109 27.74 -0.61 23.13
N MET B 110 27.01 -1.49 23.82
CA MET B 110 25.60 -1.25 24.10
C MET B 110 25.39 -0.51 25.42
N GLY B 111 26.11 -0.90 26.49
CA GLY B 111 26.07 -0.18 27.76
C GLY B 111 25.38 -0.89 28.91
N LYS B 112 24.92 -2.12 28.73
CA LYS B 112 24.29 -2.82 29.84
C LYS B 112 25.35 -3.48 30.72
N ILE B 113 24.98 -3.77 31.98
CA ILE B 113 26.00 -4.19 32.96
C ILE B 113 26.50 -5.60 32.63
N LEU B 114 27.65 -5.95 33.21
CA LEU B 114 28.37 -7.15 32.82
C LEU B 114 27.56 -8.42 33.05
N VAL B 115 26.88 -8.52 34.19
CA VAL B 115 26.11 -9.75 34.40
C VAL B 115 25.00 -9.88 33.37
N GLU B 116 24.53 -8.76 32.81
CA GLU B 116 23.48 -8.82 31.79
C GLU B 116 24.06 -9.06 30.39
N GLY B 117 25.26 -8.57 30.12
CA GLY B 117 25.90 -8.88 28.85
C GLY B 117 26.29 -10.34 28.76
N VAL B 118 26.89 -10.86 29.83
CA VAL B 118 27.17 -12.29 29.94
C VAL B 118 25.87 -13.09 29.92
N GLY B 119 24.83 -12.59 30.62
CA GLY B 119 23.57 -13.29 30.65
C GLY B 119 22.90 -13.33 29.29
N GLU B 120 23.10 -12.30 28.48
CA GLU B 120 22.55 -12.29 27.14
C GLU B 120 23.23 -13.35 26.26
N VAL B 121 24.56 -13.47 26.36
CA VAL B 121 25.25 -14.55 25.65
C VAL B 121 24.81 -15.91 26.19
N GLN B 122 24.54 -15.99 27.49
CA GLN B 122 24.08 -17.25 28.07
C GLN B 122 22.76 -17.72 27.45
N GLU B 123 21.85 -16.78 27.14
CA GLU B 123 20.61 -17.15 26.45
C GLU B 123 20.90 -17.81 25.11
N TYR B 124 21.83 -17.25 24.35
CA TYR B 124 22.19 -17.85 23.07
C TYR B 124 22.72 -19.27 23.27
N VAL B 125 23.60 -19.44 24.27
CA VAL B 125 24.12 -20.77 24.61
C VAL B 125 22.97 -21.70 24.98
N ASP B 126 22.05 -21.23 25.82
CA ASP B 126 20.92 -22.04 26.21
C ASP B 126 20.10 -22.45 24.99
N ILE B 127 19.84 -21.51 24.07
CA ILE B 127 18.99 -21.85 22.94
C ILE B 127 19.73 -22.79 21.98
N CYS B 128 21.07 -22.71 21.92
CA CYS B 128 21.82 -23.69 21.13
C CYS B 128 21.64 -25.10 21.67
N ASP B 129 21.81 -25.27 23.00
CA ASP B 129 21.55 -26.55 23.65
C ASP B 129 20.18 -27.09 23.29
N TYR B 130 19.16 -26.22 23.39
CA TYR B 130 17.78 -26.61 23.13
C TYR B 130 17.61 -27.07 21.68
N ALA B 131 18.18 -26.29 20.75
CA ALA B 131 18.02 -26.55 19.32
C ALA B 131 18.70 -27.84 18.90
N VAL B 132 19.74 -28.26 19.64
CA VAL B 132 20.43 -29.50 19.33
C VAL B 132 19.53 -30.70 19.56
N GLY B 133 18.84 -30.75 20.70
CA GLY B 133 17.86 -31.81 20.91
C GLY B 133 16.70 -31.71 19.94
N LEU B 134 16.23 -30.48 19.69
CA LEU B 134 15.15 -30.27 18.74
C LEU B 134 15.47 -30.81 17.36
N SER B 135 16.75 -30.79 16.97
CA SER B 135 17.17 -31.24 15.65
C SER B 135 16.94 -32.73 15.44
N ARG B 136 16.62 -33.47 16.50
CA ARG B 136 16.24 -34.87 16.46
C ARG B 136 14.73 -35.06 16.53
N MET B 137 13.96 -33.97 16.59
CA MET B 137 12.57 -34.02 16.99
C MET B 137 11.62 -33.35 16.01
N ILE B 138 12.09 -32.35 15.25
CA ILE B 138 11.17 -31.52 14.48
C ILE B 138 10.46 -32.37 13.42
N GLY B 139 9.20 -32.08 13.19
CA GLY B 139 8.41 -32.82 12.25
C GLY B 139 6.95 -32.78 12.66
N GLY B 140 6.13 -33.57 11.97
CA GLY B 140 4.72 -33.65 12.27
C GLY B 140 4.23 -35.08 12.47
N PRO B 141 2.96 -35.22 12.81
CA PRO B 141 2.40 -36.55 13.06
C PRO B 141 2.12 -37.33 11.78
N ILE B 142 2.14 -38.66 11.91
CA ILE B 142 1.46 -39.54 10.97
C ILE B 142 0.04 -39.73 11.48
N LEU B 143 -0.92 -39.42 10.64
CA LEU B 143 -2.32 -39.37 11.00
C LEU B 143 -3.08 -40.52 10.35
N PRO B 144 -4.18 -40.99 10.95
CA PRO B 144 -4.95 -42.08 10.36
C PRO B 144 -5.88 -41.56 9.27
N SER B 145 -5.62 -41.94 8.03
CA SER B 145 -6.51 -41.57 6.95
C SER B 145 -7.83 -42.33 7.07
N GLU B 146 -8.92 -41.68 6.67
CA GLU B 146 -10.22 -42.34 6.57
C GLU B 146 -10.32 -43.25 5.36
N ARG B 147 -9.29 -43.28 4.51
CA ARG B 147 -9.32 -44.07 3.29
C ARG B 147 -8.38 -45.25 3.38
N SER B 148 -8.91 -46.44 3.14
CA SER B 148 -8.12 -47.66 3.05
C SER B 148 -6.98 -47.50 2.05
N GLY B 149 -5.83 -48.06 2.38
CA GLY B 149 -4.70 -48.06 1.47
C GLY B 149 -4.05 -46.70 1.26
N HIS B 150 -4.29 -45.74 2.14
CA HIS B 150 -3.65 -44.43 2.07
C HIS B 150 -2.94 -44.11 3.39
N ALA B 151 -1.81 -43.44 3.30
CA ALA B 151 -1.18 -42.83 4.46
C ALA B 151 -1.44 -41.33 4.46
N LEU B 152 -1.43 -40.73 5.65
CA LEU B 152 -1.65 -39.30 5.79
C LEU B 152 -0.59 -38.79 6.75
N ILE B 153 0.27 -37.88 6.28
CA ILE B 153 1.41 -37.43 7.09
C ILE B 153 1.54 -35.91 6.99
N GLU B 154 1.94 -35.29 8.09
CA GLU B 154 2.22 -33.86 8.10
C GLU B 154 3.73 -33.67 8.05
N GLN B 155 4.23 -33.11 6.95
CA GLN B 155 5.64 -32.84 6.76
C GLN B 155 5.95 -31.37 7.04
N TRP B 156 7.19 -31.11 7.44
CA TRP B 156 7.70 -29.77 7.70
C TRP B 156 9.05 -29.61 7.00
N ASN B 157 9.19 -28.54 6.22
CA ASN B 157 10.40 -28.28 5.46
C ASN B 157 10.81 -26.82 5.61
N PRO B 158 12.09 -26.50 5.39
CA PRO B 158 12.53 -25.11 5.58
C PRO B 158 11.90 -24.16 4.57
N VAL B 159 11.75 -22.91 5.00
CA VAL B 159 11.21 -21.87 4.12
C VAL B 159 12.28 -21.34 3.17
N GLY B 160 13.55 -21.42 3.54
CA GLY B 160 14.61 -20.98 2.64
C GLY B 160 15.53 -20.02 3.34
N LEU B 161 15.46 -18.74 2.95
CA LEU B 161 16.27 -17.67 3.54
C LEU B 161 15.47 -16.98 4.62
N VAL B 162 16.02 -16.91 5.83
CA VAL B 162 15.41 -16.22 6.96
C VAL B 162 16.20 -14.94 7.20
N GLY B 163 15.59 -13.79 6.89
CA GLY B 163 16.20 -12.53 7.25
C GLY B 163 15.88 -12.17 8.69
N ILE B 164 16.89 -11.65 9.39
CA ILE B 164 16.79 -11.38 10.81
C ILE B 164 17.25 -9.94 11.04
N ILE B 165 16.34 -9.09 11.56
CA ILE B 165 16.63 -7.69 11.86
C ILE B 165 16.48 -7.50 13.36
N THR B 166 17.52 -6.98 14.00
CA THR B 166 17.54 -6.88 15.46
C THR B 166 17.79 -5.44 15.89
N ALA B 167 17.62 -5.20 17.18
CA ALA B 167 17.66 -3.87 17.76
C ALA B 167 18.89 -3.70 18.65
N PHE B 168 19.09 -2.48 19.13
CA PHE B 168 20.30 -2.21 19.90
C PHE B 168 20.26 -2.89 21.25
N ASN B 169 19.08 -3.12 21.81
CA ASN B 169 19.03 -3.36 23.24
C ASN B 169 19.31 -4.81 23.58
N PHE B 170 19.15 -5.73 22.62
CA PHE B 170 19.59 -7.12 22.77
C PHE B 170 20.35 -7.51 21.51
N PRO B 171 21.58 -7.00 21.38
CA PRO B 171 22.34 -7.18 20.13
C PRO B 171 22.86 -8.59 19.89
N VAL B 172 22.73 -9.51 20.85
CA VAL B 172 23.20 -10.89 20.74
C VAL B 172 22.05 -11.89 20.82
N ALA B 173 21.25 -11.81 21.88
CA ALA B 173 20.35 -12.93 22.20
C ALA B 173 19.21 -13.07 21.22
N VAL B 174 18.72 -11.97 20.63
CA VAL B 174 17.59 -12.07 19.72
C VAL B 174 18.03 -12.71 18.41
N TYR B 175 19.14 -12.24 17.86
CA TYR B 175 19.73 -12.94 16.72
C TYR B 175 19.94 -14.41 17.03
N GLY B 176 20.59 -14.71 18.16
CA GLY B 176 20.91 -16.10 18.47
C GLY B 176 19.69 -17.00 18.56
N ALA B 177 18.61 -16.52 19.18
CA ALA B 177 17.40 -17.33 19.26
C ALA B 177 16.83 -17.60 17.87
N ASN B 178 16.88 -16.60 16.99
CA ASN B 178 16.40 -16.79 15.63
C ASN B 178 17.35 -17.67 14.84
N ASN B 179 18.65 -17.47 15.04
CA ASN B 179 19.65 -18.17 14.25
C ASN B 179 19.67 -19.66 14.58
N ALA B 180 19.71 -20.00 15.88
CA ALA B 180 19.83 -21.40 16.27
C ALA B 180 18.63 -22.21 15.79
N ILE B 181 17.43 -21.64 15.93
CA ILE B 181 16.22 -22.35 15.53
C ILE B 181 16.13 -22.41 14.01
N ALA B 182 16.38 -21.29 13.33
CA ALA B 182 16.33 -21.29 11.87
C ALA B 182 17.32 -22.30 11.29
N MET B 183 18.49 -22.42 11.92
CA MET B 183 19.54 -23.32 11.41
C MET B 183 19.13 -24.79 11.50
N ILE B 184 18.62 -25.23 12.64
CA ILE B 184 18.32 -26.66 12.73
C ILE B 184 17.11 -26.99 11.84
N CYS B 185 16.24 -26.02 11.60
CA CYS B 185 15.12 -26.19 10.68
C CYS B 185 15.54 -26.16 9.21
N GLY B 186 16.83 -26.03 8.92
CA GLY B 186 17.33 -26.14 7.56
C GLY B 186 17.28 -24.87 6.74
N ASN B 187 17.17 -23.70 7.37
CA ASN B 187 17.21 -22.42 6.68
C ASN B 187 18.63 -21.84 6.71
N VAL B 188 18.87 -20.93 5.77
CA VAL B 188 20.02 -20.03 5.84
C VAL B 188 19.53 -18.69 6.37
N CYS B 189 20.44 -17.87 6.87
CA CYS B 189 20.08 -16.65 7.58
C CYS B 189 20.84 -15.45 7.01
N LEU B 190 20.21 -14.28 7.10
CA LEU B 190 20.85 -13.03 6.74
C LEU B 190 20.53 -12.00 7.81
N TRP B 191 21.58 -11.53 8.49
CA TRP B 191 21.46 -10.71 9.68
C TRP B 191 21.74 -9.25 9.37
N LYS B 192 20.84 -8.36 9.80
CA LYS B 192 21.13 -6.93 9.86
C LYS B 192 20.82 -6.44 11.28
N GLY B 193 21.85 -6.00 12.00
CA GLY B 193 21.70 -5.53 13.36
C GLY B 193 21.56 -4.03 13.46
N ALA B 194 21.46 -3.55 14.69
CA ALA B 194 21.44 -2.11 14.92
C ALA B 194 22.80 -1.51 14.52
N PRO B 195 22.83 -0.43 13.74
CA PRO B 195 24.14 0.17 13.39
C PRO B 195 24.97 0.55 14.60
N THR B 196 24.35 1.00 15.68
CA THR B 196 25.11 1.38 16.86
C THR B 196 25.62 0.19 17.67
N THR B 197 25.30 -1.05 17.28
CA THR B 197 25.94 -2.22 17.89
C THR B 197 26.61 -3.08 16.82
N SER B 198 27.25 -2.42 15.85
CA SER B 198 27.82 -3.13 14.70
C SER B 198 29.00 -3.98 15.09
N LEU B 199 29.83 -3.53 16.05
CA LEU B 199 30.94 -4.36 16.50
C LEU B 199 30.45 -5.67 17.08
N ILE B 200 29.32 -5.63 17.80
CA ILE B 200 28.78 -6.86 18.38
C ILE B 200 28.34 -7.82 17.27
N SER B 201 27.66 -7.29 16.25
CA SER B 201 27.25 -8.13 15.11
C SER B 201 28.46 -8.76 14.42
N VAL B 202 29.54 -7.98 14.24
CA VAL B 202 30.74 -8.49 13.59
C VAL B 202 31.39 -9.56 14.45
N ALA B 203 31.54 -9.30 15.75
CA ALA B 203 32.14 -10.28 16.65
C ALA B 203 31.34 -11.58 16.68
N VAL B 204 30.00 -11.47 16.79
CA VAL B 204 29.18 -12.68 16.79
C VAL B 204 29.35 -13.46 15.49
N THR B 205 29.39 -12.74 14.36
CA THR B 205 29.50 -13.41 13.08
C THR B 205 30.88 -14.02 12.86
N LYS B 206 31.93 -13.44 13.46
CA LYS B 206 33.25 -14.06 13.36
C LYS B 206 33.27 -15.40 14.09
N ILE B 207 32.60 -15.48 15.23
CA ILE B 207 32.51 -16.75 15.98
C ILE B 207 31.80 -17.80 15.13
N ILE B 208 30.64 -17.44 14.56
CA ILE B 208 29.85 -18.42 13.80
C ILE B 208 30.58 -18.82 12.51
N ALA B 209 31.14 -17.83 11.80
CA ALA B 209 31.79 -18.13 10.53
C ALA B 209 32.92 -19.13 10.70
N LYS B 210 33.66 -19.05 11.81
CA LYS B 210 34.74 -20.00 12.05
C LYS B 210 34.20 -21.42 12.18
N VAL B 211 33.06 -21.60 12.86
CA VAL B 211 32.47 -22.94 13.01
C VAL B 211 32.04 -23.48 11.65
N LEU B 212 31.37 -22.65 10.85
CA LEU B 212 30.97 -23.05 9.50
C LEU B 212 32.18 -23.44 8.67
N GLU B 213 33.17 -22.55 8.60
CA GLU B 213 34.33 -22.81 7.75
C GLU B 213 35.11 -24.02 8.26
N ASP B 214 35.24 -24.17 9.58
CA ASP B 214 35.91 -25.35 10.13
C ASP B 214 35.18 -26.64 9.78
N ASN B 215 33.87 -26.57 9.57
CA ASN B 215 33.09 -27.73 9.17
C ASN B 215 32.90 -27.82 7.66
N LYS B 216 33.68 -27.04 6.89
CA LYS B 216 33.72 -27.09 5.43
C LYS B 216 32.37 -26.74 4.81
N LEU B 217 31.66 -25.83 5.43
CA LEU B 217 30.35 -25.42 4.99
C LEU B 217 30.40 -24.00 4.43
N PRO B 218 29.54 -23.67 3.48
CA PRO B 218 29.55 -22.31 2.92
C PRO B 218 29.12 -21.29 3.96
N GLY B 219 29.96 -20.27 4.14
CA GLY B 219 29.73 -19.30 5.22
C GLY B 219 28.44 -18.54 5.09
N ALA B 220 27.92 -18.40 3.86
CA ALA B 220 26.70 -17.65 3.62
C ALA B 220 25.49 -18.27 4.32
N ILE B 221 25.63 -19.48 4.88
CA ILE B 221 24.54 -20.04 5.68
C ILE B 221 24.15 -19.08 6.80
N CYS B 222 25.13 -18.35 7.35
CA CYS B 222 24.86 -17.33 8.38
C CYS B 222 25.48 -16.01 7.91
N SER B 223 24.78 -15.32 7.02
CA SER B 223 25.28 -14.12 6.39
C SER B 223 25.05 -12.89 7.26
N LEU B 224 25.87 -11.86 7.01
CA LEU B 224 25.78 -10.59 7.71
C LEU B 224 25.86 -9.45 6.71
N THR B 225 24.90 -8.53 6.77
CA THR B 225 24.96 -7.28 6.01
C THR B 225 24.66 -6.13 6.96
N CYS B 226 25.70 -5.62 7.62
CA CYS B 226 25.53 -4.45 8.47
C CYS B 226 25.02 -3.26 7.65
N GLY B 227 24.05 -2.54 8.19
CA GLY B 227 23.54 -1.36 7.49
C GLY B 227 22.37 -0.75 8.22
N GLY B 228 21.86 0.34 7.64
CA GLY B 228 20.78 1.11 8.22
C GLY B 228 19.44 0.72 7.65
N ALA B 229 18.52 1.70 7.63
CA ALA B 229 17.13 1.42 7.25
C ALA B 229 16.99 1.04 5.78
N ASP B 230 17.91 1.48 4.92
CA ASP B 230 17.77 1.11 3.51
C ASP B 230 17.97 -0.39 3.31
N ILE B 231 18.86 -1.00 4.10
CA ILE B 231 19.05 -2.44 4.06
C ILE B 231 17.85 -3.16 4.66
N GLY B 232 17.34 -2.67 5.80
CA GLY B 232 16.15 -3.28 6.37
C GLY B 232 14.96 -3.21 5.41
N THR B 233 14.81 -2.08 4.71
CA THR B 233 13.71 -1.92 3.78
C THR B 233 13.85 -2.88 2.60
N ALA B 234 15.08 -3.08 2.13
CA ALA B 234 15.30 -4.02 1.03
C ALA B 234 14.91 -5.44 1.43
N MET B 235 15.28 -5.83 2.66
CA MET B 235 14.92 -7.17 3.15
C MET B 235 13.41 -7.36 3.23
N ALA B 236 12.68 -6.33 3.69
CA ALA B 236 11.23 -6.43 3.78
C ALA B 236 10.57 -6.50 2.40
N LYS B 237 11.20 -5.92 1.39
CA LYS B 237 10.62 -5.88 0.06
C LYS B 237 11.11 -7.02 -0.84
N ASP B 238 12.03 -7.84 -0.35
CA ASP B 238 12.76 -8.81 -1.18
C ASP B 238 12.01 -10.15 -1.20
N GLU B 239 11.51 -10.54 -2.36
CA GLU B 239 10.82 -11.83 -2.48
C GLU B 239 11.76 -13.00 -2.17
N ARG B 240 13.07 -12.80 -2.27
CA ARG B 240 14.00 -13.87 -1.94
C ARG B 240 14.13 -14.10 -0.44
N VAL B 241 13.66 -13.17 0.39
CA VAL B 241 13.68 -13.31 1.84
C VAL B 241 12.39 -14.00 2.25
N ASN B 242 12.44 -15.32 2.47
CA ASN B 242 11.21 -16.10 2.62
C ASN B 242 10.51 -15.80 3.94
N LEU B 243 11.28 -15.64 5.01
CA LEU B 243 10.76 -15.26 6.31
C LEU B 243 11.61 -14.08 6.78
N LEU B 244 10.97 -13.04 7.28
CA LEU B 244 11.69 -11.90 7.85
C LEU B 244 11.31 -11.80 9.31
N SER B 245 12.28 -12.02 10.20
CA SER B 245 12.07 -11.83 11.63
C SER B 245 12.57 -10.43 11.95
N PHE B 246 11.69 -9.58 12.46
CA PHE B 246 12.02 -8.20 12.74
C PHE B 246 11.77 -7.93 14.21
N THR B 247 12.81 -7.48 14.92
CA THR B 247 12.68 -7.00 16.29
C THR B 247 13.03 -5.52 16.29
N GLY B 248 12.12 -4.69 16.75
CA GLY B 248 12.38 -3.26 16.77
C GLY B 248 11.15 -2.48 17.19
N SER B 249 11.12 -1.22 16.78
CA SER B 249 10.06 -0.32 17.17
C SER B 249 8.73 -0.71 16.52
N THR B 250 7.65 -0.43 17.24
CA THR B 250 6.31 -0.68 16.70
C THR B 250 6.10 0.06 15.38
N GLN B 251 6.49 1.33 15.31
CA GLN B 251 6.27 2.13 14.11
C GLN B 251 6.93 1.50 12.89
N VAL B 252 8.20 1.09 13.03
CA VAL B 252 8.90 0.48 11.90
C VAL B 252 8.35 -0.91 11.62
N GLY B 253 8.11 -1.70 12.68
CA GLY B 253 7.61 -3.05 12.49
C GLY B 253 6.28 -3.10 11.78
N LYS B 254 5.42 -2.11 12.01
CA LYS B 254 4.16 -2.07 11.27
C LYS B 254 4.40 -1.92 9.78
N GLN B 255 5.37 -1.08 9.41
CA GLN B 255 5.67 -0.92 7.99
C GLN B 255 6.34 -2.17 7.42
N VAL B 256 7.20 -2.83 8.21
CA VAL B 256 7.78 -4.09 7.78
C VAL B 256 6.68 -5.12 7.50
N GLY B 257 5.72 -5.27 8.43
CA GLY B 257 4.66 -6.25 8.23
C GLY B 257 3.85 -5.98 6.97
N LEU B 258 3.56 -4.70 6.70
CA LEU B 258 2.80 -4.35 5.51
C LEU B 258 3.57 -4.70 4.24
N MET B 259 4.87 -4.41 4.21
CA MET B 259 5.65 -4.69 3.01
C MET B 259 5.76 -6.19 2.78
N VAL B 260 5.92 -6.95 3.86
CA VAL B 260 6.05 -8.40 3.70
C VAL B 260 4.72 -9.00 3.26
N GLN B 261 3.62 -8.54 3.87
CA GLN B 261 2.29 -8.97 3.43
C GLN B 261 2.03 -8.60 1.98
N GLU B 262 2.55 -7.45 1.53
CA GLU B 262 2.34 -7.01 0.14
C GLU B 262 2.85 -8.03 -0.87
N ARG B 263 3.90 -8.78 -0.53
CA ARG B 263 4.51 -9.77 -1.42
C ARG B 263 4.18 -11.20 -1.01
N PHE B 264 3.18 -11.38 -0.14
CA PHE B 264 2.83 -12.69 0.41
C PHE B 264 4.05 -13.41 0.96
N GLY B 265 4.95 -12.66 1.62
CA GLY B 265 6.01 -13.26 2.40
C GLY B 265 5.51 -13.61 3.79
N ARG B 266 6.43 -14.11 4.61
CA ARG B 266 6.16 -14.44 6.00
C ARG B 266 6.94 -13.49 6.88
N SER B 267 6.33 -13.02 7.96
CA SER B 267 7.02 -12.14 8.89
C SER B 267 6.79 -12.63 10.32
N LEU B 268 7.76 -12.30 11.17
CA LEU B 268 7.74 -12.66 12.59
C LEU B 268 8.09 -11.38 13.33
N LEU B 269 7.10 -10.76 14.00
CA LEU B 269 7.27 -9.40 14.49
C LEU B 269 7.32 -9.38 16.01
N GLU B 270 8.37 -8.75 16.55
CA GLU B 270 8.64 -8.64 17.98
C GLU B 270 8.86 -7.16 18.25
N LEU B 271 7.78 -6.46 18.62
CA LEU B 271 7.79 -5.01 18.71
C LEU B 271 7.70 -4.59 20.18
N GLY B 272 7.18 -3.40 20.45
CA GLY B 272 7.32 -2.81 21.77
C GLY B 272 6.43 -3.43 22.83
N GLY B 273 6.74 -3.09 24.08
CA GLY B 273 5.88 -3.42 25.19
C GLY B 273 5.64 -2.17 26.02
N ASN B 274 4.54 -2.20 26.80
CA ASN B 274 4.26 -1.19 27.80
C ASN B 274 3.79 -1.96 29.03
N ASN B 275 4.73 -2.68 29.63
CA ASN B 275 4.38 -3.81 30.50
C ASN B 275 4.09 -3.35 31.92
N ALA B 276 3.12 -4.02 32.54
CA ALA B 276 2.66 -3.62 33.85
C ALA B 276 2.97 -4.70 34.89
N ILE B 277 3.29 -4.24 36.10
CA ILE B 277 3.29 -5.06 37.30
C ILE B 277 2.12 -4.60 38.14
N ILE B 278 1.37 -5.55 38.70
CA ILE B 278 0.20 -5.29 39.53
C ILE B 278 0.42 -5.96 40.87
N ALA B 279 0.39 -5.19 41.95
CA ALA B 279 0.59 -5.71 43.30
C ALA B 279 -0.72 -5.60 44.07
N PHE B 280 -1.33 -6.75 44.37
CA PHE B 280 -2.55 -6.75 45.15
C PHE B 280 -2.25 -6.63 46.65
N GLU B 281 -3.30 -6.35 47.43
CA GLU B 281 -3.13 -6.06 48.86
C GLU B 281 -2.50 -7.23 49.61
N ASP B 282 -2.70 -8.45 49.13
CA ASP B 282 -2.18 -9.65 49.80
C ASP B 282 -0.77 -10.03 49.35
N ALA B 283 -0.14 -9.21 48.50
CA ALA B 283 1.13 -9.58 47.91
C ALA B 283 2.25 -9.63 48.97
N ASP B 284 3.23 -10.50 48.71
CA ASP B 284 4.47 -10.52 49.50
C ASP B 284 5.32 -9.32 49.09
N LEU B 285 5.36 -8.28 49.94
CA LEU B 285 6.04 -7.06 49.52
C LEU B 285 7.55 -7.26 49.40
N SER B 286 8.10 -8.28 50.06
CA SER B 286 9.53 -8.57 49.92
C SER B 286 9.86 -9.20 48.58
N LEU B 287 8.86 -9.68 47.84
CA LEU B 287 9.04 -10.05 46.44
C LEU B 287 8.74 -8.89 45.52
N VAL B 288 7.72 -8.08 45.87
CA VAL B 288 7.29 -6.97 45.03
C VAL B 288 8.44 -5.98 44.80
N VAL B 289 9.01 -5.46 45.89
CA VAL B 289 9.97 -4.36 45.76
C VAL B 289 11.21 -4.77 44.96
N PRO B 290 11.92 -5.85 45.28
CA PRO B 290 13.05 -6.26 44.42
C PRO B 290 12.63 -6.58 42.99
N SER B 291 11.46 -7.21 42.80
CA SER B 291 11.03 -7.53 41.45
C SER B 291 10.79 -6.26 40.63
N ALA B 292 10.14 -5.26 41.23
CA ALA B 292 9.91 -4.02 40.52
C ALA B 292 11.23 -3.32 40.19
N LEU B 293 12.16 -3.32 41.15
CA LEU B 293 13.47 -2.72 40.91
C LEU B 293 14.14 -3.30 39.67
N PHE B 294 14.35 -4.63 39.66
CA PHE B 294 15.02 -5.27 38.52
C PHE B 294 14.26 -5.07 37.22
N ALA B 295 12.93 -5.24 37.26
CA ALA B 295 12.14 -5.09 36.04
C ALA B 295 12.17 -3.67 35.52
N ALA B 296 12.33 -2.68 36.41
CA ALA B 296 12.20 -1.30 35.94
C ALA B 296 13.54 -0.67 35.62
N VAL B 297 14.56 -0.92 36.46
CA VAL B 297 15.87 -0.31 36.28
C VAL B 297 16.88 -1.23 35.63
N GLY B 298 16.59 -2.53 35.53
CA GLY B 298 17.45 -3.43 34.79
C GLY B 298 17.68 -2.93 33.38
N THR B 299 18.91 -3.09 32.87
CA THR B 299 19.26 -2.60 31.54
C THR B 299 18.93 -1.11 31.37
N ALA B 300 18.99 -0.37 32.49
CA ALA B 300 18.62 1.06 32.54
C ALA B 300 17.25 1.31 31.90
N GLY B 301 16.32 0.37 32.09
CA GLY B 301 14.97 0.51 31.58
C GLY B 301 14.84 0.45 30.06
N GLN B 302 15.78 -0.22 29.37
CA GLN B 302 15.81 -0.20 27.92
C GLN B 302 15.39 -1.53 27.30
N ARG B 303 14.72 -2.39 28.05
CA ARG B 303 14.26 -3.67 27.49
C ARG B 303 12.86 -3.50 26.91
N THR B 305 10.75 -5.70 27.49
CA THR B 305 9.99 -6.26 28.60
C THR B 305 10.14 -5.47 29.93
N THR B 306 10.77 -4.30 29.87
CA THR B 306 10.90 -3.46 31.06
C THR B 306 9.53 -3.11 31.62
N ALA B 307 9.41 -3.14 32.95
CA ALA B 307 8.19 -2.70 33.60
C ALA B 307 8.11 -1.18 33.54
N ARG B 308 7.05 -0.67 32.92
CA ARG B 308 6.83 0.76 32.80
C ARG B 308 5.59 1.24 33.55
N ARG B 309 4.72 0.34 33.94
CA ARG B 309 3.51 0.67 34.70
C ARG B 309 3.50 -0.18 35.95
N LEU B 310 3.33 0.45 37.11
CA LEU B 310 3.24 -0.25 38.39
C LEU B 310 1.92 0.11 39.06
N PHE B 311 0.99 -0.84 39.07
CA PHE B 311 -0.29 -0.69 39.75
C PHE B 311 -0.18 -1.29 41.15
N ILE B 312 -0.54 -0.50 42.16
CA ILE B 312 -0.47 -0.92 43.56
C ILE B 312 -1.83 -0.68 44.19
N HIS B 313 -2.31 -1.68 44.95
CA HIS B 313 -3.56 -1.49 45.68
C HIS B 313 -3.44 -0.27 46.59
N GLU B 314 -4.54 0.48 46.70
CA GLU B 314 -4.57 1.69 47.52
C GLU B 314 -4.05 1.45 48.93
N SER B 315 -4.30 0.26 49.49
CA SER B 315 -3.93 0.01 50.88
C SER B 315 -2.42 -0.07 51.10
N ILE B 316 -1.64 -0.31 50.05
CA ILE B 316 -0.20 -0.54 50.20
C ILE B 316 0.60 0.34 49.27
N HIS B 317 -0.08 1.27 48.58
CA HIS B 317 0.58 2.11 47.59
C HIS B 317 1.72 2.93 48.20
N ASP B 318 1.44 3.65 49.28
CA ASP B 318 2.46 4.54 49.82
C ASP B 318 3.65 3.75 50.35
N GLU B 319 3.40 2.64 51.04
CA GLU B 319 4.50 1.85 51.60
C GLU B 319 5.39 1.27 50.50
N VAL B 320 4.80 0.71 49.44
CA VAL B 320 5.61 0.17 48.35
C VAL B 320 6.42 1.26 47.67
N VAL B 321 5.79 2.41 47.40
CA VAL B 321 6.53 3.54 46.85
C VAL B 321 7.70 3.94 47.76
N ASN B 322 7.45 3.99 49.07
CA ASN B 322 8.54 4.40 49.96
C ASN B 322 9.67 3.39 49.95
N ARG B 323 9.33 2.10 49.94
CA ARG B 323 10.36 1.06 49.91
C ARG B 323 11.08 1.04 48.57
N LEU B 324 10.36 1.31 47.47
CA LEU B 324 11.00 1.39 46.16
C LEU B 324 12.00 2.54 46.11
N LYS B 325 11.59 3.71 46.59
CA LYS B 325 12.50 4.86 46.64
C LYS B 325 13.77 4.53 47.40
N LYS B 326 13.64 3.88 48.56
CA LYS B 326 14.82 3.52 49.35
C LYS B 326 15.69 2.53 48.58
N ALA B 327 15.07 1.61 47.83
CA ALA B 327 15.84 0.66 47.05
C ALA B 327 16.57 1.35 45.90
N TYR B 328 15.88 2.25 45.19
CA TYR B 328 16.49 3.00 44.10
C TYR B 328 17.75 3.72 44.57
N ALA B 329 17.70 4.36 45.74
CA ALA B 329 18.86 5.11 46.22
C ALA B 329 20.07 4.21 46.52
N GLN B 330 19.90 2.90 46.64
CA GLN B 330 21.01 2.00 46.96
C GLN B 330 21.82 1.56 45.75
N ILE B 331 21.33 1.85 44.54
CA ILE B 331 21.88 1.24 43.33
C ILE B 331 23.28 1.77 43.06
N ARG B 332 24.23 0.85 42.84
CA ARG B 332 25.60 1.22 42.52
C ARG B 332 25.71 1.60 41.04
N VAL B 333 26.15 2.83 40.78
CA VAL B 333 26.31 3.38 39.43
C VAL B 333 27.77 3.35 39.05
N GLY B 334 28.05 2.95 37.81
CA GLY B 334 29.41 3.04 37.30
C GLY B 334 29.50 2.67 35.84
N ASN B 335 30.72 2.35 35.42
CA ASN B 335 30.92 1.80 34.09
C ASN B 335 30.34 0.39 34.03
N PRO B 336 29.60 0.05 32.98
CA PRO B 336 28.84 -1.22 33.00
C PRO B 336 29.71 -2.46 32.85
N TRP B 337 30.91 -2.37 32.27
CA TRP B 337 31.79 -3.54 32.18
C TRP B 337 32.52 -3.80 33.49
N ASP B 338 32.42 -2.88 34.45
CA ASP B 338 33.00 -3.07 35.77
C ASP B 338 32.13 -4.04 36.58
N PRO B 339 32.66 -5.17 37.03
CA PRO B 339 31.89 -6.06 37.90
C PRO B 339 31.31 -5.33 39.11
N ASN B 340 30.17 -5.83 39.57
CA ASN B 340 29.38 -5.35 40.71
C ASN B 340 28.74 -3.99 40.47
N VAL B 341 28.86 -3.41 39.28
CA VAL B 341 28.06 -2.25 38.91
C VAL B 341 26.65 -2.72 38.56
N LEU B 342 25.64 -2.02 39.07
CA LEU B 342 24.25 -2.37 38.83
C LEU B 342 23.53 -1.48 37.84
N TYR B 343 24.07 -0.28 37.56
CA TYR B 343 23.33 0.68 36.76
C TYR B 343 24.27 1.37 35.77
N GLY B 344 24.01 1.20 34.48
CA GLY B 344 24.83 1.81 33.45
C GLY B 344 24.13 2.96 32.74
N PRO B 345 24.69 3.40 31.61
CA PRO B 345 24.14 4.54 30.89
C PRO B 345 23.09 4.13 29.85
N LEU B 346 22.33 5.12 29.41
CA LEU B 346 21.45 4.93 28.27
C LEU B 346 22.29 4.79 27.00
N HIS B 347 21.69 4.20 25.98
CA HIS B 347 22.46 3.78 24.80
C HIS B 347 22.94 4.97 23.97
N THR B 348 22.20 6.08 23.92
CA THR B 348 22.58 7.21 23.07
C THR B 348 22.35 8.53 23.80
N LYS B 349 22.92 9.61 23.26
CA LYS B 349 22.63 10.94 23.80
C LYS B 349 21.19 11.34 23.52
N GLN B 350 20.67 10.99 22.34
CA GLN B 350 19.27 11.30 22.05
C GLN B 350 18.35 10.68 23.10
N ALA B 351 18.62 9.44 23.52
CA ALA B 351 17.78 8.81 24.55
C ALA B 351 17.78 9.62 25.84
N VAL B 352 18.93 10.21 26.20
CA VAL B 352 18.97 11.06 27.39
C VAL B 352 18.03 12.24 27.24
N SER B 353 18.07 12.90 26.07
CA SER B 353 17.18 14.01 25.79
C SER B 353 15.71 13.58 25.84
N MET B 354 15.41 12.39 25.32
CA MET B 354 14.04 11.90 25.38
C MET B 354 13.64 11.53 26.80
N PHE B 355 14.59 11.07 27.61
CA PHE B 355 14.32 10.91 29.05
C PHE B 355 13.85 12.23 29.64
N LEU B 356 14.63 13.30 29.46
CA LEU B 356 14.24 14.61 29.98
C LEU B 356 12.90 15.04 29.41
N GLY B 357 12.67 14.73 28.13
CA GLY B 357 11.39 15.08 27.50
C GLY B 357 10.21 14.39 28.16
N ALA B 358 10.36 13.11 28.50
CA ALA B 358 9.23 12.38 29.08
C ALA B 358 8.96 12.85 30.49
N VAL B 359 10.02 12.98 31.30
CA VAL B 359 9.88 13.56 32.64
C VAL B 359 9.13 14.88 32.58
N GLU B 360 9.50 15.76 31.63
CA GLU B 360 8.81 17.05 31.55
C GLU B 360 7.35 16.88 31.16
N GLU B 361 7.07 16.03 30.17
CA GLU B 361 5.68 15.77 29.79
C GLU B 361 4.90 15.16 30.95
N ALA B 362 5.53 14.27 31.72
CA ALA B 362 4.86 13.68 32.87
C ALA B 362 4.47 14.75 33.88
N LYS B 363 5.36 15.72 34.13
CA LYS B 363 4.99 16.86 34.98
C LYS B 363 3.86 17.67 34.36
N LYS B 364 3.95 17.95 33.06
CA LYS B 364 2.89 18.70 32.39
C LYS B 364 1.53 18.02 32.56
N GLU B 365 1.51 16.69 32.60
CA GLU B 365 0.27 15.95 32.70
C GLU B 365 -0.16 15.71 34.14
N GLY B 366 0.52 16.31 35.11
CA GLY B 366 0.09 16.26 36.50
C GLY B 366 0.80 15.27 37.40
N GLY B 367 1.86 14.61 36.92
CA GLY B 367 2.54 13.63 37.73
C GLY B 367 3.56 14.25 38.66
N THR B 368 3.95 13.49 39.69
CA THR B 368 4.93 13.92 40.68
C THR B 368 6.16 13.02 40.59
N VAL B 369 7.33 13.64 40.40
CA VAL B 369 8.59 12.89 40.41
C VAL B 369 8.94 12.67 41.88
N VAL B 370 8.74 11.45 42.39
CA VAL B 370 9.09 11.21 43.78
C VAL B 370 10.54 10.75 43.93
N TYR B 371 11.20 10.37 42.84
CA TYR B 371 12.60 9.99 42.90
C TYR B 371 13.21 10.19 41.53
N GLY B 372 14.43 10.73 41.48
CA GLY B 372 15.15 10.86 40.23
C GLY B 372 14.71 12.01 39.36
N GLY B 373 14.59 11.76 38.05
CA GLY B 373 14.13 12.76 37.10
C GLY B 373 15.20 13.58 36.41
N LYS B 374 16.47 13.47 36.81
CA LYS B 374 17.52 14.31 36.27
C LYS B 374 18.64 13.50 35.64
N VAL B 375 19.37 14.13 34.72
CA VAL B 375 20.61 13.55 34.21
C VAL B 375 21.63 13.50 35.34
N MET B 376 22.53 12.52 35.28
CA MET B 376 23.56 12.39 36.31
C MET B 376 24.81 13.17 35.93
N ASP B 377 25.51 13.69 36.95
CA ASP B 377 26.63 14.60 36.74
C ASP B 377 27.94 13.78 36.64
N ARG B 378 28.17 13.24 35.45
CA ARG B 378 29.28 12.34 35.20
C ARG B 378 29.40 12.12 33.70
N PRO B 379 30.55 11.63 33.22
CA PRO B 379 30.68 11.31 31.80
C PRO B 379 29.70 10.22 31.38
N GLY B 380 29.34 10.23 30.11
CA GLY B 380 28.47 9.20 29.56
C GLY B 380 27.00 9.57 29.60
N ASN B 381 26.16 8.63 29.14
CA ASN B 381 24.74 8.90 28.94
C ASN B 381 23.90 8.49 30.17
N TYR B 382 24.26 9.00 31.35
CA TYR B 382 23.65 8.53 32.60
C TYR B 382 22.47 9.39 33.03
N VAL B 383 21.35 8.73 33.37
CA VAL B 383 20.21 9.42 33.96
C VAL B 383 19.80 8.72 35.24
N GLU B 384 19.14 9.47 36.12
CA GLU B 384 18.60 8.90 37.35
C GLU B 384 17.41 8.00 37.03
N PRO B 385 17.37 6.77 37.55
CA PRO B 385 16.14 5.97 37.41
C PRO B 385 15.04 6.67 38.17
N THR B 386 13.84 6.72 37.58
CA THR B 386 12.85 7.72 37.95
C THR B 386 11.52 7.07 38.30
N ILE B 387 10.82 7.66 39.25
CA ILE B 387 9.52 7.17 39.72
C ILE B 387 8.53 8.32 39.70
N VAL B 388 7.39 8.10 39.07
CA VAL B 388 6.36 9.12 38.89
C VAL B 388 5.05 8.61 39.48
N THR B 389 4.48 9.37 40.41
CA THR B 389 3.19 9.08 41.00
C THR B 389 2.18 10.13 40.54
N GLY B 390 0.89 9.82 40.77
CA GLY B 390 -0.15 10.81 40.63
C GLY B 390 -0.84 10.89 39.29
N LEU B 391 -0.33 10.20 38.26
CA LEU B 391 -0.99 10.23 36.95
C LEU B 391 -2.17 9.27 36.93
N GLY B 392 -3.19 9.62 36.14
CA GLY B 392 -4.22 8.65 35.84
C GLY B 392 -3.69 7.57 34.93
N HIS B 393 -4.28 6.38 35.04
CA HIS B 393 -3.81 5.25 34.24
C HIS B 393 -3.91 5.52 32.75
N ASP B 394 -4.74 6.49 32.34
CA ASP B 394 -4.97 6.81 30.94
C ASP B 394 -4.15 8.02 30.47
N ALA B 395 -3.19 8.50 31.27
CA ALA B 395 -2.40 9.65 30.87
C ALA B 395 -1.59 9.33 29.63
N SER B 396 -1.44 10.33 28.75
CA SER B 396 -0.80 10.09 27.46
C SER B 396 0.65 9.64 27.62
N ILE B 397 1.38 10.24 28.55
CA ILE B 397 2.80 9.89 28.68
C ILE B 397 2.92 8.45 29.17
N ALA B 398 1.93 7.96 29.91
CA ALA B 398 1.92 6.57 30.36
C ALA B 398 1.50 5.61 29.26
N HIS B 399 1.01 6.11 28.14
CA HIS B 399 0.74 5.29 26.96
C HIS B 399 1.74 5.64 25.86
N THR B 400 3.00 5.73 26.23
CA THR B 400 4.09 6.00 25.29
C THR B 400 5.30 5.19 25.75
N GLU B 401 5.72 4.23 24.93
CA GLU B 401 6.94 3.49 25.20
C GLU B 401 8.14 4.40 24.99
N THR B 402 8.96 4.56 26.02
CA THR B 402 10.17 5.37 25.95
C THR B 402 11.31 4.55 26.56
N PHE B 403 12.34 4.28 25.76
CA PHE B 403 13.43 3.48 26.29
C PHE B 403 14.25 4.29 27.29
N ALA B 404 13.64 4.57 28.43
CA ALA B 404 14.24 5.35 29.50
C ALA B 404 13.75 4.79 30.82
N PRO B 405 14.52 4.94 31.88
CA PRO B 405 14.10 4.31 33.15
C PRO B 405 13.13 5.21 33.90
N ILE B 406 11.87 5.20 33.48
CA ILE B 406 10.81 5.96 34.12
C ILE B 406 9.67 4.99 34.44
N LEU B 407 9.30 4.90 35.72
CA LEU B 407 8.24 3.99 36.16
C LEU B 407 7.02 4.80 36.58
N TYR B 408 5.89 4.57 35.91
CA TYR B 408 4.65 5.26 36.25
C TYR B 408 3.88 4.38 37.23
N VAL B 409 3.51 4.96 38.37
CA VAL B 409 2.87 4.25 39.47
C VAL B 409 1.43 4.69 39.57
N PHE B 410 0.50 3.74 39.59
CA PHE B 410 -0.92 4.03 39.71
C PHE B 410 -1.52 3.30 40.90
N LYS B 411 -2.61 3.86 41.40
CA LYS B 411 -3.42 3.21 42.43
C LYS B 411 -4.55 2.41 41.79
N PHE B 412 -5.01 1.39 42.50
CA PHE B 412 -6.21 0.68 42.09
C PHE B 412 -6.87 0.10 43.34
N LYS B 413 -8.11 -0.34 43.17
CA LYS B 413 -8.88 -0.96 44.24
C LYS B 413 -9.37 -2.35 43.87
N ASN B 414 -9.94 -2.52 42.68
CA ASN B 414 -10.66 -3.73 42.32
C ASN B 414 -9.90 -4.53 41.27
N GLU B 415 -10.03 -5.86 41.37
CA GLU B 415 -9.35 -6.77 40.46
C GLU B 415 -9.77 -6.54 39.01
N GLU B 416 -11.07 -6.43 38.76
CA GLU B 416 -11.53 -6.38 37.38
C GLU B 416 -11.05 -5.10 36.70
N GLU B 417 -11.09 -3.96 37.40
CA GLU B 417 -10.65 -2.72 36.77
C GLU B 417 -9.16 -2.76 36.46
N VAL B 418 -8.35 -3.41 37.30
CA VAL B 418 -6.92 -3.33 37.07
C VAL B 418 -6.48 -4.34 36.02
N PHE B 419 -7.17 -5.47 35.89
CA PHE B 419 -6.94 -6.31 34.71
C PHE B 419 -7.26 -5.53 33.44
N ALA B 420 -8.35 -4.75 33.46
CA ALA B 420 -8.72 -3.97 32.29
C ALA B 420 -7.67 -2.91 31.99
N TRP B 421 -7.12 -2.28 33.03
CA TRP B 421 -6.09 -1.29 32.80
C TRP B 421 -4.80 -1.92 32.30
N ASN B 422 -4.48 -3.16 32.73
CA ASN B 422 -3.37 -3.86 32.10
C ASN B 422 -3.58 -4.00 30.60
N ASN B 423 -4.80 -4.36 30.21
CA ASN B 423 -5.12 -4.72 28.84
C ASN B 423 -5.40 -3.52 27.94
N GLU B 424 -5.54 -2.31 28.49
CA GLU B 424 -6.02 -1.17 27.73
C GLU B 424 -5.00 -0.62 26.75
N VAL B 425 -3.72 -0.91 26.91
CA VAL B 425 -2.70 -0.32 26.06
C VAL B 425 -2.69 -1.05 24.72
N LYS B 426 -1.99 -0.48 23.74
CA LYS B 426 -1.93 -1.04 22.40
C LYS B 426 -0.97 -2.22 22.32
N GLN B 427 0.08 -2.20 23.13
CA GLN B 427 1.07 -3.27 23.19
C GLN B 427 0.51 -4.45 23.97
N GLY B 428 1.16 -5.62 23.80
CA GLY B 428 0.75 -6.78 24.57
C GLY B 428 1.86 -7.78 24.84
N LEU B 429 2.99 -7.31 25.38
CA LEU B 429 4.16 -8.18 25.48
C LEU B 429 4.16 -8.93 26.82
N SER B 430 4.44 -8.23 27.93
CA SER B 430 4.56 -8.95 29.19
C SER B 430 3.73 -8.30 30.28
N SER B 431 3.51 -9.06 31.36
CA SER B 431 2.60 -8.66 32.43
C SER B 431 2.87 -9.53 33.65
N SER B 432 2.67 -8.96 34.83
CA SER B 432 2.89 -9.69 36.08
C SER B 432 1.89 -9.24 37.14
N ILE B 433 1.37 -10.19 37.92
CA ILE B 433 0.67 -9.84 39.15
C ILE B 433 1.42 -10.44 40.33
N PHE B 434 1.32 -9.74 41.46
CA PHE B 434 1.85 -10.22 42.73
C PHE B 434 0.67 -10.39 43.66
N THR B 435 0.45 -11.63 44.11
CA THR B 435 -0.73 -11.99 44.89
C THR B 435 -0.55 -13.42 45.39
N LYS B 436 -1.24 -13.74 46.47
CA LYS B 436 -1.28 -15.08 47.02
C LYS B 436 -2.59 -15.80 46.73
N ASP B 437 -3.55 -15.09 46.12
CA ASP B 437 -4.93 -15.55 45.95
C ASP B 437 -5.05 -16.55 44.80
N LEU B 438 -5.42 -17.79 45.12
CA LEU B 438 -5.44 -18.86 44.11
C LEU B 438 -6.38 -18.52 42.96
N GLY B 439 -7.60 -18.08 43.28
CA GLY B 439 -8.57 -17.79 42.24
C GLY B 439 -8.12 -16.65 41.34
N ARG B 440 -7.62 -15.58 41.96
CA ARG B 440 -7.12 -14.44 41.19
C ARG B 440 -6.03 -14.88 40.22
N ILE B 441 -5.16 -15.79 40.64
CA ILE B 441 -4.07 -16.24 39.79
C ILE B 441 -4.62 -16.98 38.58
N PHE B 442 -5.58 -17.87 38.80
CA PHE B 442 -6.07 -18.61 37.64
C PHE B 442 -6.96 -17.74 36.77
N ARG B 443 -7.58 -16.69 37.34
CA ARG B 443 -8.34 -15.75 36.50
C ARG B 443 -7.41 -14.91 35.64
N TRP B 444 -6.25 -14.52 36.19
CA TRP B 444 -5.26 -13.75 35.44
C TRP B 444 -4.73 -14.56 34.27
N LEU B 445 -4.58 -15.88 34.44
CA LEU B 445 -4.09 -16.77 33.41
C LEU B 445 -5.17 -17.20 32.43
N GLY B 446 -6.43 -16.83 32.68
CA GLY B 446 -7.57 -17.34 31.94
C GLY B 446 -8.08 -16.37 30.88
N PRO B 447 -9.28 -16.62 30.34
CA PRO B 447 -9.75 -15.82 29.20
C PRO B 447 -10.10 -14.38 29.54
N LYS B 448 -10.41 -14.07 30.80
CA LYS B 448 -10.72 -12.71 31.24
C LYS B 448 -9.53 -12.06 31.96
N GLY B 449 -8.34 -12.60 31.78
CA GLY B 449 -7.16 -12.11 32.48
C GLY B 449 -6.25 -11.32 31.57
N SER B 450 -4.93 -11.46 31.74
CA SER B 450 -4.00 -10.69 30.92
C SER B 450 -4.11 -11.06 29.45
N ASP B 451 -4.03 -10.06 28.57
CA ASP B 451 -4.06 -10.30 27.13
C ASP B 451 -2.68 -10.42 26.51
N CYS B 452 -1.62 -10.44 27.33
CA CYS B 452 -0.26 -10.37 26.81
C CYS B 452 0.27 -11.76 26.42
N GLY B 453 1.43 -11.75 25.74
CA GLY B 453 2.07 -12.99 25.38
C GLY B 453 2.85 -13.62 26.51
N ILE B 454 3.25 -12.84 27.51
CA ILE B 454 3.92 -13.32 28.71
C ILE B 454 3.08 -12.91 29.91
N VAL B 455 2.65 -13.91 30.70
CA VAL B 455 1.70 -13.68 31.79
C VAL B 455 2.32 -14.30 33.03
N ASN B 456 2.86 -13.46 33.93
CA ASN B 456 3.67 -13.93 35.04
C ASN B 456 3.00 -13.70 36.37
N VAL B 457 3.40 -14.49 37.36
CA VAL B 457 2.84 -14.44 38.72
C VAL B 457 4.01 -14.43 39.71
N ASN B 458 4.11 -13.37 40.50
CA ASN B 458 5.10 -13.23 41.59
C ASN B 458 6.54 -13.21 41.08
N ILE B 459 6.73 -12.81 39.83
CA ILE B 459 8.03 -12.43 39.26
C ILE B 459 7.80 -11.21 38.37
N PRO B 460 8.86 -10.51 38.02
CA PRO B 460 8.72 -9.31 37.19
C PRO B 460 8.43 -9.59 35.70
N THR B 461 8.37 -8.49 34.94
CA THR B 461 7.95 -8.58 33.53
C THR B 461 9.07 -9.06 32.61
N SER B 462 10.32 -9.00 33.05
CA SER B 462 11.49 -9.24 32.22
C SER B 462 12.18 -10.54 32.61
N GLY B 463 13.10 -10.97 31.74
CA GLY B 463 13.98 -12.10 32.06
C GLY B 463 13.42 -13.49 31.79
N ALA B 464 12.89 -13.69 30.58
CA ALA B 464 12.30 -14.99 30.25
C ALA B 464 13.39 -16.05 30.10
N GLU B 465 13.06 -17.28 30.50
CA GLU B 465 13.93 -18.38 30.10
C GLU B 465 13.57 -18.82 28.68
N ILE B 466 14.43 -19.68 28.10
CA ILE B 466 14.31 -19.98 26.66
C ILE B 466 13.36 -21.12 26.36
N GLY B 467 12.93 -21.89 27.36
CA GLY B 467 12.19 -23.11 27.12
C GLY B 467 10.81 -22.90 26.54
N GLY B 468 10.18 -21.75 26.79
CA GLY B 468 8.89 -21.44 26.23
C GLY B 468 8.99 -20.44 25.07
N ALA B 469 7.87 -20.27 24.36
CA ALA B 469 7.83 -19.31 23.26
C ALA B 469 7.83 -17.89 23.83
N PHE B 470 8.57 -16.98 23.17
CA PHE B 470 8.69 -15.60 23.60
C PHE B 470 8.13 -14.66 22.55
N GLY B 471 7.29 -13.74 22.97
CA GLY B 471 6.65 -12.79 22.07
C GLY B 471 5.40 -12.23 22.72
N GLY B 472 4.76 -11.30 22.00
CA GLY B 472 3.57 -10.63 22.50
C GLY B 472 2.44 -10.60 21.49
N GLU B 473 1.35 -9.97 21.91
CA GLU B 473 0.12 -9.86 21.13
C GLU B 473 -0.15 -8.40 20.78
N LYS B 474 -1.25 -8.16 20.08
CA LYS B 474 -1.68 -6.78 19.73
C LYS B 474 -0.54 -6.07 18.99
N HIS B 475 -0.17 -4.83 19.38
CA HIS B 475 0.85 -4.10 18.63
C HIS B 475 2.26 -4.61 18.89
N THR B 476 2.44 -5.60 19.76
CA THR B 476 3.75 -6.25 19.88
C THR B 476 4.05 -7.12 18.66
N GLY B 477 3.05 -7.47 17.85
CA GLY B 477 3.29 -7.99 16.51
C GLY B 477 2.99 -9.46 16.31
N GLY B 478 2.87 -10.24 17.39
CA GLY B 478 2.37 -11.60 17.31
C GLY B 478 3.39 -12.67 17.06
N GLY B 479 4.63 -12.31 16.73
CA GLY B 479 5.65 -13.32 16.51
C GLY B 479 6.04 -14.05 17.79
N ARG B 480 6.59 -15.26 17.63
CA ARG B 480 7.19 -15.99 18.75
C ARG B 480 8.61 -16.42 18.37
N GLU B 481 9.50 -16.43 19.36
CA GLU B 481 10.86 -16.94 19.21
C GLU B 481 11.15 -17.97 20.28
N SER B 482 12.26 -18.69 20.08
CA SER B 482 12.85 -19.61 21.05
C SER B 482 12.09 -20.93 21.21
N GLY B 483 11.38 -21.10 22.34
CA GLY B 483 10.93 -22.40 22.79
C GLY B 483 9.55 -22.83 22.29
N SER B 484 8.99 -23.83 22.98
CA SER B 484 7.77 -24.54 22.59
C SER B 484 7.86 -24.87 21.10
N ASP B 485 6.78 -24.71 20.34
CA ASP B 485 6.82 -24.97 18.90
C ASP B 485 7.02 -23.69 18.07
N ALA B 486 7.74 -22.70 18.62
CA ALA B 486 8.12 -21.53 17.84
C ALA B 486 8.85 -21.91 16.56
N TRP B 487 9.52 -23.06 16.55
CA TRP B 487 10.24 -23.50 15.36
C TRP B 487 9.35 -23.62 14.13
N LYS B 488 8.04 -23.83 14.31
CA LYS B 488 7.15 -23.97 13.16
C LYS B 488 7.07 -22.69 12.34
N GLN B 489 7.37 -21.53 12.93
CA GLN B 489 7.37 -20.31 12.13
C GLN B 489 8.48 -20.29 11.09
N TYR B 490 9.51 -21.12 11.26
CA TYR B 490 10.64 -21.16 10.35
C TYR B 490 10.51 -22.27 9.32
N MET B 491 9.38 -22.96 9.27
CA MET B 491 9.21 -24.06 8.33
C MET B 491 7.85 -23.94 7.68
N ARG B 492 7.66 -24.65 6.57
CA ARG B 492 6.37 -24.69 5.92
C ARG B 492 5.76 -26.06 6.13
N ARG B 493 4.50 -26.07 6.54
CA ARG B 493 3.75 -27.28 6.76
C ARG B 493 3.18 -27.76 5.43
N SER B 494 3.19 -29.06 5.22
CA SER B 494 2.45 -29.67 4.12
C SER B 494 1.69 -30.86 4.68
N THR B 495 0.45 -31.04 4.22
CA THR B 495 -0.37 -32.17 4.58
C THR B 495 -0.38 -33.09 3.36
N CYS B 496 0.10 -34.32 3.53
CA CYS B 496 0.48 -35.19 2.42
C CYS B 496 -0.29 -36.51 2.51
N THR B 497 -1.04 -36.82 1.45
CA THR B 497 -1.76 -38.08 1.35
C THR B 497 -1.11 -38.95 0.29
N ILE B 498 -0.77 -40.18 0.66
CA ILE B 498 -0.06 -41.09 -0.22
C ILE B 498 -0.96 -42.30 -0.45
N ASN B 499 -1.41 -42.47 -1.70
CA ASN B 499 -2.19 -43.65 -2.09
C ASN B 499 -1.22 -44.74 -2.51
N TYR B 500 -1.14 -45.81 -1.71
CA TYR B 500 -0.28 -46.93 -2.04
C TYR B 500 -1.08 -48.15 -2.50
N SER B 501 -2.36 -47.98 -2.82
CA SER B 501 -3.21 -49.08 -3.27
C SER B 501 -3.46 -49.00 -4.77
N LYS B 502 -4.37 -49.85 -5.27
CA LYS B 502 -4.79 -49.86 -6.66
C LYS B 502 -6.17 -49.23 -6.88
N ASP B 503 -6.83 -48.76 -5.83
CA ASP B 503 -8.11 -48.07 -5.94
C ASP B 503 -7.95 -46.60 -5.59
N LEU B 504 -9.00 -45.81 -5.84
CA LEU B 504 -9.00 -44.37 -5.53
C LEU B 504 -10.33 -43.97 -4.90
N PRO B 505 -10.56 -44.32 -3.64
CA PRO B 505 -11.73 -43.82 -2.93
C PRO B 505 -11.56 -42.35 -2.56
N LEU B 506 -12.66 -41.60 -2.60
CA LEU B 506 -12.61 -40.17 -2.37
C LEU B 506 -13.11 -39.83 -0.97
N ALA B 507 -12.58 -38.72 -0.45
CA ALA B 507 -12.92 -38.27 0.90
C ALA B 507 -14.42 -37.97 1.01
N GLN B 508 -14.94 -38.08 2.23
CA GLN B 508 -16.37 -37.94 2.53
C GLN B 508 -17.23 -38.95 1.77
N GLY B 509 -16.62 -40.04 1.29
CA GLY B 509 -17.36 -41.12 0.65
C GLY B 509 -18.04 -40.72 -0.65
N ILE B 510 -17.52 -39.72 -1.35
CA ILE B 510 -18.16 -39.19 -2.55
C ILE B 510 -17.94 -40.16 -3.71
N LYS B 511 -19.02 -40.46 -4.44
CA LYS B 511 -18.97 -41.33 -5.61
C LYS B 511 -19.04 -40.49 -6.88
N PHE B 512 -18.11 -40.74 -7.81
CA PHE B 512 -17.94 -39.94 -9.03
C PHE B 512 -17.58 -40.92 -10.16
N GLN B 513 -18.59 -41.51 -10.77
CA GLN B 513 -18.38 -42.55 -11.79
C GLN B 513 -19.41 -42.42 -12.92
N THR C 5 -41.51 -64.98 41.52
CA THR C 5 -40.66 -64.24 42.45
C THR C 5 -39.62 -63.39 41.74
N LEU C 6 -39.30 -63.72 40.48
CA LEU C 6 -38.34 -62.92 39.72
C LEU C 6 -38.90 -61.53 39.46
N LEU C 7 -38.13 -60.50 39.81
CA LEU C 7 -38.58 -59.14 39.59
C LEU C 7 -38.91 -58.87 38.12
N ILE C 8 -38.16 -59.45 37.19
CA ILE C 8 -38.45 -59.24 35.78
C ILE C 8 -39.81 -59.79 35.38
N ASN C 9 -40.34 -60.76 36.11
CA ASN C 9 -41.68 -61.28 35.86
C ASN C 9 -42.77 -60.48 36.57
N GLN C 10 -42.40 -59.49 37.34
CA GLN C 10 -43.41 -58.62 37.95
C GLN C 10 -43.68 -57.44 37.04
N PRO C 11 -44.96 -57.12 36.76
CA PRO C 11 -45.25 -55.97 35.88
C PRO C 11 -44.69 -54.67 36.39
N GLN C 12 -44.36 -54.57 37.68
CA GLN C 12 -43.73 -53.38 38.21
C GLN C 12 -42.36 -53.13 37.56
N TYR C 13 -41.71 -54.19 37.07
CA TYR C 13 -40.37 -54.06 36.49
C TYR C 13 -40.36 -54.32 34.99
N ALA C 14 -41.46 -54.03 34.30
CA ALA C 14 -41.53 -54.29 32.86
C ALA C 14 -40.57 -53.40 32.08
N TRP C 15 -40.06 -52.34 32.68
CA TRP C 15 -39.10 -51.50 31.96
C TRP C 15 -37.81 -52.25 31.64
N LEU C 16 -37.55 -53.37 32.32
CA LEU C 16 -36.34 -54.14 32.03
C LEU C 16 -36.35 -54.71 30.62
N LYS C 17 -37.54 -54.99 30.08
CA LYS C 17 -37.63 -55.53 28.73
C LYS C 17 -37.23 -54.52 27.67
N GLU C 18 -37.19 -53.22 28.01
CA GLU C 18 -36.66 -52.23 27.08
C GLU C 18 -35.18 -52.43 26.81
N LEU C 19 -34.48 -53.18 27.67
CA LEU C 19 -33.09 -53.52 27.47
C LEU C 19 -32.91 -54.89 26.83
N GLY C 20 -34.00 -55.55 26.44
CA GLY C 20 -33.92 -56.89 25.89
C GLY C 20 -33.71 -57.99 26.91
N LEU C 21 -33.91 -57.71 28.19
CA LEU C 21 -33.75 -58.73 29.20
C LEU C 21 -35.02 -59.56 29.34
N ARG C 22 -34.82 -60.83 29.67
CA ARG C 22 -35.89 -61.80 29.89
C ARG C 22 -35.60 -62.54 31.18
N GLU C 23 -36.49 -63.48 31.51
CA GLU C 23 -36.34 -64.30 32.71
C GLU C 23 -35.02 -65.06 32.70
N GLU C 24 -34.66 -65.65 31.55
CA GLU C 24 -33.36 -66.30 31.42
C GLU C 24 -32.66 -65.73 30.20
N ASN C 25 -31.44 -65.24 30.39
CA ASN C 25 -30.73 -64.52 29.35
C ASN C 25 -29.47 -65.28 28.98
N GLU C 26 -29.03 -65.07 27.75
CA GLU C 26 -27.76 -65.63 27.31
C GLU C 26 -26.60 -64.73 27.76
N GLY C 27 -25.57 -65.34 28.34
CA GLY C 27 -24.40 -64.64 28.82
C GLY C 27 -23.17 -64.70 27.93
N VAL C 28 -23.25 -65.37 26.79
CA VAL C 28 -22.17 -65.41 25.81
C VAL C 28 -22.66 -64.72 24.53
N TYR C 29 -21.88 -63.77 24.03
CA TYR C 29 -22.13 -63.15 22.73
C TYR C 29 -20.85 -63.09 21.92
N ASN C 30 -20.89 -63.62 20.71
CA ASN C 30 -19.76 -63.56 19.79
C ASN C 30 -20.24 -63.29 18.37
N GLY C 31 -21.37 -62.59 18.24
CA GLY C 31 -22.13 -62.51 17.01
C GLY C 31 -23.39 -63.35 17.06
N SER C 32 -23.34 -64.48 17.78
CA SER C 32 -24.52 -65.21 18.21
C SER C 32 -24.56 -65.24 19.73
N TRP C 33 -25.76 -65.45 20.28
CA TRP C 33 -25.97 -65.49 21.72
C TRP C 33 -26.06 -66.95 22.19
N GLY C 34 -25.44 -67.22 23.33
CA GLY C 34 -25.51 -68.54 23.92
C GLY C 34 -25.03 -68.59 25.35
N GLY C 35 -24.56 -69.76 25.76
CA GLY C 35 -24.07 -69.96 27.11
C GLY C 35 -24.40 -71.34 27.61
N ARG C 36 -23.37 -72.18 27.79
CA ARG C 36 -23.56 -73.54 28.24
C ARG C 36 -23.06 -73.76 29.65
N GLY C 37 -22.53 -72.72 30.31
CA GLY C 37 -22.05 -72.84 31.67
C GLY C 37 -23.21 -72.79 32.67
N GLU C 38 -22.85 -72.58 33.93
CA GLU C 38 -23.84 -72.54 35.00
C GLU C 38 -24.74 -71.32 34.86
N VAL C 39 -25.99 -71.48 35.25
CA VAL C 39 -26.97 -70.41 35.28
C VAL C 39 -26.84 -69.68 36.60
N ILE C 40 -26.52 -68.40 36.55
CA ILE C 40 -26.42 -67.58 37.76
C ILE C 40 -27.69 -66.74 37.86
N THR C 41 -28.20 -66.61 39.08
CA THR C 41 -29.28 -65.69 39.39
C THR C 41 -28.67 -64.49 40.11
N THR C 42 -28.96 -63.27 39.64
CA THR C 42 -28.49 -62.09 40.35
C THR C 42 -29.64 -61.48 41.15
N TYR C 43 -29.29 -60.79 42.23
CA TYR C 43 -30.26 -60.33 43.20
C TYR C 43 -30.17 -58.81 43.37
N CYS C 44 -31.28 -58.20 43.72
CA CYS C 44 -31.29 -56.77 44.02
C CYS C 44 -30.76 -56.55 45.43
N PRO C 45 -29.66 -55.81 45.60
CA PRO C 45 -29.10 -55.63 46.96
C PRO C 45 -29.96 -54.81 47.89
N ALA C 46 -30.97 -54.09 47.39
CA ALA C 46 -31.81 -53.31 48.29
C ALA C 46 -32.92 -54.16 48.93
N ASN C 47 -33.23 -55.33 48.38
CA ASN C 47 -34.26 -56.17 48.95
C ASN C 47 -33.95 -57.67 48.89
N ASN C 48 -32.81 -58.06 48.32
CA ASN C 48 -32.40 -59.47 48.15
C ASN C 48 -33.47 -60.28 47.42
N GLU C 49 -34.18 -59.66 46.50
CA GLU C 49 -35.05 -60.47 45.66
C GLU C 49 -34.37 -60.80 44.34
N PRO C 50 -34.62 -61.96 43.74
CA PRO C 50 -33.96 -62.29 42.48
C PRO C 50 -34.53 -61.46 41.34
N ILE C 51 -33.66 -61.04 40.43
CA ILE C 51 -34.06 -60.20 39.31
C ILE C 51 -34.33 -61.08 38.09
N ALA C 52 -33.30 -61.78 37.61
CA ALA C 52 -33.38 -62.62 36.43
C ALA C 52 -32.17 -63.53 36.42
N ARG C 53 -32.05 -64.34 35.37
CA ARG C 53 -30.98 -65.34 35.30
C ARG C 53 -30.15 -65.16 34.04
N VAL C 54 -28.89 -65.60 34.12
CA VAL C 54 -27.96 -65.50 33.00
C VAL C 54 -27.21 -66.82 32.84
N ARG C 55 -27.21 -67.36 31.62
CA ARG C 55 -26.44 -68.56 31.31
C ARG C 55 -25.00 -68.15 31.04
N GLN C 56 -24.08 -68.60 31.89
CA GLN C 56 -22.70 -68.17 31.77
C GLN C 56 -21.93 -69.02 30.77
N ALA C 57 -20.69 -68.60 30.50
CA ALA C 57 -19.81 -69.27 29.56
C ALA C 57 -19.21 -70.53 30.15
N SER C 58 -19.28 -71.62 29.41
CA SER C 58 -18.40 -72.76 29.66
C SER C 58 -17.03 -72.49 29.02
N VAL C 59 -16.07 -73.34 29.36
CA VAL C 59 -14.75 -73.22 28.71
C VAL C 59 -14.90 -73.38 27.20
N ALA C 60 -15.80 -74.26 26.75
CA ALA C 60 -16.01 -74.39 25.30
C ALA C 60 -16.53 -73.09 24.72
N ASP C 61 -17.50 -72.45 25.38
CA ASP C 61 -17.96 -71.13 24.96
C ASP C 61 -16.79 -70.15 24.84
N TYR C 62 -15.93 -70.11 25.85
CA TYR C 62 -14.81 -69.17 25.83
C TYR C 62 -13.89 -69.45 24.66
N GLU C 63 -13.53 -70.71 24.44
CA GLU C 63 -12.65 -71.07 23.33
C GLU C 63 -13.25 -70.66 21.98
N GLU C 64 -14.53 -70.97 21.77
CA GLU C 64 -15.21 -70.60 20.54
C GLU C 64 -15.24 -69.09 20.36
N THR C 65 -15.41 -68.35 21.46
CA THR C 65 -15.53 -66.91 21.36
C THR C 65 -14.19 -66.24 21.08
N VAL C 66 -13.13 -66.70 21.73
CA VAL C 66 -11.80 -66.14 21.42
C VAL C 66 -11.49 -66.32 19.94
N LYS C 67 -11.73 -67.52 19.41
CA LYS C 67 -11.44 -67.79 18.00
C LYS C 67 -12.21 -66.87 17.09
N LYS C 68 -13.51 -66.68 17.37
CA LYS C 68 -14.33 -65.82 16.54
C LYS C 68 -13.88 -64.37 16.64
N ALA C 69 -13.48 -63.92 17.84
CA ALA C 69 -13.02 -62.54 17.97
C ALA C 69 -11.75 -62.33 17.14
N ARG C 70 -10.86 -63.32 17.14
CA ARG C 70 -9.60 -63.20 16.41
C ARG C 70 -9.83 -63.16 14.91
N GLU C 71 -10.79 -63.94 14.41
CA GLU C 71 -11.11 -63.85 12.98
C GLU C 71 -11.75 -62.50 12.66
N ALA C 72 -12.66 -62.03 13.50
CA ALA C 72 -13.26 -60.72 13.30
C ALA C 72 -12.21 -59.61 13.27
N TRP C 73 -11.13 -59.77 14.01
CA TRP C 73 -10.08 -58.75 14.03
C TRP C 73 -9.47 -58.55 12.65
N LYS C 74 -9.33 -59.63 11.87
CA LYS C 74 -8.75 -59.51 10.54
C LYS C 74 -9.55 -58.54 9.68
N ILE C 75 -10.87 -58.52 9.86
CA ILE C 75 -11.73 -57.56 9.17
C ILE C 75 -11.64 -56.18 9.82
N TRP C 76 -11.74 -56.13 11.15
CA TRP C 76 -11.85 -54.87 11.87
C TRP C 76 -10.57 -54.05 11.76
N ALA C 77 -9.40 -54.70 11.81
CA ALA C 77 -8.14 -53.99 11.74
C ALA C 77 -7.90 -53.33 10.38
N ASP C 78 -8.56 -53.84 9.32
CA ASP C 78 -8.52 -53.22 7.99
C ASP C 78 -9.45 -52.03 7.84
N ILE C 79 -10.30 -51.76 8.81
CA ILE C 79 -11.19 -50.60 8.67
C ILE C 79 -10.43 -49.35 9.12
N PRO C 80 -10.40 -48.28 8.33
CA PRO C 80 -9.65 -47.09 8.74
C PRO C 80 -10.13 -46.56 10.09
N ALA C 81 -9.17 -46.10 10.91
CA ALA C 81 -9.51 -45.64 12.25
C ALA C 81 -10.65 -44.63 12.29
N PRO C 82 -10.70 -43.61 11.43
CA PRO C 82 -11.87 -42.71 11.46
C PRO C 82 -13.20 -43.44 11.27
N LYS C 83 -13.22 -44.52 10.48
CA LYS C 83 -14.46 -45.26 10.29
C LYS C 83 -14.75 -46.16 11.48
N ARG C 84 -13.72 -46.64 12.17
CA ARG C 84 -13.94 -47.26 13.46
C ARG C 84 -14.50 -46.25 14.45
N GLY C 85 -14.06 -44.99 14.35
CA GLY C 85 -14.62 -43.96 15.20
C GLY C 85 -16.10 -43.75 14.95
N GLU C 86 -16.52 -43.85 13.69
CA GLU C 86 -17.93 -43.66 13.38
C GLU C 86 -18.79 -44.72 14.08
N ILE C 87 -18.29 -45.96 14.13
CA ILE C 87 -19.00 -47.03 14.86
C ILE C 87 -19.12 -46.69 16.34
N VAL C 88 -18.03 -46.25 16.95
CA VAL C 88 -18.06 -45.86 18.36
C VAL C 88 -19.03 -44.70 18.58
N ARG C 89 -19.05 -43.73 17.65
CA ARG C 89 -20.00 -42.62 17.79
C ARG C 89 -21.43 -43.13 17.85
N GLN C 90 -21.77 -44.11 17.01
CA GLN C 90 -23.09 -44.71 17.00
C GLN C 90 -23.35 -45.49 18.29
N ILE C 91 -22.32 -46.12 18.85
CA ILE C 91 -22.46 -46.74 20.16
C ILE C 91 -22.82 -45.69 21.20
N GLY C 92 -22.13 -44.54 21.17
CA GLY C 92 -22.47 -43.45 22.07
C GLY C 92 -23.91 -43.00 21.92
N ASP C 93 -24.40 -42.93 20.68
CA ASP C 93 -25.80 -42.57 20.47
C ASP C 93 -26.74 -43.64 21.02
N ALA C 94 -26.41 -44.91 20.81
CA ALA C 94 -27.29 -45.98 21.28
C ALA C 94 -27.40 -45.99 22.80
N LEU C 95 -26.31 -45.61 23.50
CA LEU C 95 -26.39 -45.47 24.96
C LEU C 95 -27.27 -44.29 25.36
N ARG C 96 -27.05 -43.12 24.75
CA ARG C 96 -27.94 -41.98 24.98
C ARG C 96 -29.40 -42.38 24.88
N GLU C 97 -29.75 -43.21 23.88
CA GLU C 97 -31.15 -43.59 23.68
C GLU C 97 -31.71 -44.42 24.83
N LYS C 98 -30.86 -45.06 25.63
CA LYS C 98 -31.33 -45.94 26.68
C LYS C 98 -30.77 -45.57 28.05
N ILE C 99 -30.28 -44.35 28.19
CA ILE C 99 -29.53 -43.97 29.38
C ILE C 99 -30.39 -44.12 30.63
N GLN C 100 -31.67 -43.76 30.55
CA GLN C 100 -32.50 -43.82 31.75
C GLN C 100 -32.72 -45.27 32.19
N VAL C 101 -33.07 -46.15 31.25
CA VAL C 101 -33.36 -47.53 31.65
C VAL C 101 -32.08 -48.28 31.99
N LEU C 102 -30.98 -47.98 31.30
CA LEU C 102 -29.72 -48.62 31.67
C LEU C 102 -29.26 -48.12 33.04
N GLY C 103 -29.39 -46.81 33.28
CA GLY C 103 -29.06 -46.29 34.59
C GLY C 103 -29.90 -46.91 35.68
N SER C 104 -31.18 -47.17 35.39
CA SER C 104 -32.05 -47.81 36.36
C SER C 104 -31.59 -49.23 36.67
N LEU C 105 -31.14 -49.96 35.64
CA LEU C 105 -30.68 -51.33 35.85
C LEU C 105 -29.43 -51.35 36.71
N VAL C 106 -28.51 -50.42 36.49
CA VAL C 106 -27.34 -50.31 37.35
C VAL C 106 -27.78 -50.11 38.80
N SER C 107 -28.71 -49.19 39.02
CA SER C 107 -29.22 -49.01 40.38
C SER C 107 -29.87 -50.27 40.92
N LEU C 108 -30.58 -51.03 40.06
CA LEU C 108 -31.33 -52.19 40.52
C LEU C 108 -30.41 -53.35 40.85
N GLU C 109 -29.49 -53.68 39.94
CA GLU C 109 -28.66 -54.86 40.12
C GLU C 109 -27.38 -54.57 40.90
N MET C 110 -26.80 -53.38 40.76
CA MET C 110 -25.60 -53.07 41.51
C MET C 110 -25.91 -52.40 42.85
N GLY C 111 -26.81 -51.42 42.86
CA GLY C 111 -27.26 -50.81 44.11
C GLY C 111 -26.95 -49.34 44.32
N LYS C 112 -26.23 -48.66 43.41
CA LYS C 112 -25.96 -47.23 43.55
C LYS C 112 -27.19 -46.41 43.17
N ILE C 113 -27.25 -45.17 43.66
CA ILE C 113 -28.45 -44.35 43.42
C ILE C 113 -28.51 -43.94 41.96
N LEU C 114 -29.71 -43.49 41.55
CA LEU C 114 -30.03 -43.38 40.13
C LEU C 114 -29.23 -42.29 39.44
N VAL C 115 -28.99 -41.14 40.10
CA VAL C 115 -28.17 -40.13 39.44
C VAL C 115 -26.76 -40.64 39.18
N GLU C 116 -26.28 -41.57 40.01
CA GLU C 116 -24.95 -42.14 39.77
C GLU C 116 -25.01 -43.26 38.73
N GLY C 117 -26.07 -44.06 38.74
CA GLY C 117 -26.26 -45.02 37.67
C GLY C 117 -26.32 -44.35 36.31
N VAL C 118 -27.17 -43.33 36.17
CA VAL C 118 -27.27 -42.56 34.94
C VAL C 118 -25.93 -41.89 34.63
N GLY C 119 -25.32 -41.28 35.64
CA GLY C 119 -24.05 -40.60 35.44
C GLY C 119 -22.94 -41.54 35.00
N GLU C 120 -23.02 -42.81 35.40
CA GLU C 120 -22.01 -43.77 34.96
C GLU C 120 -22.18 -44.12 33.49
N VAL C 121 -23.41 -44.20 32.99
CA VAL C 121 -23.61 -44.34 31.55
C VAL C 121 -23.11 -43.10 30.84
N GLN C 122 -23.23 -41.93 31.48
CA GLN C 122 -22.79 -40.68 30.87
C GLN C 122 -21.29 -40.65 30.66
N GLU C 123 -20.53 -41.22 31.61
CA GLU C 123 -19.10 -41.42 31.41
C GLU C 123 -18.84 -42.14 30.09
N TYR C 124 -19.53 -43.28 29.89
CA TYR C 124 -19.35 -44.05 28.67
C TYR C 124 -19.68 -43.21 27.43
N VAL C 125 -20.82 -42.52 27.47
CA VAL C 125 -21.19 -41.65 26.36
C VAL C 125 -20.08 -40.63 26.07
N ASP C 126 -19.59 -39.96 27.12
CA ASP C 126 -18.54 -38.96 26.97
C ASP C 126 -17.25 -39.56 26.41
N ILE C 127 -16.88 -40.77 26.86
CA ILE C 127 -15.66 -41.36 26.30
C ILE C 127 -15.86 -41.81 24.84
N CYS C 128 -17.08 -42.16 24.43
CA CYS C 128 -17.32 -42.40 23.01
C CYS C 128 -17.05 -41.14 22.20
N ASP C 129 -17.62 -40.01 22.63
CA ASP C 129 -17.35 -38.70 22.02
C ASP C 129 -15.85 -38.42 21.91
N TYR C 130 -15.13 -38.62 23.01
CA TYR C 130 -13.69 -38.39 23.02
C TYR C 130 -12.98 -39.28 22.01
N ALA C 131 -13.30 -40.57 22.03
CA ALA C 131 -12.61 -41.52 21.15
C ALA C 131 -12.89 -41.25 19.69
N VAL C 132 -14.06 -40.67 19.36
CA VAL C 132 -14.35 -40.33 17.97
C VAL C 132 -13.34 -39.31 17.45
N GLY C 133 -13.03 -38.30 18.26
CA GLY C 133 -11.98 -37.37 17.87
C GLY C 133 -10.63 -38.04 17.77
N LEU C 134 -10.32 -38.87 18.77
CA LEU C 134 -9.04 -39.57 18.78
C LEU C 134 -8.83 -40.40 17.52
N SER C 135 -9.91 -40.98 16.98
CA SER C 135 -9.81 -41.85 15.83
C SER C 135 -9.24 -41.15 14.61
N ARG C 136 -9.20 -39.83 14.60
CA ARG C 136 -8.57 -39.06 13.53
C ARG C 136 -7.19 -38.55 13.92
N MET C 137 -6.70 -38.96 15.09
CA MET C 137 -5.51 -38.35 15.69
C MET C 137 -4.43 -39.36 16.04
N ILE C 138 -4.82 -40.60 16.37
CA ILE C 138 -3.85 -41.54 16.92
C ILE C 138 -2.72 -41.80 15.92
N GLY C 139 -1.51 -42.02 16.45
CA GLY C 139 -0.35 -42.27 15.62
C GLY C 139 0.88 -41.69 16.30
N GLY C 140 1.96 -41.62 15.53
CA GLY C 140 3.23 -41.13 16.05
C GLY C 140 3.89 -40.09 15.17
N PRO C 141 5.01 -39.54 15.64
CA PRO C 141 5.71 -38.50 14.88
C PRO C 141 6.50 -39.06 13.72
N ILE C 142 6.65 -38.23 12.67
CA ILE C 142 7.73 -38.41 11.70
C ILE C 142 8.94 -37.66 12.23
N LEU C 143 10.08 -38.34 12.28
CA LEU C 143 11.25 -37.76 12.90
C LEU C 143 12.34 -37.51 11.87
N PRO C 144 13.21 -36.53 12.09
CA PRO C 144 14.30 -36.30 11.13
C PRO C 144 15.43 -37.31 11.35
N SER C 145 15.61 -38.19 10.37
CA SER C 145 16.71 -39.14 10.42
C SER C 145 18.05 -38.42 10.30
N GLU C 146 19.06 -38.93 11.02
CA GLU C 146 20.41 -38.43 10.81
C GLU C 146 21.03 -38.92 9.51
N ARG C 147 20.35 -39.81 8.79
CA ARG C 147 20.90 -40.40 7.57
C ARG C 147 20.21 -39.80 6.35
N SER C 148 21.01 -39.30 5.42
CA SER C 148 20.47 -38.73 4.19
C SER C 148 19.69 -39.79 3.42
N GLY C 149 18.57 -39.37 2.83
CA GLY C 149 17.76 -40.29 2.05
C GLY C 149 17.03 -41.34 2.85
N HIS C 150 16.88 -41.15 4.15
CA HIS C 150 16.14 -42.07 5.00
C HIS C 150 14.98 -41.34 5.64
N ALA C 151 13.85 -42.03 5.77
CA ALA C 151 12.76 -41.55 6.60
C ALA C 151 12.75 -42.33 7.92
N LEU C 152 12.31 -41.65 8.99
CA LEU C 152 12.18 -42.25 10.31
C LEU C 152 10.80 -41.92 10.82
N ILE C 153 9.98 -42.95 11.08
CA ILE C 153 8.59 -42.73 11.46
C ILE C 153 8.23 -43.64 12.62
N GLU C 154 7.38 -43.15 13.51
CA GLU C 154 6.84 -43.95 14.59
C GLU C 154 5.42 -44.35 14.23
N GLN C 155 5.20 -45.66 14.05
CA GLN C 155 3.89 -46.23 13.74
C GLN C 155 3.25 -46.84 14.97
N TRP C 156 1.92 -46.81 15.01
CA TRP C 156 1.18 -47.48 16.06
C TRP C 156 0.14 -48.39 15.42
N ASN C 157 0.08 -49.63 15.85
CA ASN C 157 -0.85 -50.61 15.32
C ASN C 157 -1.56 -51.35 16.45
N PRO C 158 -2.76 -51.89 16.19
CA PRO C 158 -3.48 -52.61 17.24
C PRO C 158 -2.69 -53.81 17.75
N VAL C 159 -2.92 -54.15 19.03
CA VAL C 159 -2.32 -55.35 19.60
C VAL C 159 -3.10 -56.61 19.23
N GLY C 160 -4.39 -56.49 18.94
CA GLY C 160 -5.20 -57.62 18.52
C GLY C 160 -6.45 -57.78 19.38
N LEU C 161 -6.45 -58.76 20.27
CA LEU C 161 -7.56 -59.01 21.18
C LEU C 161 -7.25 -58.40 22.55
N VAL C 162 -8.16 -57.55 23.03
CA VAL C 162 -8.06 -56.92 24.36
C VAL C 162 -9.12 -57.60 25.23
N GLY C 163 -8.67 -58.39 26.21
CA GLY C 163 -9.59 -58.90 27.22
C GLY C 163 -9.84 -57.84 28.29
N ILE C 164 -11.10 -57.74 28.72
CA ILE C 164 -11.51 -56.72 29.68
C ILE C 164 -12.25 -57.40 30.82
N ILE C 165 -11.66 -57.37 32.01
CA ILE C 165 -12.28 -57.89 33.22
C ILE C 165 -12.65 -56.71 34.11
N THR C 166 -13.92 -56.60 34.48
CA THR C 166 -14.39 -55.47 35.28
C THR C 166 -15.01 -55.97 36.59
N ALA C 167 -15.31 -55.02 37.46
CA ALA C 167 -15.73 -55.28 38.84
C ALA C 167 -17.18 -54.84 39.04
N PHE C 168 -17.71 -55.16 40.23
CA PHE C 168 -19.12 -54.88 40.50
C PHE C 168 -19.42 -53.38 40.62
N ASN C 169 -18.45 -52.58 41.05
CA ASN C 169 -18.84 -51.25 41.52
C ASN C 169 -19.00 -50.24 40.39
N PHE C 170 -18.34 -50.45 39.25
CA PHE C 170 -18.59 -49.66 38.04
C PHE C 170 -18.79 -50.63 36.89
N PRO C 171 -19.97 -51.24 36.83
CA PRO C 171 -20.21 -52.33 35.88
C PRO C 171 -20.47 -51.86 34.45
N VAL C 172 -20.55 -50.55 34.22
CA VAL C 172 -20.69 -49.98 32.88
C VAL C 172 -19.44 -49.20 32.47
N ALA C 173 -19.05 -48.19 33.28
CA ALA C 173 -18.14 -47.15 32.76
C ALA C 173 -16.72 -47.67 32.53
N VAL C 174 -16.27 -48.63 33.33
CA VAL C 174 -14.90 -49.12 33.16
C VAL C 174 -14.79 -49.93 31.88
N TYR C 175 -15.73 -50.86 31.66
CA TYR C 175 -15.80 -51.54 30.37
C TYR C 175 -15.84 -50.54 29.22
N GLY C 176 -16.71 -49.52 29.34
CA GLY C 176 -16.83 -48.53 28.29
C GLY C 176 -15.55 -47.79 27.97
N ALA C 177 -14.83 -47.33 29.00
CA ALA C 177 -13.57 -46.64 28.78
C ALA C 177 -12.58 -47.52 28.02
N ASN C 178 -12.50 -48.80 28.40
CA ASN C 178 -11.62 -49.73 27.72
C ASN C 178 -12.11 -50.02 26.31
N ASN C 179 -13.42 -50.25 26.18
CA ASN C 179 -14.03 -50.60 24.90
C ASN C 179 -13.87 -49.50 23.86
N ALA C 180 -14.30 -48.28 24.18
CA ALA C 180 -14.27 -47.21 23.18
C ALA C 180 -12.85 -46.95 22.68
N ILE C 181 -11.88 -46.89 23.59
CA ILE C 181 -10.49 -46.63 23.21
C ILE C 181 -9.92 -47.82 22.43
N ALA C 182 -10.13 -49.04 22.93
CA ALA C 182 -9.61 -50.22 22.24
C ALA C 182 -10.17 -50.33 20.82
N MET C 183 -11.46 -50.00 20.64
CA MET C 183 -12.08 -50.08 19.32
C MET C 183 -11.44 -49.13 18.32
N ILE C 184 -11.29 -47.85 18.69
CA ILE C 184 -10.79 -46.93 17.66
C ILE C 184 -9.34 -47.25 17.35
N CYS C 185 -8.62 -47.86 18.30
CA CYS C 185 -7.26 -48.32 18.09
C CYS C 185 -7.17 -49.60 17.25
N GLY C 186 -8.31 -50.14 16.79
CA GLY C 186 -8.29 -51.28 15.89
C GLY C 186 -8.25 -52.64 16.55
N ASN C 187 -8.60 -52.72 17.82
CA ASN C 187 -8.66 -53.99 18.53
C ASN C 187 -10.09 -54.50 18.60
N VAL C 188 -10.21 -55.81 18.75
CA VAL C 188 -11.45 -56.45 19.16
C VAL C 188 -11.36 -56.66 20.67
N CYS C 189 -12.53 -56.86 21.29
CA CYS C 189 -12.63 -56.94 22.74
C CYS C 189 -13.40 -58.16 23.18
N LEU C 190 -13.05 -58.69 24.35
CA LEU C 190 -13.76 -59.77 25.00
C LEU C 190 -13.96 -59.39 26.47
N TRP C 191 -15.22 -59.30 26.89
CA TRP C 191 -15.59 -58.75 28.19
C TRP C 191 -16.02 -59.86 29.14
N LYS C 192 -15.40 -59.91 30.32
CA LYS C 192 -15.91 -60.72 31.43
C LYS C 192 -16.17 -59.80 32.62
N GLY C 193 -17.44 -59.58 32.95
CA GLY C 193 -17.81 -58.71 34.05
C GLY C 193 -17.95 -59.45 35.37
N ALA C 194 -18.28 -58.68 36.41
CA ALA C 194 -18.55 -59.27 37.71
C ALA C 194 -19.77 -60.18 37.60
N PRO C 195 -19.72 -61.41 38.12
CA PRO C 195 -20.90 -62.28 38.05
C PRO C 195 -22.15 -61.65 38.65
N THR C 196 -22.00 -60.83 39.68
CA THR C 196 -23.14 -60.19 40.32
C THR C 196 -23.65 -58.96 39.57
N THR C 197 -23.03 -58.56 38.46
CA THR C 197 -23.62 -57.57 37.57
C THR C 197 -23.73 -58.12 36.15
N SER C 198 -24.08 -59.41 36.07
CA SER C 198 -24.22 -60.10 34.78
C SER C 198 -25.34 -59.50 33.93
N LEU C 199 -26.44 -59.09 34.56
CA LEU C 199 -27.53 -58.51 33.78
C LEU C 199 -27.10 -57.19 33.14
N ILE C 200 -26.30 -56.42 33.86
CA ILE C 200 -25.80 -55.18 33.27
C ILE C 200 -24.88 -55.48 32.09
N SER C 201 -24.04 -56.52 32.21
CA SER C 201 -23.12 -56.86 31.13
C SER C 201 -23.89 -57.29 29.87
N VAL C 202 -24.92 -58.11 30.03
CA VAL C 202 -25.74 -58.52 28.89
C VAL C 202 -26.41 -57.31 28.25
N ALA C 203 -26.98 -56.44 29.08
CA ALA C 203 -27.72 -55.29 28.56
C ALA C 203 -26.84 -54.34 27.76
N VAL C 204 -25.63 -54.03 28.26
CA VAL C 204 -24.69 -53.21 27.49
C VAL C 204 -24.29 -53.91 26.20
N THR C 205 -24.01 -55.22 26.29
CA THR C 205 -23.60 -55.97 25.12
C THR C 205 -24.73 -56.03 24.08
N LYS C 206 -26.00 -56.10 24.52
CA LYS C 206 -27.10 -56.05 23.56
C LYS C 206 -27.12 -54.74 22.80
N ILE C 207 -26.84 -53.62 23.49
CA ILE C 207 -26.83 -52.31 22.85
C ILE C 207 -25.72 -52.22 21.81
N ILE C 208 -24.53 -52.74 22.13
CA ILE C 208 -23.43 -52.65 21.18
C ILE C 208 -23.64 -53.61 20.01
N ALA C 209 -24.16 -54.81 20.30
CA ALA C 209 -24.40 -55.79 19.25
C ALA C 209 -25.31 -55.24 18.16
N LYS C 210 -26.33 -54.48 18.55
CA LYS C 210 -27.24 -53.94 17.55
C LYS C 210 -26.52 -52.96 16.62
N VAL C 211 -25.63 -52.13 17.18
CA VAL C 211 -24.89 -51.19 16.33
C VAL C 211 -24.00 -51.96 15.36
N LEU C 212 -23.25 -52.94 15.85
CA LEU C 212 -22.38 -53.74 14.98
C LEU C 212 -23.18 -54.40 13.87
N GLU C 213 -24.30 -55.03 14.23
CA GLU C 213 -25.12 -55.73 13.24
C GLU C 213 -25.68 -54.75 12.21
N ASP C 214 -26.22 -53.61 12.67
CA ASP C 214 -26.73 -52.62 11.73
C ASP C 214 -25.67 -52.14 10.76
N ASN C 215 -24.39 -52.20 11.16
CA ASN C 215 -23.30 -51.75 10.30
C ASN C 215 -22.64 -52.90 9.56
N LYS C 216 -23.23 -54.09 9.62
CA LYS C 216 -22.75 -55.26 8.90
C LYS C 216 -21.31 -55.61 9.29
N LEU C 217 -21.00 -55.45 10.57
CA LEU C 217 -19.71 -55.87 11.12
C LEU C 217 -19.91 -57.11 11.98
N PRO C 218 -18.91 -57.99 12.06
CA PRO C 218 -19.03 -59.17 12.94
C PRO C 218 -19.18 -58.77 14.41
N GLY C 219 -20.16 -59.38 15.07
CA GLY C 219 -20.46 -59.01 16.45
C GLY C 219 -19.36 -59.36 17.43
N ALA C 220 -18.51 -60.33 17.10
CA ALA C 220 -17.42 -60.71 17.99
C ALA C 220 -16.36 -59.62 18.16
N ILE C 221 -16.48 -58.50 17.42
CA ILE C 221 -15.61 -57.35 17.66
C ILE C 221 -15.75 -56.88 19.11
N CYS C 222 -16.95 -57.01 19.70
CA CYS C 222 -17.17 -56.74 21.13
C CYS C 222 -17.80 -57.98 21.77
N SER C 223 -16.99 -59.00 21.98
CA SER C 223 -17.48 -60.26 22.52
C SER C 223 -17.75 -60.15 24.01
N LEU C 224 -18.60 -61.05 24.51
CA LEU C 224 -18.88 -61.15 25.94
C LEU C 224 -18.84 -62.60 26.36
N THR C 225 -18.16 -62.92 27.46
CA THR C 225 -18.26 -64.24 28.08
C THR C 225 -18.45 -64.02 29.58
N CYS C 226 -19.71 -64.06 30.03
CA CYS C 226 -20.00 -63.97 31.46
C CYS C 226 -19.47 -65.19 32.18
N GLY C 227 -18.82 -64.97 33.32
CA GLY C 227 -18.35 -66.08 34.12
C GLY C 227 -17.57 -65.58 35.33
N GLY C 228 -17.09 -66.54 36.11
CA GLY C 228 -16.38 -66.26 37.36
C GLY C 228 -14.88 -66.35 37.21
N ALA C 229 -14.22 -66.87 38.25
CA ALA C 229 -12.78 -66.87 38.30
C ALA C 229 -12.16 -67.82 37.28
N ASP C 230 -12.89 -68.85 36.83
CA ASP C 230 -12.31 -69.75 35.85
C ASP C 230 -12.13 -69.06 34.50
N ILE C 231 -13.13 -68.31 34.07
CA ILE C 231 -12.99 -67.54 32.83
C ILE C 231 -11.88 -66.49 32.99
N GLY C 232 -11.89 -65.75 34.10
CA GLY C 232 -10.88 -64.71 34.31
C GLY C 232 -9.48 -65.29 34.29
N THR C 233 -9.30 -66.46 34.87
CA THR C 233 -7.98 -67.08 34.89
C THR C 233 -7.58 -67.58 33.51
N ALA C 234 -8.55 -68.09 32.74
CA ALA C 234 -8.25 -68.51 31.38
C ALA C 234 -7.77 -67.31 30.57
N MET C 235 -8.44 -66.16 30.72
CA MET C 235 -8.02 -64.95 30.00
C MET C 235 -6.60 -64.54 30.38
N ALA C 236 -6.24 -64.63 31.66
CA ALA C 236 -4.92 -64.18 32.10
C ALA C 236 -3.83 -65.10 31.58
N LYS C 237 -4.14 -66.38 31.36
CA LYS C 237 -3.16 -67.34 30.88
C LYS C 237 -3.17 -67.53 29.37
N ASP C 238 -4.07 -66.85 28.65
CA ASP C 238 -4.30 -67.13 27.24
C ASP C 238 -3.41 -66.25 26.37
N GLU C 239 -2.52 -66.88 25.60
CA GLU C 239 -1.63 -66.12 24.75
C GLU C 239 -2.37 -65.36 23.67
N ARG C 240 -3.59 -65.78 23.33
CA ARG C 240 -4.41 -65.11 22.33
C ARG C 240 -5.00 -63.79 22.82
N VAL C 241 -4.91 -63.51 24.12
CA VAL C 241 -5.38 -62.25 24.66
C VAL C 241 -4.14 -61.36 24.75
N ASN C 242 -3.99 -60.47 23.77
CA ASN C 242 -2.76 -59.71 23.63
C ASN C 242 -2.60 -58.66 24.72
N LEU C 243 -3.72 -58.08 25.16
CA LEU C 243 -3.75 -57.15 26.27
C LEU C 243 -4.89 -57.56 27.18
N LEU C 244 -4.63 -57.66 28.48
CA LEU C 244 -5.69 -57.91 29.43
C LEU C 244 -5.81 -56.70 30.33
N SER C 245 -6.95 -56.05 30.28
CA SER C 245 -7.26 -54.96 31.19
C SER C 245 -8.05 -55.53 32.35
N PHE C 246 -7.54 -55.35 33.57
CA PHE C 246 -8.16 -55.94 34.75
C PHE C 246 -8.39 -54.83 35.77
N THR C 247 -9.66 -54.62 36.13
CA THR C 247 -10.05 -53.77 37.23
C THR C 247 -10.61 -54.65 38.34
N GLY C 248 -10.11 -54.49 39.57
CA GLY C 248 -10.54 -55.37 40.64
C GLY C 248 -9.64 -55.27 41.86
N SER C 249 -9.66 -56.34 42.66
CA SER C 249 -8.95 -56.35 43.93
C SER C 249 -7.44 -56.41 43.70
N THR C 250 -6.71 -55.77 44.60
CA THR C 250 -5.26 -55.83 44.53
C THR C 250 -4.76 -57.26 44.62
N GLN C 251 -5.38 -58.08 45.47
CA GLN C 251 -4.95 -59.47 45.64
C GLN C 251 -5.06 -60.24 44.33
N VAL C 252 -6.23 -60.17 43.68
CA VAL C 252 -6.42 -60.89 42.43
C VAL C 252 -5.59 -60.26 41.31
N GLY C 253 -5.54 -58.93 41.25
CA GLY C 253 -4.78 -58.27 40.19
C GLY C 253 -3.30 -58.62 40.20
N LYS C 254 -2.73 -58.82 41.38
CA LYS C 254 -1.33 -59.25 41.47
C LYS C 254 -1.12 -60.58 40.76
N GLN C 255 -2.02 -61.55 41.00
CA GLN C 255 -1.91 -62.84 40.31
C GLN C 255 -2.14 -62.73 38.81
N VAL C 256 -3.06 -61.85 38.40
CA VAL C 256 -3.27 -61.60 36.97
C VAL C 256 -2.00 -61.06 36.34
N GLY C 257 -1.39 -60.03 36.95
CA GLY C 257 -0.16 -59.49 36.42
C GLY C 257 0.94 -60.53 36.32
N LEU C 258 1.06 -61.40 37.32
CA LEU C 258 2.05 -62.48 37.28
C LEU C 258 1.77 -63.45 36.14
N MET C 259 0.51 -63.86 35.98
CA MET C 259 0.16 -64.78 34.90
C MET C 259 0.39 -64.15 33.53
N VAL C 260 0.06 -62.87 33.37
CA VAL C 260 0.31 -62.23 32.10
C VAL C 260 1.81 -62.10 31.87
N GLN C 261 2.56 -61.70 32.89
CA GLN C 261 4.00 -61.55 32.71
C GLN C 261 4.66 -62.88 32.38
N GLU C 262 4.15 -63.99 32.93
CA GLU C 262 4.71 -65.29 32.64
C GLU C 262 4.68 -65.62 31.13
N ARG C 263 3.67 -65.11 30.41
CA ARG C 263 3.54 -65.38 28.98
C ARG C 263 3.94 -64.18 28.11
N PHE C 264 4.62 -63.19 28.67
CA PHE C 264 5.04 -62.00 27.94
C PHE C 264 3.86 -61.35 27.19
N GLY C 265 2.70 -61.35 27.82
CA GLY C 265 1.58 -60.56 27.35
C GLY C 265 1.63 -59.15 27.91
N ARG C 266 0.58 -58.39 27.64
CA ARG C 266 0.42 -57.05 28.20
C ARG C 266 -0.73 -57.05 29.20
N SER C 267 -0.54 -56.35 30.32
CA SER C 267 -1.63 -56.16 31.27
C SER C 267 -1.79 -54.68 31.61
N LEU C 268 -3.03 -54.29 31.87
CA LEU C 268 -3.37 -52.95 32.36
C LEU C 268 -4.13 -53.16 33.66
N LEU C 269 -3.55 -52.74 34.78
CA LEU C 269 -4.08 -53.10 36.09
C LEU C 269 -4.60 -51.85 36.78
N GLU C 270 -5.85 -51.95 37.24
CA GLU C 270 -6.56 -50.88 37.96
C GLU C 270 -7.05 -51.51 39.25
N LEU C 271 -6.27 -51.40 40.32
CA LEU C 271 -6.60 -52.12 41.54
C LEU C 271 -7.07 -51.13 42.62
N GLY C 272 -6.94 -51.51 43.87
CA GLY C 272 -7.56 -50.77 44.95
C GLY C 272 -6.85 -49.46 45.33
N GLY C 273 -7.54 -48.69 46.16
CA GLY C 273 -6.97 -47.47 46.72
C GLY C 273 -7.34 -47.35 48.19
N ASN C 274 -6.51 -46.60 48.90
CA ASN C 274 -6.77 -46.24 50.29
C ASN C 274 -6.62 -44.71 50.36
N ASN C 275 -7.60 -44.00 49.81
CA ASN C 275 -7.38 -42.62 49.40
C ASN C 275 -7.57 -41.63 50.54
N ALA C 276 -6.70 -40.62 50.58
CA ALA C 276 -6.67 -39.64 51.65
C ALA C 276 -7.12 -38.26 51.17
N ILE C 277 -7.87 -37.57 52.04
CA ILE C 277 -8.10 -36.13 51.97
C ILE C 277 -7.33 -35.49 53.12
N ILE C 278 -6.65 -34.37 52.84
CA ILE C 278 -5.90 -33.62 53.88
C ILE C 278 -6.41 -32.19 53.90
N ALA C 279 -6.92 -31.76 55.06
CA ALA C 279 -7.43 -30.40 55.26
C ALA C 279 -6.43 -29.59 56.08
N PHE C 280 -5.81 -28.59 55.45
CA PHE C 280 -4.86 -27.75 56.18
C PHE C 280 -5.60 -26.67 56.97
N GLU C 281 -4.86 -25.96 57.82
CA GLU C 281 -5.48 -24.99 58.70
C GLU C 281 -6.14 -23.86 57.92
N ASP C 282 -5.58 -23.48 56.78
CA ASP C 282 -6.12 -22.39 55.97
C ASP C 282 -7.22 -22.84 55.00
N ALA C 283 -7.68 -24.08 55.11
CA ALA C 283 -8.63 -24.60 54.14
C ALA C 283 -10.00 -23.96 54.32
N ASP C 284 -10.69 -23.77 53.19
CA ASP C 284 -12.09 -23.34 53.20
C ASP C 284 -12.92 -24.50 53.76
N LEU C 285 -13.37 -24.37 55.01
CA LEU C 285 -14.15 -25.44 55.61
C LEU C 285 -15.49 -25.65 54.89
N SER C 286 -16.01 -24.61 54.25
CA SER C 286 -17.22 -24.76 53.45
C SER C 286 -17.00 -25.64 52.23
N LEU C 287 -15.76 -25.74 51.74
CA LEU C 287 -15.46 -26.71 50.70
C LEU C 287 -15.15 -28.09 51.32
N VAL C 288 -14.44 -28.10 52.43
CA VAL C 288 -13.93 -29.35 53.00
C VAL C 288 -15.09 -30.28 53.38
N VAL C 289 -16.06 -29.77 54.14
CA VAL C 289 -17.09 -30.63 54.70
C VAL C 289 -17.90 -31.34 53.61
N PRO C 290 -18.51 -30.64 52.64
CA PRO C 290 -19.25 -31.39 51.60
C PRO C 290 -18.39 -32.31 50.79
N SER C 291 -17.17 -31.89 50.40
CA SER C 291 -16.30 -32.76 49.62
C SER C 291 -16.02 -34.06 50.35
N ALA C 292 -15.71 -33.96 51.64
CA ALA C 292 -15.46 -35.17 52.43
C ALA C 292 -16.68 -36.07 52.46
N LEU C 293 -17.87 -35.49 52.68
CA LEU C 293 -19.08 -36.30 52.68
C LEU C 293 -19.29 -37.03 51.34
N PHE C 294 -19.29 -36.29 50.23
CA PHE C 294 -19.51 -36.92 48.93
C PHE C 294 -18.48 -38.02 48.65
N ALA C 295 -17.20 -37.71 48.90
CA ALA C 295 -16.15 -38.66 48.57
C ALA C 295 -16.19 -39.88 49.47
N ALA C 296 -16.66 -39.73 50.70
CA ALA C 296 -16.67 -40.85 51.64
C ALA C 296 -17.94 -41.69 51.54
N VAL C 297 -19.10 -41.05 51.40
CA VAL C 297 -20.34 -41.81 51.42
C VAL C 297 -20.93 -42.01 50.03
N GLY C 298 -20.45 -41.31 49.01
CA GLY C 298 -20.89 -41.58 47.64
C GLY C 298 -20.77 -43.05 47.28
N THR C 299 -21.80 -43.61 46.63
CA THR C 299 -21.79 -45.01 46.22
C THR C 299 -21.64 -45.94 47.42
N ALA C 300 -22.15 -45.49 48.58
CA ALA C 300 -22.04 -46.19 49.87
C ALA C 300 -20.60 -46.62 50.16
N GLY C 301 -19.65 -45.75 49.81
CA GLY C 301 -18.26 -45.99 50.10
C GLY C 301 -17.64 -47.10 49.26
N GLN C 302 -18.19 -47.39 48.09
CA GLN C 302 -17.77 -48.54 47.30
C GLN C 302 -17.05 -48.16 46.02
N ARG C 303 -16.45 -46.97 45.96
CA ARG C 303 -15.63 -46.61 44.82
C ARG C 303 -14.18 -46.97 45.08
N CYS C 304 -13.43 -47.26 44.02
CA CYS C 304 -12.00 -47.42 44.20
C CYS C 304 -11.35 -46.12 44.66
N THR C 305 -11.98 -44.98 44.31
CA THR C 305 -11.52 -43.65 44.68
C THR C 305 -12.21 -43.10 45.91
N THR C 306 -12.91 -43.93 46.67
CA THR C 306 -13.57 -43.46 47.89
C THR C 306 -12.55 -42.88 48.86
N ALA C 307 -12.88 -41.74 49.46
CA ALA C 307 -12.10 -41.20 50.56
C ALA C 307 -12.25 -42.09 51.79
N ARG C 308 -11.16 -42.73 52.21
CA ARG C 308 -11.20 -43.57 53.40
C ARG C 308 -10.39 -43.04 54.57
N ARG C 309 -9.49 -42.08 54.32
CA ARG C 309 -8.67 -41.45 55.35
C ARG C 309 -8.85 -39.94 55.25
N LEU C 310 -9.14 -39.29 56.37
CA LEU C 310 -9.30 -37.84 56.41
C LEU C 310 -8.34 -37.28 57.46
N PHE C 311 -7.32 -36.56 56.99
CA PHE C 311 -6.33 -35.91 57.85
C PHE C 311 -6.73 -34.44 58.02
N ILE C 312 -6.89 -34.01 59.27
CA ILE C 312 -7.32 -32.66 59.58
C ILE C 312 -6.29 -32.03 60.50
N HIS C 313 -5.88 -30.80 60.19
CA HIS C 313 -4.95 -30.11 61.07
C HIS C 313 -5.53 -30.02 62.49
N GLU C 314 -4.63 -30.12 63.48
CA GLU C 314 -5.04 -30.11 64.88
C GLU C 314 -5.97 -28.96 65.22
N SER C 315 -5.69 -27.77 64.69
CA SER C 315 -6.42 -26.57 65.09
C SER C 315 -7.87 -26.58 64.61
N ILE C 316 -8.20 -27.38 63.60
CA ILE C 316 -9.55 -27.44 63.06
C ILE C 316 -10.15 -28.84 63.10
N HIS C 317 -9.45 -29.82 63.70
CA HIS C 317 -9.95 -31.19 63.70
C HIS C 317 -11.34 -31.29 64.33
N ASP C 318 -11.53 -30.73 65.51
CA ASP C 318 -12.78 -30.92 66.22
C ASP C 318 -13.94 -30.25 65.50
N GLU C 319 -13.72 -29.05 64.95
CA GLU C 319 -14.81 -28.35 64.26
C GLU C 319 -15.18 -29.06 62.97
N VAL C 320 -14.20 -29.62 62.25
CA VAL C 320 -14.51 -30.35 61.03
C VAL C 320 -15.29 -31.63 61.34
N VAL C 321 -14.85 -32.38 62.36
CA VAL C 321 -15.54 -33.60 62.75
C VAL C 321 -16.96 -33.29 63.18
N ASN C 322 -17.13 -32.28 64.03
CA ASN C 322 -18.46 -31.90 64.48
C ASN C 322 -19.35 -31.50 63.31
N ARG C 323 -18.80 -30.75 62.36
CA ARG C 323 -19.59 -30.32 61.20
C ARG C 323 -19.89 -31.50 60.29
N LEU C 324 -18.96 -32.43 60.15
CA LEU C 324 -19.22 -33.64 59.39
C LEU C 324 -20.32 -34.49 60.04
N LYS C 325 -20.31 -34.60 61.36
CA LYS C 325 -21.34 -35.37 62.07
C LYS C 325 -22.73 -34.79 61.80
N LYS C 326 -22.89 -33.49 62.06
CA LYS C 326 -24.15 -32.81 61.77
C LYS C 326 -24.58 -32.98 60.33
N ALA C 327 -23.65 -33.27 59.42
CA ALA C 327 -23.99 -33.46 58.01
C ALA C 327 -24.34 -34.90 57.68
N TYR C 328 -23.57 -35.86 58.23
CA TYR C 328 -23.90 -37.27 58.03
C TYR C 328 -25.31 -37.58 58.50
N ALA C 329 -25.78 -36.89 59.54
CA ALA C 329 -27.13 -37.13 60.04
C ALA C 329 -28.19 -36.82 58.99
N GLN C 330 -27.91 -35.89 58.10
CA GLN C 330 -28.87 -35.48 57.08
C GLN C 330 -28.74 -36.26 55.79
N ILE C 331 -27.92 -37.31 55.76
CA ILE C 331 -27.85 -38.18 54.59
C ILE C 331 -29.13 -38.99 54.48
N ARG C 332 -29.75 -38.97 53.30
CA ARG C 332 -31.06 -39.57 53.10
C ARG C 332 -30.92 -40.99 52.53
N VAL C 333 -31.36 -41.97 53.33
CA VAL C 333 -31.23 -43.39 53.02
C VAL C 333 -32.54 -43.90 52.44
N GLY C 334 -32.44 -44.72 51.41
CA GLY C 334 -33.63 -45.31 50.80
C GLY C 334 -33.24 -46.23 49.68
N ASN C 335 -34.25 -46.69 48.93
CA ASN C 335 -33.96 -47.51 47.77
C ASN C 335 -33.23 -46.69 46.72
N PRO C 336 -32.30 -47.28 45.99
CA PRO C 336 -31.46 -46.49 45.07
C PRO C 336 -32.18 -46.01 43.83
N TRP C 337 -33.45 -46.39 43.62
CA TRP C 337 -34.28 -45.80 42.58
C TRP C 337 -35.28 -44.78 43.12
N ASP C 338 -35.55 -44.81 44.43
CA ASP C 338 -36.48 -43.87 45.01
C ASP C 338 -35.94 -42.44 44.92
N PRO C 339 -36.80 -41.46 44.65
CA PRO C 339 -36.31 -40.09 44.39
C PRO C 339 -35.78 -39.44 45.66
N ASN C 340 -34.83 -38.52 45.46
CA ASN C 340 -34.14 -37.76 46.50
C ASN C 340 -33.27 -38.62 47.40
N VAL C 341 -32.98 -39.86 46.99
CA VAL C 341 -32.19 -40.78 47.79
C VAL C 341 -30.71 -40.48 47.58
N LEU C 342 -29.99 -40.25 48.68
CA LEU C 342 -28.55 -40.03 48.61
C LEU C 342 -27.72 -41.29 48.84
N TYR C 343 -28.32 -42.35 49.37
CA TYR C 343 -27.53 -43.44 49.94
C TYR C 343 -28.31 -44.74 49.85
N GLY C 344 -27.69 -45.76 49.24
CA GLY C 344 -28.32 -47.05 49.05
C GLY C 344 -27.64 -48.16 49.84
N PRO C 345 -27.88 -49.40 49.44
CA PRO C 345 -27.28 -50.54 50.14
C PRO C 345 -25.87 -50.81 49.66
N LEU C 346 -25.17 -51.61 50.45
CA LEU C 346 -23.96 -52.25 49.96
C LEU C 346 -24.33 -53.35 48.96
N HIS C 347 -23.35 -53.73 48.15
CA HIS C 347 -23.61 -54.64 47.03
C HIS C 347 -23.92 -56.06 47.49
N THR C 348 -23.30 -56.54 48.58
CA THR C 348 -23.51 -57.90 49.04
C THR C 348 -23.66 -57.95 50.55
N LYS C 349 -24.21 -59.08 51.04
CA LYS C 349 -24.20 -59.34 52.47
C LYS C 349 -22.79 -59.50 53.01
N GLN C 350 -21.88 -60.06 52.21
CA GLN C 350 -20.50 -60.19 52.67
C GLN C 350 -19.87 -58.83 52.95
N ALA C 351 -20.25 -57.81 52.17
CA ALA C 351 -19.74 -56.47 52.42
C ALA C 351 -20.24 -55.95 53.76
N VAL C 352 -21.49 -56.22 54.11
CA VAL C 352 -22.01 -55.90 55.45
C VAL C 352 -21.20 -56.60 56.53
N SER C 353 -20.82 -57.86 56.31
CA SER C 353 -20.02 -58.56 57.32
C SER C 353 -18.63 -57.93 57.45
N MET C 354 -18.01 -57.55 56.33
CA MET C 354 -16.72 -56.86 56.42
C MET C 354 -16.87 -55.51 57.10
N PHE C 355 -18.01 -54.84 56.89
CA PHE C 355 -18.25 -53.56 57.52
C PHE C 355 -18.28 -53.69 59.03
N LEU C 356 -19.05 -54.65 59.53
CA LEU C 356 -19.17 -54.83 60.97
C LEU C 356 -17.85 -55.25 61.57
N GLY C 357 -17.09 -56.10 60.87
CA GLY C 357 -15.78 -56.48 61.36
C GLY C 357 -14.83 -55.30 61.48
N ALA C 358 -14.85 -54.42 60.47
CA ALA C 358 -13.96 -53.25 60.50
C ALA C 358 -14.34 -52.28 61.62
N VAL C 359 -15.64 -52.06 61.83
CA VAL C 359 -16.07 -51.16 62.90
C VAL C 359 -15.69 -51.73 64.25
N GLU C 360 -15.86 -53.05 64.43
CA GLU C 360 -15.49 -53.68 65.68
C GLU C 360 -13.99 -53.62 65.92
N GLU C 361 -13.18 -53.86 64.89
CA GLU C 361 -11.73 -53.82 65.05
C GLU C 361 -11.25 -52.41 65.30
N ALA C 362 -11.86 -51.42 64.65
CA ALA C 362 -11.47 -50.03 64.88
C ALA C 362 -11.73 -49.62 66.32
N LYS C 363 -12.83 -50.09 66.91
CA LYS C 363 -13.12 -49.79 68.30
C LYS C 363 -12.11 -50.46 69.22
N LYS C 364 -11.71 -51.69 68.91
CA LYS C 364 -10.73 -52.38 69.74
C LYS C 364 -9.34 -51.75 69.59
N GLU C 365 -9.05 -51.15 68.44
CA GLU C 365 -7.77 -50.50 68.24
C GLU C 365 -7.70 -49.12 68.89
N GLY C 366 -8.74 -48.69 69.60
CA GLY C 366 -8.74 -47.42 70.28
C GLY C 366 -9.55 -46.33 69.60
N GLY C 367 -10.24 -46.63 68.50
CA GLY C 367 -11.04 -45.63 67.83
C GLY C 367 -12.38 -45.40 68.47
N THR C 368 -12.90 -44.18 68.26
CA THR C 368 -14.24 -43.81 68.69
C THR C 368 -15.13 -43.68 67.47
N VAL C 369 -16.25 -44.39 67.48
CA VAL C 369 -17.25 -44.21 66.42
C VAL C 369 -18.05 -42.98 66.79
N VAL C 370 -17.81 -41.87 66.08
CA VAL C 370 -18.52 -40.64 66.40
C VAL C 370 -19.81 -40.50 65.62
N TYR C 371 -19.98 -41.28 64.55
CA TYR C 371 -21.26 -41.36 63.87
C TYR C 371 -21.41 -42.74 63.25
N GLY C 372 -22.56 -43.36 63.43
CA GLY C 372 -22.91 -44.55 62.67
C GLY C 372 -22.37 -45.81 63.31
N GLY C 373 -21.75 -46.67 62.49
CA GLY C 373 -21.14 -47.90 62.95
C GLY C 373 -22.05 -49.12 63.00
N LYS C 374 -23.32 -48.99 62.65
CA LYS C 374 -24.27 -50.08 62.89
C LYS C 374 -24.96 -50.48 61.58
N VAL C 375 -25.48 -51.71 61.57
CA VAL C 375 -26.34 -52.16 60.49
C VAL C 375 -27.70 -51.49 60.63
N MET C 376 -28.29 -51.11 59.50
CA MET C 376 -29.64 -50.58 59.51
C MET C 376 -30.66 -51.71 59.56
N ASP C 377 -31.76 -51.49 60.27
CA ASP C 377 -32.82 -52.48 60.43
C ASP C 377 -33.81 -52.32 59.28
N ARG C 378 -33.48 -52.95 58.16
CA ARG C 378 -34.36 -52.99 57.02
C ARG C 378 -33.91 -54.05 56.02
N PRO C 379 -34.74 -54.43 55.05
CA PRO C 379 -34.30 -55.38 54.03
C PRO C 379 -33.15 -54.81 53.20
N GLY C 380 -32.36 -55.72 52.64
CA GLY C 380 -31.21 -55.32 51.86
C GLY C 380 -29.94 -55.26 52.68
N ASN C 381 -28.89 -54.74 52.05
CA ASN C 381 -27.57 -54.72 52.66
C ASN C 381 -27.20 -53.31 53.14
N TYR C 382 -28.04 -52.71 53.99
CA TYR C 382 -27.84 -51.33 54.41
C TYR C 382 -27.02 -51.24 55.70
N VAL C 383 -26.04 -50.34 55.70
CA VAL C 383 -25.26 -50.01 56.88
C VAL C 383 -25.20 -48.49 57.01
N GLU C 384 -25.01 -48.02 58.24
CA GLU C 384 -24.88 -46.59 58.48
C GLU C 384 -23.51 -46.09 57.99
N PRO C 385 -23.46 -44.94 57.31
CA PRO C 385 -22.14 -44.35 57.01
C PRO C 385 -21.45 -43.96 58.30
N THR C 386 -20.14 -44.20 58.37
CA THR C 386 -19.47 -44.23 59.66
C THR C 386 -18.23 -43.35 59.66
N ILE C 387 -18.04 -42.63 60.76
CA ILE C 387 -16.85 -41.81 61.04
C ILE C 387 -16.18 -42.36 62.30
N VAL C 388 -14.86 -42.60 62.23
CA VAL C 388 -14.07 -43.08 63.37
C VAL C 388 -12.95 -42.10 63.63
N THR C 389 -12.88 -41.61 64.88
CA THR C 389 -11.81 -40.71 65.31
C THR C 389 -10.94 -41.41 66.34
N GLY C 390 -9.77 -40.81 66.60
CA GLY C 390 -8.90 -41.21 67.67
C GLY C 390 -7.79 -42.17 67.29
N LEU C 391 -7.84 -42.76 66.10
CA LEU C 391 -6.82 -43.72 65.69
C LEU C 391 -5.54 -42.99 65.28
N GLY C 392 -4.41 -43.67 65.47
CA GLY C 392 -3.18 -43.21 64.88
C GLY C 392 -3.18 -43.45 63.37
N HIS C 393 -2.31 -42.72 62.67
CA HIS C 393 -2.33 -42.80 61.22
C HIS C 393 -1.93 -44.19 60.73
N ASP C 394 -1.17 -44.93 61.54
CA ASP C 394 -0.72 -46.26 61.14
C ASP C 394 -1.52 -47.38 61.83
N ALA C 395 -2.71 -47.07 62.37
CA ALA C 395 -3.55 -48.10 62.95
C ALA C 395 -3.81 -49.20 61.93
N SER C 396 -3.77 -50.44 62.39
CA SER C 396 -3.83 -51.58 61.49
C SER C 396 -5.10 -51.55 60.64
N ILE C 397 -6.24 -51.23 61.25
CA ILE C 397 -7.52 -51.29 60.53
C ILE C 397 -7.63 -50.18 59.49
N ALA C 398 -6.90 -49.07 59.66
CA ALA C 398 -6.92 -48.00 58.68
C ALA C 398 -6.11 -48.33 57.44
N HIS C 399 -5.24 -49.34 57.52
CA HIS C 399 -4.47 -49.80 56.37
C HIS C 399 -5.03 -51.09 55.78
N THR C 400 -6.30 -51.38 56.04
CA THR C 400 -7.05 -52.36 55.26
C THR C 400 -7.96 -51.60 54.31
N GLU C 401 -8.17 -52.16 53.11
CA GLU C 401 -9.14 -51.59 52.17
C GLU C 401 -10.45 -52.32 52.36
N THR C 402 -11.26 -51.82 53.29
CA THR C 402 -12.61 -52.34 53.51
C THR C 402 -13.57 -51.58 52.61
N PHE C 403 -14.20 -52.29 51.69
CA PHE C 403 -15.06 -51.66 50.69
C PHE C 403 -16.43 -51.36 51.28
N ALA C 404 -16.44 -50.39 52.19
CA ALA C 404 -17.66 -50.03 52.92
C ALA C 404 -17.48 -48.61 53.45
N PRO C 405 -18.58 -47.94 53.86
CA PRO C 405 -18.46 -46.51 54.17
C PRO C 405 -17.97 -46.22 55.60
N ILE C 406 -16.66 -46.34 55.78
CA ILE C 406 -16.00 -46.03 57.05
C ILE C 406 -14.88 -45.04 56.79
N LEU C 407 -14.99 -43.86 57.38
CA LEU C 407 -14.00 -42.79 57.22
C LEU C 407 -13.16 -42.69 58.48
N TYR C 408 -11.86 -42.96 58.37
CA TYR C 408 -10.94 -42.86 59.49
C TYR C 408 -10.33 -41.46 59.52
N VAL C 409 -10.46 -40.79 60.67
CA VAL C 409 -10.12 -39.37 60.81
C VAL C 409 -8.90 -39.24 61.71
N PHE C 410 -7.88 -38.52 61.22
CA PHE C 410 -6.61 -38.35 61.91
C PHE C 410 -6.27 -36.89 62.04
N LYS C 411 -5.48 -36.58 63.07
CA LYS C 411 -4.89 -35.26 63.24
C LYS C 411 -3.49 -35.22 62.65
N PHE C 412 -3.05 -34.01 62.31
CA PHE C 412 -1.66 -33.79 61.92
C PHE C 412 -1.29 -32.36 62.28
N LYS C 413 0.01 -32.09 62.23
CA LYS C 413 0.51 -30.76 62.53
C LYS C 413 1.25 -30.14 61.35
N ASN C 414 2.19 -30.86 60.74
CA ASN C 414 3.04 -30.25 59.74
C ASN C 414 2.82 -30.89 58.37
N GLU C 415 3.19 -30.11 57.35
CA GLU C 415 3.03 -30.53 55.97
C GLU C 415 3.86 -31.77 55.65
N GLU C 416 5.14 -31.78 56.05
CA GLU C 416 6.03 -32.86 55.65
C GLU C 416 5.55 -34.21 56.19
N GLU C 417 5.10 -34.25 57.45
CA GLU C 417 4.66 -35.52 58.01
C GLU C 417 3.37 -36.02 57.35
N VAL C 418 2.43 -35.11 57.08
CA VAL C 418 1.14 -35.59 56.55
C VAL C 418 1.26 -35.96 55.07
N PHE C 419 2.17 -35.33 54.33
CA PHE C 419 2.45 -35.79 52.98
C PHE C 419 2.99 -37.22 53.02
N ALA C 420 3.92 -37.48 53.96
CA ALA C 420 4.44 -38.83 54.12
C ALA C 420 3.34 -39.79 54.55
N TRP C 421 2.40 -39.31 55.37
CA TRP C 421 1.32 -40.21 55.79
C TRP C 421 0.40 -40.53 54.62
N ASN C 422 0.19 -39.58 53.72
CA ASN C 422 -0.51 -39.90 52.48
C ASN C 422 0.15 -41.05 51.74
N ASN C 423 1.49 -41.01 51.65
CA ASN C 423 2.27 -41.90 50.81
C ASN C 423 2.59 -43.24 51.46
N GLU C 424 2.35 -43.39 52.77
CA GLU C 424 2.85 -44.55 53.48
C GLU C 424 2.06 -45.82 53.18
N VAL C 425 0.90 -45.73 52.53
CA VAL C 425 0.08 -46.92 52.30
C VAL C 425 0.62 -47.69 51.09
N LYS C 426 0.12 -48.91 50.89
CA LYS C 426 0.58 -49.70 49.75
C LYS C 426 -0.05 -49.26 48.45
N GLN C 427 -1.28 -48.77 48.49
CA GLN C 427 -2.02 -48.37 47.29
C GLN C 427 -1.56 -46.97 46.86
N GLY C 428 -1.92 -46.58 45.64
CA GLY C 428 -1.52 -45.27 45.15
C GLY C 428 -2.43 -44.64 44.12
N LEU C 429 -3.73 -44.56 44.42
CA LEU C 429 -4.70 -44.17 43.42
C LEU C 429 -5.00 -42.68 43.47
N SER C 430 -5.79 -42.24 44.46
CA SER C 430 -6.25 -40.88 44.54
C SER C 430 -5.84 -40.25 45.87
N SER C 431 -5.81 -38.92 45.88
CA SER C 431 -5.31 -38.12 46.99
C SER C 431 -5.81 -36.71 46.78
N SER C 432 -5.93 -35.94 47.87
CA SER C 432 -6.52 -34.61 47.77
C SER C 432 -6.10 -33.75 48.96
N ILE C 433 -5.72 -32.50 48.70
CA ILE C 433 -5.50 -31.55 49.78
C ILE C 433 -6.42 -30.36 49.61
N PHE C 434 -6.82 -29.79 50.75
CA PHE C 434 -7.61 -28.57 50.82
C PHE C 434 -6.75 -27.52 51.51
N THR C 435 -6.46 -26.44 50.78
CA THR C 435 -5.58 -25.39 51.26
C THR C 435 -5.64 -24.22 50.29
N LYS C 436 -5.18 -23.06 50.74
CA LYS C 436 -5.05 -21.91 49.87
C LYS C 436 -3.60 -21.57 49.58
N ASP C 437 -2.66 -22.28 50.18
CA ASP C 437 -1.25 -21.90 50.12
C ASP C 437 -0.66 -22.29 48.77
N LEU C 438 -0.26 -21.28 47.98
CA LEU C 438 0.36 -21.52 46.68
C LEU C 438 1.55 -22.46 46.78
N GLY C 439 2.49 -22.16 47.68
CA GLY C 439 3.69 -22.98 47.79
C GLY C 439 3.38 -24.42 48.12
N ARG C 440 2.44 -24.65 49.05
CA ARG C 440 2.06 -26.00 49.43
C ARG C 440 1.40 -26.75 48.27
N ILE C 441 0.61 -26.05 47.45
CA ILE C 441 -0.07 -26.71 46.33
C ILE C 441 0.95 -27.22 45.32
N PHE C 442 1.97 -26.40 45.01
CA PHE C 442 2.91 -26.85 44.01
C PHE C 442 3.91 -27.87 44.55
N ARG C 443 4.14 -27.92 45.87
CA ARG C 443 4.92 -29.01 46.44
C ARG C 443 4.16 -30.31 46.38
N TRP C 444 2.87 -30.27 46.73
CA TRP C 444 2.00 -31.43 46.63
C TRP C 444 1.99 -32.04 45.23
N LEU C 445 2.01 -31.21 44.18
CA LEU C 445 2.05 -31.69 42.79
C LEU C 445 3.45 -32.08 42.33
N GLY C 446 4.48 -31.83 43.12
CA GLY C 446 5.85 -32.04 42.69
C GLY C 446 6.45 -33.34 43.19
N PRO C 447 7.78 -33.44 43.11
CA PRO C 447 8.44 -34.73 43.32
C PRO C 447 8.48 -35.17 44.76
N LYS C 448 8.25 -34.27 45.73
CA LYS C 448 8.16 -34.62 47.14
C LYS C 448 6.74 -34.54 47.66
N GLY C 449 5.74 -34.56 46.77
CA GLY C 449 4.35 -34.46 47.12
C GLY C 449 3.65 -35.80 47.08
N SER C 450 2.38 -35.79 46.70
CA SER C 450 1.63 -37.03 46.61
C SER C 450 2.27 -37.99 45.61
N ASP C 451 2.29 -39.29 45.94
CA ASP C 451 2.82 -40.32 45.07
C ASP C 451 1.73 -41.05 44.27
N CYS C 452 0.53 -40.47 44.20
CA CYS C 452 -0.63 -41.14 43.64
C CYS C 452 -0.81 -40.80 42.15
N GLY C 453 -1.71 -41.53 41.49
CA GLY C 453 -2.00 -41.25 40.10
C GLY C 453 -2.95 -40.09 39.90
N ILE C 454 -3.79 -39.82 40.89
CA ILE C 454 -4.70 -38.68 40.90
C ILE C 454 -4.29 -37.80 42.08
N VAL C 455 -3.98 -36.53 41.80
CA VAL C 455 -3.44 -35.61 42.81
C VAL C 455 -4.25 -34.33 42.72
N ASN C 456 -5.17 -34.13 43.66
CA ASN C 456 -6.22 -33.12 43.56
C ASN C 456 -6.01 -32.02 44.60
N VAL C 457 -6.50 -30.83 44.28
CA VAL C 457 -6.45 -29.66 45.16
C VAL C 457 -7.87 -29.07 45.28
N ASN C 458 -8.39 -29.02 46.51
CA ASN C 458 -9.68 -28.41 46.84
C ASN C 458 -10.85 -29.10 46.13
N ILE C 459 -10.65 -30.34 45.72
CA ILE C 459 -11.73 -31.26 45.35
C ILE C 459 -11.42 -32.62 45.93
N PRO C 460 -12.45 -33.41 46.19
CA PRO C 460 -12.22 -34.72 46.80
C PRO C 460 -11.55 -35.73 45.88
N THR C 461 -11.41 -36.96 46.38
CA THR C 461 -10.63 -38.02 45.76
C THR C 461 -11.33 -38.70 44.58
N SER C 462 -12.65 -38.57 44.47
CA SER C 462 -13.37 -39.33 43.45
C SER C 462 -13.89 -38.42 42.35
N GLY C 463 -14.63 -39.01 41.41
CA GLY C 463 -15.26 -38.29 40.32
C GLY C 463 -14.30 -37.56 39.39
N ALA C 464 -13.40 -38.28 38.73
CA ALA C 464 -12.50 -37.68 37.76
C ALA C 464 -13.16 -37.62 36.39
N GLU C 465 -12.70 -36.70 35.55
CA GLU C 465 -13.27 -36.52 34.23
C GLU C 465 -12.45 -37.25 33.17
N ILE C 466 -13.08 -37.51 32.02
CA ILE C 466 -12.51 -38.47 31.08
C ILE C 466 -11.34 -37.93 30.26
N GLY C 467 -11.13 -36.61 30.26
CA GLY C 467 -10.06 -36.03 29.45
C GLY C 467 -8.66 -36.43 29.88
N GLY C 468 -8.46 -36.77 31.14
CA GLY C 468 -7.16 -37.19 31.63
C GLY C 468 -7.06 -38.70 31.73
N ALA C 469 -5.82 -39.20 31.81
CA ALA C 469 -5.59 -40.61 32.07
C ALA C 469 -5.96 -40.97 33.51
N PHE C 470 -6.68 -42.07 33.70
CA PHE C 470 -7.17 -42.48 35.01
C PHE C 470 -6.51 -43.77 35.46
N GLY C 471 -5.93 -43.76 36.65
CA GLY C 471 -5.28 -44.92 37.23
C GLY C 471 -4.32 -44.45 38.29
N GLY C 472 -3.68 -45.43 38.95
CA GLY C 472 -2.85 -45.16 40.10
C GLY C 472 -1.51 -45.88 40.03
N GLU C 473 -0.71 -45.68 41.08
CA GLU C 473 0.63 -46.22 41.20
C GLU C 473 0.70 -47.23 42.34
N LYS C 474 1.89 -47.79 42.52
CA LYS C 474 2.19 -48.68 43.65
C LYS C 474 1.31 -49.91 43.53
N HIS C 475 0.62 -50.33 44.59
CA HIS C 475 -0.21 -51.53 44.50
C HIS C 475 -1.52 -51.27 43.77
N THR C 476 -1.78 -50.04 43.32
CA THR C 476 -2.91 -49.85 42.42
C THR C 476 -2.63 -50.39 41.03
N GLY C 477 -1.37 -50.70 40.68
CA GLY C 477 -1.06 -51.55 39.53
C GLY C 477 -0.51 -50.84 38.30
N GLY C 478 -0.73 -49.53 38.15
CA GLY C 478 0.00 -48.73 37.18
C GLY C 478 -0.69 -48.52 35.85
N GLY C 479 -1.80 -49.19 35.60
CA GLY C 479 -2.51 -48.95 34.36
C GLY C 479 -3.20 -47.60 34.33
N ARG C 480 -3.50 -47.16 33.11
CA ARG C 480 -4.27 -45.94 32.87
C ARG C 480 -5.39 -46.23 31.87
N GLU C 481 -6.53 -45.59 32.10
CA GLU C 481 -7.67 -45.64 31.20
C GLU C 481 -8.06 -44.24 30.75
N SER C 482 -8.79 -44.18 29.63
CA SER C 482 -9.50 -42.99 29.17
C SER C 482 -8.62 -41.99 28.43
N GLY C 483 -8.26 -40.88 29.08
CA GLY C 483 -7.77 -39.70 28.38
C GLY C 483 -6.27 -39.64 28.24
N SER C 484 -5.77 -38.44 27.94
CA SER C 484 -4.39 -38.19 27.55
C SER C 484 -3.93 -39.21 26.51
N ASP C 485 -2.71 -39.74 26.61
CA ASP C 485 -2.23 -40.77 25.67
C ASP C 485 -2.38 -42.19 26.22
N ALA C 486 -3.38 -42.43 27.06
CA ALA C 486 -3.68 -43.78 27.52
C ALA C 486 -3.98 -44.73 26.35
N TRP C 487 -4.39 -44.19 25.20
CA TRP C 487 -4.65 -45.06 24.04
C TRP C 487 -3.41 -45.87 23.65
N LYS C 488 -2.20 -45.39 23.97
CA LYS C 488 -0.99 -46.10 23.59
C LYS C 488 -0.88 -47.49 24.25
N GLN C 489 -1.53 -47.71 25.39
CA GLN C 489 -1.47 -49.05 25.98
C GLN C 489 -2.20 -50.08 25.14
N TYR C 490 -3.10 -49.66 24.26
CA TYR C 490 -3.88 -50.58 23.43
C TYR C 490 -3.28 -50.77 22.05
N MET C 491 -2.07 -50.27 21.81
CA MET C 491 -1.45 -50.36 20.51
C MET C 491 0.02 -50.72 20.69
N ARG C 492 0.64 -51.21 19.63
CA ARG C 492 2.07 -51.51 19.69
C ARG C 492 2.83 -50.49 18.87
N ARG C 493 3.92 -49.98 19.45
CA ARG C 493 4.78 -49.00 18.81
C ARG C 493 5.82 -49.70 17.95
N SER C 494 6.08 -49.15 16.77
CA SER C 494 7.22 -49.57 15.99
C SER C 494 7.98 -48.34 15.52
N THR C 495 9.30 -48.46 15.51
CA THR C 495 10.20 -47.42 15.05
C THR C 495 10.71 -47.85 13.68
N CYS C 496 10.42 -47.06 12.65
CA CYS C 496 10.49 -47.53 11.28
C CYS C 496 11.41 -46.63 10.46
N THR C 497 12.45 -47.22 9.87
CA THR C 497 13.38 -46.46 9.05
C THR C 497 13.28 -46.95 7.61
N ILE C 498 13.07 -46.02 6.69
CA ILE C 498 12.86 -46.33 5.28
C ILE C 498 13.98 -45.69 4.48
N ASN C 499 14.80 -46.52 3.85
CA ASN C 499 15.85 -46.07 2.95
C ASN C 499 15.25 -45.97 1.55
N TYR C 500 15.06 -44.74 1.06
CA TYR C 500 14.59 -44.53 -0.30
C TYR C 500 15.72 -44.17 -1.26
N SER C 501 16.98 -44.37 -0.85
CA SER C 501 18.14 -44.06 -1.67
C SER C 501 18.84 -45.34 -2.11
N LYS C 502 19.96 -45.17 -2.82
CA LYS C 502 20.80 -46.28 -3.24
C LYS C 502 22.08 -46.40 -2.41
N ASP C 503 22.15 -45.72 -1.27
CA ASP C 503 23.33 -45.76 -0.42
C ASP C 503 23.01 -46.42 0.91
N LEU C 504 24.06 -46.74 1.67
CA LEU C 504 23.92 -47.43 2.96
C LEU C 504 24.77 -46.74 4.03
N PRO C 505 24.40 -45.54 4.44
CA PRO C 505 25.08 -44.91 5.58
C PRO C 505 24.62 -45.57 6.88
N LEU C 506 25.58 -45.91 7.74
CA LEU C 506 25.27 -46.56 9.01
C LEU C 506 25.13 -45.52 10.12
N ALA C 507 24.29 -45.83 11.11
CA ALA C 507 24.10 -44.96 12.26
C ALA C 507 25.43 -44.76 12.99
N GLN C 508 25.54 -43.60 13.64
CA GLN C 508 26.76 -43.14 14.31
C GLN C 508 27.96 -43.06 13.39
N GLY C 509 27.76 -43.14 12.08
CA GLY C 509 28.85 -42.98 11.13
C GLY C 509 29.84 -44.12 11.11
N ILE C 510 29.43 -45.31 11.54
CA ILE C 510 30.29 -46.49 11.52
C ILE C 510 30.59 -46.87 10.07
N LYS C 511 31.87 -46.88 9.72
CA LYS C 511 32.30 -47.36 8.41
C LYS C 511 32.69 -48.83 8.53
N PHE C 512 31.99 -49.70 7.80
CA PHE C 512 32.26 -51.13 7.86
C PHE C 512 33.13 -51.60 6.69
N THR D 5 51.49 -60.97 34.50
CA THR D 5 51.06 -61.35 33.16
C THR D 5 49.79 -60.62 32.75
N LEU D 6 49.43 -59.57 33.49
CA LEU D 6 48.24 -58.79 33.15
C LEU D 6 48.54 -57.83 32.01
N LEU D 7 47.59 -57.68 31.09
CA LEU D 7 47.80 -56.78 29.96
C LEU D 7 48.05 -55.35 30.42
N ILE D 8 47.36 -54.91 31.48
CA ILE D 8 47.50 -53.54 31.94
C ILE D 8 48.91 -53.23 32.42
N ASN D 9 49.70 -54.25 32.75
CA ASN D 9 51.10 -54.03 33.13
C ASN D 9 52.08 -54.16 31.97
N GLN D 10 51.58 -54.30 30.72
CA GLN D 10 52.49 -54.29 29.59
C GLN D 10 52.58 -52.90 28.98
N PRO D 11 53.74 -52.53 28.41
CA PRO D 11 53.89 -51.17 27.89
C PRO D 11 52.89 -50.82 26.79
N GLN D 12 52.58 -51.75 25.89
CA GLN D 12 51.70 -51.39 24.77
C GLN D 12 50.25 -51.20 25.19
N TYR D 13 49.87 -51.55 26.41
CA TYR D 13 48.51 -51.29 26.90
C TYR D 13 48.48 -50.18 27.94
N ALA D 14 49.52 -49.34 27.99
CA ALA D 14 49.59 -48.26 28.98
C ALA D 14 48.48 -47.24 28.82
N TRP D 15 47.88 -47.14 27.63
CA TRP D 15 46.73 -46.27 27.42
C TRP D 15 45.58 -46.60 28.34
N LEU D 16 45.49 -47.83 28.85
CA LEU D 16 44.45 -48.15 29.83
C LEU D 16 44.50 -47.21 31.03
N LYS D 17 45.69 -46.74 31.40
CA LYS D 17 45.80 -45.88 32.56
C LYS D 17 45.20 -44.49 32.31
N GLU D 18 44.99 -44.12 31.04
CA GLU D 18 44.28 -42.86 30.76
C GLU D 18 42.82 -42.92 31.19
N LEU D 19 42.25 -44.11 31.37
CA LEU D 19 40.91 -44.26 31.91
C LEU D 19 40.91 -44.42 33.43
N GLY D 20 42.04 -44.16 34.09
CA GLY D 20 42.14 -44.32 35.52
C GLY D 20 42.16 -45.74 36.00
N LEU D 21 42.38 -46.70 35.11
CA LEU D 21 42.42 -48.11 35.48
C LEU D 21 43.80 -48.51 35.97
N ARG D 22 43.83 -49.49 36.87
CA ARG D 22 45.08 -50.04 37.36
C ARG D 22 44.92 -51.56 37.48
N GLU D 23 45.88 -52.19 38.16
CA GLU D 23 45.95 -53.65 38.20
C GLU D 23 44.72 -54.26 38.88
N GLU D 24 44.31 -53.71 40.01
CA GLU D 24 43.12 -54.16 40.72
C GLU D 24 42.26 -52.94 41.00
N ASN D 25 41.00 -52.97 40.56
CA ASN D 25 40.14 -51.80 40.52
C ASN D 25 38.95 -51.98 41.44
N GLU D 26 38.58 -50.90 42.11
CA GLU D 26 37.36 -50.88 42.93
C GLU D 26 36.13 -50.91 42.05
N GLY D 27 35.26 -51.90 42.28
CA GLY D 27 34.06 -52.08 41.49
C GLY D 27 32.78 -51.54 42.09
N VAL D 28 32.85 -50.83 43.22
CA VAL D 28 31.68 -50.20 43.84
C VAL D 28 31.95 -48.70 43.91
N TYR D 29 31.00 -47.92 43.41
CA TYR D 29 31.05 -46.47 43.56
C TYR D 29 29.72 -45.97 44.08
N ASN D 30 29.75 -45.21 45.17
CA ASN D 30 28.55 -44.57 45.68
C ASN D 30 28.85 -43.17 46.22
N GLY D 31 29.82 -42.49 45.61
CA GLY D 31 30.44 -41.32 46.20
C GLY D 31 31.84 -41.64 46.70
N SER D 32 32.02 -42.86 47.20
CA SER D 32 33.34 -43.40 47.49
C SER D 32 33.51 -44.67 46.68
N TRP D 33 34.77 -45.05 46.48
CA TRP D 33 35.10 -46.27 45.75
C TRP D 33 35.37 -47.40 46.74
N GLY D 34 34.89 -48.59 46.41
CA GLY D 34 35.05 -49.72 47.29
C GLY D 34 34.77 -51.03 46.59
N GLY D 35 34.45 -52.04 47.40
CA GLY D 35 34.19 -53.37 46.91
C GLY D 35 34.80 -54.42 47.82
N ARG D 36 33.94 -55.11 48.58
CA ARG D 36 34.39 -56.15 49.50
C ARG D 36 33.96 -57.54 49.06
N GLY D 37 33.41 -57.67 47.85
CA GLY D 37 33.01 -58.95 47.32
C GLY D 37 34.17 -59.67 46.65
N GLU D 38 33.81 -60.65 45.81
CA GLU D 38 34.83 -61.45 45.14
C GLU D 38 35.55 -60.63 44.09
N VAL D 39 36.86 -60.84 43.97
CA VAL D 39 37.65 -60.20 42.93
C VAL D 39 37.53 -61.03 41.66
N ILE D 40 37.14 -60.39 40.57
CA ILE D 40 37.05 -61.03 39.26
C ILE D 40 38.18 -60.50 38.37
N THR D 41 38.73 -61.39 37.56
CA THR D 41 39.68 -61.02 36.51
C THR D 41 38.94 -61.13 35.18
N THR D 42 39.01 -60.09 34.35
CA THR D 42 38.46 -60.16 33.01
C THR D 42 39.58 -60.35 32.00
N TYR D 43 39.23 -60.98 30.88
CA TYR D 43 40.18 -61.45 29.87
C TYR D 43 39.83 -60.88 28.52
N CYS D 44 40.88 -60.62 27.72
CA CYS D 44 40.71 -60.17 26.36
C CYS D 44 40.31 -61.35 25.48
N PRO D 45 39.15 -61.33 24.83
CA PRO D 45 38.74 -62.49 24.03
C PRO D 45 39.59 -62.69 22.77
N ALA D 46 40.46 -61.75 22.42
CA ALA D 46 41.26 -61.90 21.21
C ALA D 46 42.48 -62.77 21.43
N ASN D 47 42.96 -62.86 22.65
CA ASN D 47 44.11 -63.70 22.96
C ASN D 47 43.95 -64.47 24.26
N ASN D 48 42.80 -64.35 24.93
CA ASN D 48 42.54 -65.02 26.21
C ASN D 48 43.57 -64.64 27.27
N GLU D 49 44.14 -63.47 27.16
CA GLU D 49 45.04 -63.07 28.23
C GLU D 49 44.32 -62.16 29.21
N PRO D 50 44.68 -62.24 30.49
CA PRO D 50 44.00 -61.41 31.50
C PRO D 50 44.37 -59.95 31.36
N ILE D 51 43.37 -59.08 31.55
CA ILE D 51 43.61 -57.66 31.42
C ILE D 51 43.90 -57.03 32.78
N ALA D 52 42.95 -57.13 33.71
CA ALA D 52 43.05 -56.56 35.05
C ALA D 52 41.96 -57.18 35.92
N ARG D 53 41.88 -56.73 37.16
CA ARG D 53 40.92 -57.28 38.12
C ARG D 53 40.01 -56.19 38.68
N VAL D 54 38.82 -56.61 39.11
CA VAL D 54 37.80 -55.73 39.67
C VAL D 54 37.28 -56.36 40.96
N ARG D 55 37.23 -55.56 42.01
CA ARG D 55 36.68 -55.98 43.29
C ARG D 55 35.17 -55.76 43.25
N GLN D 56 34.41 -56.83 43.36
CA GLN D 56 32.97 -56.72 43.17
C GLN D 56 32.26 -56.39 44.47
N ALA D 57 30.96 -56.18 44.38
CA ALA D 57 30.18 -55.72 45.53
C ALA D 57 29.79 -56.88 46.43
N SER D 58 29.93 -56.68 47.73
CA SER D 58 29.30 -57.58 48.69
C SER D 58 27.86 -57.13 48.94
N VAL D 59 27.13 -57.95 49.70
CA VAL D 59 25.78 -57.54 50.11
C VAL D 59 25.83 -56.26 50.90
N ALA D 60 26.79 -56.13 51.83
CA ALA D 60 26.91 -54.89 52.57
C ALA D 60 27.19 -53.73 51.63
N ASP D 61 28.01 -53.94 50.59
CA ASP D 61 28.25 -52.90 49.60
C ASP D 61 26.94 -52.50 48.93
N TYR D 62 26.15 -53.49 48.53
CA TYR D 62 24.90 -53.19 47.85
C TYR D 62 23.93 -52.44 48.77
N GLU D 63 23.84 -52.89 50.02
CA GLU D 63 22.95 -52.26 50.99
C GLU D 63 23.33 -50.79 51.19
N GLU D 64 24.62 -50.52 51.42
CA GLU D 64 25.07 -49.15 51.67
C GLU D 64 24.88 -48.26 50.46
N THR D 65 25.05 -48.81 49.25
CA THR D 65 24.96 -48.04 48.02
C THR D 65 23.51 -47.66 47.70
N VAL D 66 22.57 -48.61 47.82
CA VAL D 66 21.17 -48.26 47.64
C VAL D 66 20.77 -47.16 48.61
N LYS D 67 21.19 -47.26 49.87
CA LYS D 67 20.82 -46.26 50.84
C LYS D 67 21.38 -44.89 50.46
N LYS D 68 22.66 -44.83 50.04
CA LYS D 68 23.26 -43.56 49.64
C LYS D 68 22.61 -42.99 48.39
N ALA D 69 22.31 -43.84 47.40
CA ALA D 69 21.64 -43.36 46.19
C ALA D 69 20.30 -42.71 46.49
N ARG D 70 19.53 -43.32 47.39
CA ARG D 70 18.22 -42.78 47.71
C ARG D 70 18.32 -41.50 48.54
N GLU D 71 19.37 -41.39 49.38
CA GLU D 71 19.60 -40.12 50.07
C GLU D 71 20.02 -39.03 49.09
N ALA D 72 20.88 -39.37 48.11
CA ALA D 72 21.25 -38.39 47.10
C ALA D 72 20.05 -37.94 46.28
N TRP D 73 19.08 -38.83 46.06
CA TRP D 73 17.89 -38.46 45.28
C TRP D 73 17.19 -37.24 45.87
N LYS D 74 17.13 -37.14 47.20
CA LYS D 74 16.54 -35.97 47.86
C LYS D 74 17.15 -34.67 47.35
N ILE D 75 18.44 -34.67 47.08
CA ILE D 75 19.08 -33.47 46.51
C ILE D 75 18.80 -33.38 45.03
N TRP D 76 18.95 -34.50 44.32
CA TRP D 76 18.93 -34.49 42.87
C TRP D 76 17.55 -34.14 42.34
N ALA D 77 16.51 -34.66 42.97
CA ALA D 77 15.15 -34.38 42.50
C ALA D 77 14.75 -32.93 42.72
N ASP D 78 15.47 -32.19 43.57
CA ASP D 78 15.19 -30.78 43.80
C ASP D 78 15.89 -29.87 42.80
N ILE D 79 16.76 -30.42 41.97
CA ILE D 79 17.47 -29.64 40.97
C ILE D 79 16.58 -29.53 39.73
N PRO D 80 16.30 -28.32 39.24
CA PRO D 80 15.48 -28.17 38.03
C PRO D 80 15.99 -29.01 36.87
N ALA D 81 15.05 -29.65 36.14
CA ALA D 81 15.43 -30.50 35.02
C ALA D 81 16.42 -29.86 34.07
N PRO D 82 16.27 -28.61 33.63
CA PRO D 82 17.30 -28.04 32.75
C PRO D 82 18.67 -28.03 33.39
N LYS D 83 18.73 -27.91 34.72
CA LYS D 83 20.04 -27.90 35.39
C LYS D 83 20.60 -29.30 35.47
N ARG D 84 19.72 -30.30 35.65
CA ARG D 84 20.13 -31.69 35.46
C ARG D 84 20.63 -31.92 34.03
N GLY D 85 19.93 -31.36 33.03
CA GLY D 85 20.41 -31.45 31.65
C GLY D 85 21.81 -30.89 31.45
N GLU D 86 22.15 -29.83 32.19
CA GLU D 86 23.51 -29.29 32.11
C GLU D 86 24.54 -30.30 32.61
N ILE D 87 24.19 -31.09 33.62
CA ILE D 87 25.10 -32.14 34.07
C ILE D 87 25.28 -33.17 32.96
N VAL D 88 24.19 -33.62 32.35
CA VAL D 88 24.27 -34.62 31.28
C VAL D 88 25.09 -34.07 30.10
N ARG D 89 24.97 -32.78 29.82
CA ARG D 89 25.80 -32.19 28.77
C ARG D 89 27.28 -32.37 29.07
N GLN D 90 27.68 -32.15 30.33
CA GLN D 90 29.07 -32.28 30.73
C GLN D 90 29.53 -33.74 30.71
N ILE D 91 28.63 -34.68 30.98
CA ILE D 91 28.94 -36.09 30.78
C ILE D 91 29.21 -36.36 29.30
N GLY D 92 28.36 -35.82 28.41
CA GLY D 92 28.64 -35.91 26.99
C GLY D 92 30.01 -35.37 26.61
N ASP D 93 30.42 -34.23 27.20
CA ASP D 93 31.74 -33.69 26.87
C ASP D 93 32.86 -34.56 27.42
N ALA D 94 32.70 -35.12 28.63
CA ALA D 94 33.75 -35.96 29.18
C ALA D 94 33.89 -37.25 28.39
N LEU D 95 32.78 -37.73 27.79
CA LEU D 95 32.83 -38.88 26.89
C LEU D 95 33.52 -38.53 25.59
N ARG D 96 33.26 -37.35 25.02
CA ARG D 96 33.93 -36.98 23.77
C ARG D 96 35.45 -36.91 23.96
N GLU D 97 35.89 -36.49 25.14
CA GLU D 97 37.33 -36.34 25.36
C GLU D 97 38.03 -37.68 25.43
N LYS D 98 37.30 -38.74 25.78
CA LYS D 98 37.90 -40.07 25.96
C LYS D 98 37.40 -41.08 24.93
N ILE D 99 36.80 -40.63 23.83
CA ILE D 99 36.08 -41.56 22.97
C ILE D 99 37.02 -42.60 22.36
N GLN D 100 38.24 -42.18 21.99
CA GLN D 100 39.18 -43.12 21.38
C GLN D 100 39.64 -44.18 22.38
N VAL D 101 40.08 -43.74 23.56
CA VAL D 101 40.60 -44.70 24.52
C VAL D 101 39.49 -45.56 25.10
N LEU D 102 38.26 -45.03 25.22
CA LEU D 102 37.17 -45.85 25.73
C LEU D 102 36.71 -46.88 24.71
N GLY D 103 36.59 -46.45 23.45
CA GLY D 103 36.36 -47.41 22.39
C GLY D 103 37.38 -48.53 22.38
N SER D 104 38.65 -48.19 22.62
CA SER D 104 39.71 -49.20 22.65
C SER D 104 39.49 -50.22 23.77
N LEU D 105 39.10 -49.74 24.95
CA LEU D 105 38.80 -50.66 26.05
C LEU D 105 37.65 -51.58 25.67
N VAL D 106 36.62 -51.04 25.00
CA VAL D 106 35.52 -51.87 24.55
C VAL D 106 36.03 -52.97 23.61
N SER D 107 36.95 -52.61 22.71
CA SER D 107 37.53 -53.61 21.82
C SER D 107 38.33 -54.65 22.59
N LEU D 108 39.10 -54.21 23.59
CA LEU D 108 39.99 -55.13 24.30
C LEU D 108 39.20 -56.09 25.18
N GLU D 109 38.24 -55.58 25.95
CA GLU D 109 37.55 -56.39 26.95
C GLU D 109 36.30 -57.06 26.40
N MET D 110 35.57 -56.39 25.52
CA MET D 110 34.38 -57.02 24.94
C MET D 110 34.74 -57.76 23.65
N GLY D 111 35.46 -57.12 22.74
CA GLY D 111 36.00 -57.78 21.56
C GLY D 111 35.47 -57.32 20.21
N LYS D 112 34.56 -56.35 20.17
CA LYS D 112 34.11 -55.81 18.88
C LYS D 112 35.19 -54.91 18.28
N ILE D 113 35.15 -54.76 16.96
CA ILE D 113 36.17 -53.97 16.26
C ILE D 113 36.09 -52.51 16.71
N LEU D 114 37.18 -51.76 16.42
CA LEU D 114 37.32 -50.43 17.01
C LEU D 114 36.30 -49.43 16.49
N VAL D 115 35.88 -49.54 15.23
CA VAL D 115 34.88 -48.58 14.76
C VAL D 115 33.58 -48.78 15.51
N GLU D 116 33.20 -50.04 15.79
CA GLU D 116 31.99 -50.27 16.55
C GLU D 116 32.18 -49.87 18.01
N GLY D 117 33.37 -50.10 18.57
CA GLY D 117 33.65 -49.63 19.91
C GLY D 117 33.52 -48.12 20.03
N VAL D 118 34.20 -47.39 19.15
CA VAL D 118 34.07 -45.94 19.10
C VAL D 118 32.63 -45.55 18.82
N GLY D 119 31.98 -46.27 17.91
CA GLY D 119 30.60 -45.95 17.55
C GLY D 119 29.64 -46.15 18.69
N GLU D 120 29.88 -47.15 19.54
CA GLU D 120 29.05 -47.33 20.72
C GLU D 120 29.17 -46.15 21.67
N VAL D 121 30.39 -45.65 21.90
CA VAL D 121 30.56 -44.45 22.71
C VAL D 121 29.85 -43.27 22.06
N GLN D 122 29.91 -43.18 20.73
CA GLN D 122 29.21 -42.11 20.03
C GLN D 122 27.70 -42.15 20.30
N GLU D 123 27.12 -43.36 20.38
CA GLU D 123 25.70 -43.48 20.75
C GLU D 123 25.40 -42.75 22.05
N TYR D 124 26.24 -43.00 23.07
CA TYR D 124 26.06 -42.35 24.36
C TYR D 124 26.23 -40.84 24.26
N VAL D 125 27.25 -40.38 23.53
CA VAL D 125 27.40 -38.96 23.29
C VAL D 125 26.14 -38.39 22.66
N ASP D 126 25.64 -39.06 21.60
CA ASP D 126 24.44 -38.60 20.91
C ASP D 126 23.27 -38.47 21.87
N ILE D 127 23.06 -39.48 22.72
CA ILE D 127 21.86 -39.44 23.56
C ILE D 127 22.02 -38.39 24.65
N CYS D 128 23.24 -38.10 25.10
CA CYS D 128 23.44 -36.97 25.99
C CYS D 128 22.96 -35.68 25.35
N ASP D 129 23.40 -35.41 24.12
CA ASP D 129 22.94 -34.26 23.35
C ASP D 129 21.42 -34.18 23.31
N TYR D 130 20.78 -35.31 22.96
CA TYR D 130 19.31 -35.36 22.89
C TYR D 130 18.69 -35.05 24.24
N ALA D 131 19.20 -35.68 25.31
CA ALA D 131 18.61 -35.50 26.62
C ALA D 131 18.74 -34.07 27.12
N VAL D 132 19.82 -33.38 26.76
CA VAL D 132 19.97 -32.00 27.16
C VAL D 132 18.79 -31.17 26.66
N GLY D 133 18.39 -31.41 25.41
CA GLY D 133 17.19 -30.75 24.91
C GLY D 133 15.93 -31.20 25.63
N LEU D 134 15.77 -32.52 25.81
CA LEU D 134 14.62 -33.06 26.54
C LEU D 134 14.47 -32.45 27.92
N SER D 135 15.57 -32.06 28.55
CA SER D 135 15.51 -31.51 29.90
C SER D 135 14.76 -30.18 29.95
N ARG D 136 14.54 -29.56 28.79
CA ARG D 136 13.75 -28.34 28.71
C ARG D 136 12.32 -28.61 28.27
N MET D 137 11.96 -29.87 28.08
CA MET D 137 10.74 -30.22 27.37
C MET D 137 9.82 -31.19 28.11
N ILE D 138 10.39 -32.04 28.98
CA ILE D 138 9.58 -33.11 29.56
C ILE D 138 8.46 -32.52 30.40
N GLY D 139 7.30 -33.16 30.32
CA GLY D 139 6.13 -32.70 31.05
C GLY D 139 4.88 -33.19 30.35
N GLY D 140 3.75 -32.68 30.81
CA GLY D 140 2.47 -33.11 30.27
C GLY D 140 1.57 -31.95 29.92
N PRO D 141 0.44 -32.27 29.31
CA PRO D 141 -0.47 -31.21 28.85
C PRO D 141 -1.24 -30.57 29.99
N ILE D 142 -1.52 -29.28 29.82
CA ILE D 142 -2.64 -28.64 30.52
C ILE D 142 -3.87 -28.89 29.68
N LEU D 143 -4.90 -29.48 30.27
CA LEU D 143 -6.10 -29.91 29.55
C LEU D 143 -7.31 -29.08 29.99
N PRO D 144 -8.32 -28.94 29.13
CA PRO D 144 -9.49 -28.15 29.53
C PRO D 144 -10.42 -28.97 30.40
N SER D 145 -10.58 -28.55 31.65
CA SER D 145 -11.55 -29.20 32.52
C SER D 145 -12.97 -28.92 32.06
N GLU D 146 -13.86 -29.91 32.23
CA GLU D 146 -15.28 -29.68 32.00
C GLU D 146 -15.94 -28.89 33.13
N ARG D 147 -15.20 -28.58 34.19
CA ARG D 147 -15.74 -27.88 35.36
C ARG D 147 -15.24 -26.44 35.35
N SER D 148 -16.16 -25.50 35.49
CA SER D 148 -15.78 -24.09 35.65
C SER D 148 -14.93 -23.91 36.90
N GLY D 149 -13.95 -23.02 36.82
CA GLY D 149 -13.10 -22.70 37.97
C GLY D 149 -12.11 -23.79 38.33
N HIS D 150 -11.88 -24.75 37.44
CA HIS D 150 -10.96 -25.84 37.70
C HIS D 150 -9.91 -25.89 36.62
N ALA D 151 -8.69 -26.22 37.04
CA ALA D 151 -7.61 -26.56 36.14
C ALA D 151 -7.39 -28.07 36.16
N LEU D 152 -6.95 -28.59 35.02
CA LEU D 152 -6.68 -30.01 34.86
C LEU D 152 -5.33 -30.13 34.19
N ILE D 153 -4.36 -30.75 34.86
CA ILE D 153 -3.00 -30.80 34.34
C ILE D 153 -2.46 -32.21 34.52
N GLU D 154 -1.56 -32.59 33.61
CA GLU D 154 -0.82 -33.83 33.71
C GLU D 154 0.60 -33.51 34.14
N GLN D 155 0.99 -34.01 35.31
CA GLN D 155 2.34 -33.81 35.83
C GLN D 155 3.13 -35.10 35.66
N TRP D 156 4.45 -34.95 35.55
CA TRP D 156 5.38 -36.07 35.53
C TRP D 156 6.47 -35.82 36.55
N ASN D 157 6.79 -36.83 37.36
CA ASN D 157 7.81 -36.74 38.40
C ASN D 157 8.67 -38.00 38.39
N PRO D 158 9.92 -37.90 38.86
CA PRO D 158 10.79 -39.08 38.85
C PRO D 158 10.23 -40.21 39.70
N VAL D 159 10.56 -41.44 39.32
CA VAL D 159 10.20 -42.60 40.15
C VAL D 159 11.12 -42.78 41.35
N GLY D 160 12.35 -42.26 41.31
CA GLY D 160 13.26 -42.46 42.42
C GLY D 160 14.59 -43.09 42.01
N LEU D 161 14.84 -44.33 42.43
CA LEU D 161 16.05 -45.06 42.04
C LEU D 161 15.74 -45.93 40.82
N VAL D 162 16.53 -45.76 39.76
CA VAL D 162 16.45 -46.59 38.55
C VAL D 162 17.63 -47.54 38.58
N GLY D 163 17.36 -48.84 38.77
CA GLY D 163 18.39 -49.84 38.64
C GLY D 163 18.56 -50.20 37.16
N ILE D 164 19.82 -50.36 36.75
CA ILE D 164 20.13 -50.61 35.34
C ILE D 164 21.06 -51.81 35.25
N ILE D 165 20.58 -52.91 34.66
CA ILE D 165 21.37 -54.10 34.42
C ILE D 165 21.60 -54.22 32.92
N THR D 166 22.86 -54.39 32.53
CA THR D 166 23.25 -54.40 31.11
C THR D 166 24.02 -55.68 30.80
N ALA D 167 24.24 -55.91 29.52
CA ALA D 167 24.82 -57.16 29.03
C ALA D 167 26.20 -56.91 28.44
N PHE D 168 26.84 -58.00 28.04
CA PHE D 168 28.23 -57.93 27.60
C PHE D 168 28.36 -57.28 26.24
N ASN D 169 27.34 -57.41 25.38
CA ASN D 169 27.56 -57.09 23.97
C ASN D 169 27.48 -55.61 23.67
N PHE D 170 26.78 -54.83 24.49
CA PHE D 170 26.80 -53.37 24.38
C PHE D 170 27.07 -52.82 25.78
N PRO D 171 28.34 -52.83 26.20
CA PRO D 171 28.67 -52.51 27.59
C PRO D 171 28.71 -51.03 27.92
N VAL D 172 28.59 -50.13 26.94
CA VAL D 172 28.53 -48.70 27.18
C VAL D 172 27.16 -48.11 26.84
N ALA D 173 26.64 -48.40 25.64
CA ALA D 173 25.57 -47.55 25.11
C ALA D 173 24.22 -47.83 25.75
N VAL D 174 23.95 -49.07 26.16
CA VAL D 174 22.69 -49.37 26.82
C VAL D 174 22.62 -48.70 28.18
N TYR D 175 23.71 -48.77 28.94
CA TYR D 175 23.75 -48.01 30.19
C TYR D 175 23.59 -46.52 29.90
N GLY D 176 24.32 -46.00 28.91
CA GLY D 176 24.26 -44.57 28.60
C GLY D 176 22.86 -44.10 28.25
N ALA D 177 22.15 -44.86 27.41
CA ALA D 177 20.79 -44.47 27.04
C ALA D 177 19.88 -44.43 28.26
N ASN D 178 19.99 -45.43 29.14
CA ASN D 178 19.19 -45.41 30.36
C ASN D 178 19.62 -44.27 31.26
N ASN D 179 20.94 -44.03 31.32
CA ASN D 179 21.50 -43.06 32.27
C ASN D 179 21.06 -41.65 31.92
N ALA D 180 21.37 -41.18 30.70
CA ALA D 180 21.05 -39.81 30.31
C ALA D 180 19.58 -39.50 30.49
N ILE D 181 18.70 -40.42 30.09
CA ILE D 181 17.25 -40.21 30.21
C ILE D 181 16.80 -40.24 31.66
N ALA D 182 17.23 -41.27 32.42
CA ALA D 182 16.81 -41.31 33.82
C ALA D 182 17.29 -40.08 34.58
N MET D 183 18.45 -39.54 34.20
CA MET D 183 19.04 -38.41 34.92
C MET D 183 18.26 -37.13 34.68
N ILE D 184 17.96 -36.81 33.42
CA ILE D 184 17.24 -35.56 33.20
C ILE D 184 15.83 -35.64 33.74
N CYS D 185 15.30 -36.86 33.89
CA CYS D 185 13.98 -37.06 34.50
C CYS D 185 13.99 -36.98 36.02
N GLY D 186 15.13 -36.75 36.65
CA GLY D 186 15.17 -36.56 38.09
C GLY D 186 15.43 -37.82 38.91
N ASN D 187 15.90 -38.89 38.29
CA ASN D 187 16.17 -40.13 39.00
C ASN D 187 17.66 -40.27 39.30
N VAL D 188 17.97 -41.04 40.33
CA VAL D 188 19.31 -41.53 40.59
C VAL D 188 19.41 -42.94 40.00
N CYS D 189 20.63 -43.39 39.74
CA CYS D 189 20.84 -44.66 39.05
C CYS D 189 21.74 -45.57 39.85
N LEU D 190 21.52 -46.88 39.70
CA LEU D 190 22.40 -47.92 40.22
C LEU D 190 22.70 -48.91 39.09
N TRP D 191 23.97 -49.05 38.74
CA TRP D 191 24.39 -49.83 37.58
C TRP D 191 25.00 -51.17 38.02
N LYS D 192 24.54 -52.26 37.42
CA LYS D 192 25.24 -53.55 37.48
C LYS D 192 25.44 -54.01 36.06
N GLY D 193 26.70 -54.05 35.60
CA GLY D 193 27.01 -54.47 34.26
C GLY D 193 27.32 -55.95 34.19
N ALA D 194 27.66 -56.39 32.98
CA ALA D 194 28.05 -57.78 32.78
C ALA D 194 29.39 -58.01 33.47
N PRO D 195 29.54 -59.09 34.25
CA PRO D 195 30.81 -59.29 34.96
C PRO D 195 31.99 -59.39 34.01
N THR D 196 31.78 -59.88 32.79
CA THR D 196 32.87 -59.97 31.83
C THR D 196 33.20 -58.65 31.15
N THR D 197 32.45 -57.57 31.42
CA THR D 197 32.85 -56.23 30.99
C THR D 197 32.96 -55.28 32.18
N SER D 198 33.53 -55.79 33.29
CA SER D 198 33.62 -55.01 34.52
C SER D 198 34.51 -53.77 34.35
N LEU D 199 35.61 -53.91 33.62
CA LEU D 199 36.52 -52.76 33.47
C LEU D 199 35.85 -51.63 32.70
N ILE D 200 35.01 -51.97 31.73
CA ILE D 200 34.29 -50.95 30.99
C ILE D 200 33.30 -50.23 31.90
N SER D 201 32.62 -50.98 32.77
CA SER D 201 31.70 -50.36 33.72
C SER D 201 32.46 -49.43 34.67
N VAL D 202 33.62 -49.87 35.15
CA VAL D 202 34.40 -49.04 36.06
C VAL D 202 34.87 -47.78 35.34
N ALA D 203 35.38 -47.93 34.11
CA ALA D 203 35.92 -46.78 33.38
C ALA D 203 34.82 -45.77 33.05
N VAL D 204 33.64 -46.25 32.67
CA VAL D 204 32.52 -45.34 32.46
C VAL D 204 32.13 -44.65 33.76
N THR D 205 32.09 -45.40 34.85
CA THR D 205 31.69 -44.82 36.13
C THR D 205 32.70 -43.78 36.61
N LYS D 206 33.98 -43.97 36.31
CA LYS D 206 34.98 -42.96 36.67
C LYS D 206 34.76 -41.65 35.94
N ILE D 207 34.44 -41.71 34.65
CA ILE D 207 34.18 -40.49 33.88
C ILE D 207 32.97 -39.75 34.43
N ILE D 208 31.89 -40.47 34.74
CA ILE D 208 30.72 -39.79 35.27
C ILE D 208 30.98 -39.24 36.66
N ALA D 209 31.70 -40.02 37.51
CA ALA D 209 31.95 -39.60 38.88
C ALA D 209 32.69 -38.26 38.91
N LYS D 210 33.66 -38.07 38.01
CA LYS D 210 34.41 -36.81 38.02
C LYS D 210 33.49 -35.64 37.72
N VAL D 211 32.56 -35.80 36.78
CA VAL D 211 31.64 -34.73 36.45
C VAL D 211 30.75 -34.40 37.64
N LEU D 212 30.19 -35.42 38.30
CA LEU D 212 29.36 -35.17 39.47
C LEU D 212 30.15 -34.44 40.55
N GLU D 213 31.33 -34.97 40.91
CA GLU D 213 32.14 -34.34 41.96
C GLU D 213 32.60 -32.95 41.57
N ASP D 214 32.91 -32.74 40.28
CA ASP D 214 33.30 -31.41 39.82
C ASP D 214 32.16 -30.42 39.97
N ASN D 215 30.92 -30.88 39.84
CA ASN D 215 29.75 -30.03 40.03
C ASN D 215 29.24 -30.06 41.47
N LYS D 216 30.03 -30.61 42.40
CA LYS D 216 29.69 -30.66 43.82
C LYS D 216 28.40 -31.43 44.09
N LEU D 217 28.11 -32.42 43.27
CA LEU D 217 26.92 -33.25 43.49
C LEU D 217 27.31 -34.55 44.17
N PRO D 218 26.41 -35.19 44.91
CA PRO D 218 26.75 -36.47 45.52
C PRO D 218 26.93 -37.52 44.43
N GLY D 219 28.06 -38.25 44.50
CA GLY D 219 28.37 -39.20 43.44
C GLY D 219 27.39 -40.35 43.33
N ALA D 220 26.65 -40.66 44.40
CA ALA D 220 25.70 -41.75 44.36
C ALA D 220 24.55 -41.51 43.39
N ILE D 221 24.42 -40.30 42.84
CA ILE D 221 23.44 -40.07 41.78
C ILE D 221 23.64 -41.08 40.65
N CYS D 222 24.88 -41.48 40.38
CA CYS D 222 25.17 -42.56 39.42
C CYS D 222 26.05 -43.60 40.11
N SER D 223 25.41 -44.53 40.81
CA SER D 223 26.11 -45.53 41.60
C SER D 223 26.42 -46.76 40.75
N LEU D 224 27.47 -47.48 41.14
CA LEU D 224 27.90 -48.71 40.49
C LEU D 224 28.11 -49.80 41.54
N THR D 225 27.53 -50.98 41.29
CA THR D 225 27.82 -52.19 42.08
C THR D 225 28.06 -53.33 41.09
N CYS D 226 29.31 -53.56 40.71
CA CYS D 226 29.64 -54.70 39.86
C CYS D 226 29.32 -56.00 40.60
N GLY D 227 28.70 -56.94 39.89
CA GLY D 227 28.44 -58.23 40.48
C GLY D 227 27.79 -59.15 39.49
N GLY D 228 27.52 -60.37 39.94
CA GLY D 228 26.90 -61.40 39.14
C GLY D 228 25.40 -61.49 39.40
N ALA D 229 24.88 -62.71 39.32
CA ALA D 229 23.44 -62.92 39.43
C ALA D 229 22.92 -62.58 40.82
N ASP D 230 23.76 -62.66 41.85
CA ASP D 230 23.29 -62.38 43.19
C ASP D 230 22.88 -60.91 43.37
N ILE D 231 23.66 -59.99 42.80
CA ILE D 231 23.32 -58.56 42.84
C ILE D 231 22.11 -58.26 41.96
N GLY D 232 22.05 -58.88 40.77
CA GLY D 232 20.91 -58.64 39.90
C GLY D 232 19.60 -59.19 40.46
N THR D 233 19.65 -60.35 41.11
CA THR D 233 18.46 -60.87 41.78
C THR D 233 18.06 -59.96 42.93
N ALA D 234 19.04 -59.50 43.72
CA ALA D 234 18.74 -58.55 44.78
C ALA D 234 18.04 -57.30 44.25
N MET D 235 18.54 -56.77 43.12
CA MET D 235 17.90 -55.60 42.52
C MET D 235 16.46 -55.88 42.12
N ALA D 236 16.19 -57.07 41.56
CA ALA D 236 14.85 -57.40 41.08
C ALA D 236 13.85 -57.55 42.22
N LYS D 237 14.31 -57.93 43.41
CA LYS D 237 13.44 -58.11 44.57
C LYS D 237 13.35 -56.87 45.46
N ASP D 238 14.14 -55.84 45.18
CA ASP D 238 14.34 -54.73 46.10
C ASP D 238 13.28 -53.65 45.87
N GLU D 239 12.37 -53.48 46.83
CA GLU D 239 11.34 -52.45 46.71
C GLU D 239 11.92 -51.04 46.65
N ARG D 240 13.19 -50.86 47.02
CA ARG D 240 13.83 -49.55 46.91
C ARG D 240 14.25 -49.22 45.50
N VAL D 241 14.26 -50.22 44.61
CA VAL D 241 14.58 -50.00 43.21
C VAL D 241 13.24 -49.74 42.51
N ASN D 242 12.96 -48.47 42.22
CA ASN D 242 11.63 -48.08 41.77
C ASN D 242 11.38 -48.53 40.33
N LEU D 243 12.40 -48.48 39.48
CA LEU D 243 12.32 -49.03 38.14
C LEU D 243 13.56 -49.89 37.94
N LEU D 244 13.38 -51.09 37.41
CA LEU D 244 14.51 -51.93 37.04
C LEU D 244 14.53 -52.04 35.52
N SER D 245 15.58 -51.49 34.90
CA SER D 245 15.81 -51.62 33.47
C SER D 245 16.79 -52.77 33.25
N PHE D 246 16.33 -53.82 32.58
CA PHE D 246 17.14 -55.02 32.45
C PHE D 246 17.33 -55.34 30.98
N THR D 247 18.60 -55.42 30.56
CA THR D 247 18.98 -55.87 29.22
C THR D 247 19.74 -57.19 29.37
N GLY D 248 19.27 -58.21 28.67
CA GLY D 248 19.90 -59.51 28.79
C GLY D 248 19.06 -60.58 28.11
N SER D 249 19.24 -61.81 28.57
CA SER D 249 18.60 -62.95 27.94
C SER D 249 17.12 -62.99 28.29
N THR D 250 16.35 -63.53 27.35
CA THR D 250 14.93 -63.74 27.55
C THR D 250 14.66 -64.58 28.80
N GLN D 251 15.47 -65.62 29.01
CA GLN D 251 15.25 -66.52 30.15
C GLN D 251 15.39 -65.77 31.47
N VAL D 252 16.52 -65.09 31.66
CA VAL D 252 16.70 -64.33 32.89
C VAL D 252 15.70 -63.18 32.96
N GLY D 253 15.49 -62.49 31.83
CA GLY D 253 14.57 -61.37 31.82
C GLY D 253 13.15 -61.72 32.22
N LYS D 254 12.71 -62.95 31.91
CA LYS D 254 11.36 -63.36 32.29
C LYS D 254 11.23 -63.46 33.81
N GLN D 255 12.25 -64.02 34.47
CA GLN D 255 12.26 -64.09 35.93
C GLN D 255 12.38 -62.71 36.57
N VAL D 256 13.22 -61.83 36.00
CA VAL D 256 13.31 -60.47 36.49
C VAL D 256 11.94 -59.80 36.42
N GLY D 257 11.24 -59.96 35.29
CA GLY D 257 9.93 -59.35 35.14
C GLY D 257 8.94 -59.82 36.19
N LEU D 258 8.97 -61.12 36.50
CA LEU D 258 8.08 -61.68 37.52
C LEU D 258 8.42 -61.14 38.90
N MET D 259 9.70 -61.16 39.27
CA MET D 259 10.10 -60.67 40.59
C MET D 259 9.67 -59.21 40.79
N VAL D 260 9.85 -58.38 39.77
CA VAL D 260 9.43 -56.99 39.87
C VAL D 260 7.90 -56.88 39.96
N GLN D 261 7.17 -57.73 39.22
CA GLN D 261 5.71 -57.69 39.31
C GLN D 261 5.22 -58.17 40.66
N GLU D 262 5.91 -59.17 41.23
CA GLU D 262 5.55 -59.67 42.55
C GLU D 262 5.51 -58.57 43.60
N ARG D 263 6.43 -57.59 43.50
CA ARG D 263 6.49 -56.48 44.44
C ARG D 263 5.84 -55.20 43.90
N PHE D 264 5.11 -55.28 42.79
CA PHE D 264 4.44 -54.12 42.20
C PHE D 264 5.42 -52.99 41.88
N GLY D 265 6.62 -53.37 41.42
CA GLY D 265 7.58 -52.41 40.92
C GLY D 265 7.36 -52.16 39.43
N ARG D 266 8.28 -51.42 38.84
CA ARG D 266 8.24 -51.14 37.42
C ARG D 266 9.46 -51.77 36.74
N SER D 267 9.26 -52.37 35.58
CA SER D 267 10.38 -52.98 34.90
C SER D 267 10.43 -52.50 33.46
N LEU D 268 11.65 -52.42 32.93
CA LEU D 268 11.88 -52.10 31.52
C LEU D 268 12.71 -53.25 30.96
N LEU D 269 12.12 -54.08 30.10
CA LEU D 269 12.74 -55.32 29.66
C LEU D 269 13.16 -55.19 28.21
N GLU D 270 14.45 -55.42 27.96
CA GLU D 270 15.07 -55.36 26.63
C GLU D 270 15.77 -56.71 26.43
N LEU D 271 15.07 -57.67 25.83
CA LEU D 271 15.54 -59.05 25.79
C LEU D 271 15.93 -59.45 24.37
N GLY D 272 15.87 -60.75 24.09
CA GLY D 272 16.46 -61.29 22.88
C GLY D 272 15.71 -60.96 21.60
N GLY D 273 16.40 -61.22 20.48
CA GLY D 273 15.83 -61.06 19.16
C GLY D 273 16.18 -62.26 18.30
N ASN D 274 15.34 -62.48 17.29
CA ASN D 274 15.55 -63.53 16.28
C ASN D 274 15.15 -62.90 14.95
N ASN D 275 15.96 -61.93 14.53
CA ASN D 275 15.54 -60.94 13.55
C ASN D 275 15.71 -61.43 12.11
N ALA D 276 14.69 -61.17 11.29
CA ALA D 276 14.70 -61.60 9.92
C ALA D 276 14.94 -60.43 8.97
N ILE D 277 15.65 -60.74 7.87
CA ILE D 277 15.71 -59.89 6.69
C ILE D 277 14.95 -60.61 5.57
N ILE D 278 14.12 -59.86 4.83
CA ILE D 278 13.30 -60.43 3.75
C ILE D 278 13.63 -59.70 2.45
N ALA D 279 14.07 -60.44 1.44
CA ALA D 279 14.42 -59.88 0.14
C ALA D 279 13.39 -60.32 -0.89
N PHE D 280 12.63 -59.38 -1.42
CA PHE D 280 11.62 -59.66 -2.43
C PHE D 280 12.24 -59.68 -3.83
N GLU D 281 11.47 -60.19 -4.79
CA GLU D 281 12.04 -60.38 -6.12
C GLU D 281 12.48 -59.07 -6.74
N ASP D 282 11.85 -57.96 -6.36
CA ASP D 282 12.15 -56.67 -6.96
C ASP D 282 13.21 -55.89 -6.21
N ALA D 283 13.96 -56.54 -5.32
CA ALA D 283 14.90 -55.81 -4.46
C ALA D 283 16.18 -55.46 -5.19
N ASP D 284 16.75 -54.31 -4.82
CA ASP D 284 18.09 -53.94 -5.26
C ASP D 284 19.09 -54.87 -4.58
N LEU D 285 19.67 -55.81 -5.33
CA LEU D 285 20.60 -56.76 -4.75
C LEU D 285 21.89 -56.10 -4.30
N SER D 286 22.30 -55.02 -4.97
CA SER D 286 23.46 -54.26 -4.49
C SER D 286 23.22 -53.68 -3.11
N LEU D 287 21.96 -53.58 -2.68
CA LEU D 287 21.61 -53.22 -1.32
C LEU D 287 21.52 -54.44 -0.41
N VAL D 288 20.93 -55.52 -0.92
CA VAL D 288 20.66 -56.69 -0.08
C VAL D 288 21.97 -57.29 0.45
N VAL D 289 22.92 -57.54 -0.45
CA VAL D 289 24.11 -58.32 -0.08
C VAL D 289 24.95 -57.62 0.98
N PRO D 290 25.37 -56.36 0.81
CA PRO D 290 26.12 -55.71 1.89
C PRO D 290 25.30 -55.53 3.17
N SER D 291 24.01 -55.21 3.03
CA SER D 291 23.18 -55.04 4.23
C SER D 291 23.11 -56.33 5.03
N ALA D 292 22.91 -57.46 4.34
CA ALA D 292 22.83 -58.75 5.03
C ALA D 292 24.16 -59.09 5.69
N LEU D 293 25.27 -58.82 5.01
CA LEU D 293 26.59 -59.09 5.57
C LEU D 293 26.80 -58.32 6.88
N PHE D 294 26.54 -57.01 6.87
CA PHE D 294 26.75 -56.22 8.08
C PHE D 294 25.88 -56.72 9.22
N ALA D 295 24.58 -56.91 8.96
CA ALA D 295 23.67 -57.28 10.03
C ALA D 295 23.99 -58.65 10.61
N ALA D 296 24.53 -59.57 9.80
CA ALA D 296 24.76 -60.93 10.24
C ALA D 296 26.12 -61.11 10.91
N VAL D 297 27.17 -60.46 10.40
CA VAL D 297 28.52 -60.69 10.92
C VAL D 297 29.06 -59.50 11.70
N GLY D 298 28.42 -58.34 11.62
CA GLY D 298 28.83 -57.23 12.48
C GLY D 298 28.75 -57.63 13.94
N THR D 299 29.78 -57.23 14.71
CA THR D 299 29.92 -57.59 16.12
C THR D 299 29.99 -59.11 16.29
N ALA D 300 30.49 -59.80 15.26
CA ALA D 300 30.58 -61.27 15.20
C ALA D 300 29.23 -61.93 15.50
N GLY D 301 28.14 -61.29 15.08
CA GLY D 301 26.82 -61.83 15.28
C GLY D 301 26.33 -61.82 16.71
N GLN D 302 26.86 -60.92 17.55
CA GLN D 302 26.52 -60.87 18.97
C GLN D 302 25.66 -59.66 19.33
N ARG D 303 24.97 -59.05 18.37
CA ARG D 303 24.00 -58.01 18.72
C ARG D 303 22.64 -58.64 18.97
N CYS D 304 21.84 -57.99 19.83
CA CYS D 304 20.46 -58.41 19.97
C CYS D 304 19.71 -58.23 18.66
N THR D 305 20.13 -57.24 17.85
CA THR D 305 19.53 -56.91 16.57
C THR D 305 20.21 -57.60 15.39
N THR D 306 21.10 -58.57 15.66
CA THR D 306 21.74 -59.32 14.59
C THR D 306 20.69 -60.04 13.76
N ALA D 307 20.88 -60.00 12.43
CA ALA D 307 20.03 -60.75 11.51
C ALA D 307 20.38 -62.23 11.60
N ARG D 308 19.44 -63.06 12.07
CA ARG D 308 19.66 -64.49 12.16
C ARG D 308 18.80 -65.30 11.19
N ARG D 309 17.82 -64.67 10.56
CA ARG D 309 17.00 -65.32 9.54
C ARG D 309 16.98 -64.47 8.29
N LEU D 310 17.21 -65.10 7.13
CA LEU D 310 17.28 -64.40 5.86
C LEU D 310 16.32 -65.07 4.88
N PHE D 311 15.23 -64.40 4.57
CA PHE D 311 14.24 -64.91 3.62
C PHE D 311 14.48 -64.27 2.26
N ILE D 312 14.65 -65.11 1.24
CA ILE D 312 14.95 -64.66 -0.10
C ILE D 312 13.91 -65.28 -1.03
N HIS D 313 13.31 -64.45 -1.88
CA HIS D 313 12.35 -64.96 -2.85
C HIS D 313 12.98 -66.07 -3.69
N GLU D 314 12.13 -67.03 -4.09
CA GLU D 314 12.60 -68.20 -4.84
C GLU D 314 13.44 -67.82 -6.05
N SER D 315 13.04 -66.78 -6.77
CA SER D 315 13.68 -66.43 -8.04
C SER D 315 15.12 -65.99 -7.84
N ILE D 316 15.42 -65.31 -6.73
CA ILE D 316 16.73 -64.72 -6.50
C ILE D 316 17.52 -65.43 -5.41
N HIS D 317 17.00 -66.53 -4.86
CA HIS D 317 17.62 -67.14 -3.70
C HIS D 317 19.04 -67.59 -3.97
N ASP D 318 19.26 -68.32 -5.06
CA ASP D 318 20.60 -68.83 -5.33
C ASP D 318 21.58 -67.70 -5.62
N GLU D 319 21.15 -66.69 -6.38
CA GLU D 319 22.04 -65.58 -6.71
C GLU D 319 22.45 -64.82 -5.45
N VAL D 320 21.52 -64.57 -4.53
CA VAL D 320 21.88 -63.86 -3.31
C VAL D 320 22.79 -64.71 -2.44
N VAL D 321 22.53 -66.02 -2.36
CA VAL D 321 23.32 -66.91 -1.51
C VAL D 321 24.76 -66.96 -2.02
N ASN D 322 24.95 -66.98 -3.34
CA ASN D 322 26.29 -67.05 -3.90
C ASN D 322 27.04 -65.74 -3.70
N ARG D 323 26.38 -64.62 -3.93
CA ARG D 323 27.01 -63.31 -3.71
C ARG D 323 27.35 -63.12 -2.24
N LEU D 324 26.51 -63.61 -1.34
CA LEU D 324 26.81 -63.49 0.09
C LEU D 324 28.00 -64.36 0.47
N LYS D 325 28.05 -65.59 -0.06
CA LYS D 325 29.22 -66.44 0.16
C LYS D 325 30.50 -65.75 -0.29
N LYS D 326 30.49 -65.17 -1.50
CA LYS D 326 31.67 -64.44 -1.97
C LYS D 326 31.97 -63.26 -1.08
N ALA D 327 30.94 -62.64 -0.50
CA ALA D 327 31.15 -61.49 0.37
C ALA D 327 31.71 -61.92 1.72
N TYR D 328 31.24 -63.06 2.25
CA TYR D 328 31.78 -63.57 3.51
C TYR D 328 33.27 -63.85 3.39
N ALA D 329 33.69 -64.41 2.25
CA ALA D 329 35.10 -64.77 2.06
C ALA D 329 36.02 -63.56 2.05
N GLN D 330 35.51 -62.35 1.79
CA GLN D 330 36.37 -61.18 1.72
C GLN D 330 36.48 -60.44 3.05
N ILE D 331 35.85 -60.97 4.11
CA ILE D 331 35.90 -60.34 5.42
C ILE D 331 37.31 -60.45 6.00
N ARG D 332 37.80 -59.35 6.56
CA ARG D 332 39.14 -59.29 7.15
C ARG D 332 39.04 -59.64 8.64
N VAL D 333 39.76 -60.69 9.05
CA VAL D 333 39.72 -61.18 10.42
C VAL D 333 41.02 -60.81 11.10
N GLY D 334 40.94 -60.51 12.40
CA GLY D 334 42.14 -60.26 13.17
C GLY D 334 41.82 -59.64 14.52
N ASN D 335 42.83 -59.04 15.11
CA ASN D 335 42.65 -58.34 16.38
C ASN D 335 41.71 -57.17 16.18
N PRO D 336 40.65 -57.04 16.99
CA PRO D 336 39.61 -56.04 16.70
C PRO D 336 40.09 -54.60 16.83
N TRP D 337 41.19 -54.35 17.52
CA TRP D 337 41.76 -53.01 17.56
C TRP D 337 42.66 -52.71 16.36
N ASP D 338 42.97 -53.71 15.56
CA ASP D 338 43.87 -53.49 14.43
C ASP D 338 43.13 -52.88 13.25
N PRO D 339 43.80 -52.03 12.47
CA PRO D 339 43.11 -51.28 11.42
C PRO D 339 42.51 -52.21 10.37
N ASN D 340 41.37 -51.81 9.85
CA ASN D 340 40.68 -52.49 8.76
C ASN D 340 40.22 -53.90 9.10
N VAL D 341 40.39 -54.32 10.36
CA VAL D 341 39.76 -55.58 10.77
C VAL D 341 38.25 -55.35 10.87
N LEU D 342 37.48 -56.27 10.29
CA LEU D 342 36.03 -56.20 10.32
C LEU D 342 35.37 -57.31 11.10
N TYR D 343 36.13 -58.32 11.54
CA TYR D 343 35.57 -59.47 12.23
C TYR D 343 36.53 -59.90 13.33
N GLY D 344 36.04 -59.90 14.57
CA GLY D 344 36.85 -60.31 15.70
C GLY D 344 36.34 -61.57 16.37
N PRO D 345 36.75 -61.79 17.61
CA PRO D 345 36.36 -63.03 18.31
C PRO D 345 34.98 -62.95 18.94
N LEU D 346 34.44 -64.13 19.23
CA LEU D 346 33.31 -64.22 20.14
C LEU D 346 33.76 -63.85 21.54
N HIS D 347 32.79 -63.48 22.39
CA HIS D 347 33.14 -62.84 23.66
C HIS D 347 33.68 -63.84 24.69
N THR D 348 33.21 -65.08 24.68
CA THR D 348 33.58 -66.09 25.67
C THR D 348 33.94 -67.40 24.98
N LYS D 349 34.69 -68.24 25.71
CA LYS D 349 34.92 -69.60 25.25
C LYS D 349 33.61 -70.39 25.21
N GLN D 350 32.72 -70.15 26.18
CA GLN D 350 31.42 -70.83 26.19
C GLN D 350 30.65 -70.55 24.91
N ALA D 351 30.76 -69.32 24.39
CA ALA D 351 30.07 -68.98 23.15
C ALA D 351 30.57 -69.81 21.98
N VAL D 352 31.84 -70.23 22.02
CA VAL D 352 32.38 -71.04 20.94
C VAL D 352 31.80 -72.45 20.99
N SER D 353 31.62 -72.99 22.19
CA SER D 353 30.95 -74.29 22.33
C SER D 353 29.52 -74.20 21.82
N MET D 354 28.80 -73.15 22.21
CA MET D 354 27.43 -72.94 21.73
C MET D 354 27.40 -72.84 20.20
N PHE D 355 28.38 -72.14 19.62
CA PHE D 355 28.49 -72.06 18.18
C PHE D 355 28.58 -73.45 17.55
N LEU D 356 29.46 -74.29 18.08
CA LEU D 356 29.65 -75.63 17.52
C LEU D 356 28.40 -76.49 17.70
N GLY D 357 27.78 -76.42 18.88
CA GLY D 357 26.57 -77.20 19.12
C GLY D 357 25.43 -76.81 18.19
N ALA D 358 25.27 -75.50 17.93
CA ALA D 358 24.22 -75.05 17.03
C ALA D 358 24.43 -75.55 15.61
N VAL D 359 25.69 -75.64 15.18
CA VAL D 359 25.97 -76.09 13.81
C VAL D 359 25.71 -77.58 13.68
N GLU D 360 26.15 -78.37 14.66
CA GLU D 360 25.85 -79.80 14.64
C GLU D 360 24.35 -80.03 14.62
N GLU D 361 23.61 -79.32 15.48
CA GLU D 361 22.17 -79.48 15.50
C GLU D 361 21.53 -79.01 14.19
N ALA D 362 22.16 -78.03 13.52
CA ALA D 362 21.67 -77.61 12.22
C ALA D 362 21.72 -78.76 11.21
N LYS D 363 22.87 -79.42 11.10
CA LYS D 363 22.97 -80.54 10.16
C LYS D 363 22.07 -81.69 10.57
N LYS D 364 21.94 -81.93 11.88
CA LYS D 364 21.01 -82.93 12.38
C LYS D 364 19.58 -82.64 11.92
N GLU D 365 19.16 -81.37 11.96
CA GLU D 365 17.82 -81.00 11.52
C GLU D 365 17.68 -80.94 10.01
N GLY D 366 18.73 -81.30 9.26
CA GLY D 366 18.66 -81.29 7.82
C GLY D 366 19.29 -80.11 7.12
N GLY D 367 20.08 -79.32 7.83
CA GLY D 367 20.67 -78.14 7.23
C GLY D 367 21.87 -78.44 6.37
N THR D 368 22.26 -77.45 5.58
CA THR D 368 23.44 -77.51 4.74
C THR D 368 24.30 -76.28 5.04
N VAL D 369 25.52 -76.52 5.52
CA VAL D 369 26.45 -75.43 5.82
C VAL D 369 27.15 -75.07 4.51
N VAL D 370 26.74 -73.96 3.89
CA VAL D 370 27.32 -73.55 2.62
C VAL D 370 28.55 -72.67 2.80
N TYR D 371 28.80 -72.18 4.01
CA TYR D 371 30.01 -71.42 4.29
C TYR D 371 30.27 -71.43 5.79
N GLY D 372 31.54 -71.60 6.16
CA GLY D 372 31.97 -71.53 7.56
C GLY D 372 31.69 -72.78 8.35
N GLY D 373 31.26 -72.62 9.60
CA GLY D 373 30.82 -73.72 10.42
C GLY D 373 31.88 -74.32 11.33
N LYS D 374 33.08 -73.75 11.37
CA LYS D 374 34.17 -74.31 12.17
C LYS D 374 34.85 -73.22 12.99
N VAL D 375 35.46 -73.64 14.10
CA VAL D 375 36.32 -72.75 14.86
C VAL D 375 37.56 -72.46 14.04
N MET D 376 38.07 -71.24 14.13
CA MET D 376 39.32 -70.93 13.45
C MET D 376 40.49 -71.38 14.30
N ASP D 377 41.59 -71.73 13.63
CA ASP D 377 42.78 -72.24 14.31
C ASP D 377 43.72 -71.06 14.58
N ARG D 378 43.42 -70.34 15.65
CA ARG D 378 44.18 -69.15 16.04
C ARG D 378 43.82 -68.81 17.48
N PRO D 379 44.68 -68.06 18.18
CA PRO D 379 44.37 -67.69 19.56
C PRO D 379 43.10 -66.84 19.63
N GLY D 380 42.45 -66.90 20.78
CA GLY D 380 41.19 -66.21 20.98
C GLY D 380 39.99 -67.08 20.66
N ASN D 381 38.83 -66.44 20.69
CA ASN D 381 37.54 -67.10 20.47
C ASN D 381 37.02 -66.79 19.07
N TYR D 382 37.82 -67.17 18.07
CA TYR D 382 37.47 -66.90 16.68
C TYR D 382 36.75 -68.10 16.08
N VAL D 383 35.58 -67.85 15.50
CA VAL D 383 34.83 -68.85 14.74
C VAL D 383 34.52 -68.26 13.37
N GLU D 384 34.37 -69.15 12.39
CA GLU D 384 33.99 -68.71 11.06
C GLU D 384 32.55 -68.22 11.07
N PRO D 385 32.25 -67.07 10.47
CA PRO D 385 30.86 -66.70 10.24
C PRO D 385 30.24 -67.71 9.29
N THR D 386 28.99 -68.09 9.56
CA THR D 386 28.43 -69.30 8.97
C THR D 386 27.09 -69.02 8.28
N ILE D 387 26.86 -69.70 7.15
CA ILE D 387 25.61 -69.62 6.41
C ILE D 387 25.04 -71.03 6.28
N VAL D 388 23.76 -71.19 6.61
CA VAL D 388 23.09 -72.48 6.55
C VAL D 388 21.85 -72.34 5.69
N THR D 389 21.74 -73.18 4.67
CA THR D 389 20.59 -73.24 3.77
C THR D 389 19.85 -74.56 3.97
N GLY D 390 18.63 -74.62 3.43
CA GLY D 390 17.91 -75.87 3.33
C GLY D 390 17.04 -76.24 4.52
N LEU D 391 17.08 -75.49 5.62
CA LEU D 391 16.14 -75.70 6.70
C LEU D 391 14.76 -75.19 6.33
N GLY D 392 13.73 -75.82 6.90
CA GLY D 392 12.42 -75.23 6.86
C GLY D 392 12.34 -74.04 7.79
N HIS D 393 11.42 -73.12 7.48
CA HIS D 393 11.33 -71.89 8.26
C HIS D 393 11.05 -72.15 9.73
N ASP D 394 10.49 -73.32 10.08
CA ASP D 394 10.09 -73.64 11.44
C ASP D 394 10.99 -74.68 12.10
N ALA D 395 12.18 -74.92 11.56
CA ALA D 395 13.13 -75.81 12.20
C ALA D 395 13.47 -75.31 13.60
N SER D 396 13.66 -76.25 14.53
CA SER D 396 13.88 -75.89 15.93
C SER D 396 15.08 -74.98 16.07
N ILE D 397 16.21 -75.34 15.44
CA ILE D 397 17.44 -74.58 15.60
C ILE D 397 17.25 -73.14 15.14
N ALA D 398 16.37 -72.93 14.17
CA ALA D 398 16.13 -71.59 13.65
C ALA D 398 15.23 -70.75 14.55
N HIS D 399 14.42 -71.39 15.40
CA HIS D 399 13.59 -70.66 16.34
C HIS D 399 14.30 -70.37 17.65
N THR D 400 15.47 -70.97 17.88
CA THR D 400 16.27 -70.71 19.06
C THR D 400 17.30 -69.63 18.78
N GLU D 401 17.44 -68.69 19.72
CA GLU D 401 18.41 -67.61 19.60
C GLU D 401 19.76 -68.09 20.11
N THR D 402 20.75 -68.16 19.20
CA THR D 402 22.12 -68.51 19.55
C THR D 402 23.00 -67.31 19.24
N PHE D 403 23.70 -66.81 20.27
CA PHE D 403 24.53 -65.61 20.12
C PHE D 403 25.83 -65.93 19.39
N ALA D 404 25.67 -66.44 18.17
CA ALA D 404 26.78 -66.85 17.34
C ALA D 404 26.49 -66.41 15.92
N PRO D 405 27.52 -66.17 15.12
CA PRO D 405 27.31 -65.69 13.75
C PRO D 405 26.88 -66.83 12.83
N ILE D 406 25.62 -67.22 12.95
CA ILE D 406 25.04 -68.27 12.12
C ILE D 406 23.79 -67.71 11.47
N LEU D 407 23.79 -67.63 10.14
CA LEU D 407 22.68 -67.08 9.38
C LEU D 407 21.91 -68.22 8.73
N TYR D 408 20.62 -68.30 9.02
CA TYR D 408 19.73 -69.32 8.48
C TYR D 408 18.98 -68.72 7.30
N VAL D 409 19.08 -69.35 6.13
CA VAL D 409 18.58 -68.82 4.87
C VAL D 409 17.39 -69.67 4.44
N PHE D 410 16.30 -69.01 4.05
CA PHE D 410 15.06 -69.66 3.69
C PHE D 410 14.56 -69.12 2.34
N LYS D 411 13.87 -69.98 1.59
CA LYS D 411 13.14 -69.54 0.41
C LYS D 411 11.72 -69.17 0.80
N PHE D 412 11.13 -68.23 0.06
CA PHE D 412 9.69 -68.02 0.09
C PHE D 412 9.19 -67.68 -1.30
N LYS D 413 7.87 -67.66 -1.44
CA LYS D 413 7.20 -67.27 -2.68
C LYS D 413 6.31 -66.06 -2.53
N ASN D 414 5.40 -66.02 -1.56
CA ASN D 414 4.42 -64.94 -1.52
C ASN D 414 4.55 -64.12 -0.24
N GLU D 415 4.06 -62.88 -0.36
CA GLU D 415 4.28 -61.87 0.67
C GLU D 415 3.60 -62.24 1.97
N GLU D 416 2.36 -62.76 1.89
CA GLU D 416 1.59 -63.05 3.11
CA GLU D 416 1.62 -63.02 3.11
C GLU D 416 2.24 -64.17 3.91
N GLU D 417 2.71 -65.23 3.24
CA GLU D 417 3.34 -66.30 4.00
C GLU D 417 4.64 -65.83 4.65
N VAL D 418 5.37 -64.92 4.01
CA VAL D 418 6.68 -64.58 4.55
C VAL D 418 6.56 -63.54 5.66
N PHE D 419 5.59 -62.63 5.57
CA PHE D 419 5.26 -61.78 6.73
C PHE D 419 4.91 -62.62 7.95
N ALA D 420 4.13 -63.69 7.72
CA ALA D 420 3.75 -64.58 8.81
C ALA D 420 4.96 -65.27 9.42
N TRP D 421 5.90 -65.70 8.56
CA TRP D 421 7.08 -66.39 9.07
C TRP D 421 7.97 -65.44 9.87
N ASN D 422 8.04 -64.17 9.47
CA ASN D 422 8.71 -63.15 10.30
C ASN D 422 8.12 -63.13 11.70
N ASN D 423 6.79 -63.15 11.79
CA ASN D 423 6.07 -62.98 13.03
C ASN D 423 5.93 -64.26 13.85
N GLU D 424 6.28 -65.43 13.28
CA GLU D 424 5.97 -66.70 13.93
C GLU D 424 6.86 -67.01 15.14
N VAL D 425 7.95 -66.27 15.35
CA VAL D 425 8.88 -66.56 16.45
C VAL D 425 8.40 -65.94 17.75
N LYS D 426 9.02 -66.32 18.86
CA LYS D 426 8.61 -65.77 20.14
C LYS D 426 9.15 -64.35 20.36
N GLN D 427 10.31 -64.02 19.78
CA GLN D 427 10.88 -62.68 19.89
C GLN D 427 10.18 -61.70 18.95
N GLY D 428 10.37 -60.42 19.23
CA GLY D 428 9.79 -59.37 18.39
C GLY D 428 10.60 -58.10 18.33
N LEU D 429 11.92 -58.22 18.09
CA LEU D 429 12.81 -57.09 18.22
C LEU D 429 12.91 -56.31 16.91
N SER D 430 13.69 -56.79 15.95
CA SER D 430 13.88 -56.08 14.70
C SER D 430 13.52 -56.96 13.50
N SER D 431 13.30 -56.28 12.36
CA SER D 431 12.81 -56.89 11.14
C SER D 431 13.14 -55.96 9.98
N SER D 432 13.29 -56.53 8.78
CA SER D 432 13.59 -55.69 7.64
C SER D 432 13.18 -56.37 6.33
N ILE D 433 12.66 -55.58 5.39
CA ILE D 433 12.37 -56.06 4.05
C ILE D 433 13.08 -55.21 3.02
N PHE D 434 13.45 -55.85 1.91
CA PHE D 434 14.06 -55.18 0.78
C PHE D 434 13.13 -55.35 -0.39
N THR D 435 12.68 -54.23 -0.95
CA THR D 435 11.66 -54.19 -1.98
C THR D 435 11.58 -52.75 -2.47
N LYS D 436 11.00 -52.59 -3.66
CA LYS D 436 10.66 -51.29 -4.20
C LYS D 436 9.17 -51.07 -4.27
N ASP D 437 8.36 -52.07 -3.92
CA ASP D 437 6.91 -52.01 -4.12
C ASP D 437 6.29 -51.09 -3.09
N LEU D 438 5.62 -50.02 -3.56
CA LEU D 438 5.12 -49.00 -2.66
C LEU D 438 4.02 -49.55 -1.75
N GLY D 439 3.13 -50.39 -2.30
CA GLY D 439 2.08 -50.98 -1.48
C GLY D 439 2.61 -51.98 -0.48
N ARG D 440 3.56 -52.82 -0.89
CA ARG D 440 4.13 -53.81 0.00
C ARG D 440 4.82 -53.16 1.19
N ILE D 441 5.48 -52.02 0.96
CA ILE D 441 6.13 -51.31 2.05
C ILE D 441 5.11 -50.86 3.09
N PHE D 442 4.03 -50.25 2.63
CA PHE D 442 3.06 -49.74 3.60
C PHE D 442 2.27 -50.86 4.27
N ARG D 443 2.11 -52.00 3.61
CA ARG D 443 1.50 -53.14 4.29
C ARG D 443 2.42 -53.70 5.38
N TRP D 444 3.74 -53.71 5.10
CA TRP D 444 4.72 -54.17 6.08
C TRP D 444 4.72 -53.28 7.32
N LEU D 445 4.45 -51.99 7.14
CA LEU D 445 4.40 -51.04 8.25
C LEU D 445 3.04 -51.02 8.94
N GLY D 446 2.07 -51.75 8.41
CA GLY D 446 0.70 -51.68 8.87
C GLY D 446 0.30 -52.79 9.81
N PRO D 447 -1.02 -52.92 10.04
CA PRO D 447 -1.48 -53.84 11.09
C PRO D 447 -1.32 -55.30 10.73
N LYS D 448 -1.18 -55.64 9.44
CA LYS D 448 -0.97 -57.02 9.01
C LYS D 448 0.47 -57.25 8.58
N GLY D 449 1.38 -56.36 8.96
CA GLY D 449 2.78 -56.46 8.59
C GLY D 449 3.63 -56.96 9.74
N SER D 450 4.83 -56.39 9.86
CA SER D 450 5.75 -56.82 10.90
C SER D 450 5.19 -56.52 12.29
N ASP D 451 5.36 -57.48 13.19
CA ASP D 451 4.93 -57.32 14.57
C ASP D 451 6.05 -56.86 15.50
N CYS D 452 7.19 -56.45 14.95
CA CYS D 452 8.37 -56.14 15.75
C CYS D 452 8.39 -54.68 16.20
N GLY D 453 9.24 -54.41 17.20
CA GLY D 453 9.45 -53.05 17.67
C GLY D 453 10.21 -52.18 16.69
N ILE D 454 11.01 -52.80 15.82
CA ILE D 454 11.80 -52.11 14.81
C ILE D 454 11.44 -52.72 13.47
N VAL D 455 10.94 -51.90 12.55
CA VAL D 455 10.38 -52.36 11.29
C VAL D 455 11.01 -51.52 10.18
N ASN D 456 11.99 -52.09 9.47
CA ASN D 456 12.81 -51.35 8.51
C ASN D 456 12.56 -51.74 7.06
N VAL D 457 12.96 -50.85 6.16
CA VAL D 457 12.81 -51.01 4.72
C VAL D 457 14.12 -50.62 4.05
N ASN D 458 14.73 -51.56 3.34
CA ASN D 458 15.95 -51.36 2.55
C ASN D 458 17.14 -50.95 3.41
N ILE D 459 17.12 -51.32 4.69
CA ILE D 459 18.30 -51.29 5.56
C ILE D 459 18.26 -52.52 6.45
N PRO D 460 19.43 -52.96 6.94
CA PRO D 460 19.44 -54.14 7.80
C PRO D 460 18.69 -53.96 9.11
N THR D 461 18.76 -55.00 9.94
CA THR D 461 18.01 -55.07 11.19
C THR D 461 18.70 -54.38 12.36
N SER D 462 19.96 -54.00 12.22
CA SER D 462 20.74 -53.47 13.34
C SER D 462 21.14 -52.02 13.08
N GLY D 463 21.72 -51.41 14.10
CA GLY D 463 22.26 -50.06 14.01
C GLY D 463 21.24 -48.94 14.03
N ALA D 464 20.43 -48.87 15.08
CA ALA D 464 19.40 -47.84 15.17
C ALA D 464 20.01 -46.49 15.49
N GLU D 465 19.30 -45.42 15.11
CA GLU D 465 19.67 -44.08 15.57
C GLU D 465 18.85 -43.72 16.81
N ILE D 466 19.34 -42.71 17.54
CA ILE D 466 18.84 -42.47 18.90
C ILE D 466 17.56 -41.66 18.94
N GLY D 467 17.14 -41.05 17.82
CA GLY D 467 15.95 -40.22 17.83
C GLY D 467 14.67 -40.96 18.15
N GLY D 468 14.62 -42.26 17.85
CA GLY D 468 13.41 -43.05 18.05
C GLY D 468 13.52 -43.92 19.29
N ALA D 469 12.39 -44.48 19.70
CA ALA D 469 12.38 -45.42 20.81
C ALA D 469 12.91 -46.76 20.35
N PHE D 470 13.74 -47.40 21.20
CA PHE D 470 14.38 -48.66 20.84
C PHE D 470 13.90 -49.78 21.76
N GLY D 471 13.45 -50.86 21.16
CA GLY D 471 12.99 -52.01 21.92
C GLY D 471 12.06 -52.84 21.06
N GLY D 472 11.60 -53.97 21.63
CA GLY D 472 10.81 -54.93 20.89
C GLY D 472 9.57 -55.37 21.65
N GLU D 473 8.82 -56.25 20.98
CA GLU D 473 7.55 -56.80 21.48
C GLU D 473 7.72 -58.27 21.81
N LYS D 474 6.63 -58.86 22.31
CA LYS D 474 6.55 -60.32 22.53
C LYS D 474 7.64 -60.70 23.54
N HIS D 475 8.41 -61.76 23.30
CA HIS D 475 9.41 -62.14 24.30
C HIS D 475 10.61 -61.20 24.37
N THR D 476 10.68 -60.17 23.52
CA THR D 476 11.71 -59.15 23.71
C THR D 476 11.44 -58.30 24.94
N GLY D 477 10.19 -58.24 25.42
CA GLY D 477 9.92 -57.76 26.77
C GLY D 477 9.13 -56.46 26.88
N GLY D 478 9.00 -55.69 25.79
CA GLY D 478 8.11 -54.54 25.75
C GLY D 478 8.74 -53.19 26.07
N GLY D 479 9.92 -53.16 26.72
CA GLY D 479 10.50 -51.88 27.08
C GLY D 479 11.03 -51.10 25.89
N ARG D 480 11.17 -49.78 26.07
CA ARG D 480 11.76 -48.89 25.09
C ARG D 480 12.82 -48.02 25.75
N GLU D 481 13.85 -47.65 24.99
CA GLU D 481 14.93 -46.80 25.47
C GLU D 481 15.18 -45.67 24.47
N SER D 482 15.92 -44.64 24.93
CA SER D 482 16.40 -43.54 24.10
C SER D 482 15.30 -42.56 23.71
N GLY D 483 14.77 -42.64 22.48
CA GLY D 483 14.07 -41.53 21.87
C GLY D 483 12.55 -41.57 22.00
N SER D 484 11.91 -40.72 21.19
CA SER D 484 10.47 -40.46 21.22
C SER D 484 10.09 -40.14 22.66
N ASP D 485 9.05 -40.74 23.23
CA ASP D 485 8.67 -40.48 24.62
C ASP D 485 9.04 -41.65 25.54
N ALA D 486 10.10 -42.37 25.21
CA ALA D 486 10.63 -43.38 26.12
C ALA D 486 10.86 -42.82 27.52
N TRP D 487 11.10 -41.51 27.62
CA TRP D 487 11.36 -40.90 28.93
C TRP D 487 10.23 -41.15 29.91
N LYS D 488 9.01 -41.35 29.41
CA LYS D 488 7.89 -41.56 30.33
C LYS D 488 8.03 -42.83 31.16
N GLN D 489 8.81 -43.82 30.69
CA GLN D 489 8.99 -45.02 31.51
C GLN D 489 9.76 -44.74 32.78
N TYR D 490 10.49 -43.64 32.82
CA TYR D 490 11.34 -43.30 33.96
C TYR D 490 10.67 -42.30 34.90
N MET D 491 9.37 -42.07 34.76
CA MET D 491 8.66 -41.08 35.55
C MET D 491 7.26 -41.57 35.84
N ARG D 492 6.63 -40.99 36.87
CA ARG D 492 5.25 -41.34 37.18
C ARG D 492 4.34 -40.20 36.77
N ARG D 493 3.24 -40.57 36.13
CA ARG D 493 2.22 -39.65 35.70
C ARG D 493 1.23 -39.42 36.82
N SER D 494 0.80 -38.17 36.98
CA SER D 494 -0.33 -37.84 37.83
C SER D 494 -1.28 -36.96 37.04
N THR D 495 -2.56 -37.18 37.28
CA THR D 495 -3.62 -36.40 36.67
C THR D 495 -4.20 -35.55 37.79
N CYS D 496 -4.08 -34.23 37.64
CA CYS D 496 -4.24 -33.32 38.75
C CYS D 496 -5.32 -32.31 38.42
N THR D 497 -6.32 -32.22 39.29
CA THR D 497 -7.42 -31.28 39.13
C THR D 497 -7.37 -30.29 40.28
N ILE D 498 -7.34 -29.00 39.94
CA ILE D 498 -7.18 -27.92 40.91
C ILE D 498 -8.44 -27.05 40.85
N ASN D 499 -9.22 -27.08 41.92
CA ASN D 499 -10.34 -26.16 42.07
C ASN D 499 -9.81 -24.84 42.64
N TYR D 500 -9.84 -23.78 41.83
CA TYR D 500 -9.47 -22.46 42.30
C TYR D 500 -10.68 -21.58 42.57
N SER D 501 -11.88 -22.13 42.46
CA SER D 501 -13.12 -21.37 42.61
C SER D 501 -13.64 -21.48 44.05
N LYS D 502 -14.94 -21.20 44.23
CA LYS D 502 -15.62 -21.36 45.50
C LYS D 502 -16.81 -22.32 45.40
N ASP D 503 -16.82 -23.19 44.41
CA ASP D 503 -17.92 -24.13 44.18
C ASP D 503 -17.34 -25.53 43.97
N LEU D 504 -18.23 -26.52 43.85
CA LEU D 504 -17.82 -27.91 43.68
C LEU D 504 -18.65 -28.59 42.60
N PRO D 505 -18.41 -28.23 41.34
CA PRO D 505 -19.05 -28.97 40.23
C PRO D 505 -18.50 -30.38 40.13
N LEU D 506 -19.39 -31.37 40.15
CA LEU D 506 -19.01 -32.76 40.08
C LEU D 506 -18.96 -33.24 38.63
N ALA D 507 -18.10 -34.22 38.37
CA ALA D 507 -17.89 -34.73 37.02
C ALA D 507 -19.16 -35.43 36.49
N GLN D 508 -19.31 -35.39 35.16
CA GLN D 508 -20.44 -35.95 34.44
C GLN D 508 -21.78 -35.35 34.87
N GLY D 509 -21.75 -34.18 35.52
CA GLY D 509 -22.97 -33.50 35.93
C GLY D 509 -23.74 -34.18 37.03
N ILE D 510 -23.09 -34.98 37.86
CA ILE D 510 -23.77 -35.67 38.95
C ILE D 510 -24.17 -34.66 40.01
N LYS D 511 -25.47 -34.58 40.30
CA LYS D 511 -26.03 -33.71 41.33
C LYS D 511 -26.27 -34.54 42.57
N PHE D 512 -25.45 -34.30 43.61
CA PHE D 512 -25.42 -35.11 44.84
C PHE D 512 -25.60 -34.15 46.03
N GLN D 513 -26.83 -33.71 46.27
CA GLN D 513 -27.11 -32.82 47.41
C GLN D 513 -28.60 -32.74 47.74
N THR E 5 -1.27 30.12 36.66
CA THR E 5 0.03 29.92 36.02
C THR E 5 -0.06 29.98 34.49
N LEU E 6 -1.26 29.91 33.93
CA LEU E 6 -1.38 30.13 32.49
C LEU E 6 -0.87 31.51 32.15
N LEU E 7 -0.08 31.61 31.07
CA LEU E 7 0.46 32.90 30.66
C LEU E 7 -0.64 33.89 30.32
N ILE E 8 -1.73 33.42 29.70
CA ILE E 8 -2.82 34.32 29.36
C ILE E 8 -3.47 34.91 30.61
N ASN E 9 -3.25 34.31 31.77
CA ASN E 9 -3.75 34.87 33.02
C ASN E 9 -2.77 35.83 33.69
N GLN E 10 -1.52 35.98 33.13
CA GLN E 10 -0.56 36.90 33.68
C GLN E 10 -0.66 38.26 32.99
N PRO E 11 -0.40 39.36 33.69
CA PRO E 11 -0.77 40.67 33.14
C PRO E 11 0.10 41.12 31.98
N GLN E 12 1.38 40.71 31.94
CA GLN E 12 2.22 41.13 30.82
C GLN E 12 1.89 40.38 29.52
N TYR E 13 0.91 39.47 29.52
CA TYR E 13 0.46 38.82 28.30
C TYR E 13 -0.99 39.16 27.97
N ALA E 14 -1.56 40.18 28.62
CA ALA E 14 -2.96 40.55 28.39
C ALA E 14 -3.22 40.98 26.94
N TRP E 15 -2.17 41.25 26.16
CA TRP E 15 -2.37 41.52 24.74
C TRP E 15 -3.00 40.35 24.01
N LEU E 16 -2.90 39.13 24.56
CA LEU E 16 -3.54 37.98 23.92
C LEU E 16 -5.05 38.16 23.81
N LYS E 17 -5.65 38.93 24.72
CA LYS E 17 -7.09 39.11 24.66
C LYS E 17 -7.53 39.96 23.47
N GLU E 18 -6.64 40.78 22.90
CA GLU E 18 -6.97 41.53 21.69
C GLU E 18 -7.28 40.62 20.51
N LEU E 19 -6.90 39.34 20.58
CA LEU E 19 -7.24 38.35 19.57
C LEU E 19 -8.46 37.53 19.94
N GLY E 20 -9.19 37.94 20.98
CA GLY E 20 -10.34 37.19 21.46
C GLY E 20 -10.02 35.91 22.19
N LEU E 21 -8.77 35.68 22.55
CA LEU E 21 -8.40 34.44 23.23
C LEU E 21 -8.69 34.54 24.72
N ARG E 22 -9.05 33.40 25.31
CA ARG E 22 -9.36 33.29 26.73
C ARG E 22 -8.59 32.13 27.33
N GLU E 23 -8.78 31.95 28.64
CA GLU E 23 -8.24 30.81 29.36
C GLU E 23 -8.52 29.50 28.61
N GLU E 24 -9.77 29.27 28.25
CA GLU E 24 -10.12 28.07 27.49
C GLU E 24 -10.92 28.49 26.26
N ASN E 25 -10.48 28.02 25.10
CA ASN E 25 -11.02 28.46 23.82
C ASN E 25 -11.68 27.31 23.08
N GLU E 26 -12.81 27.59 22.43
CA GLU E 26 -13.45 26.61 21.56
C GLU E 26 -12.59 26.41 20.31
N GLY E 27 -12.28 25.15 20.00
CA GLY E 27 -11.48 24.79 18.85
C GLY E 27 -12.26 24.32 17.63
N VAL E 28 -13.58 24.42 17.64
CA VAL E 28 -14.39 24.10 16.48
C VAL E 28 -15.19 25.33 16.09
N TYR E 29 -15.14 25.69 14.80
CA TYR E 29 -15.95 26.78 14.27
C TYR E 29 -16.63 26.33 12.97
N ASN E 30 -17.95 26.45 12.92
CA ASN E 30 -18.66 26.06 11.71
C ASN E 30 -19.88 26.94 11.51
N GLY E 31 -19.75 28.23 11.83
CA GLY E 31 -20.92 29.08 11.96
C GLY E 31 -21.17 29.34 13.43
N SER E 32 -20.93 28.32 14.26
CA SER E 32 -20.95 28.44 15.71
C SER E 32 -19.64 27.89 16.29
N TRP E 33 -19.27 28.41 17.45
CA TRP E 33 -18.07 27.96 18.15
C TRP E 33 -18.42 26.84 19.13
N GLY E 34 -17.60 25.81 19.14
CA GLY E 34 -17.80 24.70 20.07
C GLY E 34 -16.58 23.82 20.17
N GLY E 35 -16.81 22.55 20.52
CA GLY E 35 -15.73 21.59 20.63
C GLY E 35 -15.93 20.65 21.79
N ARG E 36 -16.17 19.38 21.51
CA ARG E 36 -16.49 18.41 22.54
C ARG E 36 -15.42 17.33 22.66
N GLY E 37 -14.31 17.49 21.96
CA GLY E 37 -13.19 16.58 22.07
C GLY E 37 -12.28 16.95 23.24
N GLU E 38 -11.09 16.38 23.21
CA GLU E 38 -10.14 16.58 24.30
C GLU E 38 -9.62 18.01 24.32
N VAL E 39 -9.35 18.50 25.53
CA VAL E 39 -8.79 19.83 25.72
C VAL E 39 -7.28 19.75 25.65
N ILE E 40 -6.67 20.57 24.80
CA ILE E 40 -5.23 20.63 24.67
C ILE E 40 -4.73 21.93 25.31
N THR E 41 -3.62 21.84 26.06
CA THR E 41 -2.88 23.00 26.52
C THR E 41 -1.65 23.17 25.64
N THR E 42 -1.46 24.37 25.10
CA THR E 42 -0.27 24.66 24.30
C THR E 42 0.71 25.48 25.12
N TYR E 43 1.99 25.31 24.79
CA TYR E 43 3.08 25.80 25.60
C TYR E 43 3.98 26.71 24.79
N CYS E 44 4.57 27.68 25.48
CA CYS E 44 5.54 28.58 24.89
C CYS E 44 6.89 27.86 24.78
N PRO E 45 7.42 27.63 23.57
CA PRO E 45 8.69 26.90 23.47
C PRO E 45 9.88 27.64 24.02
N ALA E 46 9.77 28.94 24.32
CA ALA E 46 10.91 29.67 24.85
C ALA E 46 11.06 29.48 26.36
N ASN E 47 9.98 29.22 27.09
CA ASN E 47 10.08 29.04 28.54
C ASN E 47 9.27 27.85 29.05
N ASN E 48 8.70 27.05 28.16
CA ASN E 48 7.92 25.87 28.52
C ASN E 48 6.77 26.22 29.46
N GLU E 49 6.27 27.48 29.41
CA GLU E 49 5.12 27.80 30.24
C GLU E 49 3.83 27.50 29.47
N PRO E 50 2.76 27.09 30.13
CA PRO E 50 1.47 26.93 29.44
C PRO E 50 0.85 28.29 29.16
N ILE E 51 0.34 28.43 27.94
CA ILE E 51 -0.25 29.70 27.49
C ILE E 51 -1.75 29.70 27.79
N ALA E 52 -2.49 28.78 27.19
CA ALA E 52 -3.94 28.67 27.33
C ALA E 52 -4.39 27.33 26.74
N ARG E 53 -5.70 27.10 26.74
CA ARG E 53 -6.24 25.81 26.36
C ARG E 53 -7.22 25.96 25.19
N VAL E 54 -7.43 24.86 24.48
CA VAL E 54 -8.32 24.81 23.33
C VAL E 54 -9.11 23.51 23.37
N ARG E 55 -10.43 23.60 23.27
CA ARG E 55 -11.27 22.41 23.25
C ARG E 55 -11.32 21.89 21.81
N GLN E 56 -10.83 20.68 21.58
CA GLN E 56 -10.68 20.16 20.23
C GLN E 56 -11.95 19.49 19.73
N ALA E 57 -11.86 18.98 18.49
CA ALA E 57 -13.00 18.44 17.76
C ALA E 57 -13.16 16.95 18.06
N SER E 58 -14.33 16.57 18.53
CA SER E 58 -14.69 15.16 18.50
C SER E 58 -15.10 14.75 17.09
N VAL E 59 -15.29 13.44 16.91
CA VAL E 59 -15.78 12.93 15.62
C VAL E 59 -17.10 13.59 15.26
N ALA E 60 -18.03 13.66 16.23
CA ALA E 60 -19.30 14.30 15.98
C ALA E 60 -19.14 15.74 15.51
N ASP E 61 -18.23 16.49 16.15
CA ASP E 61 -17.92 17.86 15.73
C ASP E 61 -17.48 17.91 14.26
N TYR E 62 -16.58 17.01 13.87
CA TYR E 62 -16.09 16.98 12.51
C TYR E 62 -17.20 16.66 11.52
N GLU E 63 -17.95 15.60 11.83
CA GLU E 63 -19.09 15.18 11.01
C GLU E 63 -20.09 16.33 10.85
N GLU E 64 -20.45 16.98 11.95
CA GLU E 64 -21.39 18.10 11.87
C GLU E 64 -20.82 19.26 11.06
N THR E 65 -19.51 19.48 11.15
CA THR E 65 -18.89 20.63 10.49
C THR E 65 -18.79 20.42 8.98
N VAL E 66 -18.41 19.21 8.55
CA VAL E 66 -18.42 18.91 7.12
C VAL E 66 -19.81 19.16 6.55
N LYS E 67 -20.84 18.68 7.26
CA LYS E 67 -22.22 18.88 6.80
C LYS E 67 -22.54 20.36 6.65
N LYS E 68 -22.18 21.16 7.66
CA LYS E 68 -22.47 22.59 7.60
C LYS E 68 -21.67 23.29 6.50
N ALA E 69 -20.41 22.89 6.31
CA ALA E 69 -19.62 23.53 5.27
C ALA E 69 -20.19 23.26 3.89
N ARG E 70 -20.65 22.03 3.66
CA ARG E 70 -21.17 21.70 2.33
C ARG E 70 -22.53 22.34 2.08
N GLU E 71 -23.31 22.58 3.14
CA GLU E 71 -24.55 23.35 2.94
C GLU E 71 -24.23 24.82 2.68
N ALA E 72 -23.22 25.35 3.37
CA ALA E 72 -22.79 26.71 3.10
C ALA E 72 -22.29 26.87 1.67
N TRP E 73 -21.66 25.83 1.12
CA TRP E 73 -21.17 25.91 -0.25
C TRP E 73 -22.28 26.21 -1.24
N LYS E 74 -23.50 25.73 -0.97
CA LYS E 74 -24.61 26.02 -1.88
C LYS E 74 -24.85 27.52 -2.00
N ILE E 75 -24.65 28.25 -0.90
CA ILE E 75 -24.76 29.70 -0.91
C ILE E 75 -23.53 30.32 -1.57
N TRP E 76 -22.34 29.87 -1.17
CA TRP E 76 -21.09 30.54 -1.53
C TRP E 76 -20.75 30.39 -3.01
N ALA E 77 -20.95 29.19 -3.57
CA ALA E 77 -20.67 28.99 -4.99
C ALA E 77 -21.56 29.85 -5.89
N ASP E 78 -22.70 30.30 -5.39
CA ASP E 78 -23.58 31.20 -6.14
C ASP E 78 -23.20 32.67 -6.01
N ILE E 79 -22.26 33.01 -5.16
CA ILE E 79 -21.81 34.40 -5.09
C ILE E 79 -20.78 34.62 -6.19
N PRO E 80 -20.98 35.62 -7.07
CA PRO E 80 -20.02 35.84 -8.15
C PRO E 80 -18.60 36.01 -7.62
N ALA E 81 -17.63 35.50 -8.39
CA ALA E 81 -16.23 35.56 -7.96
C ALA E 81 -15.77 36.94 -7.54
N PRO E 82 -16.04 38.03 -8.28
CA PRO E 82 -15.59 39.35 -7.80
C PRO E 82 -16.13 39.73 -6.43
N LYS E 83 -17.35 39.31 -6.12
CA LYS E 83 -17.90 39.54 -4.79
C LYS E 83 -17.29 38.61 -3.74
N ARG E 84 -16.90 37.39 -4.14
CA ARG E 84 -16.07 36.58 -3.25
C ARG E 84 -14.73 37.25 -2.99
N GLY E 85 -14.16 37.90 -4.00
CA GLY E 85 -12.91 38.62 -3.80
C GLY E 85 -13.06 39.77 -2.82
N GLU E 86 -14.22 40.42 -2.82
CA GLU E 86 -14.45 41.52 -1.89
C GLU E 86 -14.41 41.01 -0.45
N ILE E 87 -14.94 39.82 -0.21
CA ILE E 87 -14.82 39.20 1.12
C ILE E 87 -13.35 39.00 1.47
N VAL E 88 -12.59 38.41 0.56
CA VAL E 88 -11.18 38.15 0.82
C VAL E 88 -10.41 39.45 1.05
N ARG E 89 -10.79 40.51 0.31
CA ARG E 89 -10.19 41.83 0.57
C ARG E 89 -10.44 42.28 2.00
N GLN E 90 -11.64 42.03 2.51
CA GLN E 90 -11.93 42.41 3.90
C GLN E 90 -11.16 41.56 4.90
N ILE E 91 -10.89 40.31 4.56
CA ILE E 91 -10.01 39.50 5.41
C ILE E 91 -8.61 40.09 5.43
N GLY E 92 -8.11 40.53 4.27
CA GLY E 92 -6.84 41.23 4.23
C GLY E 92 -6.79 42.40 5.18
N ASP E 93 -7.84 43.25 5.15
CA ASP E 93 -7.88 44.42 6.01
C ASP E 93 -7.94 44.03 7.49
N ALA E 94 -8.68 42.96 7.82
CA ALA E 94 -8.77 42.55 9.21
C ALA E 94 -7.46 41.99 9.71
N LEU E 95 -6.71 41.31 8.85
CA LEU E 95 -5.36 40.88 9.21
C LEU E 95 -4.43 42.08 9.37
N ARG E 96 -4.53 43.07 8.47
CA ARG E 96 -3.75 44.29 8.63
C ARG E 96 -4.02 44.96 9.97
N GLU E 97 -5.26 44.88 10.45
CA GLU E 97 -5.62 45.55 11.70
C GLU E 97 -4.98 44.91 12.92
N LYS E 98 -4.57 43.64 12.83
CA LYS E 98 -4.02 42.94 13.99
C LYS E 98 -2.67 42.30 13.69
N ILE E 99 -1.92 42.81 12.70
CA ILE E 99 -0.69 42.15 12.28
C ILE E 99 0.32 42.07 13.42
N GLN E 100 0.34 43.06 14.31
CA GLN E 100 1.32 43.06 15.39
C GLN E 100 0.98 42.04 16.46
N VAL E 101 -0.28 42.00 16.91
CA VAL E 101 -0.64 41.05 17.96
C VAL E 101 -0.67 39.63 17.41
N LEU E 102 -1.12 39.46 16.16
CA LEU E 102 -1.07 38.12 15.57
C LEU E 102 0.36 37.66 15.42
N GLY E 103 1.23 38.52 14.89
CA GLY E 103 2.65 38.18 14.82
C GLY E 103 3.23 37.85 16.18
N SER E 104 2.83 38.60 17.22
CA SER E 104 3.31 38.29 18.57
C SER E 104 2.83 36.92 19.04
N LEU E 105 1.60 36.52 18.68
CA LEU E 105 1.15 35.19 19.06
C LEU E 105 1.93 34.10 18.35
N VAL E 106 2.26 34.30 17.06
CA VAL E 106 3.12 33.35 16.35
C VAL E 106 4.48 33.22 17.05
N SER E 107 5.04 34.36 17.47
CA SER E 107 6.30 34.30 18.24
C SER E 107 6.14 33.54 19.55
N LEU E 108 4.98 33.68 20.22
CA LEU E 108 4.81 33.06 21.54
C LEU E 108 4.53 31.57 21.44
N GLU E 109 3.56 31.18 20.61
CA GLU E 109 3.14 29.79 20.58
C GLU E 109 4.02 28.94 19.68
N MET E 110 4.51 29.51 18.57
CA MET E 110 5.34 28.73 17.66
C MET E 110 6.83 28.89 17.96
N GLY E 111 7.30 30.11 18.21
CA GLY E 111 8.68 30.35 18.64
C GLY E 111 9.56 31.15 17.68
N LYS E 112 9.10 31.55 16.49
CA LYS E 112 9.93 32.29 15.56
C LYS E 112 10.01 33.76 15.94
N ILE E 113 11.07 34.43 15.50
CA ILE E 113 11.28 35.81 15.94
C ILE E 113 10.20 36.72 15.38
N LEU E 114 9.97 37.82 16.10
CA LEU E 114 8.80 38.67 15.84
C LEU E 114 8.77 39.18 14.41
N VAL E 115 9.93 39.54 13.85
CA VAL E 115 9.92 40.01 12.46
C VAL E 115 9.43 38.92 11.51
N GLU E 116 9.69 37.64 11.83
CA GLU E 116 9.21 36.59 10.94
C GLU E 116 7.75 36.24 11.22
N GLY E 117 7.31 36.39 12.46
CA GLY E 117 5.89 36.24 12.76
C GLY E 117 5.05 37.28 12.04
N VAL E 118 5.43 38.56 12.19
CA VAL E 118 4.74 39.62 11.46
C VAL E 118 4.88 39.41 9.97
N GLY E 119 6.07 39.00 9.51
CA GLY E 119 6.27 38.74 8.10
C GLY E 119 5.40 37.63 7.57
N GLU E 120 5.10 36.63 8.41
CA GLU E 120 4.24 35.54 7.96
C GLU E 120 2.80 36.02 7.78
N VAL E 121 2.31 36.87 8.69
CA VAL E 121 1.00 37.49 8.49
C VAL E 121 1.01 38.36 7.23
N GLN E 122 2.16 39.00 6.96
CA GLN E 122 2.30 39.84 5.79
C GLN E 122 2.16 39.04 4.50
N GLU E 123 2.68 37.80 4.47
CA GLU E 123 2.43 36.93 3.33
C GLU E 123 0.94 36.73 3.10
N TYR E 124 0.19 36.54 4.18
CA TYR E 124 -1.25 36.28 4.05
C TYR E 124 -1.96 37.54 3.56
N VAL E 125 -1.62 38.69 4.12
CA VAL E 125 -2.14 39.95 3.61
C VAL E 125 -1.81 40.07 2.13
N ASP E 126 -0.58 39.73 1.74
CA ASP E 126 -0.17 39.85 0.34
C ASP E 126 -0.99 38.95 -0.57
N ILE E 127 -1.22 37.70 -0.14
CA ILE E 127 -2.00 36.80 -1.00
C ILE E 127 -3.46 37.25 -1.05
N CYS E 128 -3.98 37.86 0.01
CA CYS E 128 -5.33 38.42 -0.06
C CYS E 128 -5.43 39.45 -1.19
N ASP E 129 -4.48 40.40 -1.24
CA ASP E 129 -4.43 41.39 -2.33
C ASP E 129 -4.42 40.74 -3.70
N TYR E 130 -3.60 39.70 -3.86
CA TYR E 130 -3.45 38.99 -5.13
C TYR E 130 -4.74 38.26 -5.51
N ALA E 131 -5.34 37.56 -4.54
CA ALA E 131 -6.57 36.82 -4.82
C ALA E 131 -7.71 37.75 -5.19
N VAL E 132 -7.71 38.97 -4.64
CA VAL E 132 -8.73 39.95 -4.98
C VAL E 132 -8.70 40.29 -6.46
N GLY E 133 -7.50 40.53 -7.00
CA GLY E 133 -7.40 40.78 -8.43
C GLY E 133 -7.73 39.55 -9.24
N LEU E 134 -7.34 38.39 -8.74
CA LEU E 134 -7.57 37.13 -9.42
C LEU E 134 -9.05 36.78 -9.50
N SER E 135 -9.85 37.26 -8.54
CA SER E 135 -11.29 37.02 -8.51
C SER E 135 -12.02 37.66 -9.67
N ARG E 136 -11.36 38.54 -10.42
CA ARG E 136 -11.90 39.10 -11.64
C ARG E 136 -11.26 38.52 -12.89
N MET E 137 -10.43 37.49 -12.73
CA MET E 137 -9.63 36.99 -13.85
C MET E 137 -9.78 35.49 -14.09
N ILE E 138 -10.09 34.71 -13.06
CA ILE E 138 -10.06 33.26 -13.19
C ILE E 138 -11.06 32.82 -14.25
N GLY E 139 -10.71 31.76 -14.97
CA GLY E 139 -11.53 31.24 -16.05
C GLY E 139 -10.63 30.59 -17.09
N GLY E 140 -11.22 30.29 -18.25
CA GLY E 140 -10.48 29.65 -19.32
C GLY E 140 -10.72 30.30 -20.67
N PRO E 141 -10.05 29.81 -21.71
CA PRO E 141 -10.21 30.40 -23.05
C PRO E 141 -11.47 29.93 -23.77
N ILE E 142 -11.99 30.84 -24.60
CA ILE E 142 -12.90 30.50 -25.70
C ILE E 142 -12.02 30.11 -26.88
N LEU E 143 -12.25 28.91 -27.41
CA LEU E 143 -11.38 28.37 -28.44
C LEU E 143 -12.14 28.25 -29.75
N PRO E 144 -11.46 28.28 -30.90
CA PRO E 144 -12.18 28.20 -32.17
C PRO E 144 -12.45 26.76 -32.53
N SER E 145 -13.74 26.40 -32.54
CA SER E 145 -14.13 25.05 -32.93
C SER E 145 -13.83 24.81 -34.40
N GLU E 146 -13.48 23.56 -34.72
CA GLU E 146 -13.37 23.17 -36.12
C GLU E 146 -14.74 22.98 -36.78
N ARG E 147 -15.81 23.06 -35.99
CA ARG E 147 -17.16 22.79 -36.47
C ARG E 147 -17.94 24.09 -36.64
N SER E 148 -18.55 24.26 -37.81
CA SER E 148 -19.38 25.43 -38.05
C SER E 148 -20.57 25.45 -37.09
N GLY E 149 -20.92 26.66 -36.63
CA GLY E 149 -22.05 26.80 -35.73
C GLY E 149 -21.89 26.22 -34.35
N HIS E 150 -20.65 25.98 -33.89
CA HIS E 150 -20.36 25.44 -32.57
C HIS E 150 -19.42 26.38 -31.82
N ALA E 151 -19.67 26.56 -30.54
CA ALA E 151 -18.73 27.23 -29.65
C ALA E 151 -17.98 26.18 -28.82
N LEU E 152 -16.73 26.49 -28.50
CA LEU E 152 -15.87 25.62 -27.71
C LEU E 152 -15.27 26.45 -26.58
N ILE E 153 -15.61 26.12 -25.34
CA ILE E 153 -15.18 26.93 -24.22
C ILE E 153 -14.60 26.05 -23.12
N GLU E 154 -13.62 26.59 -22.40
CA GLU E 154 -13.05 25.92 -21.23
C GLU E 154 -13.60 26.62 -19.99
N GLN E 155 -14.42 25.91 -19.21
CA GLN E 155 -15.01 26.45 -17.99
C GLN E 155 -14.23 25.95 -16.77
N TRP E 156 -14.29 26.73 -15.70
CA TRP E 156 -13.66 26.38 -14.45
C TRP E 156 -14.69 26.60 -13.36
N ASN E 157 -14.87 25.61 -12.50
CA ASN E 157 -15.87 25.64 -11.43
C ASN E 157 -15.23 25.14 -10.14
N PRO E 158 -15.70 25.62 -8.99
CA PRO E 158 -15.13 25.15 -7.71
C PRO E 158 -15.27 23.65 -7.54
N VAL E 159 -14.31 23.06 -6.83
CA VAL E 159 -14.41 21.64 -6.53
C VAL E 159 -15.36 21.34 -5.37
N GLY E 160 -15.64 22.33 -4.51
CA GLY E 160 -16.55 22.10 -3.39
C GLY E 160 -15.90 22.40 -2.04
N LEU E 161 -15.60 21.35 -1.27
CA LEU E 161 -14.99 21.51 0.04
C LEU E 161 -13.48 21.26 -0.09
N VAL E 162 -12.68 22.25 0.30
CA VAL E 162 -11.23 22.13 0.31
C VAL E 162 -10.82 21.93 1.77
N GLY E 163 -10.34 20.73 2.11
CA GLY E 163 -9.77 20.51 3.42
C GLY E 163 -8.31 20.96 3.42
N ILE E 164 -7.92 21.66 4.48
CA ILE E 164 -6.59 22.27 4.55
C ILE E 164 -5.93 21.83 5.86
N ILE E 165 -4.86 21.05 5.75
CA ILE E 165 -4.08 20.58 6.88
C ILE E 165 -2.72 21.26 6.84
N THR E 166 -2.31 21.86 7.96
CA THR E 166 -1.11 22.69 8.02
C THR E 166 -0.20 22.21 9.15
N ALA E 167 1.03 22.69 9.15
CA ALA E 167 2.10 22.25 10.05
C ALA E 167 2.45 23.34 11.06
N PHE E 168 3.33 23.00 12.00
CA PHE E 168 3.65 23.93 13.09
C PHE E 168 4.43 25.15 12.60
N ASN E 169 5.20 25.01 11.51
CA ASN E 169 6.25 25.99 11.26
C ASN E 169 5.77 27.21 10.50
N PHE E 170 4.65 27.12 9.79
CA PHE E 170 4.00 28.28 9.20
C PHE E 170 2.52 28.16 9.55
N PRO E 171 2.19 28.48 10.80
CA PRO E 171 0.82 28.27 11.29
C PRO E 171 -0.18 29.29 10.78
N VAL E 172 0.25 30.30 10.03
CA VAL E 172 -0.64 31.30 9.46
C VAL E 172 -0.58 31.32 7.94
N ALA E 173 0.63 31.45 7.37
CA ALA E 173 0.74 31.76 5.95
C ALA E 173 0.27 30.63 5.04
N VAL E 174 0.49 29.38 5.42
CA VAL E 174 0.13 28.27 4.54
C VAL E 174 -1.39 28.13 4.47
N TYR E 175 -2.06 28.18 5.62
CA TYR E 175 -3.51 28.25 5.62
C TYR E 175 -3.99 29.42 4.78
N GLY E 176 -3.38 30.60 4.98
CA GLY E 176 -3.84 31.80 4.30
C GLY E 176 -3.75 31.69 2.79
N ALA E 177 -2.65 31.13 2.28
CA ALA E 177 -2.53 30.98 0.83
C ALA E 177 -3.56 30.01 0.29
N ASN E 178 -3.83 28.92 1.01
CA ASN E 178 -4.85 27.96 0.56
C ASN E 178 -6.23 28.57 0.66
N ASN E 179 -6.46 29.35 1.72
CA ASN E 179 -7.78 29.88 2.02
C ASN E 179 -8.17 30.99 1.05
N ALA E 180 -7.27 31.93 0.80
CA ALA E 180 -7.60 33.06 -0.07
C ALA E 180 -7.86 32.60 -1.50
N ILE E 181 -7.03 31.69 -2.01
CA ILE E 181 -7.23 31.19 -3.38
C ILE E 181 -8.47 30.31 -3.45
N ALA E 182 -8.63 29.39 -2.49
CA ALA E 182 -9.79 28.52 -2.52
C ALA E 182 -11.08 29.32 -2.44
N MET E 183 -11.08 30.42 -1.68
CA MET E 183 -12.28 31.22 -1.49
C MET E 183 -12.70 31.92 -2.78
N ILE E 184 -11.77 32.63 -3.43
CA ILE E 184 -12.19 33.35 -4.63
C ILE E 184 -12.61 32.36 -5.72
N CYS E 185 -12.06 31.14 -5.69
CA CYS E 185 -12.46 30.07 -6.61
C CYS E 185 -13.78 29.43 -6.25
N GLY E 186 -14.45 29.89 -5.18
CA GLY E 186 -15.79 29.44 -4.90
C GLY E 186 -15.90 28.18 -4.08
N ASN E 187 -14.87 27.82 -3.34
CA ASN E 187 -14.91 26.67 -2.44
C ASN E 187 -15.14 27.13 -1.00
N VAL E 188 -15.64 26.21 -0.19
CA VAL E 188 -15.58 26.33 1.26
C VAL E 188 -14.37 25.56 1.76
N CYS E 189 -13.88 25.94 2.94
CA CYS E 189 -12.64 25.39 3.49
C CYS E 189 -12.89 24.75 4.85
N LEU E 190 -12.07 23.74 5.16
CA LEU E 190 -12.07 23.10 6.47
C LEU E 190 -10.63 22.99 6.93
N TRP E 191 -10.31 23.62 8.05
CA TRP E 191 -8.94 23.79 8.50
C TRP E 191 -8.66 22.90 9.71
N LYS E 192 -7.62 22.07 9.60
CA LYS E 192 -7.06 21.37 10.74
C LYS E 192 -5.58 21.74 10.81
N GLY E 193 -5.20 22.52 11.81
CA GLY E 193 -3.82 22.91 11.99
C GLY E 193 -3.06 21.97 12.92
N ALA E 194 -1.77 22.26 13.10
CA ALA E 194 -0.96 21.52 14.07
C ALA E 194 -1.53 21.70 15.47
N PRO E 195 -1.65 20.63 16.26
CA PRO E 195 -2.18 20.81 17.62
C PRO E 195 -1.37 21.77 18.47
N THR E 196 -0.06 21.87 18.22
CA THR E 196 0.78 22.74 19.05
C THR E 196 0.74 24.21 18.61
N THR E 197 -0.01 24.56 17.57
CA THR E 197 -0.30 25.95 17.25
C THR E 197 -1.81 26.20 17.23
N SER E 198 -2.55 25.54 18.13
CA SER E 198 -4.01 25.65 18.19
C SER E 198 -4.47 27.08 18.47
N LEU E 199 -3.78 27.81 19.38
CA LEU E 199 -4.21 29.18 19.65
C LEU E 199 -4.12 30.05 18.41
N ILE E 200 -3.09 29.82 17.59
CA ILE E 200 -2.94 30.56 16.36
C ILE E 200 -4.10 30.24 15.41
N SER E 201 -4.43 28.96 15.27
CA SER E 201 -5.54 28.57 14.40
C SER E 201 -6.85 29.20 14.87
N VAL E 202 -7.11 29.17 16.18
CA VAL E 202 -8.31 29.80 16.73
C VAL E 202 -8.30 31.29 16.45
N ALA E 203 -7.17 31.96 16.69
CA ALA E 203 -7.08 33.40 16.48
C ALA E 203 -7.36 33.77 15.03
N VAL E 204 -6.73 33.08 14.09
CA VAL E 204 -6.95 33.39 12.68
C VAL E 204 -8.42 33.21 12.32
N THR E 205 -9.02 32.11 12.78
CA THR E 205 -10.42 31.83 12.48
C THR E 205 -11.35 32.86 13.10
N LYS E 206 -11.00 33.40 14.28
CA LYS E 206 -11.81 34.48 14.84
C LYS E 206 -11.82 35.69 13.93
N ILE E 207 -10.67 35.99 13.32
CA ILE E 207 -10.58 37.16 12.45
C ILE E 207 -11.43 36.96 11.20
N ILE E 208 -11.38 35.77 10.60
CA ILE E 208 -12.15 35.50 9.38
C ILE E 208 -13.64 35.45 9.68
N ALA E 209 -14.01 34.81 10.80
CA ALA E 209 -15.42 34.61 11.12
C ALA E 209 -16.14 35.94 11.35
N LYS E 210 -15.45 36.93 11.91
CA LYS E 210 -16.04 38.26 12.06
C LYS E 210 -16.35 38.87 10.70
N VAL E 211 -15.46 38.69 9.72
CA VAL E 211 -15.73 39.22 8.37
C VAL E 211 -16.93 38.52 7.76
N LEU E 212 -16.96 37.19 7.82
CA LEU E 212 -18.07 36.44 7.25
C LEU E 212 -19.39 36.84 7.92
N GLU E 213 -19.37 36.93 9.25
CA GLU E 213 -20.58 37.28 9.98
C GLU E 213 -20.99 38.72 9.69
N ASP E 214 -20.04 39.64 9.59
CA ASP E 214 -20.37 41.01 9.22
C ASP E 214 -20.96 41.11 7.82
N ASN E 215 -20.66 40.16 6.93
CA ASN E 215 -21.20 40.17 5.58
C ASN E 215 -22.44 39.28 5.44
N LYS E 216 -23.02 38.83 6.56
CA LYS E 216 -24.23 38.02 6.55
C LYS E 216 -24.03 36.72 5.76
N LEU E 217 -22.82 36.17 5.82
CA LEU E 217 -22.46 34.94 5.15
C LEU E 217 -22.29 33.81 6.16
N PRO E 218 -22.64 32.58 5.78
CA PRO E 218 -22.48 31.45 6.70
C PRO E 218 -21.02 31.24 7.09
N GLY E 219 -20.80 31.09 8.39
CA GLY E 219 -19.44 30.98 8.88
C GLY E 219 -18.72 29.72 8.44
N ALA E 220 -19.49 28.65 8.17
CA ALA E 220 -18.88 27.38 7.76
C ALA E 220 -18.13 27.49 6.45
N ILE E 221 -18.23 28.61 5.74
CA ILE E 221 -17.41 28.83 4.55
C ILE E 221 -15.94 28.66 4.89
N CYS E 222 -15.52 29.06 6.09
CA CYS E 222 -14.14 28.89 6.58
C CYS E 222 -14.18 28.14 7.90
N SER E 223 -14.41 26.83 7.85
CA SER E 223 -14.59 26.04 9.05
C SER E 223 -13.25 25.67 9.68
N LEU E 224 -13.27 25.46 11.00
CA LEU E 224 -12.11 25.04 11.77
C LEU E 224 -12.51 23.84 12.62
N THR E 225 -11.70 22.78 12.57
CA THR E 225 -11.82 21.65 13.48
C THR E 225 -10.42 21.34 14.01
N CYS E 226 -10.08 21.88 15.19
CA CYS E 226 -8.78 21.58 15.78
C CYS E 226 -8.73 20.11 16.22
N GLY E 227 -7.62 19.46 15.93
CA GLY E 227 -7.46 18.08 16.37
C GLY E 227 -6.15 17.54 15.86
N GLY E 228 -5.92 16.27 16.18
CA GLY E 228 -4.69 15.57 15.86
C GLY E 228 -4.83 14.67 14.66
N ALA E 229 -4.03 13.59 14.65
CA ALA E 229 -3.92 12.74 13.48
C ALA E 229 -5.26 12.10 13.12
N ASP E 230 -6.13 11.87 14.12
CA ASP E 230 -7.42 11.25 13.85
C ASP E 230 -8.28 12.14 12.95
N ILE E 231 -8.31 13.45 13.22
CA ILE E 231 -9.05 14.36 12.35
C ILE E 231 -8.42 14.40 10.97
N GLY E 232 -7.09 14.48 10.90
CA GLY E 232 -6.43 14.53 9.61
C GLY E 232 -6.67 13.28 8.78
N THR E 233 -6.67 12.12 9.44
CA THR E 233 -6.94 10.87 8.72
C THR E 233 -8.37 10.83 8.23
N ALA E 234 -9.32 11.28 9.07
CA ALA E 234 -10.70 11.38 8.64
C ALA E 234 -10.83 12.22 7.37
N MET E 235 -10.13 13.37 7.32
CA MET E 235 -10.21 14.21 6.13
C MET E 235 -9.66 13.49 4.90
N ALA E 236 -8.53 12.79 5.05
CA ALA E 236 -7.91 12.13 3.89
C ALA E 236 -8.81 11.05 3.30
N LYS E 237 -9.63 10.41 4.12
CA LYS E 237 -10.52 9.34 3.67
C LYS E 237 -11.92 9.82 3.31
N ASP E 238 -12.25 11.09 3.55
CA ASP E 238 -13.63 11.57 3.46
C ASP E 238 -13.94 11.96 2.02
N GLU E 239 -14.85 11.23 1.37
CA GLU E 239 -15.21 11.58 0.00
C GLU E 239 -15.81 12.97 -0.09
N ARG E 240 -16.35 13.50 1.01
CA ARG E 240 -16.91 14.85 0.99
C ARG E 240 -15.85 15.92 0.96
N VAL E 241 -14.59 15.60 1.26
CA VAL E 241 -13.48 16.52 1.09
C VAL E 241 -13.01 16.39 -0.35
N ASN E 242 -13.44 17.33 -1.20
CA ASN E 242 -13.17 17.25 -2.63
C ASN E 242 -11.69 17.44 -2.97
N LEU E 243 -11.04 18.40 -2.32
CA LEU E 243 -9.60 18.58 -2.46
C LEU E 243 -9.01 18.60 -1.06
N LEU E 244 -7.91 17.90 -0.86
CA LEU E 244 -7.19 17.92 0.42
C LEU E 244 -5.81 18.52 0.18
N SER E 245 -5.59 19.73 0.71
CA SER E 245 -4.28 20.35 0.70
C SER E 245 -3.58 19.99 2.00
N PHE E 246 -2.43 19.32 1.89
CA PHE E 246 -1.72 18.83 3.08
C PHE E 246 -0.30 19.36 3.05
N THR E 247 0.10 20.05 4.13
CA THR E 247 1.47 20.52 4.30
C THR E 247 2.01 19.87 5.58
N GLY E 248 3.16 19.21 5.47
CA GLY E 248 3.64 18.39 6.56
C GLY E 248 4.76 17.48 6.11
N SER E 249 5.02 16.45 6.92
CA SER E 249 6.16 15.57 6.67
C SER E 249 5.94 14.71 5.44
N THR E 250 7.05 14.30 4.82
CA THR E 250 6.98 13.41 3.67
C THR E 250 6.38 12.06 4.06
N GLN E 251 6.72 11.56 5.24
CA GLN E 251 6.18 10.26 5.66
C GLN E 251 4.67 10.30 5.80
N VAL E 252 4.13 11.33 6.47
CA VAL E 252 2.68 11.42 6.60
C VAL E 252 2.05 11.82 5.27
N GLY E 253 2.70 12.72 4.53
CA GLY E 253 2.12 13.18 3.27
C GLY E 253 1.98 12.08 2.24
N LYS E 254 2.93 11.14 2.21
CA LYS E 254 2.81 9.97 1.36
C LYS E 254 1.54 9.18 1.66
N GLN E 255 1.24 8.95 2.94
CA GLN E 255 0.04 8.20 3.28
C GLN E 255 -1.22 9.00 2.96
N VAL E 256 -1.18 10.32 3.11
CA VAL E 256 -2.32 11.15 2.72
C VAL E 256 -2.59 11.02 1.23
N GLY E 257 -1.52 11.05 0.42
CA GLY E 257 -1.70 10.92 -1.02
C GLY E 257 -2.29 9.57 -1.41
N LEU E 258 -1.84 8.50 -0.75
CA LEU E 258 -2.39 7.18 -1.05
C LEU E 258 -3.86 7.09 -0.65
N MET E 259 -4.23 7.69 0.47
CA MET E 259 -5.62 7.64 0.91
C MET E 259 -6.52 8.45 -0.01
N VAL E 260 -6.04 9.59 -0.51
CA VAL E 260 -6.87 10.40 -1.39
C VAL E 260 -6.97 9.75 -2.77
N GLN E 261 -5.89 9.11 -3.23
CA GLN E 261 -5.93 8.41 -4.52
C GLN E 261 -6.81 7.16 -4.47
N GLU E 262 -6.87 6.49 -3.32
CA GLU E 262 -7.71 5.29 -3.18
C GLU E 262 -9.18 5.60 -3.42
N ARG E 263 -9.63 6.80 -3.07
CA ARG E 263 -11.02 7.19 -3.25
C ARG E 263 -11.20 8.15 -4.43
N PHE E 264 -10.20 8.28 -5.30
CA PHE E 264 -10.28 9.16 -6.47
C PHE E 264 -10.63 10.59 -6.08
N GLY E 265 -10.06 11.07 -4.97
CA GLY E 265 -10.15 12.47 -4.62
C GLY E 265 -9.01 13.26 -5.25
N ARG E 266 -8.88 14.51 -4.81
CA ARG E 266 -7.81 15.39 -5.24
C ARG E 266 -6.93 15.74 -4.06
N SER E 267 -5.61 15.67 -4.24
CA SER E 267 -4.70 16.08 -3.19
C SER E 267 -3.72 17.13 -3.70
N LEU E 268 -3.29 17.99 -2.78
CA LEU E 268 -2.28 19.00 -3.06
C LEU E 268 -1.25 18.84 -1.94
N LEU E 269 -0.07 18.32 -2.27
CA LEU E 269 0.89 17.90 -1.26
C LEU E 269 2.08 18.85 -1.25
N GLU E 270 2.41 19.36 -0.07
CA GLU E 270 3.54 20.27 0.13
C GLU E 270 4.38 19.67 1.25
N LEU E 271 5.41 18.88 0.88
CA LEU E 271 6.08 18.03 1.83
C LEU E 271 7.51 18.52 2.09
N GLY E 272 8.41 17.62 2.46
CA GLY E 272 9.70 18.05 2.97
C GLY E 272 10.67 18.47 1.88
N GLY E 273 11.74 19.14 2.30
CA GLY E 273 12.82 19.49 1.42
C GLY E 273 14.15 19.16 2.03
N ASN E 274 15.18 19.09 1.17
CA ASN E 274 16.57 18.88 1.56
C ASN E 274 17.40 19.85 0.72
N ASN E 275 17.24 21.16 0.99
CA ASN E 275 17.53 22.19 -0.01
C ASN E 275 19.01 22.58 -0.01
N ALA E 276 19.56 22.68 -1.22
CA ALA E 276 20.98 22.91 -1.40
C ALA E 276 21.25 24.33 -1.88
N ILE E 277 22.34 24.91 -1.39
CA ILE E 277 22.96 26.10 -1.95
C ILE E 277 24.31 25.67 -2.52
N ILE E 278 24.61 26.13 -3.75
CA ILE E 278 25.87 25.84 -4.44
C ILE E 278 26.58 27.16 -4.69
N ALA E 279 27.82 27.27 -4.21
CA ALA E 279 28.65 28.45 -4.44
C ALA E 279 29.79 28.08 -5.37
N PHE E 280 29.81 28.69 -6.55
CA PHE E 280 30.86 28.47 -7.53
C PHE E 280 32.04 29.39 -7.25
N GLU E 281 33.17 29.09 -7.92
CA GLU E 281 34.39 29.84 -7.68
C GLU E 281 34.20 31.33 -7.91
N ASP E 282 33.38 31.71 -8.89
CA ASP E 282 33.21 33.12 -9.22
C ASP E 282 32.11 33.80 -8.41
N ALA E 283 31.62 33.17 -7.35
CA ALA E 283 30.52 33.74 -6.59
C ALA E 283 30.96 35.01 -5.85
N ASP E 284 30.00 35.90 -5.65
CA ASP E 284 30.15 37.07 -4.78
C ASP E 284 29.98 36.61 -3.34
N LEU E 285 31.10 36.39 -2.64
CA LEU E 285 31.08 35.85 -1.29
C LEU E 285 30.41 36.79 -0.28
N SER E 286 30.33 38.07 -0.58
CA SER E 286 29.52 38.96 0.25
C SER E 286 28.03 38.74 0.04
N LEU E 287 27.63 38.05 -1.04
CA LEU E 287 26.26 37.57 -1.15
C LEU E 287 26.10 36.18 -0.55
N VAL E 288 27.08 35.31 -0.75
CA VAL E 288 26.97 33.93 -0.28
C VAL E 288 26.79 33.87 1.22
N VAL E 289 27.67 34.53 1.96
CA VAL E 289 27.77 34.28 3.40
C VAL E 289 26.50 34.73 4.10
N PRO E 290 26.02 35.97 3.94
CA PRO E 290 24.73 36.31 4.58
C PRO E 290 23.57 35.48 4.05
N SER E 291 23.56 35.12 2.76
CA SER E 291 22.46 34.31 2.24
C SER E 291 22.42 32.93 2.89
N ALA E 292 23.59 32.28 3.04
CA ALA E 292 23.63 30.98 3.70
C ALA E 292 23.20 31.10 5.16
N LEU E 293 23.66 32.15 5.85
CA LEU E 293 23.28 32.32 7.25
C LEU E 293 21.77 32.40 7.43
N PHE E 294 21.13 33.32 6.71
CA PHE E 294 19.67 33.46 6.84
C PHE E 294 18.95 32.19 6.43
N ALA E 295 19.36 31.60 5.30
CA ALA E 295 18.69 30.40 4.82
C ALA E 295 18.89 29.22 5.77
N ALA E 296 20.03 29.15 6.45
CA ALA E 296 20.25 28.01 7.33
C ALA E 296 19.67 28.19 8.73
N VAL E 297 19.80 29.39 9.33
CA VAL E 297 19.37 29.57 10.72
C VAL E 297 18.10 30.38 10.86
N GLY E 298 17.58 30.96 9.78
CA GLY E 298 16.26 31.57 9.82
C GLY E 298 15.23 30.61 10.36
N THR E 299 14.31 31.10 11.18
CA THR E 299 13.29 30.26 11.82
C THR E 299 13.93 29.08 12.57
N ALA E 300 15.14 29.30 13.10
CA ALA E 300 15.93 28.27 13.77
C ALA E 300 16.01 26.98 12.94
N GLY E 301 16.12 27.14 11.62
CA GLY E 301 16.26 26.01 10.72
C GLY E 301 15.03 25.17 10.54
N GLN E 302 13.84 25.72 10.79
CA GLN E 302 12.62 24.95 10.78
C GLN E 302 11.71 25.29 9.60
N ARG E 303 12.28 25.72 8.49
CA ARG E 303 11.47 25.89 7.29
C ARG E 303 11.59 24.67 6.39
N CYS E 304 10.52 24.37 5.64
CA CYS E 304 10.65 23.36 4.60
C CYS E 304 11.70 23.78 3.57
N THR E 305 11.85 25.08 3.34
CA THR E 305 12.83 25.64 2.43
C THR E 305 14.17 25.94 3.08
N THR E 306 14.41 25.49 4.31
CA THR E 306 15.67 25.79 4.97
C THR E 306 16.84 25.17 4.22
N ALA E 307 17.92 25.93 4.07
CA ALA E 307 19.15 25.39 3.49
C ALA E 307 19.76 24.36 4.44
N ARG E 308 19.85 23.12 3.94
CA ARG E 308 20.42 22.02 4.71
C ARG E 308 21.74 21.52 4.13
N ARG E 309 22.03 21.84 2.88
CA ARG E 309 23.24 21.40 2.20
C ARG E 309 23.90 22.61 1.56
N LEU E 310 25.19 22.79 1.82
CA LEU E 310 25.97 23.89 1.26
C LEU E 310 27.16 23.28 0.52
N PHE E 311 27.11 23.36 -0.82
CA PHE E 311 28.17 22.88 -1.69
C PHE E 311 29.04 24.08 -2.06
N ILE E 312 30.35 23.98 -1.79
CA ILE E 312 31.26 25.10 -2.02
C ILE E 312 32.42 24.60 -2.88
N HIS E 313 32.77 25.37 -3.90
CA HIS E 313 33.88 24.99 -4.76
C HIS E 313 35.16 24.87 -3.95
N GLU E 314 35.98 23.86 -4.31
CA GLU E 314 37.20 23.57 -3.55
C GLU E 314 38.04 24.82 -3.32
N SER E 315 38.04 25.76 -4.27
CA SER E 315 38.95 26.90 -4.18
C SER E 315 38.56 27.87 -3.08
N ILE E 316 37.26 27.96 -2.76
CA ILE E 316 36.77 28.92 -1.78
C ILE E 316 36.15 28.24 -0.56
N HIS E 317 36.24 26.91 -0.46
CA HIS E 317 35.54 26.18 0.60
C HIS E 317 35.98 26.64 1.98
N ASP E 318 37.29 26.65 2.24
CA ASP E 318 37.76 26.98 3.58
C ASP E 318 37.42 28.41 3.94
N GLU E 319 37.63 29.34 3.00
CA GLU E 319 37.30 30.73 3.27
C GLU E 319 35.84 30.89 3.65
N VAL E 320 34.94 30.28 2.88
CA VAL E 320 33.52 30.45 3.15
C VAL E 320 33.15 29.85 4.51
N VAL E 321 33.71 28.68 4.83
CA VAL E 321 33.44 28.08 6.13
C VAL E 321 33.90 29.00 7.26
N ASN E 322 35.09 29.60 7.12
CA ASN E 322 35.55 30.47 8.19
C ASN E 322 34.70 31.73 8.29
N ARG E 323 34.32 32.30 7.14
CA ARG E 323 33.43 33.45 7.17
C ARG E 323 32.06 33.09 7.74
N LEU E 324 31.52 31.92 7.38
CA LEU E 324 30.22 31.52 7.92
C LEU E 324 30.29 31.29 9.43
N LYS E 325 31.37 30.64 9.91
CA LYS E 325 31.53 30.46 11.35
C LYS E 325 31.56 31.81 12.07
N LYS E 326 32.20 32.81 11.47
CA LYS E 326 32.28 34.11 12.12
C LYS E 326 30.94 34.83 12.12
N ALA E 327 30.11 34.55 11.11
CA ALA E 327 28.76 35.12 11.09
C ALA E 327 27.82 34.39 12.05
N TYR E 328 27.99 33.07 12.22
CA TYR E 328 27.17 32.38 13.22
C TYR E 328 27.43 32.91 14.62
N ALA E 329 28.68 33.31 14.91
CA ALA E 329 28.99 33.80 16.24
C ALA E 329 28.30 35.13 16.54
N GLN E 330 27.87 35.84 15.52
CA GLN E 330 27.19 37.12 15.70
C GLN E 330 25.68 36.98 15.77
N ILE E 331 25.15 35.76 15.69
CA ILE E 331 23.72 35.53 15.85
C ILE E 331 23.32 35.87 17.27
N ARG E 332 22.28 36.69 17.42
CA ARG E 332 21.80 37.11 18.73
C ARG E 332 20.65 36.21 19.16
N VAL E 333 20.83 35.52 20.28
CA VAL E 333 19.92 34.50 20.78
C VAL E 333 19.16 35.09 21.98
N GLY E 334 17.86 34.89 22.00
CA GLY E 334 17.07 35.35 23.13
C GLY E 334 15.63 34.88 23.04
N ASN E 335 14.76 35.51 23.81
CA ASN E 335 13.33 35.25 23.66
C ASN E 335 12.84 35.84 22.35
N PRO E 336 12.03 35.09 21.58
CA PRO E 336 11.80 35.49 20.18
C PRO E 336 10.89 36.71 20.03
N TRP E 337 10.25 37.19 21.10
CA TRP E 337 9.51 38.43 21.03
C TRP E 337 10.37 39.66 21.31
N ASP E 338 11.65 39.48 21.70
CA ASP E 338 12.43 40.64 22.11
C ASP E 338 13.03 41.33 20.89
N PRO E 339 13.00 42.66 20.87
CA PRO E 339 13.64 43.39 19.78
C PRO E 339 15.09 42.95 19.67
N ASN E 340 15.60 42.96 18.44
CA ASN E 340 17.00 42.73 18.13
C ASN E 340 17.36 41.25 18.18
N VAL E 341 16.45 40.36 18.57
CA VAL E 341 16.79 38.94 18.65
C VAL E 341 16.69 38.33 17.25
N LEU E 342 17.63 37.45 16.92
CA LEU E 342 17.66 36.81 15.60
C LEU E 342 17.39 35.31 15.63
N TYR E 343 17.33 34.69 16.80
CA TYR E 343 17.34 33.23 16.89
C TYR E 343 16.64 32.80 18.17
N GLY E 344 15.55 32.04 18.02
CA GLY E 344 14.77 31.56 19.14
C GLY E 344 14.89 30.06 19.33
N PRO E 345 13.92 29.47 20.02
CA PRO E 345 13.99 28.02 20.30
C PRO E 345 13.42 27.20 19.16
N LEU E 346 13.74 25.91 19.19
CA LEU E 346 13.00 24.96 18.37
C LEU E 346 11.59 24.81 18.94
N HIS E 347 10.69 24.28 18.10
CA HIS E 347 9.28 24.33 18.47
C HIS E 347 8.94 23.38 19.62
N THR E 348 9.61 22.25 19.74
CA THR E 348 9.27 21.24 20.74
C THR E 348 10.54 20.65 21.31
N LYS E 349 10.40 19.99 22.47
CA LYS E 349 11.51 19.24 23.02
C LYS E 349 11.87 18.04 22.15
N GLN E 350 10.88 17.43 21.49
CA GLN E 350 11.18 16.31 20.59
C GLN E 350 12.15 16.73 19.50
N ALA E 351 12.01 17.95 19.00
CA ALA E 351 12.92 18.45 17.96
C ALA E 351 14.33 18.66 18.50
N VAL E 352 14.45 19.00 19.78
CA VAL E 352 15.76 19.04 20.41
C VAL E 352 16.39 17.66 20.43
N SER E 353 15.63 16.65 20.82
CA SER E 353 16.16 15.29 20.86
C SER E 353 16.55 14.81 19.47
N MET E 354 15.75 15.16 18.45
CA MET E 354 16.09 14.81 17.07
C MET E 354 17.34 15.54 16.62
N PHE E 355 17.47 16.82 16.97
CA PHE E 355 18.70 17.57 16.67
C PHE E 355 19.91 16.87 17.25
N LEU E 356 19.86 16.55 18.55
CA LEU E 356 20.99 15.90 19.23
C LEU E 356 21.34 14.58 18.58
N GLY E 357 20.34 13.78 18.24
CA GLY E 357 20.62 12.52 17.56
C GLY E 357 21.27 12.70 16.21
N ALA E 358 20.86 13.73 15.47
CA ALA E 358 21.44 13.98 14.15
C ALA E 358 22.90 14.43 14.25
N VAL E 359 23.22 15.27 15.23
CA VAL E 359 24.60 15.72 15.39
C VAL E 359 25.50 14.54 15.70
N GLU E 360 25.10 13.69 16.66
CA GLU E 360 25.93 12.55 17.01
C GLU E 360 26.07 11.57 15.85
N GLU E 361 24.98 11.34 15.11
CA GLU E 361 25.05 10.46 13.94
C GLU E 361 26.00 11.01 12.88
N ALA E 362 25.91 12.31 12.60
CA ALA E 362 26.85 12.91 11.66
C ALA E 362 28.28 12.66 12.10
N LYS E 363 28.55 12.77 13.41
CA LYS E 363 29.90 12.44 13.91
C LYS E 363 30.22 10.98 13.67
N LYS E 364 29.26 10.08 13.92
CA LYS E 364 29.52 8.66 13.72
C LYS E 364 29.75 8.34 12.25
N GLU E 365 29.18 9.12 11.33
CA GLU E 365 29.39 8.94 9.90
C GLU E 365 30.63 9.66 9.39
N GLY E 366 31.41 10.32 10.25
CA GLY E 366 32.66 10.93 9.83
C GLY E 366 32.68 12.45 9.74
N GLY E 367 31.56 13.11 10.02
CA GLY E 367 31.55 14.55 9.94
C GLY E 367 32.27 15.20 11.11
N THR E 368 32.64 16.46 10.91
CA THR E 368 33.27 17.28 11.94
C THR E 368 32.35 18.45 12.25
N VAL E 369 31.97 18.60 13.51
CA VAL E 369 31.21 19.75 13.95
C VAL E 369 32.18 20.93 14.05
N VAL E 370 32.15 21.86 13.08
CA VAL E 370 33.02 23.02 13.16
C VAL E 370 32.38 24.20 13.88
N TYR E 371 31.07 24.18 14.10
CA TYR E 371 30.43 25.19 14.93
C TYR E 371 29.19 24.57 15.56
N GLY E 372 28.96 24.88 16.83
CA GLY E 372 27.69 24.54 17.47
C GLY E 372 27.64 23.08 17.90
N GLY E 373 26.49 22.44 17.65
CA GLY E 373 26.34 21.03 17.91
C GLY E 373 25.84 20.67 19.29
N LYS E 374 25.51 21.65 20.14
CA LYS E 374 25.07 21.36 21.49
C LYS E 374 23.73 22.00 21.78
N VAL E 375 22.99 21.36 22.68
CA VAL E 375 21.83 21.98 23.29
C VAL E 375 22.31 23.14 24.15
N MET E 376 21.56 24.24 24.13
CA MET E 376 21.92 25.42 24.90
C MET E 376 21.37 25.34 26.33
N ASP E 377 22.12 25.90 27.27
CA ASP E 377 21.80 25.89 28.69
C ASP E 377 20.98 27.14 29.02
N ARG E 378 19.69 27.04 28.74
CA ARG E 378 18.73 28.08 29.12
C ARG E 378 17.33 27.49 29.01
N PRO E 379 16.33 28.10 29.65
CA PRO E 379 14.97 27.58 29.54
C PRO E 379 14.54 27.56 28.09
N GLY E 380 13.60 26.67 27.78
CA GLY E 380 13.11 26.55 26.41
C GLY E 380 13.88 25.51 25.61
N ASN E 381 13.48 25.38 24.35
CA ASN E 381 13.99 24.34 23.46
C ASN E 381 15.13 24.87 22.57
N TYR E 382 16.20 25.39 23.20
CA TYR E 382 17.24 26.09 22.44
C TYR E 382 18.39 25.15 22.11
N VAL E 383 18.84 25.22 20.86
CA VAL E 383 20.01 24.48 20.40
C VAL E 383 20.92 25.45 19.65
N GLU E 384 22.21 25.15 19.65
CA GLU E 384 23.15 25.95 18.88
C GLU E 384 22.96 25.64 17.40
N PRO E 385 22.88 26.67 16.54
CA PRO E 385 22.94 26.40 15.09
C PRO E 385 24.28 25.74 14.77
N THR E 386 24.28 24.84 13.80
CA THR E 386 25.38 23.89 13.69
C THR E 386 25.87 23.79 12.25
N ILE E 387 27.20 23.70 12.09
CA ILE E 387 27.84 23.47 10.81
C ILE E 387 28.66 22.19 10.88
N VAL E 388 28.49 21.31 9.90
CA VAL E 388 29.19 20.03 9.87
C VAL E 388 29.93 19.92 8.54
N THR E 389 31.24 19.77 8.59
CA THR E 389 32.04 19.52 7.39
C THR E 389 32.50 18.07 7.33
N GLY E 390 33.07 17.70 6.17
CA GLY E 390 33.78 16.44 6.02
C GLY E 390 32.96 15.26 5.55
N LEU E 391 31.64 15.32 5.60
CA LEU E 391 30.84 14.20 5.15
C LEU E 391 30.83 14.11 3.63
N GLY E 392 30.68 12.89 3.12
CA GLY E 392 30.44 12.71 1.70
C GLY E 392 29.07 13.23 1.31
N HIS E 393 28.95 13.69 0.07
CA HIS E 393 27.67 14.22 -0.39
C HIS E 393 26.53 13.23 -0.20
N ASP E 394 26.82 11.94 -0.19
CA ASP E 394 25.78 10.92 -0.12
C ASP E 394 25.68 10.26 1.26
N ALA E 395 26.24 10.90 2.29
CA ALA E 395 26.13 10.38 3.64
C ALA E 395 24.67 10.26 4.07
N SER E 396 24.36 9.16 4.78
CA SER E 396 22.97 8.86 5.12
C SER E 396 22.31 10.02 5.86
N ILE E 397 23.03 10.61 6.82
CA ILE E 397 22.50 11.69 7.65
C ILE E 397 22.24 12.93 6.82
N ALA E 398 23.03 13.18 5.77
CA ALA E 398 22.79 14.33 4.90
C ALA E 398 21.62 14.12 3.96
N HIS E 399 21.27 12.88 3.63
CA HIS E 399 20.07 12.61 2.85
C HIS E 399 18.84 12.40 3.72
N THR E 400 18.95 12.64 5.02
CA THR E 400 17.82 12.66 5.94
C THR E 400 17.46 14.10 6.24
N GLU E 401 16.16 14.42 6.20
CA GLU E 401 15.68 15.75 6.54
C GLU E 401 15.40 15.82 8.03
N THR E 402 16.23 16.55 8.76
CA THR E 402 16.04 16.82 10.19
C THR E 402 15.62 18.28 10.34
N PHE E 403 14.45 18.51 10.94
CA PHE E 403 13.95 19.88 11.14
C PHE E 403 14.67 20.52 12.31
N ALA E 404 15.91 20.91 12.03
CA ALA E 404 16.80 21.45 13.06
C ALA E 404 17.90 22.21 12.34
N PRO E 405 18.50 23.23 12.97
CA PRO E 405 19.54 24.04 12.29
C PRO E 405 20.90 23.33 12.23
N ILE E 406 21.02 22.42 11.27
CA ILE E 406 22.26 21.74 10.98
C ILE E 406 22.55 21.89 9.50
N LEU E 407 23.68 22.52 9.17
CA LEU E 407 24.09 22.78 7.80
C LEU E 407 25.23 21.84 7.43
N TYR E 408 25.01 20.99 6.46
CA TYR E 408 26.02 20.04 5.98
C TYR E 408 26.78 20.66 4.82
N VAL E 409 28.11 20.69 4.92
CA VAL E 409 28.96 21.41 3.98
C VAL E 409 29.81 20.43 3.20
N PHE E 410 29.81 20.55 1.87
CA PHE E 410 30.50 19.66 0.95
C PHE E 410 31.38 20.45 0.00
N LYS E 411 32.49 19.83 -0.41
CA LYS E 411 33.33 20.33 -1.48
C LYS E 411 32.84 19.82 -2.83
N PHE E 412 33.08 20.61 -3.87
CA PHE E 412 32.87 20.12 -5.22
C PHE E 412 33.89 20.81 -6.14
N LYS E 413 34.02 20.26 -7.35
CA LYS E 413 34.95 20.78 -8.35
C LYS E 413 34.29 21.30 -9.60
N ASN E 414 33.38 20.54 -10.21
CA ASN E 414 32.83 20.92 -11.49
C ASN E 414 31.31 20.97 -11.46
N GLU E 415 30.78 21.68 -12.46
CA GLU E 415 29.36 22.02 -12.50
C GLU E 415 28.48 20.78 -12.65
N GLU E 416 28.84 19.86 -13.55
CA GLU E 416 27.96 18.74 -13.87
C GLU E 416 27.77 17.84 -12.65
N GLU E 417 28.84 17.56 -11.90
CA GLU E 417 28.71 16.69 -10.73
C GLU E 417 27.86 17.35 -9.65
N VAL E 418 28.05 18.67 -9.41
CA VAL E 418 27.33 19.30 -8.31
C VAL E 418 25.87 19.56 -8.68
N PHE E 419 25.54 19.72 -9.96
CA PHE E 419 24.12 19.71 -10.34
C PHE E 419 23.50 18.35 -10.05
N ALA E 420 24.20 17.26 -10.36
CA ALA E 420 23.71 15.93 -10.02
C ALA E 420 23.53 15.78 -8.52
N TRP E 421 24.49 16.27 -7.73
CA TRP E 421 24.39 16.14 -6.27
C TRP E 421 23.20 16.92 -5.72
N ASN E 422 22.92 18.10 -6.28
CA ASN E 422 21.69 18.81 -5.92
C ASN E 422 20.47 17.92 -6.17
N ASN E 423 20.45 17.24 -7.32
CA ASN E 423 19.31 16.49 -7.79
C ASN E 423 19.21 15.08 -7.19
N GLU E 424 20.25 14.59 -6.51
CA GLU E 424 20.26 13.16 -6.16
C GLU E 424 19.38 12.81 -4.97
N VAL E 425 18.95 13.79 -4.17
CA VAL E 425 18.12 13.49 -2.99
C VAL E 425 16.70 13.14 -3.40
N LYS E 426 15.92 12.63 -2.44
CA LYS E 426 14.54 12.25 -2.73
C LYS E 426 13.62 13.46 -2.81
N GLN E 427 13.92 14.54 -2.10
CA GLN E 427 13.09 15.74 -2.12
C GLN E 427 13.43 16.61 -3.32
N GLY E 428 12.60 17.63 -3.55
CA GLY E 428 12.84 18.54 -4.66
C GLY E 428 12.15 19.88 -4.51
N LEU E 429 12.35 20.54 -3.38
CA LEU E 429 11.60 21.78 -3.11
C LEU E 429 12.37 22.97 -3.66
N SER E 430 13.46 23.37 -2.98
CA SER E 430 14.16 24.59 -3.32
C SER E 430 15.64 24.31 -3.56
N SER E 431 16.28 25.25 -4.26
CA SER E 431 17.64 25.10 -4.73
C SER E 431 18.16 26.47 -5.15
N SER E 432 19.47 26.69 -4.98
CA SER E 432 20.03 27.99 -5.27
C SER E 432 21.50 27.85 -5.66
N ILE E 433 21.92 28.60 -6.67
CA ILE E 433 23.32 28.68 -7.00
C ILE E 433 23.77 30.13 -6.88
N PHE E 434 25.04 30.31 -6.54
CA PHE E 434 25.70 31.60 -6.51
C PHE E 434 26.82 31.57 -7.54
N THR E 435 26.75 32.46 -8.52
CA THR E 435 27.68 32.49 -9.62
C THR E 435 27.41 33.76 -10.43
N LYS E 436 28.40 34.17 -11.19
CA LYS E 436 28.22 35.25 -12.15
C LYS E 436 28.19 34.75 -13.59
N ASP E 437 28.37 33.46 -13.83
CA ASP E 437 28.52 32.94 -15.18
C ASP E 437 27.17 32.83 -15.85
N LEU E 438 27.00 33.58 -16.95
CA LEU E 438 25.71 33.65 -17.64
C LEU E 438 25.27 32.28 -18.16
N GLY E 439 26.18 31.56 -18.82
CA GLY E 439 25.84 30.25 -19.34
C GLY E 439 25.45 29.27 -18.25
N ARG E 440 26.26 29.20 -17.20
CA ARG E 440 25.93 28.39 -16.03
C ARG E 440 24.54 28.70 -15.49
N ILE E 441 24.13 29.98 -15.51
CA ILE E 441 22.83 30.32 -14.93
C ILE E 441 21.70 29.73 -15.78
N PHE E 442 21.82 29.83 -17.09
CA PHE E 442 20.75 29.29 -17.94
C PHE E 442 20.77 27.76 -18.01
N ARG E 443 21.93 27.13 -17.84
CA ARG E 443 21.93 25.67 -17.74
C ARG E 443 21.26 25.23 -16.44
N TRP E 444 21.46 25.99 -15.36
CA TRP E 444 20.83 25.71 -14.09
C TRP E 444 19.31 25.79 -14.19
N LEU E 445 18.81 26.76 -14.96
CA LEU E 445 17.38 26.98 -15.18
C LEU E 445 16.81 26.05 -16.24
N GLY E 446 17.65 25.23 -16.87
CA GLY E 446 17.27 24.43 -18.01
C GLY E 446 17.02 22.97 -17.71
N PRO E 447 16.88 22.17 -18.78
CA PRO E 447 16.47 20.77 -18.60
C PRO E 447 17.53 19.89 -17.98
N LYS E 448 18.81 20.26 -18.05
CA LYS E 448 19.87 19.55 -17.35
C LYS E 448 20.27 20.26 -16.05
N GLY E 449 19.42 21.13 -15.52
CA GLY E 449 19.72 21.89 -14.31
C GLY E 449 19.01 21.36 -13.09
N SER E 450 18.62 22.28 -12.19
CA SER E 450 17.96 21.88 -10.95
C SER E 450 16.64 21.20 -11.26
N ASP E 451 16.32 20.14 -10.51
CA ASP E 451 15.06 19.44 -10.66
C ASP E 451 14.00 19.92 -9.67
N CYS E 452 14.24 21.01 -8.96
CA CYS E 452 13.35 21.44 -7.90
C CYS E 452 12.23 22.36 -8.41
N GLY E 453 11.22 22.56 -7.56
CA GLY E 453 10.17 23.49 -7.88
C GLY E 453 10.58 24.95 -7.76
N ILE E 454 11.60 25.23 -6.95
CA ILE E 454 12.11 26.57 -6.74
C ILE E 454 13.59 26.52 -7.11
N VAL E 455 14.00 27.39 -8.03
CA VAL E 455 15.32 27.31 -8.63
C VAL E 455 15.87 28.73 -8.69
N ASN E 456 16.69 29.09 -7.70
CA ASN E 456 17.09 30.47 -7.46
C ASN E 456 18.55 30.71 -7.85
N VAL E 457 18.87 31.98 -8.07
CA VAL E 457 20.21 32.39 -8.45
C VAL E 457 20.60 33.59 -7.60
N ASN E 458 21.68 33.44 -6.81
CA ASN E 458 22.23 34.52 -5.98
C ASN E 458 21.26 35.00 -4.89
N ILE E 459 20.35 34.13 -4.45
CA ILE E 459 19.56 34.36 -3.25
C ILE E 459 19.45 33.05 -2.45
N PRO E 460 18.99 33.09 -1.20
CA PRO E 460 18.78 31.85 -0.45
C PRO E 460 17.69 30.97 -1.04
N THR E 461 17.62 29.76 -0.49
CA THR E 461 16.59 28.78 -0.84
C THR E 461 15.23 29.14 -0.26
N SER E 462 15.19 30.01 0.75
CA SER E 462 13.98 30.28 1.51
C SER E 462 13.42 31.66 1.20
N GLY E 463 12.21 31.90 1.72
CA GLY E 463 11.57 33.21 1.68
C GLY E 463 11.09 33.64 0.31
N ALA E 464 10.17 32.88 -0.28
CA ALA E 464 9.62 33.20 -1.59
C ALA E 464 8.54 34.26 -1.48
N GLU E 465 8.38 35.05 -2.55
CA GLU E 465 7.25 35.97 -2.64
C GLU E 465 6.03 35.26 -3.22
N ILE E 466 4.86 35.92 -3.13
CA ILE E 466 3.59 35.25 -3.39
C ILE E 466 3.21 35.17 -4.87
N GLY E 467 3.87 35.93 -5.75
CA GLY E 467 3.42 36.02 -7.14
C GLY E 467 3.64 34.77 -7.97
N GLY E 468 4.58 33.91 -7.57
CA GLY E 468 4.82 32.66 -8.28
C GLY E 468 4.16 31.48 -7.57
N ALA E 469 3.99 30.38 -8.31
CA ALA E 469 3.53 29.14 -7.70
C ALA E 469 4.60 28.59 -6.77
N PHE E 470 4.19 28.14 -5.59
CA PHE E 470 5.12 27.65 -4.59
C PHE E 470 4.89 26.16 -4.33
N GLY E 471 5.97 25.39 -4.39
CA GLY E 471 5.90 23.96 -4.16
C GLY E 471 7.07 23.30 -4.84
N GLY E 472 7.16 21.98 -4.66
CA GLY E 472 8.32 21.22 -5.11
C GLY E 472 7.92 19.97 -5.87
N GLU E 473 8.93 19.24 -6.28
CA GLU E 473 8.78 18.01 -7.06
C GLU E 473 9.25 16.80 -6.27
N LYS E 474 9.13 15.62 -6.88
CA LYS E 474 9.65 14.38 -6.32
C LYS E 474 9.00 14.12 -4.97
N HIS E 475 9.75 13.82 -3.90
CA HIS E 475 9.09 13.52 -2.63
C HIS E 475 8.58 14.78 -1.94
N THR E 476 8.74 15.96 -2.54
CA THR E 476 8.07 17.14 -1.98
C THR E 476 6.58 17.11 -2.28
N GLY E 477 6.15 16.31 -3.24
CA GLY E 477 4.74 15.98 -3.39
C GLY E 477 4.02 16.59 -4.58
N GLY E 478 4.56 17.65 -5.18
CA GLY E 478 4.07 18.12 -6.47
C GLY E 478 3.02 19.21 -6.45
N GLY E 479 2.38 19.49 -5.31
CA GLY E 479 1.40 20.55 -5.25
C GLY E 479 2.02 21.93 -5.40
N ARG E 480 1.17 22.92 -5.73
CA ARG E 480 1.60 24.31 -5.79
C ARG E 480 0.59 25.20 -5.08
N GLU E 481 1.10 26.24 -4.42
CA GLU E 481 0.28 27.22 -3.74
C GLU E 481 0.59 28.61 -4.24
N SER E 482 -0.32 29.53 -3.93
CA SER E 482 -0.19 30.96 -4.11
C SER E 482 -0.35 31.40 -5.57
N GLY E 483 0.75 31.72 -6.27
CA GLY E 483 0.70 32.50 -7.48
C GLY E 483 0.68 31.69 -8.77
N SER E 484 0.92 32.40 -9.89
CA SER E 484 0.76 31.89 -11.24
C SER E 484 -0.65 31.31 -11.39
N ASP E 485 -0.77 30.14 -12.02
CA ASP E 485 -2.07 29.48 -12.15
C ASP E 485 -2.27 28.34 -11.14
N ALA E 486 -1.65 28.46 -9.96
CA ALA E 486 -1.93 27.52 -8.88
C ALA E 486 -3.42 27.42 -8.58
N TRP E 487 -4.17 28.50 -8.82
CA TRP E 487 -5.60 28.48 -8.54
C TRP E 487 -6.33 27.33 -9.24
N LYS E 488 -5.78 26.82 -10.35
CA LYS E 488 -6.48 25.75 -11.07
C LYS E 488 -6.56 24.47 -10.27
N GLN E 489 -5.69 24.28 -9.27
CA GLN E 489 -5.78 23.09 -8.43
C GLN E 489 -7.02 23.08 -7.54
N TYR E 490 -7.61 24.25 -7.29
CA TYR E 490 -8.81 24.37 -6.45
C TYR E 490 -10.09 24.39 -7.28
N MET E 491 -10.00 24.09 -8.57
CA MET E 491 -11.15 24.14 -9.45
C MET E 491 -11.12 22.94 -10.38
N ARG E 492 -12.26 22.63 -10.98
CA ARG E 492 -12.34 21.57 -11.96
C ARG E 492 -12.58 22.16 -13.35
N ARG E 493 -11.83 21.67 -14.33
CA ARG E 493 -11.88 22.11 -15.72
C ARG E 493 -12.96 21.33 -16.44
N SER E 494 -13.71 22.01 -17.30
CA SER E 494 -14.56 21.29 -18.24
C SER E 494 -14.36 21.87 -19.62
N THR E 495 -14.32 20.99 -20.61
CA THR E 495 -14.22 21.38 -22.01
C THR E 495 -15.62 21.24 -22.59
N CYS E 496 -16.17 22.35 -23.10
CA CYS E 496 -17.60 22.46 -23.35
C CYS E 496 -17.84 22.88 -24.78
N THR E 497 -18.57 22.05 -25.53
CA THR E 497 -18.92 22.35 -26.91
C THR E 497 -20.41 22.62 -26.99
N ILE E 498 -20.78 23.74 -27.59
CA ILE E 498 -22.16 24.20 -27.68
C ILE E 498 -22.52 24.27 -29.16
N ASN E 499 -23.46 23.44 -29.58
CA ASN E 499 -23.98 23.50 -30.95
C ASN E 499 -25.19 24.43 -30.94
N TYR E 500 -25.04 25.60 -31.55
CA TYR E 500 -26.12 26.56 -31.59
C TYR E 500 -26.78 26.62 -32.97
N SER E 501 -26.41 25.71 -33.87
CA SER E 501 -26.95 25.61 -35.22
C SER E 501 -28.05 24.56 -35.29
N LYS E 502 -28.50 24.25 -36.50
CA LYS E 502 -29.48 23.21 -36.76
C LYS E 502 -28.86 21.95 -37.39
N ASP E 503 -27.54 21.86 -37.43
CA ASP E 503 -26.85 20.75 -38.06
C ASP E 503 -25.99 20.01 -37.02
N LEU E 504 -25.42 18.88 -37.45
CA LEU E 504 -24.67 17.99 -36.54
C LEU E 504 -23.37 17.50 -37.18
N PRO E 505 -22.45 18.41 -37.49
CA PRO E 505 -21.15 17.95 -38.02
C PRO E 505 -20.28 17.32 -36.93
N LEU E 506 -19.63 16.21 -37.27
CA LEU E 506 -18.79 15.48 -36.32
C LEU E 506 -17.34 15.95 -36.39
N ALA E 507 -16.62 15.76 -35.28
CA ALA E 507 -15.19 16.09 -35.28
C ALA E 507 -14.42 15.14 -36.19
N GLN E 508 -13.29 15.64 -36.70
CA GLN E 508 -12.44 14.95 -37.67
C GLN E 508 -13.16 14.65 -38.98
N GLY E 509 -14.26 15.37 -39.25
CA GLY E 509 -15.02 15.17 -40.47
C GLY E 509 -15.61 13.80 -40.63
N ILE E 510 -15.78 13.05 -39.54
CA ILE E 510 -16.38 11.70 -39.64
C ILE E 510 -17.81 11.82 -40.14
N LYS E 511 -18.13 11.07 -41.18
CA LYS E 511 -19.48 11.03 -41.73
C LYS E 511 -20.14 9.72 -41.31
N PHE E 512 -21.25 9.82 -40.57
CA PHE E 512 -21.92 8.68 -39.95
C PHE E 512 -23.38 8.62 -40.40
N GLN E 513 -23.59 8.49 -41.71
CA GLN E 513 -24.96 8.48 -42.26
C GLN E 513 -25.37 7.09 -42.75
N THR F 5 -3.32 -20.08 -43.08
CA THR F 5 -4.47 -19.71 -42.25
C THR F 5 -4.41 -18.27 -41.74
N LEU F 6 -3.20 -17.68 -41.69
CA LEU F 6 -3.05 -16.29 -41.26
C LEU F 6 -3.56 -15.35 -42.34
N LEU F 7 -4.38 -14.35 -41.96
CA LEU F 7 -4.94 -13.43 -42.95
C LEU F 7 -3.86 -12.69 -43.72
N ILE F 8 -2.70 -12.42 -43.09
CA ILE F 8 -1.66 -11.67 -43.80
C ILE F 8 -0.99 -12.51 -44.87
N ASN F 9 -1.31 -13.80 -44.97
CA ASN F 9 -0.85 -14.60 -46.09
C ASN F 9 -1.90 -14.78 -47.18
N GLN F 10 -3.17 -14.51 -46.86
CA GLN F 10 -4.20 -14.49 -47.89
C GLN F 10 -3.98 -13.31 -48.82
N PRO F 11 -4.17 -13.49 -50.13
CA PRO F 11 -3.95 -12.37 -51.06
C PRO F 11 -4.91 -11.19 -50.86
N GLN F 12 -6.15 -11.42 -50.44
CA GLN F 12 -7.09 -10.30 -50.28
C GLN F 12 -6.67 -9.35 -49.15
N TYR F 13 -5.72 -9.75 -48.31
CA TYR F 13 -5.21 -8.90 -47.24
C TYR F 13 -3.73 -8.57 -47.45
N ALA F 14 -3.27 -8.59 -48.71
CA ALA F 14 -1.88 -8.26 -49.00
C ALA F 14 -1.55 -6.80 -48.72
N TRP F 15 -2.55 -5.92 -48.67
CA TRP F 15 -2.30 -4.52 -48.35
C TRP F 15 -1.70 -4.32 -46.95
N LEU F 16 -1.81 -5.31 -46.07
CA LEU F 16 -1.17 -5.21 -44.76
C LEU F 16 0.34 -5.06 -44.86
N LYS F 17 0.94 -5.49 -45.98
CA LYS F 17 2.39 -5.41 -46.14
C LYS F 17 2.87 -3.99 -46.44
N GLU F 18 1.97 -3.10 -46.86
CA GLU F 18 2.36 -1.71 -47.02
C GLU F 18 2.68 -1.04 -45.69
N LEU F 19 2.30 -1.66 -44.57
CA LEU F 19 2.62 -1.17 -43.25
C LEU F 19 3.82 -1.87 -42.65
N GLY F 20 4.55 -2.65 -43.45
CA GLY F 20 5.75 -3.31 -42.96
C GLY F 20 5.50 -4.55 -42.12
N LEU F 21 4.26 -5.03 -42.04
CA LEU F 21 3.96 -6.18 -41.21
C LEU F 21 4.30 -7.47 -41.95
N ARG F 22 4.81 -8.45 -41.21
CA ARG F 22 5.12 -9.79 -41.70
C ARG F 22 4.22 -10.78 -40.96
N GLU F 23 4.43 -12.09 -41.18
CA GLU F 23 3.63 -13.04 -40.43
C GLU F 23 4.07 -13.11 -38.97
N GLU F 24 5.33 -12.83 -38.67
CA GLU F 24 5.78 -12.69 -37.30
C GLU F 24 6.53 -11.37 -37.18
N ASN F 25 6.07 -10.51 -36.26
CA ASN F 25 6.59 -9.16 -36.14
C ASN F 25 7.29 -8.98 -34.79
N GLU F 26 8.35 -8.18 -34.79
CA GLU F 26 9.01 -7.80 -33.56
C GLU F 26 8.17 -6.76 -32.83
N GLY F 27 7.91 -7.01 -31.54
CA GLY F 27 7.11 -6.10 -30.73
C GLY F 27 7.90 -5.18 -29.81
N VAL F 28 9.22 -5.14 -29.93
CA VAL F 28 10.08 -4.27 -29.15
C VAL F 28 10.88 -3.38 -30.10
N TYR F 29 10.82 -2.07 -29.87
CA TYR F 29 11.67 -1.14 -30.61
C TYR F 29 12.29 -0.15 -29.65
N ASN F 30 13.61 -0.01 -29.72
CA ASN F 30 14.31 0.94 -28.85
C ASN F 30 15.48 1.56 -29.60
N GLY F 31 15.32 1.79 -30.89
CA GLY F 31 16.40 2.05 -31.81
C GLY F 31 16.79 0.83 -32.61
N SER F 32 16.61 -0.36 -32.03
CA SER F 32 16.67 -1.64 -32.72
C SER F 32 15.35 -2.38 -32.52
N TRP F 33 15.05 -3.29 -33.45
CA TRP F 33 13.87 -4.12 -33.34
C TRP F 33 14.22 -5.46 -32.70
N GLY F 34 13.34 -5.97 -31.86
CA GLY F 34 13.58 -7.23 -31.20
C GLY F 34 12.35 -7.74 -30.48
N GLY F 35 12.58 -8.60 -29.49
CA GLY F 35 11.49 -9.16 -28.73
C GLY F 35 11.73 -10.61 -28.34
N ARG F 36 12.10 -10.82 -27.08
CA ARG F 36 12.41 -12.16 -26.57
C ARG F 36 11.31 -12.74 -25.71
N GLY F 37 10.16 -12.07 -25.62
CA GLY F 37 9.05 -12.51 -24.78
C GLY F 37 8.13 -13.50 -25.47
N GLU F 38 6.88 -13.51 -25.01
CA GLU F 38 5.88 -14.44 -25.54
C GLU F 38 5.37 -13.98 -26.89
N VAL F 39 5.10 -14.93 -27.78
CA VAL F 39 4.54 -14.64 -29.10
C VAL F 39 3.02 -14.66 -28.98
N ILE F 40 2.38 -13.58 -29.40
CA ILE F 40 0.92 -13.47 -29.35
C ILE F 40 0.39 -13.36 -30.78
N THR F 41 -0.73 -14.01 -31.04
CA THR F 41 -1.42 -13.88 -32.31
C THR F 41 -2.67 -13.05 -32.11
N THR F 42 -2.82 -11.99 -32.91
CA THR F 42 -4.02 -11.18 -32.84
C THR F 42 -5.00 -11.58 -33.94
N TYR F 43 -6.29 -11.48 -33.64
CA TYR F 43 -7.35 -11.96 -34.49
C TYR F 43 -8.21 -10.83 -35.02
N CYS F 44 -8.84 -11.09 -36.16
CA CYS F 44 -9.81 -10.17 -36.73
C CYS F 44 -11.17 -10.46 -36.11
N PRO F 45 -11.78 -9.49 -35.41
CA PRO F 45 -13.06 -9.79 -34.72
C PRO F 45 -14.26 -9.88 -35.64
N ALA F 46 -14.10 -9.52 -36.91
CA ALA F 46 -15.20 -9.63 -37.87
C ALA F 46 -15.38 -11.03 -38.41
N ASN F 47 -14.33 -11.88 -38.34
CA ASN F 47 -14.44 -13.25 -38.80
C ASN F 47 -13.71 -14.26 -37.93
N ASN F 48 -13.16 -13.85 -36.78
CA ASN F 48 -12.48 -14.76 -35.84
C ASN F 48 -11.32 -15.51 -36.51
N GLU F 49 -10.62 -14.85 -37.42
CA GLU F 49 -9.44 -15.48 -38.01
C GLU F 49 -8.16 -14.79 -37.56
N PRO F 50 -7.07 -15.53 -37.36
CA PRO F 50 -5.82 -14.89 -36.96
C PRO F 50 -5.28 -14.02 -38.09
N ILE F 51 -4.63 -12.91 -37.71
CA ILE F 51 -4.08 -11.98 -38.70
C ILE F 51 -2.59 -12.21 -38.90
N ALA F 52 -1.82 -12.17 -37.81
CA ALA F 52 -0.38 -12.36 -37.82
C ALA F 52 0.06 -12.35 -36.36
N ARG F 53 1.36 -12.52 -36.13
CA ARG F 53 1.90 -12.70 -34.79
C ARG F 53 2.87 -11.57 -34.42
N VAL F 54 3.02 -11.35 -33.11
CA VAL F 54 3.91 -10.34 -32.57
C VAL F 54 4.70 -10.94 -31.42
N ARG F 55 6.02 -10.79 -31.47
CA ARG F 55 6.94 -11.20 -30.42
C ARG F 55 7.00 -10.08 -29.37
N GLN F 56 6.52 -10.36 -28.16
CA GLN F 56 6.40 -9.31 -27.16
C GLN F 56 7.71 -9.14 -26.39
N ALA F 57 7.72 -8.16 -25.48
CA ALA F 57 8.90 -7.88 -24.67
C ALA F 57 9.03 -8.86 -23.51
N SER F 58 10.27 -9.31 -23.27
CA SER F 58 10.60 -10.00 -22.03
C SER F 58 10.97 -8.97 -20.97
N VAL F 59 11.22 -9.43 -19.74
CA VAL F 59 11.68 -8.53 -18.69
C VAL F 59 12.94 -7.80 -19.14
N ALA F 60 13.92 -8.57 -19.66
CA ALA F 60 15.19 -7.99 -20.07
C ALA F 60 15.02 -7.03 -21.25
N ASP F 61 14.07 -7.29 -22.14
CA ASP F 61 13.74 -6.33 -23.20
C ASP F 61 13.26 -5.01 -22.61
N TYR F 62 12.39 -5.09 -21.61
CA TYR F 62 11.90 -3.87 -20.96
C TYR F 62 13.05 -3.10 -20.33
N GLU F 63 13.88 -3.80 -19.57
CA GLU F 63 15.02 -3.20 -18.88
C GLU F 63 15.96 -2.49 -19.84
N GLU F 64 16.35 -3.18 -20.91
CA GLU F 64 17.23 -2.57 -21.90
C GLU F 64 16.58 -1.36 -22.55
N THR F 65 15.27 -1.44 -22.83
CA THR F 65 14.59 -0.35 -23.51
C THR F 65 14.48 0.90 -22.64
N VAL F 66 14.16 0.74 -21.35
CA VAL F 66 14.12 1.90 -20.47
C VAL F 66 15.48 2.60 -20.47
N LYS F 67 16.55 1.81 -20.36
CA LYS F 67 17.89 2.40 -20.31
C LYS F 67 18.22 3.14 -21.61
N LYS F 68 17.88 2.54 -22.76
CA LYS F 68 18.17 3.21 -24.03
C LYS F 68 17.34 4.47 -24.20
N ALA F 69 16.07 4.47 -23.78
CA ALA F 69 15.28 5.68 -23.91
C ALA F 69 15.85 6.80 -23.04
N ARG F 70 16.29 6.46 -21.82
CA ARG F 70 16.79 7.52 -20.95
C ARG F 70 18.13 8.06 -21.45
N GLU F 71 18.95 7.20 -22.07
CA GLU F 71 20.14 7.67 -22.77
C GLU F 71 19.78 8.61 -23.92
N ALA F 72 18.77 8.23 -24.72
CA ALA F 72 18.36 9.10 -25.82
C ALA F 72 17.82 10.43 -25.32
N TRP F 73 17.18 10.45 -24.15
CA TRP F 73 16.65 11.72 -23.63
C TRP F 73 17.75 12.77 -23.53
N LYS F 74 18.97 12.36 -23.18
CA LYS F 74 20.05 13.33 -23.04
C LYS F 74 20.27 14.09 -24.35
N ILE F 75 20.11 13.40 -25.48
CA ILE F 75 20.22 14.05 -26.78
C ILE F 75 18.97 14.88 -27.06
N TRP F 76 17.81 14.27 -26.85
CA TRP F 76 16.55 14.85 -27.28
C TRP F 76 16.23 16.12 -26.48
N ALA F 77 16.40 16.09 -25.17
CA ALA F 77 16.10 17.28 -24.37
C ALA F 77 16.98 18.47 -24.74
N ASP F 78 18.14 18.22 -25.37
CA ASP F 78 19.01 19.30 -25.81
C ASP F 78 18.58 19.90 -27.13
N ILE F 79 17.64 19.28 -27.83
CA ILE F 79 17.19 19.83 -29.11
C ILE F 79 16.15 20.91 -28.84
N PRO F 80 16.32 22.12 -29.38
CA PRO F 80 15.34 23.19 -29.14
C PRO F 80 13.93 22.72 -29.48
N ALA F 81 12.95 23.19 -28.70
CA ALA F 81 11.57 22.76 -28.91
C ALA F 81 11.05 23.00 -30.33
N PRO F 82 11.31 24.13 -31.00
CA PRO F 82 10.82 24.27 -32.39
C PRO F 82 11.34 23.19 -33.32
N LYS F 83 12.59 22.77 -33.12
CA LYS F 83 13.15 21.70 -33.93
C LYS F 83 12.59 20.34 -33.53
N ARG F 84 12.26 20.15 -32.26
CA ARG F 84 11.50 18.96 -31.89
C ARG F 84 10.14 18.96 -32.60
N GLY F 85 9.51 20.13 -32.70
CA GLY F 85 8.24 20.21 -33.41
C GLY F 85 8.38 19.85 -34.89
N GLU F 86 9.51 20.21 -35.49
CA GLU F 86 9.74 19.86 -36.89
C GLU F 86 9.78 18.34 -37.08
N ILE F 87 10.32 17.62 -36.10
CA ILE F 87 10.25 16.16 -36.11
C ILE F 87 8.79 15.70 -36.07
N VAL F 88 8.01 16.28 -35.14
CA VAL F 88 6.60 15.90 -35.01
C VAL F 88 5.82 16.27 -36.28
N ARG F 89 6.17 17.38 -36.95
CA ARG F 89 5.56 17.71 -38.24
C ARG F 89 5.79 16.60 -39.27
N GLN F 90 7.01 16.05 -39.31
CA GLN F 90 7.30 14.97 -40.24
C GLN F 90 6.58 13.67 -39.86
N ILE F 91 6.33 13.45 -38.57
CA ILE F 91 5.51 12.31 -38.18
C ILE F 91 4.10 12.47 -38.73
N GLY F 92 3.55 13.69 -38.62
CA GLY F 92 2.25 13.97 -39.20
C GLY F 92 2.18 13.68 -40.69
N ASP F 93 3.20 14.10 -41.44
CA ASP F 93 3.24 13.84 -42.88
C ASP F 93 3.35 12.34 -43.17
N ALA F 94 4.15 11.62 -42.38
CA ALA F 94 4.24 10.17 -42.61
C ALA F 94 2.92 9.48 -42.29
N LEU F 95 2.20 9.96 -41.27
CA LEU F 95 0.84 9.49 -41.01
C LEU F 95 -0.08 9.78 -42.19
N ARG F 96 -0.06 11.01 -42.71
CA ARG F 96 -0.88 11.36 -43.87
C ARG F 96 -0.64 10.41 -45.02
N GLU F 97 0.62 9.97 -45.20
CA GLU F 97 0.93 9.12 -46.34
C GLU F 97 0.22 7.78 -46.25
N LYS F 98 -0.01 7.28 -45.05
CA LYS F 98 -0.54 5.94 -44.84
C LYS F 98 -1.93 5.96 -44.21
N ILE F 99 -2.68 7.05 -44.34
CA ILE F 99 -3.85 7.20 -43.48
C ILE F 99 -4.90 6.15 -43.82
N GLN F 100 -5.11 5.86 -45.11
CA GLN F 100 -6.15 4.91 -45.51
C GLN F 100 -5.79 3.49 -45.09
N VAL F 101 -4.54 3.08 -45.32
CA VAL F 101 -4.15 1.71 -45.01
C VAL F 101 -3.96 1.51 -43.51
N LEU F 102 -3.47 2.51 -42.78
CA LEU F 102 -3.43 2.37 -41.33
C LEU F 102 -4.84 2.33 -40.76
N GLY F 103 -5.72 3.21 -41.23
CA GLY F 103 -7.10 3.18 -40.76
C GLY F 103 -7.78 1.86 -41.10
N SER F 104 -7.37 1.24 -42.20
CA SER F 104 -7.91 -0.07 -42.56
C SER F 104 -7.42 -1.15 -41.60
N LEU F 105 -6.14 -1.11 -41.21
CA LEU F 105 -5.66 -2.06 -40.21
C LEU F 105 -6.39 -1.89 -38.88
N VAL F 106 -6.66 -0.64 -38.48
CA VAL F 106 -7.45 -0.41 -37.27
C VAL F 106 -8.82 -1.05 -37.38
N SER F 107 -9.45 -0.92 -38.55
CA SER F 107 -10.71 -1.63 -38.80
C SER F 107 -10.53 -3.13 -38.72
N LEU F 108 -9.41 -3.65 -39.25
CA LEU F 108 -9.21 -5.09 -39.34
C LEU F 108 -8.92 -5.72 -37.98
N GLU F 109 -7.96 -5.15 -37.24
CA GLU F 109 -7.52 -5.77 -36.00
C GLU F 109 -8.35 -5.35 -34.80
N MET F 110 -8.88 -4.12 -34.80
CA MET F 110 -9.69 -3.68 -33.67
C MET F 110 -11.18 -3.93 -33.91
N GLY F 111 -11.66 -3.60 -35.11
CA GLY F 111 -13.04 -3.90 -35.49
C GLY F 111 -13.93 -2.70 -35.76
N LYS F 112 -13.46 -1.46 -35.60
CA LYS F 112 -14.31 -0.30 -35.82
C LYS F 112 -14.40 0.02 -37.32
N ILE F 113 -15.46 0.74 -37.71
CA ILE F 113 -15.70 0.96 -39.15
C ILE F 113 -14.62 1.87 -39.73
N LEU F 114 -14.51 1.84 -41.06
CA LEU F 114 -13.39 2.50 -41.75
C LEU F 114 -13.38 4.01 -41.52
N VAL F 115 -14.54 4.67 -41.50
CA VAL F 115 -14.53 6.12 -41.28
C VAL F 115 -14.11 6.46 -39.86
N GLU F 116 -14.26 5.53 -38.93
CA GLU F 116 -13.74 5.70 -37.58
C GLU F 116 -12.27 5.33 -37.47
N GLY F 117 -11.81 4.33 -38.23
CA GLY F 117 -10.39 4.01 -38.23
C GLY F 117 -9.57 5.12 -38.85
N VAL F 118 -9.97 5.58 -40.04
CA VAL F 118 -9.35 6.74 -40.66
C VAL F 118 -9.48 7.97 -39.76
N GLY F 119 -10.67 8.17 -39.19
CA GLY F 119 -10.88 9.32 -38.32
C GLY F 119 -9.94 9.34 -37.13
N GLU F 120 -9.61 8.15 -36.61
CA GLU F 120 -8.71 8.07 -35.46
C GLU F 120 -7.27 8.47 -35.85
N VAL F 121 -6.82 8.06 -37.04
CA VAL F 121 -5.53 8.53 -37.51
C VAL F 121 -5.56 10.03 -37.73
N GLN F 122 -6.71 10.55 -38.20
CA GLN F 122 -6.84 11.98 -38.43
C GLN F 122 -6.72 12.75 -37.12
N GLU F 123 -7.23 12.19 -36.01
CA GLU F 123 -6.97 12.79 -34.71
C GLU F 123 -5.47 12.95 -34.49
N TYR F 124 -4.69 11.92 -34.85
CA TYR F 124 -3.25 11.96 -34.61
C TYR F 124 -2.58 12.96 -35.53
N VAL F 125 -3.02 13.04 -36.78
CA VAL F 125 -2.50 14.05 -37.68
C VAL F 125 -2.84 15.45 -37.17
N ASP F 126 -4.08 15.66 -36.72
CA ASP F 126 -4.47 16.96 -36.20
C ASP F 126 -3.65 17.38 -35.00
N ILE F 127 -3.41 16.45 -34.05
CA ILE F 127 -2.65 16.84 -32.86
C ILE F 127 -1.19 17.13 -33.22
N CYS F 128 -0.65 16.44 -34.23
CA CYS F 128 0.69 16.74 -34.71
C CYS F 128 0.80 18.21 -35.15
N ASP F 129 -0.10 18.65 -36.03
CA ASP F 129 -0.15 20.04 -36.47
C ASP F 129 -0.27 20.99 -35.31
N TYR F 130 -1.10 20.62 -34.31
CA TYR F 130 -1.25 21.41 -33.10
C TYR F 130 0.07 21.49 -32.33
N ALA F 131 0.72 20.34 -32.15
CA ALA F 131 1.94 20.29 -31.34
C ALA F 131 3.08 21.06 -32.00
N VAL F 132 3.09 21.10 -33.33
CA VAL F 132 4.10 21.87 -34.07
C VAL F 132 4.02 23.36 -33.71
N GLY F 133 2.81 23.91 -33.68
CA GLY F 133 2.68 25.30 -33.27
C GLY F 133 2.96 25.50 -31.80
N LEU F 134 2.49 24.56 -30.98
CA LEU F 134 2.79 24.58 -29.55
C LEU F 134 4.30 24.60 -29.28
N SER F 135 5.09 23.94 -30.14
CA SER F 135 6.53 23.87 -29.91
C SER F 135 7.22 25.23 -30.05
N ARG F 136 6.54 26.24 -30.58
CA ARG F 136 7.05 27.59 -30.54
C ARG F 136 6.47 28.42 -29.39
N MET F 137 5.66 27.81 -28.53
CA MET F 137 4.85 28.56 -27.56
C MET F 137 5.02 28.12 -26.11
N ILE F 138 5.37 26.85 -25.86
CA ILE F 138 5.37 26.34 -24.49
C ILE F 138 6.37 27.12 -23.62
N GLY F 139 6.02 27.33 -22.37
CA GLY F 139 6.80 28.15 -21.47
C GLY F 139 5.90 28.75 -20.42
N GLY F 140 6.50 29.59 -19.57
CA GLY F 140 5.78 30.28 -18.51
C GLY F 140 6.00 31.78 -18.53
N PRO F 141 5.26 32.50 -17.68
CA PRO F 141 5.38 33.96 -17.64
C PRO F 141 6.65 34.45 -16.97
N ILE F 142 7.11 35.63 -17.40
CA ILE F 142 8.04 36.42 -16.59
C ILE F 142 7.22 37.38 -15.74
N LEU F 143 7.49 37.39 -14.44
CA LEU F 143 6.62 38.07 -13.50
C LEU F 143 7.37 39.21 -12.82
N PRO F 144 6.66 40.25 -12.33
CA PRO F 144 7.35 41.36 -11.65
C PRO F 144 7.63 41.02 -10.20
N SER F 145 8.92 40.90 -9.88
CA SER F 145 9.33 40.69 -8.50
C SER F 145 9.02 41.93 -7.66
N GLU F 146 8.71 41.69 -6.38
CA GLU F 146 8.56 42.77 -5.42
C GLU F 146 9.90 43.33 -4.97
N ARG F 147 11.00 42.70 -5.38
CA ARG F 147 12.34 43.08 -4.95
C ARG F 147 13.07 43.77 -6.09
N SER F 148 13.68 44.92 -5.79
CA SER F 148 14.49 45.63 -6.76
C SER F 148 15.64 44.75 -7.24
N GLY F 149 16.01 44.89 -8.52
CA GLY F 149 17.13 44.16 -9.07
C GLY F 149 17.00 42.66 -9.08
N HIS F 150 15.76 42.13 -9.04
CA HIS F 150 15.49 40.71 -9.12
C HIS F 150 14.55 40.41 -10.29
N ALA F 151 14.80 39.28 -10.95
CA ALA F 151 13.89 38.74 -11.95
C ALA F 151 13.13 37.58 -11.35
N LEU F 152 11.89 37.38 -11.82
CA LEU F 152 11.04 36.28 -11.38
C LEU F 152 10.41 35.66 -12.61
N ILE F 153 10.73 34.40 -12.86
CA ILE F 153 10.30 33.73 -14.09
C ILE F 153 9.80 32.34 -13.73
N GLU F 154 8.83 31.87 -14.50
CA GLU F 154 8.34 30.51 -14.39
C GLU F 154 8.88 29.70 -15.57
N GLN F 155 9.66 28.68 -15.27
CA GLN F 155 10.24 27.80 -16.28
C GLN F 155 9.51 26.47 -16.34
N TRP F 156 9.52 25.86 -17.52
CA TRP F 156 8.94 24.54 -17.78
C TRP F 156 10.00 23.68 -18.46
N ASN F 157 10.19 22.48 -17.94
CA ASN F 157 11.22 21.59 -18.46
C ASN F 157 10.68 20.17 -18.53
N PRO F 158 11.19 19.37 -19.46
CA PRO F 158 10.67 18.00 -19.62
C PRO F 158 10.83 17.20 -18.34
N VAL F 159 9.91 16.23 -18.15
CA VAL F 159 10.01 15.36 -16.98
C VAL F 159 10.98 14.21 -17.19
N GLY F 160 11.26 13.84 -18.45
CA GLY F 160 12.17 12.75 -18.74
C GLY F 160 11.51 11.68 -19.59
N LEU F 161 11.25 10.51 -19.01
CA LEU F 161 10.62 9.41 -19.73
C LEU F 161 9.13 9.41 -19.45
N VAL F 162 8.32 9.42 -20.51
CA VAL F 162 6.87 9.34 -20.41
C VAL F 162 6.45 7.94 -20.84
N GLY F 163 6.02 7.12 -19.89
CA GLY F 163 5.39 5.86 -20.23
C GLY F 163 3.94 6.08 -20.64
N ILE F 164 3.54 5.40 -21.72
CA ILE F 164 2.20 5.54 -22.26
C ILE F 164 1.60 4.14 -22.38
N ILE F 165 0.52 3.89 -21.63
CA ILE F 165 -0.24 2.64 -21.73
C ILE F 165 -1.59 2.95 -22.34
N THR F 166 -1.95 2.22 -23.40
CA THR F 166 -3.19 2.49 -24.14
C THR F 166 -4.06 1.24 -24.17
N ALA F 167 -5.29 1.42 -24.63
CA ALA F 167 -6.33 0.41 -24.61
C ALA F 167 -6.69 0.00 -26.03
N PHE F 168 -7.53 -1.04 -26.12
CA PHE F 168 -7.88 -1.58 -27.43
C PHE F 168 -8.74 -0.63 -28.25
N ASN F 169 -9.59 0.18 -27.60
CA ASN F 169 -10.66 0.81 -28.36
C ASN F 169 -10.19 2.03 -29.15
N PHE F 170 -9.10 2.67 -28.73
CA PHE F 170 -8.46 3.72 -29.53
C PHE F 170 -6.96 3.40 -29.57
N PRO F 171 -6.56 2.47 -30.44
CA PRO F 171 -5.18 1.98 -30.42
C PRO F 171 -4.18 2.89 -31.14
N VAL F 172 -4.65 3.94 -31.82
CA VAL F 172 -3.77 4.90 -32.46
C VAL F 172 -3.80 6.24 -31.75
N ALA F 173 -5.01 6.78 -31.52
CA ALA F 173 -5.17 8.21 -31.27
C ALA F 173 -4.70 8.60 -29.87
N VAL F 174 -4.96 7.75 -28.87
CA VAL F 174 -4.55 8.09 -27.51
C VAL F 174 -3.04 8.12 -27.41
N TYR F 175 -2.38 7.10 -27.96
CA TYR F 175 -0.92 7.16 -28.07
C TYR F 175 -0.48 8.43 -28.79
N GLY F 176 -1.05 8.67 -29.97
CA GLY F 176 -0.64 9.83 -30.74
C GLY F 176 -0.75 11.12 -29.96
N ALA F 177 -1.87 11.30 -29.26
CA ALA F 177 -2.06 12.52 -28.48
C ALA F 177 -1.00 12.62 -27.39
N ASN F 178 -0.70 11.51 -26.72
CA ASN F 178 0.35 11.55 -25.69
C ASN F 178 1.72 11.75 -26.32
N ASN F 179 1.98 11.06 -27.44
CA ASN F 179 3.30 11.09 -28.07
C ASN F 179 3.64 12.49 -28.60
N ALA F 180 2.72 13.10 -29.37
CA ALA F 180 3.05 14.37 -30.01
C ALA F 180 3.28 15.47 -28.98
N ILE F 181 2.45 15.52 -27.93
CA ILE F 181 2.62 16.53 -26.89
C ILE F 181 3.90 16.26 -26.09
N ALA F 182 4.09 15.01 -25.66
CA ALA F 182 5.26 14.69 -24.88
C ALA F 182 6.53 15.03 -25.63
N MET F 183 6.53 14.78 -26.95
CA MET F 183 7.72 15.00 -27.78
C MET F 183 8.09 16.47 -27.85
N ILE F 184 7.13 17.35 -28.15
CA ILE F 184 7.53 18.75 -28.30
C ILE F 184 7.94 19.31 -26.94
N CYS F 185 7.44 18.72 -25.84
CA CYS F 185 7.82 19.12 -24.49
C CYS F 185 9.19 18.59 -24.07
N GLY F 186 9.88 17.85 -24.93
CA GLY F 186 11.22 17.40 -24.64
C GLY F 186 11.35 16.08 -23.93
N ASN F 187 10.33 15.24 -23.95
CA ASN F 187 10.37 13.93 -23.30
C ASN F 187 10.62 12.82 -24.32
N VAL F 188 11.08 11.68 -23.82
CA VAL F 188 11.12 10.43 -24.58
C VAL F 188 9.95 9.58 -24.10
N CYS F 189 9.47 8.69 -24.97
CA CYS F 189 8.25 7.93 -24.71
C CYS F 189 8.52 6.43 -24.75
N LEU F 190 7.76 5.70 -23.93
CA LEU F 190 7.76 4.24 -23.97
C LEU F 190 6.30 3.77 -24.01
N TRP F 191 5.96 3.01 -25.05
CA TRP F 191 4.59 2.61 -25.36
C TRP F 191 4.34 1.14 -25.04
N LYS F 192 3.30 0.86 -24.26
CA LYS F 192 2.75 -0.48 -24.13
C LYS F 192 1.27 -0.39 -24.50
N GLY F 193 0.92 -0.92 -25.67
CA GLY F 193 -0.46 -0.94 -26.10
C GLY F 193 -1.18 -2.20 -25.64
N ALA F 194 -2.47 -2.26 -25.95
CA ALA F 194 -3.25 -3.45 -25.65
C ALA F 194 -2.72 -4.64 -26.46
N PRO F 195 -2.57 -5.81 -25.84
CA PRO F 195 -2.03 -6.95 -26.58
C PRO F 195 -2.88 -7.36 -27.78
N THR F 196 -4.20 -7.19 -27.72
CA THR F 196 -5.07 -7.54 -28.85
C THR F 196 -5.00 -6.53 -30.01
N THR F 197 -4.30 -5.41 -29.85
CA THR F 197 -4.05 -4.51 -30.97
C THR F 197 -2.56 -4.33 -31.21
N SER F 198 -1.80 -5.43 -31.08
CA SER F 198 -0.34 -5.38 -31.19
C SER F 198 0.12 -4.98 -32.59
N LEU F 199 -0.55 -5.48 -33.63
CA LEU F 199 -0.13 -5.12 -34.99
C LEU F 199 -0.27 -3.62 -35.23
N ILE F 200 -1.31 -3.00 -34.69
CA ILE F 200 -1.45 -1.55 -34.85
C ILE F 200 -0.31 -0.83 -34.14
N SER F 201 0.09 -1.32 -32.95
CA SER F 201 1.20 -0.69 -32.22
C SER F 201 2.52 -0.83 -32.97
N VAL F 202 2.75 -2.00 -33.58
CA VAL F 202 3.95 -2.20 -34.38
C VAL F 202 3.93 -1.30 -35.62
N ALA F 203 2.78 -1.23 -36.31
CA ALA F 203 2.68 -0.44 -37.54
C ALA F 203 2.90 1.05 -37.27
N VAL F 204 2.29 1.58 -36.22
CA VAL F 204 2.50 3.00 -35.88
C VAL F 204 3.95 3.27 -35.52
N THR F 205 4.58 2.34 -34.79
CA THR F 205 5.96 2.53 -34.40
C THR F 205 6.88 2.46 -35.62
N LYS F 206 6.58 1.58 -36.58
CA LYS F 206 7.36 1.54 -37.81
C LYS F 206 7.37 2.89 -38.50
N ILE F 207 6.21 3.56 -38.53
CA ILE F 207 6.11 4.87 -39.17
C ILE F 207 6.96 5.90 -38.44
N ILE F 208 6.89 5.91 -37.10
CA ILE F 208 7.64 6.91 -36.34
C ILE F 208 9.13 6.60 -36.40
N ALA F 209 9.50 5.32 -36.26
CA ALA F 209 10.91 4.91 -36.29
C ALA F 209 11.60 5.40 -37.55
N LYS F 210 10.90 5.34 -38.70
CA LYS F 210 11.55 5.78 -39.93
C LYS F 210 11.82 7.28 -39.92
N VAL F 211 10.88 8.07 -39.37
CA VAL F 211 11.13 9.51 -39.29
C VAL F 211 12.35 9.79 -38.41
N LEU F 212 12.41 9.16 -37.24
CA LEU F 212 13.54 9.38 -36.32
C LEU F 212 14.85 8.97 -36.98
N GLU F 213 14.86 7.81 -37.65
CA GLU F 213 16.10 7.30 -38.23
C GLU F 213 16.52 8.12 -39.44
N ASP F 214 15.57 8.56 -40.27
CA ASP F 214 15.92 9.43 -41.39
C ASP F 214 16.51 10.75 -40.90
N ASN F 215 16.12 11.21 -39.72
CA ASN F 215 16.66 12.42 -39.13
C ASN F 215 17.86 12.13 -38.25
N LYS F 216 18.37 10.90 -38.28
CA LYS F 216 19.57 10.50 -37.55
C LYS F 216 19.46 10.84 -36.06
N LEU F 217 18.28 10.57 -35.49
CA LEU F 217 17.94 10.66 -34.09
C LEU F 217 17.81 9.27 -33.48
N PRO F 218 18.17 9.09 -32.22
CA PRO F 218 18.06 7.75 -31.61
C PRO F 218 16.61 7.30 -31.54
N GLY F 219 16.36 6.09 -32.04
CA GLY F 219 15.00 5.58 -32.13
C GLY F 219 14.31 5.42 -30.79
N ALA F 220 15.08 5.30 -29.70
CA ALA F 220 14.41 5.06 -28.42
C ALA F 220 13.65 6.27 -27.92
N ILE F 221 13.74 7.40 -28.62
CA ILE F 221 12.90 8.55 -28.29
C ILE F 221 11.42 8.18 -28.33
N CYS F 222 11.03 7.28 -29.22
CA CYS F 222 9.67 6.73 -29.23
C CYS F 222 9.77 5.20 -29.17
N SER F 223 9.96 4.68 -27.96
CA SER F 223 10.17 3.26 -27.75
C SER F 223 8.85 2.50 -27.66
N LEU F 224 8.90 1.22 -28.01
CA LEU F 224 7.77 0.32 -27.92
C LEU F 224 8.18 -0.95 -27.20
N THR F 225 7.41 -1.35 -26.17
CA THR F 225 7.51 -2.69 -25.58
C THR F 225 6.11 -3.30 -25.52
N CYS F 226 5.75 -4.08 -26.55
CA CYS F 226 4.48 -4.79 -26.52
C CYS F 226 4.48 -5.79 -25.37
N GLY F 227 3.40 -5.80 -24.61
CA GLY F 227 3.30 -6.77 -23.53
C GLY F 227 1.96 -6.65 -22.85
N GLY F 228 1.74 -7.54 -21.90
CA GLY F 228 0.53 -7.58 -21.11
C GLY F 228 0.68 -6.93 -19.75
N ALA F 229 0.00 -7.48 -18.76
CA ALA F 229 -0.09 -6.85 -17.44
C ALA F 229 1.26 -6.76 -16.74
N ASP F 230 2.15 -7.75 -16.97
CA ASP F 230 3.46 -7.72 -16.32
C ASP F 230 4.27 -6.48 -16.71
N ILE F 231 4.18 -6.08 -17.98
CA ILE F 231 4.92 -4.91 -18.45
C ILE F 231 4.28 -3.62 -17.93
N GLY F 232 2.94 -3.54 -17.99
CA GLY F 232 2.25 -2.36 -17.48
C GLY F 232 2.50 -2.15 -16.00
N THR F 233 2.51 -3.24 -15.23
CA THR F 233 2.83 -3.15 -13.80
C THR F 233 4.27 -2.69 -13.59
N ALA F 234 5.21 -3.24 -14.35
CA ALA F 234 6.59 -2.80 -14.24
C ALA F 234 6.71 -1.29 -14.47
N MET F 235 5.93 -0.77 -15.43
CA MET F 235 6.00 0.66 -15.73
C MET F 235 5.46 1.48 -14.57
N ALA F 236 4.37 1.04 -13.98
CA ALA F 236 3.79 1.76 -12.86
C ALA F 236 4.68 1.71 -11.62
N LYS F 237 5.57 0.73 -11.51
CA LYS F 237 6.43 0.59 -10.34
C LYS F 237 7.81 1.18 -10.56
N ASP F 238 8.12 1.64 -11.77
CA ASP F 238 9.48 1.98 -12.16
C ASP F 238 9.74 3.46 -11.91
N GLU F 239 10.65 3.75 -10.97
CA GLU F 239 11.04 5.13 -10.68
C GLU F 239 11.63 5.84 -11.91
N ARG F 240 12.15 5.09 -12.89
CA ARG F 240 12.71 5.71 -14.09
C ARG F 240 11.62 6.20 -15.05
N VAL F 241 10.36 5.90 -14.80
CA VAL F 241 9.25 6.37 -15.60
C VAL F 241 8.70 7.60 -14.90
N ASN F 242 9.06 8.79 -15.41
CA ASN F 242 8.80 10.03 -14.70
C ASN F 242 7.33 10.41 -14.72
N LEU F 243 6.63 10.06 -15.79
CA LEU F 243 5.19 10.24 -15.89
C LEU F 243 4.62 9.03 -16.60
N LEU F 244 3.62 8.42 -16.00
CA LEU F 244 2.91 7.30 -16.62
C LEU F 244 1.51 7.77 -17.00
N SER F 245 1.26 7.84 -18.30
CA SER F 245 -0.07 8.10 -18.84
C SER F 245 -0.77 6.76 -19.04
N PHE F 246 -1.91 6.56 -18.37
CA PHE F 246 -2.63 5.29 -18.44
C PHE F 246 -4.06 5.52 -18.91
N THR F 247 -4.42 4.86 -20.00
CA THR F 247 -5.80 4.82 -20.50
C THR F 247 -6.29 3.38 -20.42
N GLY F 248 -7.39 3.16 -19.72
CA GLY F 248 -7.87 1.81 -19.52
C GLY F 248 -8.98 1.76 -18.49
N SER F 249 -9.17 0.57 -17.93
CA SER F 249 -10.30 0.36 -17.03
C SER F 249 -10.08 1.09 -15.72
N THR F 250 -11.20 1.56 -15.13
CA THR F 250 -11.11 2.25 -13.85
C THR F 250 -10.47 1.37 -12.78
N GLN F 251 -10.74 0.06 -12.81
CA GLN F 251 -10.21 -0.83 -11.79
C GLN F 251 -8.68 -0.95 -11.89
N VAL F 252 -8.15 -1.17 -13.08
CA VAL F 252 -6.70 -1.21 -13.23
C VAL F 252 -6.11 0.19 -13.02
N GLY F 253 -6.78 1.21 -13.55
CA GLY F 253 -6.25 2.56 -13.42
C GLY F 253 -6.08 3.00 -11.97
N LYS F 254 -7.04 2.63 -11.10
CA LYS F 254 -6.90 2.94 -9.68
C LYS F 254 -5.64 2.32 -9.10
N GLN F 255 -5.31 1.10 -9.50
CA GLN F 255 -4.12 0.45 -8.98
C GLN F 255 -2.85 1.06 -9.57
N VAL F 256 -2.90 1.50 -10.82
CA VAL F 256 -1.78 2.23 -11.40
C VAL F 256 -1.52 3.50 -10.60
N GLY F 257 -2.60 4.27 -10.34
CA GLY F 257 -2.44 5.51 -9.59
C GLY F 257 -1.84 5.31 -8.22
N LEU F 258 -2.26 4.25 -7.53
CA LEU F 258 -1.71 3.97 -6.21
C LEU F 258 -0.23 3.61 -6.30
N MET F 259 0.14 2.79 -7.28
CA MET F 259 1.54 2.40 -7.42
C MET F 259 2.42 3.61 -7.74
N VAL F 260 1.96 4.51 -8.61
CA VAL F 260 2.78 5.66 -8.96
C VAL F 260 2.86 6.65 -7.78
N GLN F 261 1.74 6.84 -7.07
CA GLN F 261 1.77 7.67 -5.86
C GLN F 261 2.73 7.12 -4.82
N GLU F 262 2.81 5.80 -4.70
CA GLU F 262 3.70 5.19 -3.71
C GLU F 262 5.14 5.60 -3.92
N ARG F 263 5.56 5.76 -5.18
CA ARG F 263 6.94 6.13 -5.48
C ARG F 263 7.08 7.62 -5.80
N PHE F 264 6.03 8.40 -5.53
CA PHE F 264 6.03 9.84 -5.76
C PHE F 264 6.33 10.17 -7.22
N GLY F 265 5.75 9.40 -8.13
CA GLY F 265 5.82 9.68 -9.55
C GLY F 265 4.66 10.55 -9.96
N ARG F 266 4.53 10.75 -11.27
CA ARG F 266 3.40 11.46 -11.86
C ARG F 266 2.57 10.49 -12.67
N SER F 267 1.26 10.57 -12.52
CA SER F 267 0.37 9.73 -13.31
C SER F 267 -0.63 10.60 -14.06
N LEU F 268 -1.09 10.09 -15.19
CA LEU F 268 -2.09 10.76 -16.01
C LEU F 268 -3.12 9.67 -16.33
N LEU F 269 -4.27 9.75 -15.69
CA LEU F 269 -5.24 8.66 -15.71
C LEU F 269 -6.45 9.04 -16.54
N GLU F 270 -6.74 8.24 -17.56
CA GLU F 270 -7.91 8.42 -18.41
C GLU F 270 -8.69 7.11 -18.36
N LEU F 271 -9.70 7.07 -17.50
CA LEU F 271 -10.38 5.83 -17.14
C LEU F 271 -11.82 5.84 -17.70
N GLY F 272 -12.72 5.10 -17.07
CA GLY F 272 -14.01 4.83 -17.68
C GLY F 272 -14.99 5.98 -17.62
N GLY F 273 -16.03 5.88 -18.45
CA GLY F 273 -17.14 6.80 -18.40
C GLY F 273 -18.46 6.07 -18.31
N ASN F 274 -19.46 6.75 -17.73
CA ASN F 274 -20.84 6.29 -17.73
C ASN F 274 -21.71 7.46 -18.17
N ASN F 275 -21.65 7.76 -19.45
CA ASN F 275 -21.96 9.10 -19.96
C ASN F 275 -23.44 9.24 -20.26
N ALA F 276 -24.02 10.37 -19.85
CA ALA F 276 -25.45 10.61 -20.01
C ALA F 276 -25.71 11.66 -21.07
N ILE F 277 -26.77 11.42 -21.85
CA ILE F 277 -27.45 12.44 -22.64
C ILE F 277 -28.77 12.74 -21.95
N ILE F 278 -29.12 14.02 -21.84
CA ILE F 278 -30.36 14.49 -21.23
C ILE F 278 -31.11 15.31 -22.26
N ALA F 279 -32.35 14.92 -22.54
CA ALA F 279 -33.20 15.60 -23.51
C ALA F 279 -34.38 16.24 -22.77
N PHE F 280 -34.38 17.57 -22.71
CA PHE F 280 -35.44 18.29 -22.04
C PHE F 280 -36.66 18.41 -22.95
N GLU F 281 -37.78 18.83 -22.35
CA GLU F 281 -39.02 18.88 -23.12
C GLU F 281 -38.87 19.75 -24.36
N ASP F 282 -38.03 20.79 -24.30
CA ASP F 282 -37.94 21.76 -25.39
C ASP F 282 -36.91 21.40 -26.45
N ALA F 283 -36.31 20.22 -26.37
CA ALA F 283 -35.21 19.89 -27.26
C ALA F 283 -35.69 19.73 -28.70
N ASP F 284 -34.78 19.98 -29.64
CA ASP F 284 -34.99 19.71 -31.06
C ASP F 284 -34.83 18.22 -31.28
N LEU F 285 -35.94 17.50 -31.41
CA LEU F 285 -35.86 16.04 -31.47
C LEU F 285 -35.16 15.55 -32.72
N SER F 286 -35.14 16.36 -33.78
CA SER F 286 -34.41 15.97 -35.00
C SER F 286 -32.90 16.05 -34.80
N LEU F 287 -32.44 16.76 -33.76
CA LEU F 287 -31.06 16.67 -33.29
C LEU F 287 -30.87 15.55 -32.27
N VAL F 288 -31.86 15.34 -31.39
CA VAL F 288 -31.69 14.39 -30.29
C VAL F 288 -31.46 12.97 -30.82
N VAL F 289 -32.31 12.55 -31.76
CA VAL F 289 -32.39 11.15 -32.16
C VAL F 289 -31.12 10.74 -32.88
N PRO F 290 -30.66 11.44 -33.91
CA PRO F 290 -29.39 11.05 -34.53
C PRO F 290 -28.19 11.25 -33.62
N SER F 291 -28.24 12.21 -32.69
CA SER F 291 -27.13 12.36 -31.77
C SER F 291 -27.04 11.16 -30.84
N ALA F 292 -28.17 10.66 -30.35
CA ALA F 292 -28.11 9.52 -29.46
C ALA F 292 -27.71 8.26 -30.22
N LEU F 293 -28.15 8.11 -31.47
CA LEU F 293 -27.75 6.94 -32.24
C LEU F 293 -26.25 6.87 -32.42
N PHE F 294 -25.63 7.93 -32.95
CA PHE F 294 -24.18 7.98 -33.11
C PHE F 294 -23.48 7.77 -31.77
N ALA F 295 -23.90 8.51 -30.74
CA ALA F 295 -23.22 8.44 -29.44
C ALA F 295 -23.30 7.06 -28.82
N ALA F 296 -24.39 6.34 -29.08
CA ALA F 296 -24.62 5.05 -28.43
C ALA F 296 -24.10 3.88 -29.25
N VAL F 297 -24.29 3.90 -30.57
CA VAL F 297 -23.91 2.74 -31.38
C VAL F 297 -22.59 2.91 -32.15
N GLY F 298 -22.09 4.13 -32.28
CA GLY F 298 -20.75 4.34 -32.84
C GLY F 298 -19.70 3.47 -32.16
N THR F 299 -18.77 2.92 -32.95
CA THR F 299 -17.74 2.02 -32.44
C THR F 299 -18.35 0.81 -31.72
N ALA F 300 -19.56 0.43 -32.10
CA ALA F 300 -20.33 -0.64 -31.44
C ALA F 300 -20.39 -0.45 -29.93
N GLY F 301 -20.48 0.82 -29.49
CA GLY F 301 -20.64 1.13 -28.08
C GLY F 301 -19.40 0.91 -27.24
N GLN F 302 -18.23 0.94 -27.85
CA GLN F 302 -17.00 0.58 -27.17
C GLN F 302 -16.11 1.78 -26.86
N ARG F 303 -16.63 3.00 -26.99
CA ARG F 303 -15.84 4.17 -26.60
C ARG F 303 -15.93 4.42 -25.10
N CYS F 304 -14.91 5.09 -24.55
CA CYS F 304 -15.07 5.57 -23.18
C CYS F 304 -16.13 6.67 -23.10
N THR F 305 -16.33 7.41 -24.20
CA THR F 305 -17.32 8.49 -24.28
C THR F 305 -18.68 8.02 -24.80
N THR F 306 -18.87 6.71 -24.99
CA THR F 306 -20.15 6.18 -25.48
C THR F 306 -21.28 6.58 -24.55
N ALA F 307 -22.40 7.04 -25.14
CA ALA F 307 -23.60 7.34 -24.38
C ALA F 307 -24.19 6.04 -23.84
N ARG F 308 -24.25 5.91 -22.52
CA ARG F 308 -24.81 4.71 -21.90
C ARG F 308 -26.08 4.98 -21.11
N ARG F 309 -26.39 6.25 -20.83
CA ARG F 309 -27.60 6.64 -20.12
C ARG F 309 -28.28 7.75 -20.91
N LEU F 310 -29.57 7.56 -21.20
CA LEU F 310 -30.36 8.55 -21.93
C LEU F 310 -31.55 8.93 -21.04
N PHE F 311 -31.54 10.15 -20.52
CA PHE F 311 -32.64 10.68 -19.73
C PHE F 311 -33.53 11.52 -20.64
N ILE F 312 -34.83 11.20 -20.68
CA ILE F 312 -35.80 11.91 -21.53
C ILE F 312 -36.94 12.42 -20.66
N HIS F 313 -37.31 13.69 -20.84
CA HIS F 313 -38.44 14.23 -20.12
C HIS F 313 -39.70 13.42 -20.42
N GLU F 314 -40.57 13.28 -19.40
CA GLU F 314 -41.74 12.41 -19.50
C GLU F 314 -42.60 12.75 -20.71
N SER F 315 -42.72 14.03 -21.03
CA SER F 315 -43.63 14.44 -22.11
C SER F 315 -43.19 13.88 -23.46
N ILE F 316 -41.89 13.65 -23.65
CA ILE F 316 -41.37 13.25 -24.94
C ILE F 316 -40.67 11.89 -24.90
N HIS F 317 -40.67 11.22 -23.75
CA HIS F 317 -39.95 9.95 -23.60
C HIS F 317 -40.41 8.90 -24.63
N ASP F 318 -41.72 8.67 -24.73
CA ASP F 318 -42.19 7.60 -25.60
C ASP F 318 -41.94 7.91 -27.06
N GLU F 319 -42.12 9.17 -27.47
CA GLU F 319 -41.84 9.53 -28.87
C GLU F 319 -40.37 9.33 -29.21
N VAL F 320 -39.47 9.75 -28.32
CA VAL F 320 -38.05 9.64 -28.62
C VAL F 320 -37.61 8.19 -28.68
N VAL F 321 -38.17 7.34 -27.80
CA VAL F 321 -37.84 5.92 -27.84
C VAL F 321 -38.36 5.28 -29.13
N ASN F 322 -39.54 5.71 -29.58
CA ASN F 322 -40.07 5.13 -30.82
C ASN F 322 -39.19 5.51 -32.01
N ARG F 323 -38.79 6.78 -32.08
CA ARG F 323 -37.95 7.23 -33.18
C ARG F 323 -36.55 6.61 -33.11
N LEU F 324 -36.01 6.44 -31.90
CA LEU F 324 -34.73 5.76 -31.76
C LEU F 324 -34.82 4.30 -32.18
N LYS F 325 -35.90 3.62 -31.78
CA LYS F 325 -36.14 2.23 -32.15
C LYS F 325 -36.25 2.07 -33.67
N LYS F 326 -36.89 3.03 -34.34
CA LYS F 326 -37.00 2.96 -35.79
C LYS F 326 -35.67 3.28 -36.46
N ALA F 327 -34.87 4.17 -35.88
CA ALA F 327 -33.55 4.46 -36.44
C ALA F 327 -32.58 3.32 -36.22
N TYR F 328 -32.69 2.60 -35.09
CA TYR F 328 -31.81 1.47 -34.83
C TYR F 328 -31.96 0.39 -35.90
N ALA F 329 -33.19 0.11 -36.32
CA ALA F 329 -33.42 -0.95 -37.31
C ALA F 329 -32.83 -0.63 -38.68
N GLN F 330 -32.50 0.62 -38.96
CA GLN F 330 -31.95 1.00 -40.26
C GLN F 330 -30.43 0.86 -40.35
N ILE F 331 -29.74 0.58 -39.25
CA ILE F 331 -28.28 0.58 -39.21
C ILE F 331 -27.72 -0.54 -40.07
N ARG F 332 -26.88 -0.19 -41.05
CA ARG F 332 -26.22 -1.19 -41.89
C ARG F 332 -25.10 -1.90 -41.13
N VAL F 333 -25.16 -3.23 -41.12
CA VAL F 333 -24.16 -4.08 -40.48
C VAL F 333 -23.31 -4.73 -41.56
N GLY F 334 -22.03 -4.93 -41.26
CA GLY F 334 -21.13 -5.57 -42.21
C GLY F 334 -19.71 -5.60 -41.69
N ASN F 335 -18.84 -6.10 -42.55
CA ASN F 335 -17.42 -6.08 -42.24
C ASN F 335 -16.97 -4.63 -42.08
N PRO F 336 -16.18 -4.30 -41.05
CA PRO F 336 -15.95 -2.88 -40.74
C PRO F 336 -15.06 -2.17 -41.75
N TRP F 337 -14.23 -2.87 -42.50
CA TRP F 337 -13.40 -2.22 -43.51
C TRP F 337 -14.11 -2.09 -44.86
N ASP F 338 -15.40 -2.37 -44.91
CA ASP F 338 -16.18 -2.19 -46.13
C ASP F 338 -16.87 -0.85 -46.10
N PRO F 339 -16.48 0.11 -46.96
CA PRO F 339 -17.15 1.41 -47.00
C PRO F 339 -18.66 1.33 -46.88
N ASN F 340 -19.25 2.32 -46.21
CA ASN F 340 -20.69 2.50 -45.98
C ASN F 340 -21.32 1.47 -45.04
N VAL F 341 -20.54 0.68 -44.30
CA VAL F 341 -21.11 -0.04 -43.16
C VAL F 341 -21.02 0.89 -41.95
N LEU F 342 -22.04 0.84 -41.11
CA LEU F 342 -22.07 1.71 -39.95
C LEU F 342 -21.88 0.93 -38.66
N TYR F 343 -21.81 -0.39 -38.72
CA TYR F 343 -21.82 -1.19 -37.49
C TYR F 343 -20.95 -2.43 -37.67
N GLY F 344 -19.84 -2.49 -36.92
CA GLY F 344 -18.96 -3.64 -36.91
C GLY F 344 -19.14 -4.51 -35.69
N PRO F 345 -18.21 -5.43 -35.46
CA PRO F 345 -18.32 -6.35 -34.32
C PRO F 345 -17.77 -5.73 -33.04
N LEU F 346 -18.09 -6.38 -31.92
CA LEU F 346 -17.34 -6.15 -30.68
C LEU F 346 -15.93 -6.74 -30.80
N HIS F 347 -15.05 -6.32 -29.89
CA HIS F 347 -13.63 -6.55 -30.07
C HIS F 347 -13.23 -7.99 -29.78
N THR F 348 -13.96 -8.69 -28.91
CA THR F 348 -13.59 -10.03 -28.45
C THR F 348 -14.85 -10.85 -28.29
N LYS F 349 -14.67 -12.17 -28.19
CA LYS F 349 -15.80 -13.04 -27.89
C LYS F 349 -16.24 -12.86 -26.44
N GLN F 350 -15.31 -12.57 -25.54
CA GLN F 350 -15.70 -12.31 -24.16
C GLN F 350 -16.64 -11.11 -24.08
N ALA F 351 -16.41 -10.09 -24.91
CA ALA F 351 -17.28 -8.92 -24.90
C ALA F 351 -18.69 -9.29 -25.32
N VAL F 352 -18.82 -10.25 -26.24
CA VAL F 352 -20.14 -10.74 -26.63
C VAL F 352 -20.82 -11.44 -25.45
N SER F 353 -20.09 -12.34 -24.77
CA SER F 353 -20.64 -12.99 -23.57
C SER F 353 -21.01 -11.94 -22.51
N MET F 354 -20.23 -10.89 -22.38
CA MET F 354 -20.55 -9.89 -21.36
C MET F 354 -21.76 -9.05 -21.78
N PHE F 355 -21.96 -8.87 -23.09
CA PHE F 355 -23.19 -8.23 -23.59
C PHE F 355 -24.42 -9.04 -23.21
N LEU F 356 -24.40 -10.35 -23.46
CA LEU F 356 -25.50 -11.21 -23.07
C LEU F 356 -25.72 -11.19 -21.56
N GLY F 357 -24.62 -11.13 -20.80
CA GLY F 357 -24.75 -11.07 -19.35
C GLY F 357 -25.43 -9.80 -18.87
N ALA F 358 -25.10 -8.67 -19.50
CA ALA F 358 -25.67 -7.40 -19.06
C ALA F 358 -27.14 -7.29 -19.44
N VAL F 359 -27.50 -7.73 -20.64
CA VAL F 359 -28.91 -7.75 -21.06
C VAL F 359 -29.73 -8.57 -20.08
N GLU F 360 -29.21 -9.72 -19.66
CA GLU F 360 -29.99 -10.58 -18.78
C GLU F 360 -30.09 -9.99 -17.39
N GLU F 361 -29.03 -9.32 -16.92
CA GLU F 361 -29.10 -8.61 -15.65
C GLU F 361 -30.10 -7.46 -15.72
N ALA F 362 -30.11 -6.73 -16.84
CA ALA F 362 -31.09 -5.66 -17.04
C ALA F 362 -32.51 -6.18 -16.89
N LYS F 363 -32.82 -7.33 -17.48
CA LYS F 363 -34.18 -7.87 -17.34
C LYS F 363 -34.45 -8.28 -15.90
N LYS F 364 -33.48 -8.95 -15.25
CA LYS F 364 -33.65 -9.34 -13.85
C LYS F 364 -33.97 -8.14 -12.96
N GLU F 365 -33.40 -6.97 -13.27
CA GLU F 365 -33.63 -5.78 -12.48
C GLU F 365 -34.88 -5.02 -12.91
N GLY F 366 -35.68 -5.58 -13.82
CA GLY F 366 -36.95 -5.01 -14.19
C GLY F 366 -36.99 -4.23 -15.48
N GLY F 367 -35.88 -4.14 -16.22
CA GLY F 367 -35.89 -3.38 -17.45
C GLY F 367 -36.53 -4.15 -18.60
N THR F 368 -36.92 -3.41 -19.64
CA THR F 368 -37.55 -3.98 -20.82
C THR F 368 -36.67 -3.73 -22.03
N VAL F 369 -36.33 -4.80 -22.76
CA VAL F 369 -35.56 -4.65 -24.00
C VAL F 369 -36.55 -4.22 -25.09
N VAL F 370 -36.56 -2.94 -25.44
CA VAL F 370 -37.47 -2.52 -26.51
C VAL F 370 -36.88 -2.72 -27.90
N TYR F 371 -35.56 -2.87 -28.01
CA TYR F 371 -34.92 -3.22 -29.27
C TYR F 371 -33.60 -3.93 -29.00
N GLY F 372 -33.32 -4.95 -29.82
CA GLY F 372 -32.03 -5.62 -29.76
C GLY F 372 -31.93 -6.68 -28.68
N GLY F 373 -30.78 -6.75 -28.02
CA GLY F 373 -30.58 -7.69 -26.93
C GLY F 373 -30.00 -9.04 -27.32
N LYS F 374 -29.77 -9.30 -28.60
CA LYS F 374 -29.38 -10.62 -29.07
C LYS F 374 -28.09 -10.57 -29.87
N VAL F 375 -27.35 -11.67 -29.84
CA VAL F 375 -26.24 -11.86 -30.77
C VAL F 375 -26.80 -11.96 -32.19
N MET F 376 -26.05 -11.46 -33.16
CA MET F 376 -26.45 -11.59 -34.56
C MET F 376 -25.98 -12.93 -35.13
N ASP F 377 -26.80 -13.48 -36.03
CA ASP F 377 -26.54 -14.78 -36.67
C ASP F 377 -25.60 -14.59 -37.85
N ARG F 378 -24.32 -14.44 -37.54
CA ARG F 378 -23.31 -14.23 -38.57
C ARG F 378 -21.93 -14.47 -37.96
N PRO F 379 -20.91 -14.72 -38.77
CA PRO F 379 -19.56 -14.89 -38.23
C PRO F 379 -19.05 -13.59 -37.63
N GLY F 380 -18.10 -13.74 -36.70
CA GLY F 380 -17.56 -12.59 -36.00
C GLY F 380 -18.31 -12.31 -34.72
N ASN F 381 -17.90 -11.24 -34.05
CA ASN F 381 -18.40 -10.89 -32.71
C ASN F 381 -19.54 -9.87 -32.80
N TYR F 382 -20.60 -10.18 -33.53
CA TYR F 382 -21.67 -9.21 -33.79
C TYR F 382 -22.80 -9.35 -32.79
N VAL F 383 -23.18 -8.24 -32.15
CA VAL F 383 -24.37 -8.18 -31.32
C VAL F 383 -25.27 -7.05 -31.81
N GLU F 384 -26.58 -7.16 -31.52
CA GLU F 384 -27.55 -6.13 -31.89
C GLU F 384 -27.41 -4.92 -30.98
N PRO F 385 -27.36 -3.70 -31.54
CA PRO F 385 -27.47 -2.51 -30.69
C PRO F 385 -28.79 -2.54 -29.92
N THR F 386 -28.75 -2.14 -28.66
CA THR F 386 -29.80 -2.49 -27.72
C THR F 386 -30.25 -1.27 -26.92
N ILE F 387 -31.56 -1.22 -26.67
CA ILE F 387 -32.23 -0.16 -25.93
C ILE F 387 -33.05 -0.81 -24.82
N VAL F 388 -32.88 -0.32 -23.59
CA VAL F 388 -33.55 -0.86 -22.40
C VAL F 388 -34.28 0.28 -21.70
N THR F 389 -35.58 0.13 -21.52
CA THR F 389 -36.41 1.10 -20.81
C THR F 389 -36.87 0.51 -19.47
N GLY F 390 -37.41 1.37 -18.62
CA GLY F 390 -38.09 0.93 -17.41
C GLY F 390 -37.25 0.87 -16.15
N LEU F 391 -35.92 0.90 -16.25
CA LEU F 391 -35.11 0.81 -15.03
C LEU F 391 -35.13 2.12 -14.27
N GLY F 392 -34.99 2.02 -12.95
CA GLY F 392 -34.74 3.21 -12.15
C GLY F 392 -33.34 3.74 -12.40
N HIS F 393 -33.21 5.07 -12.31
CA HIS F 393 -31.91 5.69 -12.57
C HIS F 393 -30.80 5.13 -11.69
N ASP F 394 -31.12 4.50 -10.56
CA ASP F 394 -30.09 3.95 -9.68
C ASP F 394 -29.95 2.44 -9.81
N ALA F 395 -30.58 1.83 -10.81
CA ALA F 395 -30.42 0.40 -11.03
C ALA F 395 -28.95 0.03 -11.11
N SER F 396 -28.61 -1.16 -10.61
CA SER F 396 -27.22 -1.56 -10.46
C SER F 396 -26.52 -1.66 -11.82
N ILE F 397 -27.14 -2.38 -12.77
CA ILE F 397 -26.52 -2.59 -14.08
C ILE F 397 -26.35 -1.26 -14.80
N ALA F 398 -27.22 -0.28 -14.52
CA ALA F 398 -27.04 1.05 -15.07
C ALA F 398 -25.74 1.69 -14.61
N HIS F 399 -25.32 1.42 -13.37
CA HIS F 399 -24.09 1.99 -12.83
C HIS F 399 -22.87 1.13 -13.12
N THR F 400 -23.03 0.05 -13.87
CA THR F 400 -21.91 -0.78 -14.31
C THR F 400 -21.55 -0.39 -15.74
N GLU F 401 -20.30 0.00 -15.95
CA GLU F 401 -19.79 0.32 -17.28
C GLU F 401 -19.53 -0.99 -18.03
N THR F 402 -20.31 -1.25 -19.08
CA THR F 402 -20.09 -2.39 -19.95
C THR F 402 -19.74 -1.87 -21.34
N PHE F 403 -18.65 -2.38 -21.91
CA PHE F 403 -18.26 -1.99 -23.27
C PHE F 403 -19.07 -2.81 -24.29
N ALA F 404 -20.36 -2.50 -24.30
CA ALA F 404 -21.32 -3.16 -25.16
C ALA F 404 -22.37 -2.14 -25.57
N PRO F 405 -22.96 -2.28 -26.75
CA PRO F 405 -23.96 -1.29 -27.19
C PRO F 405 -25.30 -1.53 -26.50
N ILE F 406 -25.40 -1.07 -25.27
CA ILE F 406 -26.61 -1.14 -24.46
C ILE F 406 -26.89 0.27 -23.94
N LEU F 407 -28.03 0.81 -24.33
CA LEU F 407 -28.42 2.17 -23.96
C LEU F 407 -29.57 2.10 -22.96
N TYR F 408 -29.33 2.57 -21.74
CA TYR F 408 -30.34 2.57 -20.68
C TYR F 408 -31.08 3.89 -20.69
N VAL F 409 -32.42 3.82 -20.78
CA VAL F 409 -33.28 4.99 -20.97
C VAL F 409 -34.12 5.23 -19.72
N PHE F 410 -34.17 6.49 -19.28
CA PHE F 410 -34.87 6.87 -18.06
C PHE F 410 -35.77 8.08 -18.33
N LYS F 411 -36.85 8.18 -17.55
CA LYS F 411 -37.72 9.36 -17.54
C LYS F 411 -37.28 10.34 -16.46
N PHE F 412 -37.59 11.62 -16.67
CA PHE F 412 -37.41 12.61 -15.61
C PHE F 412 -38.46 13.71 -15.78
N LYS F 413 -38.61 14.54 -14.75
CA LYS F 413 -39.51 15.69 -14.79
C LYS F 413 -38.80 17.03 -14.69
N ASN F 414 -37.92 17.22 -13.70
CA ASN F 414 -37.36 18.53 -13.42
C ASN F 414 -35.84 18.58 -13.55
N GLU F 415 -35.36 19.77 -13.88
CA GLU F 415 -33.94 19.98 -14.19
C GLU F 415 -33.03 19.59 -13.04
N GLU F 416 -33.42 19.95 -11.82
CA GLU F 416 -32.55 19.74 -10.66
C GLU F 416 -32.34 18.26 -10.36
N GLU F 417 -33.39 17.45 -10.45
CA GLU F 417 -33.21 16.02 -10.19
C GLU F 417 -32.35 15.36 -11.27
N VAL F 418 -32.54 15.77 -12.53
CA VAL F 418 -31.83 15.08 -13.60
C VAL F 418 -30.37 15.52 -13.69
N PHE F 419 -30.05 16.76 -13.29
CA PHE F 419 -28.63 17.11 -13.14
C PHE F 419 -27.98 16.25 -12.05
N ALA F 420 -28.69 16.06 -10.92
CA ALA F 420 -28.18 15.20 -9.86
C ALA F 420 -27.97 13.77 -10.35
N TRP F 421 -28.91 13.27 -11.15
CA TRP F 421 -28.77 11.92 -11.69
C TRP F 421 -27.60 11.81 -12.65
N ASN F 422 -27.37 12.85 -13.47
CA ASN F 422 -26.14 12.86 -14.25
C ASN F 422 -24.92 12.72 -13.35
N ASN F 423 -24.93 13.42 -12.21
CA ASN F 423 -23.76 13.51 -11.35
C ASN F 423 -23.63 12.35 -10.36
N GLU F 424 -24.65 11.50 -10.22
CA GLU F 424 -24.65 10.54 -9.11
C GLU F 424 -23.74 9.34 -9.35
N VAL F 425 -23.21 9.14 -10.55
CA VAL F 425 -22.37 7.99 -10.85
C VAL F 425 -20.95 8.22 -10.34
N LYS F 426 -20.15 7.16 -10.30
CA LYS F 426 -18.78 7.26 -9.83
C LYS F 426 -17.86 7.91 -10.86
N GLN F 427 -18.15 7.71 -12.15
CA GLN F 427 -17.33 8.24 -13.24
C GLN F 427 -17.69 9.70 -13.50
N GLY F 428 -16.85 10.38 -14.29
CA GLY F 428 -17.10 11.76 -14.63
C GLY F 428 -16.50 12.23 -15.94
N LEU F 429 -16.72 11.49 -17.02
CA LEU F 429 -16.04 11.80 -18.29
C LEU F 429 -16.85 12.78 -19.13
N SER F 430 -17.93 12.32 -19.75
CA SER F 430 -18.66 13.16 -20.70
C SER F 430 -20.14 13.27 -20.33
N SER F 431 -20.78 14.34 -20.84
CA SER F 431 -22.17 14.64 -20.52
C SER F 431 -22.72 15.60 -21.56
N SER F 432 -24.02 15.48 -21.85
CA SER F 432 -24.69 16.33 -22.84
C SER F 432 -26.12 16.64 -22.42
N ILE F 433 -26.55 17.88 -22.67
CA ILE F 433 -27.98 18.20 -22.62
C ILE F 433 -28.43 18.66 -23.99
N PHE F 434 -29.70 18.36 -24.28
CA PHE F 434 -30.40 18.86 -25.46
C PHE F 434 -31.53 19.74 -24.97
N THR F 435 -31.49 21.02 -25.33
CA THR F 435 -32.44 22.02 -24.85
C THR F 435 -32.17 23.32 -25.59
N LYS F 436 -33.16 24.20 -25.58
CA LYS F 436 -33.00 25.53 -26.14
C LYS F 436 -32.95 26.60 -25.06
N ASP F 437 -33.16 26.22 -23.80
CA ASP F 437 -33.38 27.15 -22.70
C ASP F 437 -32.06 27.80 -22.30
N LEU F 438 -31.97 29.12 -22.52
CA LEU F 438 -30.70 29.82 -22.32
C LEU F 438 -30.20 29.67 -20.88
N GLY F 439 -31.07 29.91 -19.90
CA GLY F 439 -30.67 29.79 -18.51
C GLY F 439 -30.25 28.38 -18.14
N ARG F 440 -30.98 27.38 -18.63
CA ARG F 440 -30.62 25.99 -18.34
C ARG F 440 -29.23 25.66 -18.86
N ILE F 441 -28.88 26.15 -20.05
CA ILE F 441 -27.58 25.86 -20.63
C ILE F 441 -26.46 26.40 -19.75
N PHE F 442 -26.59 27.64 -19.32
CA PHE F 442 -25.53 28.23 -18.50
C PHE F 442 -25.53 27.67 -17.08
N ARG F 443 -26.68 27.18 -16.59
CA ARG F 443 -26.66 26.48 -15.31
C ARG F 443 -25.94 25.14 -15.42
N TRP F 444 -26.18 24.42 -16.52
CA TRP F 444 -25.49 23.16 -16.80
C TRP F 444 -23.98 23.35 -16.86
N LEU F 445 -23.51 24.45 -17.42
CA LEU F 445 -22.09 24.77 -17.52
C LEU F 445 -21.51 25.33 -16.24
N GLY F 446 -22.34 25.58 -15.22
CA GLY F 446 -21.92 26.31 -14.04
C GLY F 446 -21.65 25.40 -12.87
N PRO F 447 -21.49 25.98 -11.68
CA PRO F 447 -21.03 25.18 -10.53
C PRO F 447 -22.05 24.20 -10.01
N LYS F 448 -23.33 24.38 -10.36
CA LYS F 448 -24.41 23.48 -9.98
C LYS F 448 -24.86 22.60 -11.14
N GLY F 449 -24.02 22.45 -12.16
CA GLY F 449 -24.38 21.67 -13.32
C GLY F 449 -23.65 20.36 -13.40
N SER F 450 -23.28 19.96 -14.63
CA SER F 450 -22.53 18.73 -14.83
C SER F 450 -21.19 18.77 -14.13
N ASP F 451 -20.81 17.64 -13.52
CA ASP F 451 -19.54 17.53 -12.83
C ASP F 451 -18.48 16.85 -13.68
N CYS F 452 -18.73 16.68 -14.97
CA CYS F 452 -17.86 15.91 -15.84
C CYS F 452 -16.75 16.78 -16.43
N GLY F 453 -15.78 16.10 -17.05
CA GLY F 453 -14.71 16.80 -17.75
C GLY F 453 -15.13 17.36 -19.09
N ILE F 454 -16.14 16.76 -19.70
CA ILE F 454 -16.69 17.21 -20.98
C ILE F 454 -18.17 17.48 -20.78
N VAL F 455 -18.60 18.70 -21.08
CA VAL F 455 -19.93 19.19 -20.73
C VAL F 455 -20.50 19.82 -22.00
N ASN F 456 -21.34 19.06 -22.70
CA ASN F 456 -21.76 19.43 -24.05
C ASN F 456 -23.23 19.83 -24.10
N VAL F 457 -23.56 20.60 -25.14
CA VAL F 457 -24.90 21.14 -25.37
C VAL F 457 -25.29 20.90 -26.83
N ASN F 458 -26.38 20.15 -27.03
CA ASN F 458 -26.95 19.85 -28.35
C ASN F 458 -25.98 19.12 -29.29
N ILE F 459 -25.05 18.38 -28.70
CA ILE F 459 -24.23 17.38 -29.39
C ILE F 459 -24.09 16.18 -28.48
N PRO F 460 -23.66 15.04 -29.03
CA PRO F 460 -23.50 13.83 -28.21
C PRO F 460 -22.32 13.89 -27.26
N THR F 461 -22.25 12.86 -26.41
CA THR F 461 -21.18 12.70 -25.43
C THR F 461 -19.83 12.43 -26.07
N SER F 462 -19.79 11.89 -27.29
CA SER F 462 -18.54 11.45 -27.90
C SER F 462 -18.08 12.41 -28.98
N GLY F 463 -16.85 12.17 -29.46
CA GLY F 463 -16.30 12.86 -30.61
C GLY F 463 -15.76 14.25 -30.37
N ALA F 464 -14.91 14.42 -29.35
CA ALA F 464 -14.33 15.73 -29.08
C ALA F 464 -13.33 16.11 -30.15
N GLU F 465 -12.99 17.40 -30.20
CA GLU F 465 -11.90 17.84 -31.05
C GLU F 465 -10.63 18.02 -30.24
N ILE F 466 -9.53 18.26 -30.96
CA ILE F 466 -8.23 18.24 -30.29
C ILE F 466 -7.85 19.58 -29.66
N GLY F 467 -8.56 20.66 -29.99
CA GLY F 467 -8.16 21.97 -29.50
C GLY F 467 -8.28 22.13 -28.00
N GLY F 468 -9.22 21.39 -27.37
CA GLY F 468 -9.43 21.46 -25.95
C GLY F 468 -8.80 20.30 -25.21
N ALA F 469 -8.59 20.49 -23.90
CA ALA F 469 -8.13 19.39 -23.06
C ALA F 469 -9.22 18.32 -22.96
N PHE F 470 -8.81 17.05 -23.03
CA PHE F 470 -9.72 15.92 -23.03
C PHE F 470 -9.47 15.03 -21.83
N GLY F 471 -10.53 14.73 -21.08
CA GLY F 471 -10.41 13.91 -19.88
C GLY F 471 -11.62 14.15 -19.00
N GLY F 472 -11.61 13.45 -17.85
CA GLY F 472 -12.75 13.51 -16.94
C GLY F 472 -12.32 13.60 -15.49
N GLU F 473 -13.33 13.63 -14.62
CA GLU F 473 -13.18 13.78 -13.18
C GLU F 473 -13.61 12.51 -12.44
N LYS F 474 -13.57 12.57 -11.11
CA LYS F 474 -14.05 11.51 -10.22
C LYS F 474 -13.31 10.21 -10.60
N HIS F 475 -14.02 9.11 -10.83
CA HIS F 475 -13.33 7.86 -11.14
C HIS F 475 -12.81 7.79 -12.56
N THR F 476 -13.03 8.83 -13.37
CA THR F 476 -12.38 8.88 -14.66
C THR F 476 -10.89 9.18 -14.52
N GLY F 477 -10.45 9.74 -13.40
CA GLY F 477 -9.05 9.73 -13.02
C GLY F 477 -8.37 11.08 -13.04
N GLY F 478 -8.95 12.08 -13.69
CA GLY F 478 -8.47 13.45 -13.60
C GLY F 478 -7.44 13.87 -14.63
N GLY F 479 -6.86 12.95 -15.40
CA GLY F 479 -5.91 13.34 -16.42
C GLY F 479 -6.54 14.11 -17.57
N ARG F 480 -5.70 14.81 -18.33
CA ARG F 480 -6.11 15.50 -19.54
C ARG F 480 -5.08 15.26 -20.64
N GLU F 481 -5.57 15.16 -21.87
CA GLU F 481 -4.73 14.98 -23.03
C GLU F 481 -5.07 16.03 -24.09
N SER F 482 -4.16 16.20 -25.03
CA SER F 482 -4.36 16.98 -26.24
C SER F 482 -4.22 18.48 -26.01
N GLY F 483 -5.34 19.21 -25.96
CA GLY F 483 -5.34 20.64 -26.17
C GLY F 483 -5.30 21.45 -24.89
N SER F 484 -5.63 22.74 -25.04
CA SER F 484 -5.47 23.78 -24.00
C SER F 484 -4.06 23.73 -23.44
N ASP F 485 -3.91 23.80 -22.11
CA ASP F 485 -2.61 23.67 -21.47
C ASP F 485 -2.41 22.28 -20.87
N ALA F 486 -2.94 21.23 -21.55
CA ALA F 486 -2.64 19.85 -21.18
C ALA F 486 -1.14 19.56 -21.23
N TRP F 487 -0.42 20.24 -22.10
CA TRP F 487 1.02 20.02 -22.21
C TRP F 487 1.74 20.15 -20.86
N LYS F 488 1.21 20.95 -19.94
CA LYS F 488 1.88 21.17 -18.66
C LYS F 488 2.02 19.88 -17.86
N GLN F 489 1.14 18.90 -18.10
CA GLN F 489 1.25 17.63 -17.38
C GLN F 489 2.51 16.87 -17.75
N TYR F 490 3.11 17.20 -18.89
CA TYR F 490 4.28 16.52 -19.41
C TYR F 490 5.58 17.23 -19.05
N MET F 491 5.50 18.26 -18.21
CA MET F 491 6.66 19.06 -17.89
C MET F 491 6.64 19.38 -16.41
N ARG F 492 7.77 19.85 -15.90
CA ARG F 492 7.85 20.26 -14.51
C ARG F 492 8.01 21.77 -14.43
N ARG F 493 7.21 22.39 -13.56
CA ARG F 493 7.24 23.83 -13.34
C ARG F 493 8.34 24.19 -12.34
N SER F 494 9.07 25.26 -12.63
CA SER F 494 9.95 25.83 -11.62
C SER F 494 9.74 27.33 -11.54
N THR F 495 9.69 27.83 -10.31
CA THR F 495 9.58 29.24 -10.04
C THR F 495 10.98 29.74 -9.68
N CYS F 496 11.50 30.68 -10.46
CA CYS F 496 12.92 30.99 -10.48
C CYS F 496 13.11 32.46 -10.22
N THR F 497 13.80 32.81 -9.13
CA THR F 497 14.15 34.18 -8.84
C THR F 497 15.64 34.35 -9.06
N ILE F 498 16.01 35.38 -9.81
CA ILE F 498 17.40 35.67 -10.14
C ILE F 498 17.73 37.06 -9.60
N ASN F 499 18.67 37.11 -8.67
CA ASN F 499 19.18 38.35 -8.13
C ASN F 499 20.36 38.80 -8.99
N TYR F 500 20.21 39.91 -9.71
CA TYR F 500 21.27 40.42 -10.55
C TYR F 500 21.89 41.70 -9.97
N SER F 501 21.66 41.97 -8.69
CA SER F 501 22.21 43.14 -7.99
C SER F 501 23.22 42.72 -6.93
N LYS F 502 23.70 43.71 -6.17
CA LYS F 502 24.65 43.50 -5.08
C LYS F 502 24.00 43.59 -3.71
N ASP F 503 22.70 43.38 -3.62
CA ASP F 503 21.96 43.52 -2.36
C ASP F 503 21.08 42.30 -2.14
N LEU F 504 20.62 42.13 -0.89
CA LEU F 504 19.81 40.98 -0.49
C LEU F 504 18.52 41.39 0.23
N PRO F 505 17.65 42.16 -0.42
CA PRO F 505 16.33 42.41 0.18
C PRO F 505 15.54 41.11 0.28
N LEU F 506 14.87 40.91 1.42
CA LEU F 506 14.08 39.71 1.64
C LEU F 506 12.61 39.97 1.33
N ALA F 507 11.90 38.89 0.97
CA ALA F 507 10.48 39.00 0.69
C ALA F 507 9.70 39.38 1.95
N GLN F 508 8.58 40.07 1.75
CA GLN F 508 7.72 40.61 2.80
C GLN F 508 8.43 41.64 3.66
N GLY F 509 9.53 42.20 3.16
CA GLY F 509 10.25 43.24 3.86
C GLY F 509 10.88 42.81 5.16
N ILE F 510 11.18 41.52 5.31
CA ILE F 510 11.79 41.02 6.54
C ILE F 510 13.23 41.50 6.62
N LYS F 511 13.56 42.22 7.70
CA LYS F 511 14.92 42.66 7.98
C LYS F 511 15.55 41.67 8.96
N PHE F 512 16.66 41.04 8.55
CA PHE F 512 17.33 39.97 9.30
C PHE F 512 18.82 40.32 9.41
N GLN F 513 19.14 41.29 10.25
CA GLN F 513 20.52 41.72 10.42
C GLN F 513 20.75 42.34 11.79
N THR G 5 -22.97 84.19 -2.73
CA THR G 5 -23.49 83.63 -3.98
C THR G 5 -22.82 82.33 -4.36
N LEU G 6 -21.51 82.21 -4.14
CA LEU G 6 -20.83 80.94 -4.38
C LEU G 6 -21.43 79.89 -3.47
N LEU G 7 -21.73 78.71 -4.03
CA LEU G 7 -22.34 77.67 -3.21
C LEU G 7 -21.44 77.25 -2.06
N ILE G 8 -20.12 77.22 -2.31
CA ILE G 8 -19.18 76.79 -1.27
C ILE G 8 -19.11 77.75 -0.09
N ASN G 9 -19.66 78.95 -0.22
CA ASN G 9 -19.75 79.88 0.90
C ASN G 9 -21.08 79.80 1.63
N GLN G 10 -21.98 78.91 1.21
CA GLN G 10 -23.27 78.73 1.86
C GLN G 10 -23.20 77.57 2.82
N PRO G 11 -23.71 77.72 4.04
CA PRO G 11 -23.57 76.65 5.04
C PRO G 11 -24.14 75.30 4.59
N GLN G 12 -25.22 75.29 3.80
CA GLN G 12 -25.81 74.03 3.37
C GLN G 12 -24.85 73.21 2.50
N TYR G 13 -23.85 73.86 1.90
CA TYR G 13 -22.87 73.13 1.09
C TYR G 13 -21.51 73.03 1.78
N ALA G 14 -21.46 73.17 3.11
CA ALA G 14 -20.19 73.16 3.82
C ALA G 14 -19.47 71.82 3.70
N TRP G 15 -20.20 70.75 3.37
CA TRP G 15 -19.57 69.45 3.16
C TRP G 15 -18.54 69.47 2.04
N LEU G 16 -18.61 70.44 1.14
CA LEU G 16 -17.59 70.54 0.10
C LEU G 16 -16.19 70.67 0.70
N LYS G 17 -16.09 71.30 1.87
CA LYS G 17 -14.81 71.50 2.53
C LYS G 17 -14.20 70.19 3.01
N GLU G 18 -14.99 69.12 3.13
CA GLU G 18 -14.41 67.83 3.47
C GLU G 18 -13.52 67.29 2.37
N LEU G 19 -13.65 67.79 1.14
CA LEU G 19 -12.76 67.41 0.05
C LEU G 19 -11.59 68.37 -0.11
N GLY G 20 -11.43 69.30 0.83
CA GLY G 20 -10.37 70.28 0.77
C GLY G 20 -10.62 71.43 -0.19
N LEU G 21 -11.85 71.60 -0.65
CA LEU G 21 -12.17 72.67 -1.58
C LEU G 21 -12.44 73.97 -0.82
N ARG G 22 -12.14 75.09 -1.48
CA ARG G 22 -12.44 76.39 -0.91
C ARG G 22 -12.96 77.29 -2.02
N GLU G 23 -13.12 78.57 -1.68
CA GLU G 23 -13.69 79.54 -2.61
C GLU G 23 -12.91 79.58 -3.92
N GLU G 24 -11.59 79.68 -3.83
CA GLU G 24 -10.74 79.65 -5.01
C GLU G 24 -9.67 78.58 -4.83
N ASN G 25 -9.53 77.70 -5.83
CA ASN G 25 -8.69 76.52 -5.69
C ASN G 25 -7.58 76.51 -6.73
N GLU G 26 -6.40 76.03 -6.34
CA GLU G 26 -5.33 75.80 -7.30
C GLU G 26 -5.68 74.63 -8.23
N GLY G 27 -5.50 74.82 -9.54
CA GLY G 27 -5.79 73.80 -10.51
C GLY G 27 -4.59 73.12 -11.13
N VAL G 28 -3.38 73.44 -10.68
CA VAL G 28 -2.15 72.77 -11.13
C VAL G 28 -1.54 72.07 -9.93
N TYR G 29 -1.24 70.78 -10.09
CA TYR G 29 -0.50 70.04 -9.08
C TYR G 29 0.61 69.24 -9.75
N ASN G 30 1.83 69.40 -9.26
CA ASN G 30 2.98 68.67 -9.76
C ASN G 30 3.93 68.32 -8.62
N GLY G 31 3.38 68.12 -7.42
CA GLY G 31 4.14 68.09 -6.18
C GLY G 31 3.98 69.38 -5.39
N SER G 32 3.84 70.50 -6.10
CA SER G 32 3.37 71.75 -5.53
C SER G 32 2.06 72.11 -6.20
N TRP G 33 1.24 72.89 -5.49
CA TRP G 33 -0.04 73.35 -6.00
C TRP G 33 0.11 74.76 -6.54
N GLY G 34 -0.47 75.02 -7.70
CA GLY G 34 -0.36 76.32 -8.29
C GLY G 34 -1.41 76.58 -9.33
N GLY G 35 -1.11 77.53 -10.21
CA GLY G 35 -2.02 77.89 -11.29
C GLY G 35 -1.88 79.34 -11.67
N ARG G 36 -1.28 79.60 -12.83
CA ARG G 36 -1.07 80.97 -13.29
C ARG G 36 -1.92 81.33 -14.50
N GLY G 37 -2.85 80.47 -14.88
CA GLY G 37 -3.73 80.72 -16.01
C GLY G 37 -5.00 81.43 -15.60
N GLU G 38 -6.00 81.36 -16.47
CA GLU G 38 -7.27 82.03 -16.20
C GLU G 38 -8.03 81.33 -15.08
N VAL G 39 -8.78 82.11 -14.30
CA VAL G 39 -9.59 81.57 -13.23
C VAL G 39 -10.96 81.20 -13.79
N ILE G 40 -11.36 79.95 -13.63
CA ILE G 40 -12.64 79.47 -14.11
C ILE G 40 -13.55 79.25 -12.91
N THR G 41 -14.81 79.65 -13.07
CA THR G 41 -15.85 79.36 -12.11
C THR G 41 -16.75 78.29 -12.71
N THR G 42 -16.98 77.21 -11.97
CA THR G 42 -17.87 76.15 -12.42
C THR G 42 -19.22 76.28 -11.73
N TYR G 43 -20.25 75.76 -12.39
CA TYR G 43 -21.62 76.01 -11.98
C TYR G 43 -22.35 74.70 -11.73
N CYS G 44 -23.39 74.80 -10.92
CA CYS G 44 -24.25 73.68 -10.62
C CYS G 44 -25.38 73.63 -11.63
N PRO G 45 -25.46 72.58 -12.46
CA PRO G 45 -26.48 72.57 -13.52
C PRO G 45 -27.90 72.38 -13.01
N ALA G 46 -28.10 71.95 -11.76
CA ALA G 46 -29.44 71.86 -11.18
C ALA G 46 -30.05 73.22 -10.86
N ASN G 47 -29.23 74.25 -10.65
CA ASN G 47 -29.76 75.57 -10.32
C ASN G 47 -29.01 76.72 -10.97
N ASN G 48 -27.99 76.44 -11.80
CA ASN G 48 -27.23 77.45 -12.53
C ASN G 48 -26.54 78.43 -11.59
N GLU G 49 -26.23 77.97 -10.33
CA GLU G 49 -25.47 78.79 -9.39
C GLU G 49 -23.99 78.45 -9.45
N PRO G 50 -23.13 79.43 -9.22
CA PRO G 50 -21.68 79.15 -9.19
C PRO G 50 -21.29 78.44 -7.91
N ILE G 51 -20.41 77.45 -8.04
CA ILE G 51 -20.03 76.64 -6.91
C ILE G 51 -18.75 77.18 -6.27
N ALA G 52 -17.67 77.22 -7.06
CA ALA G 52 -16.37 77.71 -6.58
C ALA G 52 -15.50 77.96 -7.81
N ARG G 53 -14.26 78.38 -7.57
CA ARG G 53 -13.37 78.75 -8.66
C ARG G 53 -12.10 77.91 -8.63
N VAL G 54 -11.49 77.76 -9.81
CA VAL G 54 -10.22 77.04 -9.97
C VAL G 54 -9.28 77.87 -10.84
N ARG G 55 -8.04 78.03 -10.38
CA ARG G 55 -7.02 78.72 -11.14
C ARG G 55 -6.34 77.72 -12.08
N GLN G 56 -6.52 77.90 -13.38
CA GLN G 56 -6.08 76.94 -14.38
C GLN G 56 -4.60 77.12 -14.71
N ALA G 57 -4.08 76.20 -15.51
CA ALA G 57 -2.67 76.18 -15.89
C ALA G 57 -2.41 77.10 -17.07
N SER G 58 -1.34 77.88 -16.97
CA SER G 58 -0.81 78.59 -18.12
C SER G 58 0.13 77.66 -18.89
N VAL G 59 0.64 78.15 -20.03
CA VAL G 59 1.59 77.35 -20.80
C VAL G 59 2.83 77.05 -19.97
N ALA G 60 3.27 78.02 -19.17
CA ALA G 60 4.45 77.80 -18.34
C ALA G 60 4.19 76.73 -17.27
N ASP G 61 2.98 76.74 -16.67
CA ASP G 61 2.62 75.71 -15.71
C ASP G 61 2.67 74.32 -16.32
N TYR G 62 2.16 74.17 -17.54
CA TYR G 62 2.17 72.87 -18.18
C TYR G 62 3.60 72.44 -18.44
N GLU G 63 4.39 73.33 -19.03
CA GLU G 63 5.81 73.09 -19.29
C GLU G 63 6.52 72.57 -18.04
N GLU G 64 6.39 73.30 -16.94
CA GLU G 64 7.09 72.88 -15.72
C GLU G 64 6.53 71.56 -15.20
N THR G 65 5.22 71.34 -15.33
CA THR G 65 4.62 70.11 -14.82
C THR G 65 5.10 68.89 -15.60
N VAL G 66 5.23 69.02 -16.93
CA VAL G 66 5.75 67.92 -17.74
C VAL G 66 7.15 67.52 -17.27
N LYS G 67 8.02 68.51 -17.09
CA LYS G 67 9.39 68.22 -16.67
C LYS G 67 9.40 67.52 -15.31
N LYS G 68 8.60 68.01 -14.37
CA LYS G 68 8.60 67.42 -13.03
C LYS G 68 8.04 66.00 -13.05
N ALA G 69 6.96 65.78 -13.82
CA ALA G 69 6.44 64.43 -13.98
C ALA G 69 7.52 63.51 -14.52
N ARG G 70 8.28 63.97 -15.52
CA ARG G 70 9.27 63.10 -16.14
C ARG G 70 10.46 62.88 -15.23
N GLU G 71 10.81 63.84 -14.39
CA GLU G 71 11.84 63.58 -13.39
C GLU G 71 11.33 62.59 -12.34
N ALA G 72 10.07 62.76 -11.91
CA ALA G 72 9.46 61.79 -11.00
C ALA G 72 9.47 60.39 -11.59
N TRP G 73 9.31 60.27 -12.91
CA TRP G 73 9.30 58.95 -13.53
C TRP G 73 10.60 58.19 -13.24
N LYS G 74 11.72 58.91 -13.16
CA LYS G 74 12.99 58.25 -12.86
C LYS G 74 12.93 57.48 -11.53
N ILE G 75 12.25 58.06 -10.54
CA ILE G 75 12.08 57.37 -9.27
C ILE G 75 11.01 56.30 -9.37
N TRP G 76 9.87 56.65 -9.98
CA TRP G 76 8.71 55.76 -9.97
C TRP G 76 8.99 54.47 -10.75
N ALA G 77 9.63 54.58 -11.92
CA ALA G 77 9.88 53.40 -12.73
C ALA G 77 10.82 52.40 -12.05
N ASP G 78 11.64 52.87 -11.10
CA ASP G 78 12.52 52.00 -10.32
C ASP G 78 11.82 51.29 -9.18
N ILE G 79 10.59 51.64 -8.88
CA ILE G 79 9.86 50.96 -7.82
C ILE G 79 9.26 49.67 -8.38
N PRO G 80 9.52 48.52 -7.75
CA PRO G 80 8.95 47.26 -8.26
C PRO G 80 7.43 47.33 -8.41
N ALA G 81 6.92 46.70 -9.47
CA ALA G 81 5.48 46.77 -9.74
C ALA G 81 4.62 46.45 -8.53
N PRO G 82 4.86 45.37 -7.77
CA PRO G 82 3.99 45.13 -6.60
C PRO G 82 4.03 46.24 -5.57
N LYS G 83 5.16 46.94 -5.42
CA LYS G 83 5.19 48.08 -4.51
C LYS G 83 4.41 49.26 -5.10
N ARG G 84 4.44 49.42 -6.42
CA ARG G 84 3.55 50.39 -7.06
C ARG G 84 2.09 50.00 -6.80
N GLY G 85 1.78 48.71 -6.86
CA GLY G 85 0.44 48.27 -6.54
C GLY G 85 0.00 48.67 -5.14
N GLU G 86 0.94 48.64 -4.19
CA GLU G 86 0.61 49.01 -2.82
C GLU G 86 0.13 50.46 -2.75
N ILE G 87 0.78 51.36 -3.51
CA ILE G 87 0.33 52.74 -3.55
C ILE G 87 -1.08 52.84 -4.14
N VAL G 88 -1.34 52.10 -5.22
CA VAL G 88 -2.67 52.14 -5.83
C VAL G 88 -3.71 51.61 -4.85
N ARG G 89 -3.37 50.56 -4.10
CA ARG G 89 -4.25 50.04 -3.06
C ARG G 89 -4.62 51.12 -2.06
N GLN G 90 -3.63 51.94 -1.64
CA GLN G 90 -3.92 53.01 -0.69
C GLN G 90 -4.76 54.11 -1.31
N ILE G 91 -4.60 54.36 -2.62
CA ILE G 91 -5.50 55.27 -3.31
C ILE G 91 -6.93 54.73 -3.24
N GLY G 92 -7.11 53.43 -3.52
CA GLY G 92 -8.43 52.83 -3.39
C GLY G 92 -9.01 53.02 -2.01
N ASP G 93 -8.19 52.84 -0.98
CA ASP G 93 -8.66 53.04 0.39
C ASP G 93 -9.03 54.50 0.64
N ALA G 94 -8.20 55.43 0.18
CA ALA G 94 -8.52 56.84 0.37
C ALA G 94 -9.79 57.23 -0.38
N LEU G 95 -10.06 56.57 -1.52
CA LEU G 95 -11.31 56.79 -2.22
C LEU G 95 -12.49 56.24 -1.42
N ARG G 96 -12.37 55.01 -0.92
CA ARG G 96 -13.45 54.40 -0.14
C ARG G 96 -13.91 55.32 0.98
N GLU G 97 -12.99 56.01 1.63
CA GLU G 97 -13.32 56.79 2.82
C GLU G 97 -14.14 58.03 2.50
N LYS G 98 -14.02 58.56 1.27
CA LYS G 98 -14.73 59.78 0.88
C LYS G 98 -15.72 59.51 -0.24
N ILE G 99 -16.17 58.26 -0.39
CA ILE G 99 -17.00 57.89 -1.52
C ILE G 99 -18.32 58.66 -1.52
N GLN G 100 -18.87 58.95 -0.33
CA GLN G 100 -20.15 59.64 -0.29
C GLN G 100 -20.01 61.11 -0.62
N VAL G 101 -19.02 61.78 -0.02
CA VAL G 101 -18.84 63.21 -0.28
C VAL G 101 -18.32 63.45 -1.69
N LEU G 102 -17.41 62.60 -2.18
CA LEU G 102 -16.95 62.72 -3.56
C LEU G 102 -18.11 62.45 -4.51
N GLY G 103 -18.88 61.39 -4.26
CA GLY G 103 -20.06 61.14 -5.08
C GLY G 103 -21.04 62.30 -5.08
N SER G 104 -21.20 62.95 -3.91
CA SER G 104 -22.06 64.14 -3.85
C SER G 104 -21.52 65.26 -4.72
N LEU G 105 -20.21 65.51 -4.67
CA LEU G 105 -19.63 66.54 -5.53
C LEU G 105 -19.90 66.24 -7.01
N VAL G 106 -19.78 64.97 -7.42
CA VAL G 106 -20.09 64.64 -8.82
C VAL G 106 -21.54 65.04 -9.12
N SER G 107 -22.46 64.74 -8.21
CA SER G 107 -23.86 65.12 -8.43
C SER G 107 -24.01 66.63 -8.53
N LEU G 108 -23.23 67.38 -7.74
CA LEU G 108 -23.41 68.82 -7.67
C LEU G 108 -22.85 69.53 -8.90
N GLU G 109 -21.61 69.18 -9.30
CA GLU G 109 -20.95 69.90 -10.37
C GLU G 109 -21.25 69.32 -11.75
N MET G 110 -21.48 68.02 -11.85
CA MET G 110 -21.75 67.38 -13.12
C MET G 110 -23.25 67.21 -13.39
N GLY G 111 -24.00 66.75 -12.39
CA GLY G 111 -25.45 66.68 -12.50
C GLY G 111 -26.06 65.28 -12.46
N LYS G 112 -25.28 64.21 -12.45
CA LYS G 112 -25.88 62.88 -12.39
C LYS G 112 -26.38 62.59 -10.98
N ILE G 113 -27.34 61.66 -10.88
CA ILE G 113 -27.95 61.38 -9.58
C ILE G 113 -26.94 60.71 -8.66
N LEU G 114 -27.27 60.71 -7.37
CA LEU G 114 -26.29 60.37 -6.35
C LEU G 114 -25.81 58.92 -6.47
N VAL G 115 -26.73 57.98 -6.70
CA VAL G 115 -26.30 56.58 -6.83
C VAL G 115 -25.36 56.40 -8.01
N GLU G 116 -25.50 57.22 -9.06
CA GLU G 116 -24.58 57.14 -10.19
C GLU G 116 -23.26 57.86 -9.88
N GLY G 117 -23.31 58.93 -9.09
CA GLY G 117 -22.08 59.58 -8.69
C GLY G 117 -21.26 58.70 -7.76
N VAL G 118 -21.91 58.07 -6.79
CA VAL G 118 -21.23 57.11 -5.93
C VAL G 118 -20.82 55.88 -6.73
N GLY G 119 -21.70 55.40 -7.61
CA GLY G 119 -21.35 54.28 -8.48
C GLY G 119 -20.10 54.54 -9.33
N GLU G 120 -19.90 55.80 -9.73
CA GLU G 120 -18.72 56.12 -10.53
C GLU G 120 -17.46 56.10 -9.67
N VAL G 121 -17.53 56.61 -8.44
CA VAL G 121 -16.39 56.46 -7.53
C VAL G 121 -16.13 54.99 -7.29
N GLN G 122 -17.19 54.18 -7.18
CA GLN G 122 -17.04 52.75 -6.99
C GLN G 122 -16.25 52.13 -8.12
N GLU G 123 -16.54 52.53 -9.37
CA GLU G 123 -15.75 52.05 -10.51
C GLU G 123 -14.26 52.25 -10.25
N TYR G 124 -13.89 53.42 -9.73
CA TYR G 124 -12.48 53.72 -9.50
C TYR G 124 -11.91 52.83 -8.40
N VAL G 125 -12.65 52.68 -7.30
CA VAL G 125 -12.24 51.75 -6.24
C VAL G 125 -12.09 50.33 -6.80
N ASP G 126 -13.06 49.90 -7.62
CA ASP G 126 -12.99 48.59 -8.27
C ASP G 126 -11.70 48.43 -9.08
N ILE G 127 -11.39 49.39 -9.94
CA ILE G 127 -10.23 49.22 -10.80
C ILE G 127 -8.94 49.27 -9.98
N CYS G 128 -8.96 49.99 -8.84
CA CYS G 128 -7.80 49.98 -7.95
C CYS G 128 -7.54 48.59 -7.40
N ASP G 129 -8.59 47.93 -6.88
CA ASP G 129 -8.45 46.55 -6.42
C ASP G 129 -7.90 45.67 -7.53
N TYR G 130 -8.39 45.87 -8.74
CA TYR G 130 -7.96 45.08 -9.89
C TYR G 130 -6.48 45.31 -10.19
N ALA G 131 -6.07 46.58 -10.25
CA ALA G 131 -4.69 46.90 -10.60
C ALA G 131 -3.71 46.37 -9.56
N VAL G 132 -4.13 46.31 -8.29
CA VAL G 132 -3.27 45.77 -7.24
C VAL G 132 -2.90 44.32 -7.53
N GLY G 133 -3.89 43.50 -7.92
CA GLY G 133 -3.55 42.14 -8.31
C GLY G 133 -2.73 42.11 -9.59
N LEU G 134 -3.11 42.94 -10.56
CA LEU G 134 -2.33 43.05 -11.79
C LEU G 134 -0.87 43.40 -11.54
N SER G 135 -0.57 44.16 -10.47
CA SER G 135 0.81 44.58 -10.24
C SER G 135 1.74 43.40 -9.96
N ARG G 136 1.20 42.24 -9.63
CA ARG G 136 1.98 41.01 -9.44
C ARG G 136 1.96 40.12 -10.67
N MET G 137 1.31 40.54 -11.75
CA MET G 137 1.07 39.67 -12.89
C MET G 137 1.62 40.18 -14.22
N ILE G 138 1.72 41.50 -14.41
CA ILE G 138 2.05 42.03 -15.73
C ILE G 138 3.43 41.54 -16.19
N GLY G 139 3.56 41.38 -17.49
CA GLY G 139 4.75 40.79 -18.07
C GLY G 139 4.36 39.99 -19.30
N GLY G 140 5.31 39.22 -19.81
CA GLY G 140 5.11 38.44 -21.01
C GLY G 140 5.69 37.05 -20.94
N PRO G 141 5.46 36.25 -21.98
CA PRO G 141 5.89 34.85 -21.96
C PRO G 141 7.38 34.67 -22.20
N ILE G 142 7.91 33.63 -21.54
CA ILE G 142 9.19 33.05 -21.92
C ILE G 142 8.93 32.02 -23.01
N LEU G 143 9.62 32.18 -24.15
CA LEU G 143 9.32 31.37 -25.33
C LEU G 143 10.48 30.44 -25.64
N PRO G 144 10.21 29.30 -26.30
CA PRO G 144 11.30 28.39 -26.66
C PRO G 144 11.99 28.84 -27.94
N SER G 145 13.27 29.16 -27.84
CA SER G 145 14.03 29.59 -29.00
C SER G 145 14.34 28.41 -29.89
N GLU G 146 14.40 28.67 -31.20
CA GLU G 146 14.82 27.61 -32.10
C GLU G 146 16.31 27.36 -32.03
N ARG G 147 17.03 28.19 -31.27
CA ARG G 147 18.49 28.16 -31.23
C ARG G 147 18.96 27.62 -29.89
N SER G 148 19.90 26.69 -29.95
CA SER G 148 20.52 26.15 -28.74
C SER G 148 21.23 27.28 -28.00
N GLY G 149 21.12 27.25 -26.67
CA GLY G 149 21.87 28.20 -25.88
C GLY G 149 21.35 29.61 -25.94
N HIS G 150 20.10 29.80 -26.35
CA HIS G 150 19.48 31.11 -26.40
C HIS G 150 18.20 31.09 -25.59
N ALA G 151 17.92 32.20 -24.92
CA ALA G 151 16.62 32.44 -24.31
C ALA G 151 15.88 33.45 -25.15
N LEU G 152 14.57 33.29 -25.22
CA LEU G 152 13.69 34.22 -25.93
C LEU G 152 12.60 34.62 -24.93
N ILE G 153 12.48 35.93 -24.67
CA ILE G 153 11.55 36.41 -23.66
C ILE G 153 10.89 37.68 -24.16
N GLU G 154 9.63 37.86 -23.81
CA GLU G 154 8.89 39.07 -24.14
C GLU G 154 8.81 39.92 -22.89
N GLN G 155 9.46 41.09 -22.92
CA GLN G 155 9.48 42.02 -21.81
C GLN G 155 8.47 43.15 -22.03
N TRP G 156 7.95 43.69 -20.93
CA TRP G 156 7.09 44.87 -20.96
C TRP G 156 7.64 45.90 -19.99
N ASN G 157 7.70 47.16 -20.44
CA ASN G 157 8.22 48.26 -19.65
C ASN G 157 7.32 49.48 -19.84
N PRO G 158 7.31 50.41 -18.89
CA PRO G 158 6.43 51.57 -19.02
C PRO G 158 6.82 52.43 -20.21
N VAL G 159 5.83 53.12 -20.79
CA VAL G 159 6.12 54.05 -21.87
C VAL G 159 6.66 55.39 -21.37
N GLY G 160 6.36 55.77 -20.12
CA GLY G 160 6.91 56.98 -19.54
C GLY G 160 5.85 57.88 -18.95
N LEU G 161 5.56 59.01 -19.62
CA LEU G 161 4.49 59.92 -19.22
C LEU G 161 3.20 59.58 -19.98
N VAL G 162 2.11 59.36 -19.25
CA VAL G 162 0.80 59.06 -19.82
C VAL G 162 -0.07 60.31 -19.64
N GLY G 163 -0.33 61.03 -20.73
CA GLY G 163 -1.28 62.13 -20.67
C GLY G 163 -2.70 61.60 -20.75
N ILE G 164 -3.58 62.17 -19.92
CA ILE G 164 -4.95 61.68 -19.76
C ILE G 164 -5.89 62.88 -19.85
N ILE G 165 -6.72 62.91 -20.90
CA ILE G 165 -7.72 63.94 -21.08
C ILE G 165 -9.08 63.29 -20.94
N THR G 166 -9.93 63.85 -20.08
CA THR G 166 -11.23 63.25 -19.82
C THR G 166 -12.35 64.26 -20.09
N ALA G 167 -13.59 63.76 -20.09
CA ALA G 167 -14.76 64.53 -20.46
C ALA G 167 -15.64 64.79 -19.24
N PHE G 168 -16.66 65.63 -19.46
CA PHE G 168 -17.52 66.04 -18.34
C PHE G 168 -18.35 64.89 -17.80
N ASN G 169 -18.75 63.93 -18.66
CA ASN G 169 -19.83 63.04 -18.25
C ASN G 169 -19.38 61.93 -17.31
N PHE G 170 -18.11 61.56 -17.32
CA PHE G 170 -17.53 60.66 -16.32
C PHE G 170 -16.27 61.34 -15.78
N PRO G 171 -16.44 62.31 -14.88
CA PRO G 171 -15.29 63.11 -14.44
C PRO G 171 -14.37 62.41 -13.45
N VAL G 172 -14.73 61.21 -12.96
CA VAL G 172 -13.92 60.48 -12.01
C VAL G 172 -13.41 59.16 -12.60
N ALA G 173 -14.32 58.35 -13.14
CA ALA G 173 -13.99 56.94 -13.39
C ALA G 173 -13.10 56.73 -14.61
N VAL G 174 -13.17 57.59 -15.61
CA VAL G 174 -12.29 57.42 -16.77
C VAL G 174 -10.85 57.76 -16.40
N TYR G 175 -10.65 58.88 -15.71
CA TYR G 175 -9.33 59.16 -15.17
C TYR G 175 -8.84 57.99 -14.31
N GLY G 176 -9.71 57.51 -13.42
CA GLY G 176 -9.31 56.46 -12.50
C GLY G 176 -8.87 55.19 -13.19
N ALA G 177 -9.60 54.77 -14.22
CA ALA G 177 -9.23 53.57 -14.94
C ALA G 177 -7.88 53.74 -15.64
N ASN G 178 -7.65 54.91 -16.24
CA ASN G 178 -6.35 55.16 -16.86
C ASN G 178 -5.26 55.26 -15.80
N ASN G 179 -5.54 55.96 -14.70
CA ASN G 179 -4.53 56.24 -13.69
C ASN G 179 -4.08 54.97 -12.96
N ALA G 180 -5.04 54.18 -12.46
CA ALA G 180 -4.69 52.98 -11.71
C ALA G 180 -3.86 52.01 -12.54
N ILE G 181 -4.24 51.82 -13.80
CA ILE G 181 -3.51 50.88 -14.65
C ILE G 181 -2.14 51.44 -15.01
N ALA G 182 -2.10 52.70 -15.46
CA ALA G 182 -0.85 53.32 -15.85
C ALA G 182 0.14 53.30 -14.69
N MET G 183 -0.34 53.55 -13.48
CA MET G 183 0.52 53.57 -12.30
C MET G 183 1.18 52.21 -12.06
N ILE G 184 0.38 51.14 -12.00
CA ILE G 184 1.01 49.85 -11.71
C ILE G 184 1.93 49.42 -12.85
N CYS G 185 1.70 49.94 -14.07
CA CYS G 185 2.59 49.69 -15.19
C CYS G 185 3.87 50.53 -15.18
N GLY G 186 4.05 51.42 -14.18
CA GLY G 186 5.30 52.14 -14.06
C GLY G 186 5.37 53.48 -14.75
N ASN G 187 4.23 54.06 -15.09
CA ASN G 187 4.17 55.36 -15.76
C ASN G 187 3.80 56.45 -14.77
N VAL G 188 4.20 57.68 -15.08
CA VAL G 188 3.63 58.86 -14.45
C VAL G 188 2.47 59.36 -15.32
N CYS G 189 1.56 60.11 -14.71
CA CYS G 189 0.35 60.56 -15.40
C CYS G 189 0.24 62.08 -15.34
N LEU G 190 -0.40 62.65 -16.36
CA LEU G 190 -0.72 64.07 -16.39
C LEU G 190 -2.17 64.21 -16.82
N TRP G 191 -2.99 64.81 -15.95
CA TRP G 191 -4.44 64.83 -16.12
C TRP G 191 -4.89 66.21 -16.54
N LYS G 192 -5.62 66.31 -17.65
CA LYS G 192 -6.39 67.51 -17.97
C LYS G 192 -7.85 67.10 -18.09
N GLY G 193 -8.67 67.51 -17.12
CA GLY G 193 -10.08 67.17 -17.14
C GLY G 193 -10.93 68.18 -17.89
N ALA G 194 -12.23 67.90 -17.93
CA ALA G 194 -13.18 68.84 -18.52
C ALA G 194 -13.21 70.12 -17.69
N PRO G 195 -13.14 71.30 -18.32
CA PRO G 195 -13.18 72.55 -17.53
C PRO G 195 -14.41 72.69 -16.66
N THR G 196 -15.57 72.18 -17.09
CA THR G 196 -16.79 72.31 -16.31
C THR G 196 -16.90 71.30 -15.17
N THR G 197 -15.94 70.38 -15.04
CA THR G 197 -15.83 69.56 -13.84
C THR G 197 -14.48 69.76 -13.17
N SER G 198 -14.00 71.01 -13.14
CA SER G 198 -12.68 71.29 -12.57
C SER G 198 -12.62 71.00 -11.07
N LEU G 199 -13.71 71.24 -10.34
CA LEU G 199 -13.66 70.98 -8.90
C LEU G 199 -13.53 69.49 -8.61
N ILE G 200 -14.14 68.65 -9.44
CA ILE G 200 -13.98 67.22 -9.26
C ILE G 200 -12.52 66.81 -9.51
N SER G 201 -11.91 67.33 -10.59
CA SER G 201 -10.50 67.02 -10.86
C SER G 201 -9.61 67.45 -9.68
N VAL G 202 -9.85 68.64 -9.15
CA VAL G 202 -9.06 69.08 -8.00
C VAL G 202 -9.28 68.13 -6.82
N ALA G 203 -10.54 67.77 -6.55
CA ALA G 203 -10.85 66.96 -5.38
C ALA G 203 -10.17 65.59 -5.46
N VAL G 204 -10.26 64.94 -6.62
CA VAL G 204 -9.63 63.64 -6.80
C VAL G 204 -8.12 63.75 -6.62
N THR G 205 -7.52 64.78 -7.25
CA THR G 205 -6.07 64.95 -7.15
C THR G 205 -5.62 65.23 -5.72
N LYS G 206 -6.46 65.92 -4.93
CA LYS G 206 -6.12 66.13 -3.53
C LYS G 206 -6.05 64.80 -2.79
N ILE G 207 -6.94 63.88 -3.12
CA ILE G 207 -6.94 62.56 -2.50
C ILE G 207 -5.65 61.82 -2.85
N ILE G 208 -5.30 61.81 -4.14
CA ILE G 208 -4.12 61.06 -4.57
C ILE G 208 -2.85 61.72 -4.06
N ALA G 209 -2.78 63.05 -4.10
CA ALA G 209 -1.58 63.75 -3.65
C ALA G 209 -1.24 63.38 -2.21
N LYS G 210 -2.25 63.32 -1.33
CA LYS G 210 -2.00 62.98 0.08
C LYS G 210 -1.40 61.60 0.20
N VAL G 211 -1.87 60.64 -0.60
CA VAL G 211 -1.32 59.29 -0.54
C VAL G 211 0.13 59.27 -0.99
N LEU G 212 0.44 59.98 -2.09
CA LEU G 212 1.82 60.04 -2.55
C LEU G 212 2.72 60.71 -1.53
N GLU G 213 2.28 61.85 -1.00
CA GLU G 213 3.10 62.58 -0.03
C GLU G 213 3.30 61.76 1.24
N ASP G 214 2.24 61.09 1.71
CA ASP G 214 2.42 60.25 2.90
C ASP G 214 3.41 59.12 2.66
N ASN G 215 3.58 58.70 1.41
CA ASN G 215 4.51 57.64 1.08
C ASN G 215 5.88 58.15 0.64
N LYS G 216 6.12 59.46 0.80
CA LYS G 216 7.41 60.08 0.47
C LYS G 216 7.77 59.84 -1.00
N LEU G 217 6.76 59.92 -1.87
CA LEU G 217 6.91 59.84 -3.32
C LEU G 217 6.68 61.21 -3.94
N PRO G 218 7.35 61.53 -5.05
CA PRO G 218 7.10 62.81 -5.72
C PRO G 218 5.66 62.89 -6.22
N GLY G 219 4.99 63.99 -5.88
CA GLY G 219 3.60 64.19 -6.25
C GLY G 219 3.35 64.23 -7.74
N ALA G 220 4.35 64.61 -8.54
CA ALA G 220 4.14 64.69 -9.99
C ALA G 220 3.87 63.33 -10.62
N ILE G 221 4.00 62.25 -9.86
CA ILE G 221 3.61 60.93 -10.37
C ILE G 221 2.17 60.96 -10.86
N CYS G 222 1.32 61.76 -10.23
CA CYS G 222 -0.07 61.94 -10.65
C CYS G 222 -0.33 63.45 -10.76
N SER G 223 0.20 64.05 -11.82
CA SER G 223 0.12 65.49 -12.01
C SER G 223 -1.26 65.89 -12.55
N LEU G 224 -1.63 67.14 -12.30
CA LEU G 224 -2.87 67.76 -12.73
C LEU G 224 -2.58 69.12 -13.33
N THR G 225 -3.08 69.38 -14.54
CA THR G 225 -3.02 70.69 -15.19
C THR G 225 -4.41 71.00 -15.73
N CYS G 226 -5.23 71.67 -14.91
CA CYS G 226 -6.56 72.09 -15.36
C CYS G 226 -6.44 73.12 -16.46
N GLY G 227 -7.30 73.02 -17.46
CA GLY G 227 -7.24 73.89 -18.60
C GLY G 227 -8.14 73.37 -19.71
N GLY G 228 -8.26 74.17 -20.75
CA GLY G 228 -9.11 73.88 -21.89
C GLY G 228 -8.36 73.38 -23.09
N ALA G 229 -8.84 73.75 -24.29
CA ALA G 229 -8.34 73.16 -25.51
C ALA G 229 -6.87 73.45 -25.73
N ASP G 230 -6.37 74.58 -25.23
CA ASP G 230 -4.96 74.89 -25.45
C ASP G 230 -4.02 73.97 -24.67
N ILE G 231 -4.42 73.53 -23.47
CA ILE G 231 -3.62 72.51 -22.79
C ILE G 231 -3.76 71.16 -23.50
N GLY G 232 -4.97 70.80 -23.93
CA GLY G 232 -5.15 69.53 -24.64
C GLY G 232 -4.37 69.47 -25.93
N THR G 233 -4.38 70.57 -26.69
CA THR G 233 -3.63 70.60 -27.94
C THR G 233 -2.12 70.52 -27.68
N ALA G 234 -1.65 71.18 -26.62
CA ALA G 234 -0.24 71.08 -26.23
C ALA G 234 0.15 69.63 -25.91
N MET G 235 -0.70 68.92 -25.16
CA MET G 235 -0.43 67.52 -24.85
C MET G 235 -0.40 66.67 -26.13
N ALA G 236 -1.32 66.93 -27.06
CA ALA G 236 -1.37 66.16 -28.29
C ALA G 236 -0.12 66.35 -29.15
N LYS G 237 0.50 67.54 -29.10
CA LYS G 237 1.68 67.82 -29.90
C LYS G 237 2.99 67.58 -29.14
N ASP G 238 2.92 67.25 -27.85
CA ASP G 238 4.10 67.22 -26.99
C ASP G 238 4.77 65.86 -27.09
N GLU G 239 5.94 65.83 -27.71
CA GLU G 239 6.71 64.59 -27.84
C GLU G 239 7.00 63.94 -26.49
N ARG G 240 7.01 64.71 -25.40
CA ARG G 240 7.29 64.16 -24.08
C ARG G 240 6.12 63.40 -23.49
N VAL G 241 4.94 63.48 -24.10
CA VAL G 241 3.79 62.72 -23.67
C VAL G 241 3.81 61.42 -24.46
N ASN G 242 4.21 60.33 -23.80
CA ASN G 242 4.53 59.10 -24.52
C ASN G 242 3.27 58.38 -24.99
N LEU G 243 2.21 58.47 -24.20
CA LEU G 243 0.89 57.97 -24.59
C LEU G 243 -0.11 59.03 -24.19
N LEU G 244 -1.01 59.38 -25.12
CA LEU G 244 -2.10 60.30 -24.81
C LEU G 244 -3.41 59.51 -24.85
N SER G 245 -4.04 59.37 -23.69
CA SER G 245 -5.35 58.75 -23.59
C SER G 245 -6.39 59.86 -23.64
N PHE G 246 -7.26 59.84 -24.65
CA PHE G 246 -8.24 60.91 -24.85
C PHE G 246 -9.64 60.33 -24.87
N THR G 247 -10.49 60.83 -23.97
CA THR G 247 -11.92 60.55 -23.96
C THR G 247 -12.65 61.85 -24.28
N GLY G 248 -13.51 61.82 -25.30
CA GLY G 248 -14.21 63.03 -25.69
C GLY G 248 -14.93 62.86 -27.02
N SER G 249 -15.26 63.99 -27.63
CA SER G 249 -16.02 63.95 -28.87
C SER G 249 -15.20 63.27 -29.96
N THR G 250 -15.90 62.64 -30.90
CA THR G 250 -15.24 62.05 -32.06
C THR G 250 -14.52 63.12 -32.86
N GLN G 251 -15.14 64.30 -33.01
CA GLN G 251 -14.53 65.35 -33.82
C GLN G 251 -13.19 65.78 -33.25
N VAL G 252 -13.10 65.93 -31.93
CA VAL G 252 -11.83 66.35 -31.35
C VAL G 252 -10.86 65.19 -31.28
N GLY G 253 -11.37 63.99 -30.95
CA GLY G 253 -10.51 62.82 -30.91
C GLY G 253 -9.80 62.55 -32.22
N LYS G 254 -10.45 62.85 -33.34
CA LYS G 254 -9.80 62.65 -34.64
C LYS G 254 -8.58 63.55 -34.76
N GLN G 255 -8.74 64.83 -34.44
CA GLN G 255 -7.60 65.74 -34.50
C GLN G 255 -6.52 65.35 -33.51
N VAL G 256 -6.90 64.85 -32.33
CA VAL G 256 -5.92 64.37 -31.36
C VAL G 256 -5.11 63.22 -31.95
N GLY G 257 -5.80 62.24 -32.56
CA GLY G 257 -5.11 61.10 -33.14
C GLY G 257 -4.18 61.48 -34.27
N LEU G 258 -4.58 62.46 -35.08
CA LEU G 258 -3.70 62.93 -36.15
C LEU G 258 -2.47 63.63 -35.61
N MET G 259 -2.66 64.50 -34.61
CA MET G 259 -1.51 65.16 -34.00
C MET G 259 -0.54 64.16 -33.39
N VAL G 260 -1.06 63.15 -32.69
CA VAL G 260 -0.18 62.14 -32.09
C VAL G 260 0.52 61.32 -33.18
N GLN G 261 -0.20 60.97 -34.25
CA GLN G 261 0.42 60.21 -35.35
C GLN G 261 1.48 61.03 -36.06
N GLU G 262 1.29 62.35 -36.17
CA GLU G 262 2.25 63.23 -36.82
C GLU G 262 3.61 63.18 -36.12
N ARG G 263 3.62 63.02 -34.80
CA ARG G 263 4.87 62.95 -34.04
C ARG G 263 5.23 61.53 -33.63
N PHE G 264 4.55 60.52 -34.17
CA PHE G 264 4.84 59.11 -33.87
C PHE G 264 4.75 58.80 -32.38
N GLY G 265 3.76 59.39 -31.71
CA GLY G 265 3.42 59.00 -30.35
C GLY G 265 2.38 57.89 -30.37
N ARG G 266 1.98 57.47 -29.17
CA ARG G 266 0.89 56.52 -29.00
C ARG G 266 -0.34 57.25 -28.50
N SER G 267 -1.51 56.88 -29.02
CA SER G 267 -2.77 57.44 -28.55
C SER G 267 -3.75 56.32 -28.24
N LEU G 268 -4.65 56.59 -27.30
CA LEU G 268 -5.73 55.68 -26.92
C LEU G 268 -7.02 56.49 -26.99
N LEU G 269 -7.87 56.21 -27.97
CA LEU G 269 -9.02 57.06 -28.26
C LEU G 269 -10.30 56.39 -27.80
N GLU G 270 -11.08 57.11 -26.98
CA GLU G 270 -12.36 56.65 -26.44
C GLU G 270 -13.39 57.71 -26.82
N LEU G 271 -14.07 57.52 -27.95
CA LEU G 271 -14.88 58.58 -28.54
C LEU G 271 -16.36 58.23 -28.45
N GLY G 272 -17.17 58.83 -29.30
CA GLY G 272 -18.61 58.74 -29.14
C GLY G 272 -19.21 57.40 -29.57
N GLY G 273 -20.47 57.22 -29.19
CA GLY G 273 -21.22 56.05 -29.60
C GLY G 273 -22.59 56.47 -30.11
N ASN G 274 -23.22 55.54 -30.85
CA ASN G 274 -24.59 55.69 -31.31
C ASN G 274 -25.27 54.33 -31.07
N ASN G 275 -25.49 54.03 -29.79
CA ASN G 275 -25.65 52.65 -29.37
C ASN G 275 -27.09 52.19 -29.51
N ALA G 276 -27.26 50.98 -30.04
CA ALA G 276 -28.58 50.43 -30.32
C ALA G 276 -28.91 49.29 -29.37
N ILE G 277 -30.19 49.21 -28.99
CA ILE G 277 -30.79 48.03 -28.39
C ILE G 277 -31.76 47.43 -29.41
N ILE G 278 -31.73 46.10 -29.57
CA ILE G 278 -32.62 45.39 -30.50
C ILE G 278 -33.45 44.38 -29.72
N ALA G 279 -34.77 44.49 -29.77
CA ALA G 279 -35.64 43.53 -29.10
C ALA G 279 -36.36 42.71 -30.16
N PHE G 280 -36.07 41.41 -30.17
CA PHE G 280 -36.69 40.46 -31.10
C PHE G 280 -38.04 40.01 -30.56
N GLU G 281 -38.78 39.29 -31.41
CA GLU G 281 -40.15 38.92 -31.05
C GLU G 281 -40.18 38.02 -29.82
N ASP G 282 -39.13 37.26 -29.58
CA ASP G 282 -39.13 36.34 -28.45
C ASP G 282 -38.57 36.96 -27.18
N ALA G 283 -38.29 38.27 -27.17
CA ALA G 283 -37.64 38.89 -26.02
C ALA G 283 -38.54 38.86 -24.78
N ASP G 284 -37.91 38.71 -23.62
CA ASP G 284 -38.59 38.88 -22.33
C ASP G 284 -38.83 40.37 -22.13
N LEU G 285 -40.07 40.82 -22.35
CA LEU G 285 -40.37 42.25 -22.31
C LEU G 285 -40.21 42.85 -20.93
N SER G 286 -40.27 42.01 -19.88
CA SER G 286 -40.03 42.54 -18.54
C SER G 286 -38.56 42.86 -18.30
N LEU G 287 -37.65 42.34 -19.14
CA LEU G 287 -36.26 42.81 -19.12
C LEU G 287 -36.07 43.97 -20.08
N VAL G 288 -36.74 43.92 -21.24
CA VAL G 288 -36.55 44.94 -22.27
C VAL G 288 -36.88 46.32 -21.72
N VAL G 289 -38.04 46.47 -21.10
CA VAL G 289 -38.56 47.80 -20.76
C VAL G 289 -37.68 48.46 -19.70
N PRO G 290 -37.43 47.87 -18.53
CA PRO G 290 -36.51 48.53 -17.59
C PRO G 290 -35.09 48.68 -18.12
N SER G 291 -34.62 47.76 -18.96
CA SER G 291 -33.28 47.94 -19.53
C SER G 291 -33.26 49.14 -20.46
N ALA G 292 -34.25 49.25 -21.36
CA ALA G 292 -34.29 50.38 -22.25
C ALA G 292 -34.40 51.69 -21.46
N LEU G 293 -35.20 51.69 -20.40
CA LEU G 293 -35.37 52.91 -19.61
C LEU G 293 -34.05 53.34 -18.97
N PHE G 294 -33.34 52.41 -18.32
CA PHE G 294 -32.08 52.78 -17.69
C PHE G 294 -31.04 53.21 -18.72
N ALA G 295 -30.92 52.44 -19.81
CA ALA G 295 -29.91 52.77 -20.82
C ALA G 295 -30.18 54.12 -21.45
N ALA G 296 -31.45 54.51 -21.56
CA ALA G 296 -31.82 55.72 -22.28
C ALA G 296 -31.81 56.95 -21.38
N VAL G 297 -32.38 56.84 -20.17
CA VAL G 297 -32.56 58.02 -19.34
C VAL G 297 -31.55 58.11 -18.21
N GLY G 298 -30.77 57.06 -17.95
CA GLY G 298 -29.71 57.18 -16.97
C GLY G 298 -28.74 58.30 -17.34
N THR G 299 -28.25 59.01 -16.33
CA THR G 299 -27.35 60.14 -16.57
C THR G 299 -27.99 61.17 -17.50
N ALA G 300 -29.33 61.24 -17.49
CA ALA G 300 -30.10 62.08 -18.40
C ALA G 300 -29.63 61.95 -19.85
N GLY G 301 -29.28 60.73 -20.25
CA GLY G 301 -28.91 60.46 -21.62
C GLY G 301 -27.53 60.92 -22.03
N GLN G 302 -26.63 61.10 -21.07
CA GLN G 302 -25.36 61.77 -21.34
C GLN G 302 -24.16 60.83 -21.34
N ARG G 303 -24.37 59.53 -21.42
CA ARG G 303 -23.25 58.60 -21.51
C ARG G 303 -22.83 58.38 -22.95
N THR G 305 -22.25 55.49 -23.76
CA THR G 305 -22.92 54.21 -23.93
C THR G 305 -24.44 54.31 -23.83
N THR G 306 -24.96 55.54 -23.77
CA THR G 306 -26.42 55.72 -23.71
C THR G 306 -27.08 55.09 -24.94
N ALA G 307 -28.20 54.41 -24.71
CA ALA G 307 -29.02 53.86 -25.80
C ALA G 307 -29.68 55.01 -26.55
N ARG G 308 -29.30 55.18 -27.82
CA ARG G 308 -29.89 56.19 -28.65
C ARG G 308 -30.83 55.63 -29.72
N ARG G 309 -30.71 54.34 -30.04
CA ARG G 309 -31.55 53.69 -31.04
C ARG G 309 -32.16 52.44 -30.44
N LEU G 310 -33.48 52.27 -30.59
CA LEU G 310 -34.18 51.11 -30.08
C LEU G 310 -34.95 50.49 -31.23
N PHE G 311 -34.48 49.35 -31.73
CA PHE G 311 -35.17 48.61 -32.78
C PHE G 311 -36.09 47.58 -32.14
N ILE G 312 -37.36 47.56 -32.53
CA ILE G 312 -38.34 46.65 -31.96
C ILE G 312 -38.99 45.88 -33.10
N HIS G 313 -39.08 44.55 -32.96
CA HIS G 313 -39.76 43.76 -33.96
C HIS G 313 -41.19 44.28 -34.14
N GLU G 314 -41.66 44.24 -35.39
CA GLU G 314 -42.98 44.80 -35.71
C GLU G 314 -44.06 44.24 -34.80
N SER G 315 -43.95 42.98 -34.41
CA SER G 315 -45.02 42.33 -33.67
C SER G 315 -45.20 42.89 -32.28
N ILE G 316 -44.15 43.46 -31.69
CA ILE G 316 -44.19 43.92 -30.32
C ILE G 316 -43.88 45.41 -30.18
N HIS G 317 -43.72 46.11 -31.30
CA HIS G 317 -43.29 47.51 -31.28
C HIS G 317 -44.22 48.37 -30.44
N ASP G 318 -45.53 48.30 -30.73
CA ASP G 318 -46.46 49.20 -30.05
C ASP G 318 -46.58 48.87 -28.57
N GLU G 319 -46.58 47.58 -28.23
CA GLU G 319 -46.66 47.22 -26.82
C GLU G 319 -45.44 47.74 -26.05
N VAL G 320 -44.24 47.60 -26.63
CA VAL G 320 -43.03 48.03 -25.94
C VAL G 320 -43.02 49.55 -25.78
N VAL G 321 -43.37 50.28 -26.86
CA VAL G 321 -43.47 51.73 -26.80
C VAL G 321 -44.48 52.18 -25.76
N ASN G 322 -45.61 51.48 -25.67
CA ASN G 322 -46.61 51.85 -24.65
C ASN G 322 -46.10 51.58 -23.24
N ARG G 323 -45.41 50.45 -23.04
CA ARG G 323 -44.90 50.15 -21.71
C ARG G 323 -43.77 51.08 -21.32
N LEU G 324 -43.01 51.57 -22.31
CA LEU G 324 -41.92 52.51 -22.04
C LEU G 324 -42.44 53.91 -21.68
N LYS G 325 -43.44 54.41 -22.41
CA LYS G 325 -44.10 55.67 -22.05
C LYS G 325 -44.61 55.63 -20.62
N LYS G 326 -45.28 54.53 -20.25
CA LYS G 326 -45.80 54.39 -18.90
C LYS G 326 -44.67 54.41 -17.86
N ALA G 327 -43.52 53.84 -18.21
CA ALA G 327 -42.38 53.82 -17.29
C ALA G 327 -41.70 55.18 -17.21
N TYR G 328 -41.59 55.89 -18.33
CA TYR G 328 -41.02 57.23 -18.32
C TYR G 328 -41.78 58.15 -17.39
N ALA G 329 -43.11 58.03 -17.36
CA ALA G 329 -43.94 58.90 -16.55
C ALA G 329 -43.74 58.70 -15.06
N GLN G 330 -43.16 57.58 -14.65
CA GLN G 330 -42.83 57.33 -13.24
C GLN G 330 -41.48 57.89 -12.81
N ILE G 331 -40.73 58.51 -13.72
CA ILE G 331 -39.40 58.98 -13.39
C ILE G 331 -39.47 60.18 -12.43
N ARG G 332 -38.71 60.12 -11.34
CA ARG G 332 -38.72 61.17 -10.32
C ARG G 332 -37.64 62.21 -10.61
N VAL G 333 -38.06 63.44 -10.93
CA VAL G 333 -37.18 64.52 -11.35
C VAL G 333 -36.91 65.43 -10.15
N GLY G 334 -35.67 65.89 -10.01
CA GLY G 334 -35.34 66.72 -8.87
C GLY G 334 -33.87 67.09 -8.82
N ASN G 335 -33.43 67.56 -7.64
CA ASN G 335 -32.00 67.80 -7.43
C ASN G 335 -31.26 66.47 -7.41
N PRO G 336 -30.21 66.29 -8.20
CA PRO G 336 -29.61 64.95 -8.34
C PRO G 336 -28.96 64.44 -7.07
N TRP G 337 -28.58 65.32 -6.13
CA TRP G 337 -28.00 64.83 -4.87
C TRP G 337 -29.06 64.42 -3.85
N ASP G 338 -30.33 64.70 -4.09
CA ASP G 338 -31.41 64.26 -3.19
C ASP G 338 -31.59 62.76 -3.33
N PRO G 339 -31.50 61.97 -2.25
CA PRO G 339 -31.44 60.50 -2.39
C PRO G 339 -32.67 59.84 -3.00
N ASN G 340 -33.74 60.59 -3.28
CA ASN G 340 -34.95 60.04 -3.86
C ASN G 340 -35.06 60.22 -5.38
N VAL G 341 -34.12 60.93 -6.01
CA VAL G 341 -34.27 61.43 -7.38
C VAL G 341 -33.70 60.42 -8.39
N LEU G 342 -34.42 60.20 -9.49
CA LEU G 342 -33.92 59.38 -10.59
C LEU G 342 -33.38 60.17 -11.76
N TYR G 343 -33.67 61.45 -11.84
CA TYR G 343 -33.42 62.17 -13.08
C TYR G 343 -33.04 63.61 -12.76
N GLY G 344 -31.82 63.98 -13.12
CA GLY G 344 -31.35 65.32 -12.90
C GLY G 344 -31.28 66.13 -14.18
N PRO G 345 -30.50 67.22 -14.13
CA PRO G 345 -30.40 68.13 -15.27
C PRO G 345 -29.34 67.68 -16.26
N LEU G 346 -29.46 68.23 -17.47
CA LEU G 346 -28.36 68.19 -18.42
C LEU G 346 -27.22 69.04 -17.90
N HIS G 347 -26.01 68.77 -18.41
CA HIS G 347 -24.82 69.37 -17.82
C HIS G 347 -24.69 70.87 -18.13
N THR G 348 -25.13 71.32 -19.31
CA THR G 348 -24.96 72.71 -19.70
C THR G 348 -26.28 73.31 -20.19
N LYS G 349 -26.30 74.64 -20.23
CA LYS G 349 -27.44 75.34 -20.82
C LYS G 349 -27.51 75.10 -22.32
N GLN G 350 -26.36 75.08 -23.00
CA GLN G 350 -26.39 74.85 -24.44
C GLN G 350 -26.93 73.48 -24.77
N ALA G 351 -26.60 72.47 -23.95
CA ALA G 351 -27.14 71.13 -24.15
C ALA G 351 -28.67 71.15 -24.18
N VAL G 352 -29.29 72.05 -23.42
CA VAL G 352 -30.74 72.21 -23.49
C VAL G 352 -31.15 72.72 -24.87
N SER G 353 -30.44 73.72 -25.37
CA SER G 353 -30.76 74.28 -26.68
C SER G 353 -30.56 73.26 -27.79
N MET G 354 -29.52 72.42 -27.68
CA MET G 354 -29.33 71.36 -28.67
C MET G 354 -30.47 70.36 -28.61
N PHE G 355 -30.90 70.00 -27.39
CA PHE G 355 -32.02 69.08 -27.24
C PHE G 355 -33.25 69.58 -28.00
N LEU G 356 -33.53 70.88 -27.93
CA LEU G 356 -34.69 71.42 -28.63
C LEU G 356 -34.48 71.42 -30.14
N GLY G 357 -33.25 71.68 -30.58
CA GLY G 357 -32.97 71.62 -32.01
C GLY G 357 -33.13 70.21 -32.55
N ALA G 358 -32.73 69.21 -31.77
CA ALA G 358 -32.82 67.82 -32.20
C ALA G 358 -34.27 67.34 -32.24
N VAL G 359 -35.08 67.74 -31.26
CA VAL G 359 -36.49 67.36 -31.28
C VAL G 359 -37.18 67.98 -32.48
N GLU G 360 -36.90 69.26 -32.75
CA GLU G 360 -37.48 69.92 -33.91
C GLU G 360 -37.07 69.23 -35.21
N GLU G 361 -35.78 68.93 -35.37
CA GLU G 361 -35.32 68.28 -36.59
C GLU G 361 -35.94 66.90 -36.76
N ALA G 362 -36.13 66.18 -35.65
CA ALA G 362 -36.77 64.87 -35.71
C ALA G 362 -38.21 64.98 -36.21
N LYS G 363 -38.94 66.00 -35.75
CA LYS G 363 -40.27 66.25 -36.30
C LYS G 363 -40.19 66.54 -37.79
N LYS G 364 -39.27 67.42 -38.19
CA LYS G 364 -39.14 67.74 -39.61
C LYS G 364 -38.84 66.50 -40.44
N GLU G 365 -38.15 65.52 -39.88
CA GLU G 365 -37.75 64.35 -40.64
C GLU G 365 -38.81 63.26 -40.68
N GLY G 366 -39.99 63.52 -40.12
CA GLY G 366 -41.09 62.57 -40.12
C GLY G 366 -41.37 61.91 -38.78
N GLY G 367 -40.63 62.26 -37.72
CA GLY G 367 -40.81 61.61 -36.44
C GLY G 367 -42.01 62.12 -35.67
N THR G 368 -42.50 61.27 -34.79
CA THR G 368 -43.58 61.60 -33.86
C THR G 368 -43.04 61.52 -32.44
N VAL G 369 -43.21 62.60 -31.67
CA VAL G 369 -42.81 62.62 -30.26
C VAL G 369 -43.94 61.99 -29.46
N VAL G 370 -43.74 60.75 -29.00
CA VAL G 370 -44.79 60.05 -28.25
C VAL G 370 -44.67 60.29 -26.76
N TYR G 371 -43.54 60.79 -26.28
CA TYR G 371 -43.38 61.20 -24.90
C TYR G 371 -42.29 62.26 -24.82
N GLY G 372 -42.55 63.32 -24.06
CA GLY G 372 -41.52 64.31 -23.76
C GLY G 372 -41.37 65.38 -24.82
N GLY G 373 -40.13 65.70 -25.18
CA GLY G 373 -39.85 66.65 -26.23
C GLY G 373 -39.77 68.11 -25.82
N LYS G 374 -39.94 68.43 -24.53
CA LYS G 374 -40.02 69.82 -24.10
C LYS G 374 -39.02 70.11 -22.98
N VAL G 375 -38.66 71.38 -22.85
CA VAL G 375 -37.87 71.87 -21.73
C VAL G 375 -38.77 71.98 -20.52
N MET G 376 -38.29 71.51 -19.37
CA MET G 376 -39.07 71.61 -18.15
C MET G 376 -39.04 73.05 -17.65
N ASP G 377 -40.16 73.51 -17.11
CA ASP G 377 -40.25 74.90 -16.64
C ASP G 377 -39.86 74.96 -15.16
N ARG G 378 -38.56 74.86 -14.92
CA ARG G 378 -38.00 74.86 -13.57
C ARG G 378 -36.55 75.34 -13.66
N PRO G 379 -35.97 75.79 -12.54
CA PRO G 379 -34.57 76.20 -12.55
C PRO G 379 -33.65 75.04 -12.89
N GLY G 380 -32.51 75.36 -13.53
CA GLY G 380 -31.55 74.35 -13.95
C GLY G 380 -31.78 73.89 -15.38
N ASN G 381 -30.91 72.99 -15.84
CA ASN G 381 -30.87 72.58 -17.25
C ASN G 381 -31.70 71.31 -17.49
N TYR G 382 -32.98 71.37 -17.14
CA TYR G 382 -33.86 70.20 -17.13
C TYR G 382 -34.65 70.10 -18.43
N VAL G 383 -34.66 68.91 -19.04
CA VAL G 383 -35.51 68.62 -20.19
C VAL G 383 -36.20 67.29 -19.96
N GLU G 384 -37.33 67.10 -20.65
CA GLU G 384 -38.08 65.85 -20.54
C GLU G 384 -37.34 64.74 -21.28
N PRO G 385 -37.18 63.55 -20.70
CA PRO G 385 -36.69 62.42 -21.50
C PRO G 385 -37.72 62.11 -22.56
N THR G 386 -37.24 61.84 -23.78
CA THR G 386 -38.05 61.96 -24.98
C THR G 386 -37.98 60.67 -25.80
N ILE G 387 -39.11 60.31 -26.40
CA ILE G 387 -39.21 59.12 -27.26
C ILE G 387 -39.79 59.56 -28.59
N VAL G 388 -39.14 59.17 -29.67
CA VAL G 388 -39.52 59.54 -31.03
C VAL G 388 -39.71 58.26 -31.81
N THR G 389 -40.91 58.06 -32.36
CA THR G 389 -41.21 56.94 -33.25
C THR G 389 -41.37 57.44 -34.67
N GLY G 390 -41.44 56.49 -35.61
CA GLY G 390 -41.87 56.77 -36.95
C GLY G 390 -40.77 57.08 -37.95
N LEU G 391 -39.55 57.37 -37.50
CA LEU G 391 -38.44 57.58 -38.43
C LEU G 391 -37.94 56.27 -39.01
N GLY G 392 -37.35 56.36 -40.20
CA GLY G 392 -36.63 55.23 -40.73
C GLY G 392 -35.25 55.09 -40.11
N HIS G 393 -34.68 53.89 -40.23
CA HIS G 393 -33.42 53.61 -39.57
C HIS G 393 -32.29 54.50 -40.06
N ASP G 394 -32.43 55.12 -41.23
CA ASP G 394 -31.38 55.95 -41.79
C ASP G 394 -31.72 57.44 -41.78
N ALA G 395 -32.73 57.85 -41.00
CA ALA G 395 -33.04 59.26 -40.86
C ALA G 395 -31.81 60.02 -40.39
N SER G 396 -31.62 61.23 -40.92
CA SER G 396 -30.40 61.98 -40.66
CA SER G 396 -30.40 61.98 -40.66
C SER G 396 -30.22 62.23 -39.16
N ILE G 397 -31.30 62.56 -38.46
CA ILE G 397 -31.20 62.91 -37.03
C ILE G 397 -30.70 61.72 -36.21
N ALA G 398 -30.96 60.51 -36.65
CA ALA G 398 -30.62 59.30 -35.92
C ALA G 398 -29.18 58.84 -36.17
N HIS G 399 -28.42 59.57 -37.00
CA HIS G 399 -27.00 59.30 -37.19
C HIS G 399 -26.15 60.49 -36.80
N THR G 400 -26.61 61.26 -35.81
CA THR G 400 -25.86 62.38 -35.25
C THR G 400 -25.92 62.23 -33.73
N GLU G 401 -24.77 61.97 -33.11
CA GLU G 401 -24.72 61.83 -31.65
C GLU G 401 -25.06 63.16 -31.00
N THR G 402 -26.20 63.22 -30.31
CA THR G 402 -26.61 64.37 -29.50
C THR G 402 -26.68 63.91 -28.06
N PHE G 403 -25.90 64.55 -27.20
CA PHE G 403 -25.81 64.18 -25.79
C PHE G 403 -27.05 64.66 -25.03
N ALA G 404 -28.20 64.14 -25.46
CA ALA G 404 -29.49 64.55 -24.96
C ALA G 404 -30.39 63.33 -24.85
N PRO G 405 -31.34 63.34 -23.92
CA PRO G 405 -32.18 62.15 -23.68
C PRO G 405 -33.28 62.01 -24.72
N ILE G 406 -32.87 61.68 -25.95
CA ILE G 406 -33.81 61.44 -27.05
C ILE G 406 -33.58 60.02 -27.55
N LEU G 407 -34.60 59.17 -27.44
CA LEU G 407 -34.52 57.79 -27.89
C LEU G 407 -35.30 57.66 -29.20
N TYR G 408 -34.63 57.22 -30.26
CA TYR G 408 -35.25 57.00 -31.57
C TYR G 408 -35.65 55.53 -31.70
N VAL G 409 -36.93 55.28 -31.99
CA VAL G 409 -37.49 53.95 -32.02
C VAL G 409 -37.77 53.56 -33.48
N PHE G 410 -37.31 52.38 -33.88
CA PHE G 410 -37.48 51.86 -35.22
C PHE G 410 -38.13 50.49 -35.17
N LYS G 411 -38.89 50.16 -36.23
CA LYS G 411 -39.38 48.81 -36.42
C LYS G 411 -38.39 48.00 -37.23
N PHE G 412 -38.43 46.68 -37.06
CA PHE G 412 -37.70 45.79 -37.95
C PHE G 412 -38.48 44.49 -38.08
N LYS G 413 -38.06 43.67 -39.03
CA LYS G 413 -38.68 42.37 -39.26
C LYS G 413 -37.68 41.22 -39.11
N ASN G 414 -36.52 41.31 -39.75
CA ASN G 414 -35.63 40.16 -39.87
C ASN G 414 -34.30 40.41 -39.17
N GLU G 415 -33.66 39.32 -38.76
CA GLU G 415 -32.40 39.41 -38.04
C GLU G 415 -31.31 40.08 -38.88
N GLU G 416 -31.19 39.67 -40.15
CA GLU G 416 -30.06 40.11 -40.98
C GLU G 416 -30.10 41.61 -41.22
N GLU G 417 -31.29 42.15 -41.51
CA GLU G 417 -31.39 43.59 -41.76
C GLU G 417 -31.11 44.39 -40.49
N VAL G 418 -31.52 43.87 -39.33
CA VAL G 418 -31.40 44.70 -38.12
C VAL G 418 -29.98 44.63 -37.58
N PHE G 419 -29.28 43.52 -37.80
CA PHE G 419 -27.85 43.50 -37.54
C PHE G 419 -27.14 44.52 -38.42
N ALA G 420 -27.48 44.57 -39.72
CA ALA G 420 -26.87 45.56 -40.60
C ALA G 420 -27.21 46.98 -40.14
N TRP G 421 -28.42 47.19 -39.63
CA TRP G 421 -28.76 48.53 -39.19
C TRP G 421 -28.02 48.90 -37.90
N ASN G 422 -27.78 47.94 -37.02
CA ASN G 422 -26.89 48.22 -35.90
C ASN G 422 -25.53 48.70 -36.40
N ASN G 423 -25.02 48.07 -37.45
CA ASN G 423 -23.65 48.23 -37.90
C ASN G 423 -23.46 49.38 -38.87
N GLU G 424 -24.56 49.97 -39.38
CA GLU G 424 -24.45 50.96 -40.46
C GLU G 424 -23.94 52.32 -39.99
N VAL G 425 -23.97 52.64 -38.70
CA VAL G 425 -23.53 53.96 -38.25
C VAL G 425 -22.00 54.06 -38.23
N LYS G 426 -21.49 55.27 -38.04
CA LYS G 426 -20.04 55.51 -38.02
C LYS G 426 -19.39 55.08 -36.71
N GLN G 427 -20.11 55.15 -35.60
CA GLN G 427 -19.59 54.76 -34.30
C GLN G 427 -19.70 53.25 -34.12
N GLY G 428 -18.98 52.73 -33.13
CA GLY G 428 -18.95 51.29 -32.86
C GLY G 428 -18.67 50.96 -31.41
N LEU G 429 -19.41 51.56 -30.49
CA LEU G 429 -19.10 51.43 -29.06
C LEU G 429 -19.86 50.28 -28.42
N SER G 430 -21.16 50.45 -28.22
CA SER G 430 -21.95 49.45 -27.50
C SER G 430 -23.17 49.05 -28.31
N SER G 431 -23.71 47.88 -27.97
CA SER G 431 -24.77 47.25 -28.72
C SER G 431 -25.38 46.17 -27.84
N SER G 432 -26.69 45.93 -28.01
CA SER G 432 -27.38 44.94 -27.20
C SER G 432 -28.56 44.35 -27.97
N ILE G 433 -28.75 43.03 -27.85
CA ILE G 433 -29.99 42.40 -28.33
C ILE G 433 -30.68 41.74 -27.15
N PHE G 434 -32.01 41.77 -27.20
CA PHE G 434 -32.84 41.02 -26.27
C PHE G 434 -33.54 39.92 -27.05
N THR G 435 -33.28 38.67 -26.64
CA THR G 435 -33.77 37.49 -27.33
C THR G 435 -33.50 36.30 -26.43
N LYS G 436 -34.23 35.21 -26.69
CA LYS G 436 -33.95 33.92 -26.09
C LYS G 436 -33.33 32.94 -27.08
N ASP G 437 -33.22 33.31 -28.36
CA ASP G 437 -32.83 32.36 -29.40
C ASP G 437 -31.32 32.12 -29.32
N LEU G 438 -30.94 30.88 -28.96
CA LEU G 438 -29.55 30.51 -28.79
C LEU G 438 -28.72 30.75 -30.05
N GLY G 439 -29.22 30.33 -31.21
CA GLY G 439 -28.46 30.51 -32.44
C GLY G 439 -28.27 31.97 -32.81
N ARG G 440 -29.30 32.78 -32.57
CA ARG G 440 -29.22 34.20 -32.82
C ARG G 440 -28.21 34.86 -31.90
N ILE G 441 -28.11 34.38 -30.66
CA ILE G 441 -27.16 34.95 -29.72
C ILE G 441 -25.74 34.73 -30.22
N PHE G 442 -25.43 33.49 -30.63
CA PHE G 442 -24.06 33.21 -31.06
C PHE G 442 -23.74 33.82 -32.42
N ARG G 443 -24.74 34.08 -33.26
CA ARG G 443 -24.48 34.81 -34.49
C ARG G 443 -24.19 36.30 -34.19
N TRP G 444 -24.88 36.85 -33.19
CA TRP G 444 -24.65 38.22 -32.74
C TRP G 444 -23.22 38.43 -32.26
N LEU G 445 -22.65 37.43 -31.59
CA LEU G 445 -21.30 37.46 -31.07
C LEU G 445 -20.24 37.06 -32.10
N GLY G 446 -20.62 36.62 -33.30
CA GLY G 446 -19.67 36.16 -34.28
C GLY G 446 -19.34 37.16 -35.38
N PRO G 447 -18.69 36.68 -36.44
CA PRO G 447 -18.10 37.61 -37.43
C PRO G 447 -19.12 38.36 -38.26
N LYS G 448 -20.37 37.87 -38.37
CA LYS G 448 -21.44 38.55 -39.08
C LYS G 448 -22.42 39.20 -38.12
N GLY G 449 -22.02 39.43 -36.89
CA GLY G 449 -22.88 40.01 -35.89
C GLY G 449 -22.56 41.47 -35.64
N SER G 450 -22.68 41.88 -34.39
CA SER G 450 -22.37 43.26 -34.02
C SER G 450 -20.91 43.57 -34.27
N ASP G 451 -20.65 44.76 -34.79
CA ASP G 451 -19.30 45.24 -35.06
C ASP G 451 -18.73 46.09 -33.92
N CYS G 452 -19.44 46.19 -32.79
CA CYS G 452 -19.07 47.11 -31.72
C CYS G 452 -18.04 46.52 -30.75
N GLY G 453 -17.46 47.40 -29.92
CA GLY G 453 -16.55 46.95 -28.89
C GLY G 453 -17.22 46.28 -27.70
N ILE G 454 -18.49 46.58 -27.46
CA ILE G 454 -19.26 45.96 -26.38
C ILE G 454 -20.50 45.34 -27.02
N VAL G 455 -20.70 44.05 -26.80
CA VAL G 455 -21.73 43.29 -27.51
C VAL G 455 -22.51 42.52 -26.45
N ASN G 456 -23.69 43.00 -26.10
CA ASN G 456 -24.43 42.52 -24.95
C ASN G 456 -25.68 41.78 -25.38
N VAL G 457 -26.15 40.90 -24.49
CA VAL G 457 -27.34 40.08 -24.69
C VAL G 457 -28.19 40.17 -23.44
N ASN G 458 -29.41 40.72 -23.56
CA ASN G 458 -30.39 40.82 -22.49
C ASN G 458 -29.96 41.73 -21.33
N ILE G 459 -29.04 42.65 -21.58
CA ILE G 459 -28.78 43.80 -20.71
C ILE G 459 -28.62 45.02 -21.59
N PRO G 460 -28.72 46.23 -21.01
CA PRO G 460 -28.60 47.43 -21.85
C PRO G 460 -27.18 47.70 -22.34
N THR G 461 -27.03 48.78 -23.09
CA THR G 461 -25.76 49.17 -23.70
C THR G 461 -24.79 49.78 -22.70
N SER G 462 -25.29 50.31 -21.59
CA SER G 462 -24.48 51.09 -20.67
C SER G 462 -24.15 50.28 -19.41
N GLY G 463 -23.19 50.80 -18.64
CA GLY G 463 -22.88 50.27 -17.33
C GLY G 463 -21.97 49.05 -17.31
N ALA G 464 -20.80 49.15 -17.92
CA ALA G 464 -19.88 48.03 -18.00
C ALA G 464 -19.23 47.76 -16.64
N GLU G 465 -18.83 46.50 -16.42
CA GLU G 465 -18.01 46.22 -15.26
C GLU G 465 -16.52 46.28 -15.61
N ILE G 466 -15.67 46.39 -14.58
CA ILE G 466 -14.27 46.71 -14.87
C ILE G 466 -13.44 45.51 -15.31
N GLY G 467 -13.95 44.29 -15.17
CA GLY G 467 -13.15 43.11 -15.47
C GLY G 467 -12.74 42.95 -16.92
N GLY G 468 -13.53 43.50 -17.87
CA GLY G 468 -13.24 43.41 -19.28
C GLY G 468 -12.66 44.70 -19.84
N ALA G 469 -12.06 44.61 -21.02
CA ALA G 469 -11.58 45.82 -21.69
C ALA G 469 -12.78 46.63 -22.18
N PHE G 470 -12.70 47.95 -22.03
CA PHE G 470 -13.79 48.86 -22.38
C PHE G 470 -13.35 49.79 -23.50
N GLY G 471 -14.14 49.86 -24.55
CA GLY G 471 -13.87 50.72 -25.69
C GLY G 471 -14.62 50.20 -26.91
N GLY G 472 -14.42 50.91 -28.02
CA GLY G 472 -15.17 50.62 -29.22
C GLY G 472 -14.32 50.65 -30.48
N GLU G 473 -14.99 50.44 -31.62
CA GLU G 473 -14.37 50.36 -32.93
C GLU G 473 -14.84 51.53 -33.80
N LYS G 474 -14.34 51.58 -35.02
CA LYS G 474 -14.83 52.54 -36.02
C LYS G 474 -14.54 53.96 -35.48
N HIS G 475 -15.48 54.89 -35.59
CA HIS G 475 -15.24 56.26 -35.12
C HIS G 475 -15.22 56.36 -33.59
N THR G 476 -15.43 55.28 -32.87
CA THR G 476 -15.25 55.32 -31.43
C THR G 476 -13.76 55.38 -31.06
N GLY G 477 -12.85 55.00 -31.98
CA GLY G 477 -11.44 55.32 -31.86
C GLY G 477 -10.52 54.15 -31.59
N GLY G 478 -11.02 53.05 -31.05
CA GLY G 478 -10.27 51.81 -30.99
C GLY G 478 -9.52 51.55 -29.70
N GLY G 479 -9.42 52.53 -28.81
CA GLY G 479 -8.73 52.29 -27.55
C GLY G 479 -9.53 51.42 -26.60
N ARG G 480 -8.82 50.87 -25.61
CA ARG G 480 -9.41 50.06 -24.56
C ARG G 480 -8.88 50.50 -23.21
N GLU G 481 -9.76 50.52 -22.21
CA GLU G 481 -9.40 50.84 -20.85
C GLU G 481 -9.77 49.67 -19.95
N SER G 482 -9.24 49.73 -18.73
CA SER G 482 -9.65 48.88 -17.62
C SER G 482 -9.10 47.46 -17.71
N GLY G 483 -9.95 46.48 -18.09
CA GLY G 483 -9.68 45.08 -17.80
C GLY G 483 -9.03 44.32 -18.95
N SER G 484 -9.02 43.01 -18.80
CA SER G 484 -8.37 42.07 -19.74
C SER G 484 -6.90 42.48 -19.84
N ASP G 485 -6.30 42.44 -21.03
CA ASP G 485 -4.93 42.92 -21.23
C ASP G 485 -4.89 44.35 -21.76
N ALA G 486 -5.88 45.18 -21.40
CA ALA G 486 -5.79 46.60 -21.69
C ALA G 486 -4.49 47.22 -21.18
N TRP G 487 -3.91 46.66 -20.12
CA TRP G 487 -2.70 47.24 -19.54
C TRP G 487 -1.57 47.34 -20.56
N LYS G 488 -1.58 46.50 -21.60
CA LYS G 488 -0.50 46.49 -22.57
C LYS G 488 -0.42 47.78 -23.36
N GLN G 489 -1.52 48.54 -23.46
CA GLN G 489 -1.47 49.82 -24.15
C GLN G 489 -0.67 50.85 -23.37
N TYR G 490 -0.40 50.61 -22.10
CA TYR G 490 0.36 51.55 -21.29
C TYR G 490 1.82 51.15 -21.15
N MET G 491 2.27 50.19 -21.95
CA MET G 491 3.63 49.65 -21.81
C MET G 491 4.20 49.38 -23.20
N ARG G 492 5.53 49.29 -23.30
CA ARG G 492 6.15 48.92 -24.56
C ARG G 492 6.63 47.47 -24.50
N ARG G 493 6.30 46.71 -25.55
CA ARG G 493 6.75 45.34 -25.70
C ARG G 493 8.15 45.31 -26.27
N SER G 494 8.99 44.43 -25.75
CA SER G 494 10.25 44.12 -26.38
C SER G 494 10.38 42.61 -26.52
N THR G 495 10.93 42.20 -27.66
CA THR G 495 11.23 40.80 -27.94
C THR G 495 12.73 40.64 -27.79
N CYS G 496 13.14 39.85 -26.81
CA CYS G 496 14.51 39.89 -26.32
C CYS G 496 15.12 38.51 -26.43
N THR G 497 16.23 38.40 -27.16
CA THR G 497 16.91 37.13 -27.34
C THR G 497 18.28 37.23 -26.67
N ILE G 498 18.58 36.28 -25.79
CA ILE G 498 19.81 36.28 -25.03
C ILE G 498 20.60 35.03 -25.41
N ASN G 499 21.79 35.24 -25.98
CA ASN G 499 22.72 34.16 -26.27
C ASN G 499 23.65 34.00 -25.08
N TYR G 500 23.48 32.91 -24.33
CA TYR G 500 24.37 32.60 -23.22
C TYR G 500 25.40 31.53 -23.59
N SER G 501 25.57 31.25 -24.89
CA SER G 501 26.52 30.27 -25.39
C SER G 501 27.71 30.97 -26.01
N LYS G 502 28.59 30.19 -26.64
CA LYS G 502 29.76 30.73 -27.34
C LYS G 502 29.65 30.58 -28.85
N ASP G 503 28.48 30.24 -29.36
CA ASP G 503 28.26 30.03 -30.79
C ASP G 503 27.24 31.03 -31.30
N LEU G 504 27.13 31.10 -32.62
CA LEU G 504 26.30 32.11 -33.29
C LEU G 504 25.44 31.47 -34.39
N PRO G 505 24.57 30.52 -34.04
CA PRO G 505 23.63 30.00 -35.03
C PRO G 505 22.62 31.07 -35.40
N LEU G 506 22.35 31.21 -36.70
CA LEU G 506 21.45 32.23 -37.21
C LEU G 506 20.05 31.66 -37.40
N ALA G 507 19.05 32.51 -37.20
CA ALA G 507 17.67 32.10 -37.37
C ALA G 507 17.43 31.63 -38.80
N GLN G 508 16.51 30.68 -38.94
CA GLN G 508 16.23 29.98 -40.20
C GLN G 508 17.46 29.24 -40.72
N GLY G 509 18.43 28.98 -39.84
CA GLY G 509 19.59 28.18 -40.19
C GLY G 509 20.45 28.74 -41.30
N ILE G 510 20.47 30.07 -41.48
CA ILE G 510 21.25 30.65 -42.55
C ILE G 510 22.73 30.51 -42.24
N LYS G 511 23.48 29.94 -43.18
CA LYS G 511 24.92 29.77 -43.04
C LYS G 511 25.58 30.96 -43.74
N PHE G 512 26.01 31.95 -42.95
CA PHE G 512 26.63 33.15 -43.51
C PHE G 512 28.14 32.94 -43.70
N THR H 5 17.54 39.31 -74.98
CA THR H 5 17.66 40.52 -74.17
C THR H 5 17.06 40.33 -72.78
N LEU H 6 15.78 39.93 -72.72
CA LEU H 6 15.18 39.61 -71.43
C LEU H 6 15.83 38.35 -70.87
N LEU H 7 16.26 38.41 -69.61
CA LEU H 7 16.89 37.26 -68.99
C LEU H 7 15.99 36.03 -69.06
N ILE H 8 14.68 36.22 -68.92
CA ILE H 8 13.73 35.10 -68.95
C ILE H 8 13.69 34.39 -70.30
N ASN H 9 14.17 35.03 -71.36
CA ASN H 9 14.24 34.39 -72.67
C ASN H 9 15.61 33.76 -72.96
N GLN H 10 16.47 33.62 -71.94
CA GLN H 10 17.77 32.99 -72.14
C GLN H 10 17.78 31.59 -71.52
N PRO H 11 18.43 30.62 -72.16
CA PRO H 11 18.39 29.24 -71.65
C PRO H 11 18.86 29.09 -70.22
N GLN H 12 19.80 29.93 -69.78
CA GLN H 12 20.34 29.82 -68.43
C GLN H 12 19.34 30.26 -67.37
N TYR H 13 18.24 30.92 -67.75
CA TYR H 13 17.22 31.35 -66.81
C TYR H 13 15.87 30.67 -67.06
N ALA H 14 15.89 29.50 -67.70
CA ALA H 14 14.65 28.76 -67.95
C ALA H 14 13.98 28.31 -66.66
N TRP H 15 14.75 28.13 -65.58
CA TRP H 15 14.16 27.75 -64.30
C TRP H 15 13.09 28.73 -63.83
N LEU H 16 13.14 29.98 -64.30
CA LEU H 16 12.08 30.93 -63.97
C LEU H 16 10.71 30.42 -64.39
N LYS H 17 10.66 29.58 -65.43
CA LYS H 17 9.38 29.06 -65.88
C LYS H 17 8.74 28.10 -64.88
N GLU H 18 9.55 27.49 -64.00
CA GLU H 18 9.02 26.64 -62.94
C GLU H 18 8.16 27.40 -61.94
N LEU H 19 8.29 28.72 -61.87
CA LEU H 19 7.40 29.55 -61.08
C LEU H 19 6.24 30.12 -61.92
N GLY H 20 6.07 29.64 -63.15
CA GLY H 20 4.98 30.09 -63.97
C GLY H 20 5.17 31.47 -64.54
N LEU H 21 6.40 31.99 -64.51
CA LEU H 21 6.72 33.30 -65.06
C LEU H 21 6.99 33.19 -66.56
N ARG H 22 6.68 34.27 -67.28
CA ARG H 22 6.98 34.35 -68.70
C ARG H 22 7.41 35.80 -69.01
N GLU H 23 7.51 36.10 -70.30
CA GLU H 23 8.05 37.38 -70.74
C GLU H 23 7.22 38.56 -70.21
N GLU H 24 5.90 38.45 -70.27
CA GLU H 24 5.00 39.49 -69.75
C GLU H 24 3.94 38.82 -68.89
N ASN H 25 3.86 39.24 -67.62
CA ASN H 25 3.01 38.58 -66.63
C ASN H 25 1.88 39.52 -66.18
N GLU H 26 0.72 38.94 -65.92
CA GLU H 26 -0.36 39.67 -65.27
C GLU H 26 0.00 39.96 -63.82
N GLY H 27 -0.16 41.22 -63.40
CA GLY H 27 0.13 41.63 -62.04
C GLY H 27 -1.08 41.91 -61.17
N VAL H 28 -2.28 41.56 -61.63
CA VAL H 28 -3.49 41.60 -60.81
C VAL H 28 -4.02 40.17 -60.69
N TYR H 29 -4.35 39.77 -59.46
CA TYR H 29 -5.06 38.52 -59.24
C TYR H 29 -6.20 38.76 -58.28
N ASN H 30 -7.41 38.35 -58.67
CA ASN H 30 -8.52 38.43 -57.75
C ASN H 30 -9.42 37.20 -57.91
N GLY H 31 -8.82 36.05 -58.21
CA GLY H 31 -9.52 34.88 -58.72
C GLY H 31 -9.34 34.69 -60.21
N SER H 32 -9.20 35.79 -60.96
CA SER H 32 -8.72 35.81 -62.33
C SER H 32 -7.49 36.69 -62.41
N TRP H 33 -6.69 36.48 -63.45
CA TRP H 33 -5.43 37.19 -63.66
C TRP H 33 -5.63 38.31 -64.67
N GLY H 34 -5.07 39.49 -64.37
CA GLY H 34 -5.19 40.61 -65.27
C GLY H 34 -4.17 41.70 -65.03
N GLY H 35 -4.52 42.91 -65.45
CA GLY H 35 -3.65 44.06 -65.29
C GLY H 35 -3.78 45.01 -66.47
N ARG H 36 -4.51 46.11 -66.29
CA ARG H 36 -4.69 47.09 -67.36
C ARG H 36 -3.90 48.37 -67.13
N GLY H 37 -3.09 48.43 -66.07
CA GLY H 37 -2.23 49.58 -65.82
C GLY H 37 -0.96 49.53 -66.64
N GLU H 38 0.01 50.36 -66.23
CA GLU H 38 1.27 50.44 -66.95
C GLU H 38 2.08 49.16 -66.80
N VAL H 39 2.77 48.78 -67.86
CA VAL H 39 3.66 47.62 -67.84
C VAL H 39 5.02 48.05 -67.32
N ILE H 40 5.48 47.38 -66.27
CA ILE H 40 6.77 47.69 -65.66
C ILE H 40 7.75 46.57 -66.01
N THR H 41 8.99 46.96 -66.32
CA THR H 41 10.08 46.02 -66.47
C THR H 41 10.92 46.04 -65.19
N THR H 42 11.21 44.86 -64.65
CA THR H 42 12.14 44.78 -63.51
C THR H 42 13.48 44.24 -63.97
N TYR H 43 14.52 44.61 -63.21
CA TYR H 43 15.92 44.42 -63.59
C TYR H 43 16.68 43.65 -62.50
N CYS H 44 17.69 42.90 -62.94
CA CYS H 44 18.60 42.18 -62.05
C CYS H 44 19.64 43.17 -61.54
N PRO H 45 19.68 43.46 -60.24
CA PRO H 45 20.65 44.45 -59.74
C PRO H 45 22.09 43.99 -59.86
N ALA H 46 22.35 42.72 -60.12
CA ALA H 46 23.73 42.26 -60.24
C ALA H 46 24.33 42.51 -61.62
N ASN H 47 23.50 42.74 -62.64
CA ASN H 47 24.03 43.05 -63.95
C ASN H 47 23.27 44.14 -64.68
N ASN H 48 22.21 44.70 -64.08
CA ASN H 48 21.38 45.75 -64.70
C ASN H 48 20.72 45.27 -65.99
N GLU H 49 20.47 43.94 -66.10
CA GLU H 49 19.77 43.51 -67.30
C GLU H 49 18.29 43.33 -67.01
N PRO H 50 17.43 43.47 -68.02
CA PRO H 50 15.99 43.29 -67.78
C PRO H 50 15.64 41.82 -67.63
N ILE H 51 14.77 41.53 -66.65
CA ILE H 51 14.38 40.15 -66.38
C ILE H 51 13.11 39.78 -67.14
N ALA H 52 12.03 40.51 -66.87
CA ALA H 52 10.72 40.26 -67.47
C ALA H 52 9.83 41.44 -67.11
N ARG H 53 8.56 41.37 -67.53
CA ARG H 53 7.63 42.47 -67.39
C ARG H 53 6.40 42.03 -66.61
N VAL H 54 5.76 43.01 -65.95
CA VAL H 54 4.54 42.77 -65.18
C VAL H 54 3.54 43.87 -65.51
N ARG H 55 2.32 43.46 -65.85
CA ARG H 55 1.22 44.40 -66.09
C ARG H 55 0.60 44.80 -64.77
N GLN H 56 0.67 46.09 -64.43
CA GLN H 56 0.26 46.56 -63.12
C GLN H 56 -1.23 46.89 -63.13
N ALA H 57 -1.74 47.27 -61.95
CA ALA H 57 -3.17 47.49 -61.76
C ALA H 57 -3.58 48.90 -62.17
N SER H 58 -4.64 49.00 -62.97
CA SER H 58 -5.31 50.27 -63.16
C SER H 58 -6.23 50.56 -61.98
N VAL H 59 -6.77 51.78 -61.95
CA VAL H 59 -7.79 52.13 -60.95
C VAL H 59 -8.96 51.15 -61.03
N ALA H 60 -9.42 50.83 -62.24
CA ALA H 60 -10.50 49.86 -62.40
C ALA H 60 -10.11 48.50 -61.84
N ASP H 61 -8.88 48.06 -62.09
CA ASP H 61 -8.41 46.79 -61.54
C ASP H 61 -8.49 46.80 -60.01
N TYR H 62 -8.04 47.90 -59.40
CA TYR H 62 -8.06 48.00 -57.95
C TYR H 62 -9.48 47.98 -57.42
N GLU H 63 -10.37 48.77 -58.03
CA GLU H 63 -11.77 48.80 -57.60
C GLU H 63 -12.39 47.41 -57.65
N GLU H 64 -12.22 46.72 -58.78
CA GLU H 64 -12.85 45.41 -58.96
C GLU H 64 -12.28 44.38 -58.00
N THR H 65 -10.98 44.47 -57.71
CA THR H 65 -10.35 43.50 -56.83
C THR H 65 -10.78 43.68 -55.38
N VAL H 66 -10.85 44.92 -54.90
CA VAL H 66 -11.34 45.15 -53.53
C VAL H 66 -12.74 44.59 -53.39
N LYS H 67 -13.61 44.88 -54.37
CA LYS H 67 -14.98 44.36 -54.28
C LYS H 67 -14.99 42.83 -54.24
N LYS H 68 -14.18 42.18 -55.09
CA LYS H 68 -14.17 40.72 -55.10
C LYS H 68 -13.60 40.16 -53.81
N ALA H 69 -12.57 40.80 -53.25
CA ALA H 69 -12.01 40.31 -51.99
C ALA H 69 -13.06 40.36 -50.88
N ARG H 70 -13.82 41.46 -50.81
CA ARG H 70 -14.79 41.59 -49.74
C ARG H 70 -15.99 40.65 -49.93
N GLU H 71 -16.28 40.24 -51.17
CA GLU H 71 -17.32 39.23 -51.35
C GLU H 71 -16.81 37.85 -50.96
N ALA H 72 -15.55 37.55 -51.30
CA ALA H 72 -14.92 36.31 -50.85
C ALA H 72 -14.87 36.23 -49.34
N TRP H 73 -14.76 37.36 -48.65
CA TRP H 73 -14.70 37.36 -47.19
C TRP H 73 -15.97 36.75 -46.57
N LYS H 74 -17.12 37.01 -47.17
CA LYS H 74 -18.36 36.45 -46.65
C LYS H 74 -18.29 34.93 -46.54
N ILE H 75 -17.60 34.29 -47.48
CA ILE H 75 -17.41 32.84 -47.41
C ILE H 75 -16.29 32.49 -46.43
N TRP H 76 -15.15 33.17 -46.55
CA TRP H 76 -13.95 32.82 -45.78
C TRP H 76 -14.19 32.95 -44.29
N ALA H 77 -14.85 34.04 -43.86
CA ALA H 77 -15.10 34.25 -42.44
C ALA H 77 -16.02 33.19 -41.87
N ASP H 78 -16.86 32.54 -42.69
CA ASP H 78 -17.72 31.45 -42.20
C ASP H 78 -16.98 30.12 -42.09
N ILE H 79 -15.74 30.05 -42.55
CA ILE H 79 -14.97 28.82 -42.48
C ILE H 79 -14.33 28.78 -41.09
N PRO H 80 -14.51 27.70 -40.33
CA PRO H 80 -13.93 27.64 -38.98
C PRO H 80 -12.42 27.80 -39.00
N ALA H 81 -11.88 28.47 -37.98
CA ALA H 81 -10.48 28.83 -37.98
C ALA H 81 -9.55 27.63 -38.19
N PRO H 82 -9.77 26.46 -37.55
CA PRO H 82 -8.87 25.32 -37.83
C PRO H 82 -8.87 24.90 -39.29
N LYS H 83 -10.00 25.05 -39.98
CA LYS H 83 -10.03 24.75 -41.40
C LYS H 83 -9.35 25.84 -42.22
N ARG H 84 -9.41 27.10 -41.77
CA ARG H 84 -8.55 28.12 -42.38
C ARG H 84 -7.08 27.78 -42.16
N GLY H 85 -6.75 27.27 -40.98
CA GLY H 85 -5.39 26.82 -40.72
C GLY H 85 -4.95 25.70 -41.64
N GLU H 86 -5.87 24.85 -42.07
CA GLU H 86 -5.52 23.77 -42.98
C GLU H 86 -5.11 24.31 -44.34
N ILE H 87 -5.74 25.41 -44.77
CA ILE H 87 -5.33 26.07 -46.02
C ILE H 87 -3.92 26.64 -45.89
N VAL H 88 -3.64 27.31 -44.76
CA VAL H 88 -2.30 27.86 -44.56
C VAL H 88 -1.27 26.75 -44.51
N ARG H 89 -1.61 25.61 -43.90
CA ARG H 89 -0.70 24.47 -43.88
C ARG H 89 -0.30 24.06 -45.29
N GLN H 90 -1.27 24.00 -46.20
CA GLN H 90 -0.98 23.60 -47.57
C GLN H 90 -0.16 24.67 -48.30
N ILE H 91 -0.37 25.94 -47.97
CA ILE H 91 0.50 27.00 -48.47
C ILE H 91 1.93 26.75 -48.04
N GLY H 92 2.13 26.44 -46.75
CA GLY H 92 3.47 26.08 -46.27
C GLY H 92 4.10 24.95 -47.06
N ASP H 93 3.33 23.90 -47.33
CA ASP H 93 3.86 22.79 -48.13
C ASP H 93 4.20 23.23 -49.55
N ALA H 94 3.39 24.13 -50.12
CA ALA H 94 3.66 24.56 -51.50
C ALA H 94 4.90 25.44 -51.58
N LEU H 95 5.18 26.22 -50.53
CA LEU H 95 6.43 26.98 -50.48
C LEU H 95 7.64 26.06 -50.30
N ARG H 96 7.53 25.04 -49.45
CA ARG H 96 8.59 24.07 -49.30
C ARG H 96 8.98 23.47 -50.65
N GLU H 97 7.99 23.12 -51.48
CA GLU H 97 8.27 22.49 -52.76
C GLU H 97 9.04 23.40 -53.71
N LYS H 98 8.97 24.71 -53.49
CA LYS H 98 9.58 25.66 -54.41
C LYS H 98 10.65 26.51 -53.74
N ILE H 99 11.11 26.13 -52.55
CA ILE H 99 11.95 27.01 -51.75
C ILE H 99 13.24 27.38 -52.50
N GLN H 100 13.78 26.46 -53.29
CA GLN H 100 15.03 26.72 -54.00
C GLN H 100 14.81 27.65 -55.19
N VAL H 101 13.81 27.35 -56.03
CA VAL H 101 13.57 28.17 -57.21
C VAL H 101 13.00 29.53 -56.82
N LEU H 102 12.23 29.60 -55.73
CA LEU H 102 11.74 30.91 -55.28
C LEU H 102 12.86 31.71 -54.64
N GLY H 103 13.74 31.05 -53.87
CA GLY H 103 14.88 31.75 -53.30
C GLY H 103 15.80 32.30 -54.39
N SER H 104 15.98 31.54 -55.48
CA SER H 104 16.78 32.03 -56.60
C SER H 104 16.15 33.26 -57.25
N LEU H 105 14.81 33.28 -57.37
CA LEU H 105 14.15 34.47 -57.88
C LEU H 105 14.43 35.68 -56.99
N VAL H 106 14.34 35.50 -55.67
CA VAL H 106 14.64 36.60 -54.75
C VAL H 106 16.06 37.10 -54.97
N SER H 107 17.02 36.19 -55.13
CA SER H 107 18.40 36.61 -55.40
C SER H 107 18.50 37.34 -56.73
N LEU H 108 17.74 36.90 -57.73
CA LEU H 108 17.86 37.44 -59.08
C LEU H 108 17.22 38.82 -59.21
N GLU H 109 15.98 38.97 -58.71
CA GLU H 109 15.28 40.25 -58.84
C GLU H 109 15.55 41.21 -57.69
N MET H 110 15.73 40.71 -56.46
CA MET H 110 16.03 41.61 -55.35
C MET H 110 17.53 41.83 -55.19
N GLY H 111 18.32 40.76 -55.19
CA GLY H 111 19.78 40.89 -55.15
C GLY H 111 20.46 40.34 -53.91
N LYS H 112 19.74 39.84 -52.90
CA LYS H 112 20.37 39.23 -51.74
C LYS H 112 20.92 37.85 -52.12
N ILE H 113 21.87 37.37 -51.32
CA ILE H 113 22.53 36.09 -51.64
C ILE H 113 21.53 34.94 -51.49
N LEU H 114 21.88 33.80 -52.08
CA LEU H 114 20.94 32.69 -52.20
C LEU H 114 20.52 32.13 -50.84
N VAL H 115 21.47 32.02 -49.89
CA VAL H 115 21.11 31.52 -48.57
C VAL H 115 20.14 32.46 -47.88
N GLU H 116 20.29 33.77 -48.10
CA GLU H 116 19.35 34.71 -47.49
C GLU H 116 17.99 34.63 -48.18
N GLY H 117 17.98 34.45 -49.51
CA GLY H 117 16.71 34.34 -50.21
C GLY H 117 15.95 33.09 -49.83
N VAL H 118 16.63 31.94 -49.80
CA VAL H 118 16.04 30.71 -49.29
C VAL H 118 15.63 30.90 -47.84
N GLY H 119 16.52 31.49 -47.04
CA GLY H 119 16.21 31.74 -45.64
C GLY H 119 14.97 32.59 -45.46
N GLU H 120 14.77 33.56 -46.36
CA GLU H 120 13.57 34.39 -46.28
C GLU H 120 12.32 33.57 -46.58
N VAL H 121 12.41 32.66 -47.56
CA VAL H 121 11.27 31.77 -47.82
C VAL H 121 11.05 30.84 -46.63
N GLN H 122 12.13 30.47 -45.94
CA GLN H 122 12.00 29.63 -44.76
C GLN H 122 11.22 30.33 -43.65
N GLU H 123 11.38 31.66 -43.54
CA GLU H 123 10.60 32.43 -42.57
C GLU H 123 9.10 32.29 -42.82
N TYR H 124 8.69 32.31 -44.10
CA TYR H 124 7.28 32.15 -44.46
C TYR H 124 6.81 30.73 -44.15
N VAL H 125 7.63 29.72 -44.47
CA VAL H 125 7.33 28.35 -44.08
C VAL H 125 7.17 28.24 -42.57
N ASP H 126 8.09 28.85 -41.81
CA ASP H 126 8.01 28.79 -40.36
C ASP H 126 6.71 29.40 -39.85
N ILE H 127 6.36 30.58 -40.36
CA ILE H 127 5.17 31.25 -39.84
C ILE H 127 3.91 30.48 -40.24
N CYS H 128 3.93 29.79 -41.38
CA CYS H 128 2.79 28.93 -41.74
C CYS H 128 2.60 27.83 -40.71
N ASP H 129 3.69 27.14 -40.35
CA ASP H 129 3.65 26.14 -39.27
C ASP H 129 3.06 26.73 -37.99
N TYR H 130 3.55 27.91 -37.59
CA TYR H 130 3.09 28.56 -36.37
C TYR H 130 1.61 28.89 -36.44
N ALA H 131 1.16 29.45 -37.57
CA ALA H 131 -0.23 29.85 -37.74
C ALA H 131 -1.18 28.66 -37.75
N VAL H 132 -0.75 27.50 -38.25
CA VAL H 132 -1.59 26.30 -38.18
C VAL H 132 -1.92 25.96 -36.74
N GLY H 133 -0.94 26.10 -35.84
CA GLY H 133 -1.26 25.88 -34.44
C GLY H 133 -2.19 26.96 -33.91
N LEU H 134 -1.90 28.22 -34.25
CA LEU H 134 -2.72 29.33 -33.77
C LEU H 134 -4.17 29.19 -34.16
N SER H 135 -4.45 28.56 -35.31
CA SER H 135 -5.81 28.47 -35.80
C SER H 135 -6.72 27.65 -34.90
N ARG H 136 -6.14 26.88 -33.97
CA ARG H 136 -6.89 26.19 -32.95
C ARG H 136 -6.83 26.87 -31.59
N MET H 137 -6.23 28.06 -31.51
CA MET H 137 -5.94 28.73 -30.25
C MET H 137 -6.51 30.13 -30.13
N ILE H 138 -6.67 30.88 -31.23
CA ILE H 138 -7.04 32.29 -31.13
C ILE H 138 -8.39 32.43 -30.42
N GLY H 139 -8.49 33.46 -29.60
CA GLY H 139 -9.69 33.71 -28.83
C GLY H 139 -9.32 34.49 -27.59
N GLY H 140 -10.33 34.74 -26.77
CA GLY H 140 -10.15 35.46 -25.53
C GLY H 140 -10.69 34.70 -24.34
N PRO H 141 -10.46 35.26 -23.16
CA PRO H 141 -10.89 34.60 -21.93
C PRO H 141 -12.38 34.70 -21.66
N ILE H 142 -12.91 33.68 -20.99
CA ILE H 142 -14.17 33.81 -20.26
C ILE H 142 -13.83 34.31 -18.87
N LEU H 143 -14.51 35.37 -18.45
CA LEU H 143 -14.17 36.07 -17.22
C LEU H 143 -15.31 35.95 -16.21
N PRO H 144 -15.03 36.06 -14.92
CA PRO H 144 -16.10 35.99 -13.94
C PRO H 144 -16.81 37.32 -13.83
N SER H 145 -18.08 37.35 -14.25
CA SER H 145 -18.88 38.54 -14.05
C SER H 145 -19.17 38.77 -12.56
N GLU H 146 -19.23 40.04 -12.17
CA GLU H 146 -19.62 40.41 -10.82
C GLU H 146 -21.12 40.26 -10.61
N ARG H 147 -21.86 39.90 -11.64
CA ARG H 147 -23.31 39.81 -11.55
C ARG H 147 -23.76 38.37 -11.67
N SER H 148 -24.65 37.97 -10.77
CA SER H 148 -25.21 36.63 -10.79
C SER H 148 -25.94 36.42 -12.10
N GLY H 149 -25.85 35.20 -12.64
CA GLY H 149 -26.61 34.85 -13.83
C GLY H 149 -26.17 35.57 -15.08
N HIS H 150 -24.96 36.12 -15.11
CA HIS H 150 -24.39 36.70 -16.30
C HIS H 150 -23.09 35.97 -16.66
N ALA H 151 -22.82 35.89 -17.94
CA ALA H 151 -21.52 35.44 -18.45
C ALA H 151 -20.80 36.64 -19.05
N LEU H 152 -19.48 36.69 -18.87
CA LEU H 152 -18.64 37.74 -19.43
C LEU H 152 -17.58 37.07 -20.27
N ILE H 153 -17.52 37.42 -21.55
CA ILE H 153 -16.59 36.75 -22.46
C ILE H 153 -15.96 37.81 -23.36
N GLU H 154 -14.69 37.58 -23.69
CA GLU H 154 -14.01 38.41 -24.68
C GLU H 154 -13.91 37.61 -25.97
N GLN H 155 -14.60 38.08 -27.01
CA GLN H 155 -14.58 37.48 -28.34
C GLN H 155 -13.60 38.20 -29.25
N TRP H 156 -13.11 37.47 -30.26
CA TRP H 156 -12.24 38.04 -31.29
C TRP H 156 -12.78 37.67 -32.65
N ASN H 157 -12.87 38.64 -33.56
CA ASN H 157 -13.44 38.40 -34.88
C ASN H 157 -12.62 39.13 -35.94
N PRO H 158 -12.59 38.64 -37.17
CA PRO H 158 -11.77 39.27 -38.22
C PRO H 158 -12.24 40.69 -38.50
N VAL H 159 -11.29 41.54 -38.89
CA VAL H 159 -11.62 42.92 -39.23
C VAL H 159 -12.17 43.04 -40.65
N GLY H 160 -11.87 42.09 -41.53
CA GLY H 160 -12.42 42.13 -42.87
C GLY H 160 -11.34 42.02 -43.93
N LEU H 161 -11.09 43.09 -44.67
CA LEU H 161 -10.03 43.11 -45.66
C LEU H 161 -8.75 43.67 -45.04
N VAL H 162 -7.65 42.90 -45.15
CA VAL H 162 -6.34 43.35 -44.68
C VAL H 162 -5.51 43.73 -45.92
N GLY H 163 -5.25 45.02 -46.09
CA GLY H 163 -4.32 45.46 -47.14
C GLY H 163 -2.88 45.37 -46.63
N ILE H 164 -1.99 44.90 -47.51
CA ILE H 164 -0.60 44.59 -47.14
C ILE H 164 0.31 45.24 -48.17
N ILE H 165 1.04 46.28 -47.74
CA ILE H 165 2.03 46.95 -48.58
C ILE H 165 3.41 46.58 -48.05
N THR H 166 4.26 46.03 -48.93
CA THR H 166 5.59 45.56 -48.56
C THR H 166 6.66 46.29 -49.37
N ALA H 167 7.91 46.10 -48.95
CA ALA H 167 9.05 46.79 -49.50
C ALA H 167 9.95 45.85 -50.29
N PHE H 168 10.94 46.43 -50.96
CA PHE H 168 11.82 45.65 -51.82
C PHE H 168 12.68 44.69 -51.02
N ASN H 169 13.05 45.06 -49.79
CA ASN H 169 14.17 44.36 -49.18
C ASN H 169 13.76 43.02 -48.58
N PHE H 170 12.49 42.83 -48.23
CA PHE H 170 11.99 41.51 -47.85
C PHE H 170 10.71 41.24 -48.65
N PRO H 171 10.88 40.83 -49.92
CA PRO H 171 9.71 40.76 -50.82
C PRO H 171 8.88 39.50 -50.64
N VAL H 172 9.31 38.56 -49.80
CA VAL H 172 8.54 37.35 -49.50
C VAL H 172 8.09 37.31 -48.04
N ALA H 173 9.02 37.51 -47.10
CA ALA H 173 8.73 37.15 -45.70
C ALA H 173 7.75 38.10 -45.03
N VAL H 174 7.82 39.39 -45.34
CA VAL H 174 6.92 40.33 -44.67
C VAL H 174 5.49 40.07 -45.10
N TYR H 175 5.27 39.94 -46.40
CA TYR H 175 3.95 39.54 -46.89
C TYR H 175 3.50 38.25 -46.22
N GLY H 176 4.35 37.23 -46.23
CA GLY H 176 3.95 35.94 -45.68
C GLY H 176 3.55 36.00 -44.23
N ALA H 177 4.32 36.74 -43.42
CA ALA H 177 3.97 36.87 -42.01
C ALA H 177 2.59 37.52 -41.85
N ASN H 178 2.31 38.55 -42.63
CA ASN H 178 1.00 39.20 -42.55
C ASN H 178 -0.07 38.28 -43.12
N ASN H 179 0.25 37.61 -44.23
CA ASN H 179 -0.72 36.76 -44.91
C ASN H 179 -1.15 35.60 -44.04
N ALA H 180 -0.18 34.82 -43.52
CA ALA H 180 -0.55 33.61 -42.78
C ALA H 180 -1.37 33.94 -41.54
N ILE H 181 -0.99 35.00 -40.81
CA ILE H 181 -1.72 35.38 -39.60
C ILE H 181 -3.10 35.94 -39.96
N ALA H 182 -3.14 36.85 -40.93
CA ALA H 182 -4.44 37.43 -41.30
C ALA H 182 -5.42 36.36 -41.77
N MET H 183 -4.91 35.33 -42.48
CA MET H 183 -5.75 34.26 -43.00
C MET H 183 -6.37 33.43 -41.87
N ILE H 184 -5.55 32.96 -40.93
CA ILE H 184 -6.14 32.09 -39.91
C ILE H 184 -7.10 32.90 -39.04
N CYS H 185 -6.88 34.21 -38.95
CA CYS H 185 -7.78 35.10 -38.23
C CYS H 185 -9.07 35.41 -38.99
N GLY H 186 -9.25 34.87 -40.19
CA GLY H 186 -10.52 35.03 -40.90
C GLY H 186 -10.61 36.25 -41.79
N ASN H 187 -9.49 36.86 -42.15
CA ASN H 187 -9.50 38.00 -43.05
C ASN H 187 -9.13 37.57 -44.46
N VAL H 188 -9.52 38.40 -45.43
CA VAL H 188 -8.98 38.33 -46.78
C VAL H 188 -7.90 39.40 -46.92
N CYS H 189 -7.02 39.21 -47.91
CA CYS H 189 -5.82 40.02 -48.07
C CYS H 189 -5.75 40.63 -49.46
N LEU H 190 -5.17 41.83 -49.52
CA LEU H 190 -4.87 42.52 -50.77
C LEU H 190 -3.43 42.98 -50.68
N TRP H 191 -2.58 42.51 -51.59
CA TRP H 191 -1.14 42.73 -51.56
C TRP H 191 -0.73 43.70 -52.66
N LYS H 192 -0.02 44.76 -52.29
CA LYS H 192 0.73 45.60 -53.23
C LYS H 192 2.20 45.59 -52.79
N GLY H 193 3.05 44.91 -53.55
CA GLY H 193 4.46 44.84 -53.23
C GLY H 193 5.24 46.00 -53.83
N ALA H 194 6.55 45.98 -53.61
CA ALA H 194 7.41 46.98 -54.22
C ALA H 194 7.42 46.79 -55.74
N PRO H 195 7.30 47.87 -56.53
CA PRO H 195 7.35 47.72 -58.00
C PRO H 195 8.59 47.01 -58.50
N THR H 196 9.73 47.23 -57.86
CA THR H 196 10.97 46.60 -58.33
C THR H 196 11.10 45.15 -57.92
N THR H 197 10.15 44.59 -57.16
CA THR H 197 10.08 43.15 -56.94
C THR H 197 8.74 42.59 -57.40
N SER H 198 8.24 43.06 -58.54
CA SER H 198 6.93 42.64 -59.04
C SER H 198 6.91 41.15 -59.43
N LEU H 199 8.01 40.64 -59.99
CA LEU H 199 8.04 39.22 -60.36
C LEU H 199 7.90 38.34 -59.13
N ILE H 200 8.57 38.69 -58.03
CA ILE H 200 8.44 37.91 -56.80
C ILE H 200 7.01 37.93 -56.28
N SER H 201 6.38 39.10 -56.27
CA SER H 201 4.97 39.19 -55.86
C SER H 201 4.10 38.25 -56.68
N VAL H 202 4.29 38.27 -58.01
CA VAL H 202 3.48 37.42 -58.89
C VAL H 202 3.77 35.95 -58.63
N ALA H 203 5.05 35.61 -58.49
CA ALA H 203 5.43 34.22 -58.24
C ALA H 203 4.79 33.70 -56.97
N VAL H 204 4.84 34.48 -55.88
CA VAL H 204 4.23 34.06 -54.62
C VAL H 204 2.72 33.92 -54.79
N THR H 205 2.09 34.91 -55.41
CA THR H 205 0.63 34.86 -55.60
C THR H 205 0.22 33.65 -56.44
N LYS H 206 1.05 33.24 -57.41
CA LYS H 206 0.75 32.04 -58.17
C LYS H 206 0.73 30.80 -57.30
N ILE H 207 1.70 30.68 -56.40
CA ILE H 207 1.76 29.55 -55.45
C ILE H 207 0.52 29.53 -54.58
N ILE H 208 0.15 30.68 -54.02
CA ILE H 208 -1.01 30.73 -53.13
C ILE H 208 -2.30 30.47 -53.90
N ALA H 209 -2.41 31.03 -55.12
CA ALA H 209 -3.63 30.90 -55.91
C ALA H 209 -3.92 29.45 -56.24
N LYS H 210 -2.88 28.66 -56.51
CA LYS H 210 -3.09 27.24 -56.81
C LYS H 210 -3.67 26.51 -55.60
N VAL H 211 -3.19 26.83 -54.39
CA VAL H 211 -3.74 26.20 -53.20
C VAL H 211 -5.21 26.56 -53.02
N LEU H 212 -5.54 27.84 -53.18
CA LEU H 212 -6.92 28.26 -53.04
C LEU H 212 -7.82 27.52 -54.03
N GLU H 213 -7.46 27.58 -55.31
CA GLU H 213 -8.29 26.95 -56.33
C GLU H 213 -8.39 25.44 -56.13
N ASP H 214 -7.28 24.80 -55.73
CA ASP H 214 -7.30 23.37 -55.46
C ASP H 214 -8.27 23.02 -54.33
N ASN H 215 -8.47 23.95 -53.39
CA ASN H 215 -9.42 23.75 -52.30
C ASN H 215 -10.77 24.36 -52.60
N LYS H 216 -11.02 24.72 -53.86
CA LYS H 216 -12.33 25.18 -54.32
C LYS H 216 -12.76 26.46 -53.61
N LEU H 217 -11.78 27.33 -53.24
CA LEU H 217 -12.05 28.59 -52.55
C LEU H 217 -11.89 29.76 -53.52
N PRO H 218 -12.58 30.88 -53.29
CA PRO H 218 -12.43 32.05 -54.17
C PRO H 218 -11.04 32.65 -54.06
N GLY H 219 -10.36 32.78 -55.20
CA GLY H 219 -8.97 33.25 -55.20
C GLY H 219 -8.79 34.63 -54.58
N ALA H 220 -9.85 35.44 -54.56
CA ALA H 220 -9.76 36.79 -54.02
C ALA H 220 -9.39 36.81 -52.53
N ILE H 221 -9.49 35.66 -51.84
CA ILE H 221 -9.05 35.59 -50.45
C ILE H 221 -7.62 36.11 -50.29
N CYS H 222 -6.76 35.88 -51.30
CA CYS H 222 -5.40 36.44 -51.31
C CYS H 222 -5.23 37.18 -52.63
N SER H 223 -5.67 38.43 -52.66
CA SER H 223 -5.64 39.22 -53.89
C SER H 223 -4.31 39.97 -54.04
N LEU H 224 -3.98 40.25 -55.30
CA LEU H 224 -2.77 40.97 -55.67
C LEU H 224 -3.11 42.10 -56.61
N THR H 225 -2.62 43.30 -56.32
CA THR H 225 -2.66 44.44 -57.25
C THR H 225 -1.28 45.07 -57.27
N CYS H 226 -0.45 44.69 -58.23
CA CYS H 226 0.85 45.32 -58.40
C CYS H 226 0.66 46.78 -58.80
N GLY H 227 1.43 47.67 -58.19
CA GLY H 227 1.34 49.08 -58.51
C GLY H 227 2.31 49.88 -57.66
N GLY H 228 2.32 51.19 -57.89
CA GLY H 228 3.21 52.08 -57.17
C GLY H 228 2.49 52.92 -56.13
N ALA H 229 2.91 54.17 -55.99
CA ALA H 229 2.37 55.02 -54.93
C ALA H 229 0.88 55.29 -55.12
N ASP H 230 0.39 55.28 -56.37
CA ASP H 230 -1.03 55.53 -56.60
C ASP H 230 -1.91 54.42 -55.98
N ILE H 231 -1.51 53.16 -56.13
CA ILE H 231 -2.26 52.07 -55.49
C ILE H 231 -2.04 52.10 -53.98
N GLY H 232 -0.81 52.36 -53.55
CA GLY H 232 -0.56 52.43 -52.11
C GLY H 232 -1.41 53.52 -51.46
N THR H 233 -1.51 54.66 -52.11
CA THR H 233 -2.30 55.78 -51.58
C THR H 233 -3.78 55.46 -51.59
N ALA H 234 -4.28 54.82 -52.65
CA ALA H 234 -5.67 54.41 -52.67
C ALA H 234 -5.99 53.53 -51.46
N MET H 235 -5.13 52.56 -51.19
CA MET H 235 -5.32 51.65 -50.06
C MET H 235 -5.36 52.41 -48.73
N ALA H 236 -4.50 53.42 -48.58
CA ALA H 236 -4.45 54.16 -47.32
C ALA H 236 -5.68 55.01 -47.09
N LYS H 237 -6.36 55.42 -48.17
CA LYS H 237 -7.56 56.23 -48.07
C LYS H 237 -8.85 55.43 -48.18
N ASP H 238 -8.76 54.12 -48.41
CA ASP H 238 -9.93 53.32 -48.75
C ASP H 238 -10.60 52.79 -47.47
N GLU H 239 -11.82 53.25 -47.20
CA GLU H 239 -12.55 52.74 -46.05
C GLU H 239 -12.82 51.24 -46.12
N ARG H 240 -12.81 50.64 -47.32
CA ARG H 240 -13.02 49.20 -47.39
C ARG H 240 -11.79 48.40 -46.95
N VAL H 241 -10.63 49.05 -46.79
CA VAL H 241 -9.45 48.37 -46.26
C VAL H 241 -9.49 48.53 -44.75
N ASN H 242 -9.90 47.46 -44.05
CA ASN H 242 -10.15 47.57 -42.61
C ASN H 242 -8.87 47.68 -41.81
N LEU H 243 -7.82 46.95 -42.21
CA LEU H 243 -6.49 47.13 -41.64
C LEU H 243 -5.51 47.31 -42.79
N LEU H 244 -4.62 48.29 -42.67
CA LEU H 244 -3.53 48.48 -43.63
C LEU H 244 -2.22 48.20 -42.92
N SER H 245 -1.56 47.10 -43.29
CA SER H 245 -0.21 46.81 -42.83
C SER H 245 0.75 47.39 -43.86
N PHE H 246 1.66 48.25 -43.40
CA PHE H 246 2.60 48.93 -44.27
C PHE H 246 4.01 48.72 -43.74
N THR H 247 4.86 48.14 -44.59
CA THR H 247 6.29 48.05 -44.35
C THR H 247 7.00 48.91 -45.38
N GLY H 248 7.83 49.85 -44.92
CA GLY H 248 8.53 50.74 -45.83
C GLY H 248 9.20 51.87 -45.05
N SER H 249 9.47 52.96 -45.77
CA SER H 249 10.21 54.06 -45.17
C SER H 249 9.39 54.83 -44.15
N THR H 250 10.09 55.46 -43.20
CA THR H 250 9.43 56.28 -42.18
C THR H 250 8.66 57.43 -42.81
N GLN H 251 9.24 58.10 -43.82
CA GLN H 251 8.57 59.22 -44.45
C GLN H 251 7.22 58.81 -45.03
N VAL H 252 7.19 57.74 -45.82
CA VAL H 252 5.92 57.29 -46.39
C VAL H 252 5.02 56.70 -45.30
N GLY H 253 5.61 55.97 -44.35
CA GLY H 253 4.83 55.38 -43.28
C GLY H 253 4.05 56.39 -42.48
N LYS H 254 4.65 57.56 -42.23
CA LYS H 254 3.96 58.62 -41.48
C LYS H 254 2.72 59.11 -42.23
N GLN H 255 2.83 59.30 -43.55
CA GLN H 255 1.68 59.75 -44.34
C GLN H 255 0.61 58.67 -44.42
N VAL H 256 1.01 57.40 -44.54
CA VAL H 256 0.06 56.30 -44.48
C VAL H 256 -0.69 56.30 -43.15
N GLY H 257 0.05 56.44 -42.04
CA GLY H 257 -0.60 56.48 -40.74
C GLY H 257 -1.61 57.61 -40.63
N LEU H 258 -1.23 58.80 -41.09
CA LEU H 258 -2.15 59.93 -41.04
C LEU H 258 -3.39 59.66 -41.89
N MET H 259 -3.21 59.10 -43.08
CA MET H 259 -4.36 58.83 -43.94
C MET H 259 -5.29 57.79 -43.33
N VAL H 260 -4.72 56.75 -42.71
CA VAL H 260 -5.57 55.74 -42.09
C VAL H 260 -6.28 56.34 -40.88
N GLN H 261 -5.60 57.18 -40.12
CA GLN H 261 -6.24 57.80 -38.95
C GLN H 261 -7.35 58.75 -39.38
N GLU H 262 -7.18 59.43 -40.51
CA GLU H 262 -8.20 60.36 -40.99
C GLU H 262 -9.54 59.67 -41.24
N ARG H 263 -9.52 58.41 -41.68
CA ARG H 263 -10.74 57.66 -41.93
C ARG H 263 -11.07 56.69 -40.80
N PHE H 264 -10.42 56.84 -39.64
CA PHE H 264 -10.64 55.98 -38.48
C PHE H 264 -10.49 54.50 -38.83
N GLY H 265 -9.54 54.20 -39.72
CA GLY H 265 -9.19 52.84 -40.03
C GLY H 265 -8.19 52.30 -39.00
N ARG H 266 -7.66 51.13 -39.29
CA ARG H 266 -6.57 50.56 -38.50
C ARG H 266 -5.30 50.48 -39.34
N SER H 267 -4.16 50.79 -38.74
CA SER H 267 -2.88 50.66 -39.44
C SER H 267 -1.90 49.88 -38.58
N LEU H 268 -1.01 49.17 -39.27
CA LEU H 268 0.09 48.43 -38.66
C LEU H 268 1.35 48.91 -39.38
N LEU H 269 2.21 49.66 -38.68
CA LEU H 269 3.32 50.35 -39.31
C LEU H 269 4.65 49.70 -38.92
N GLU H 270 5.43 49.30 -39.92
CA GLU H 270 6.73 48.66 -39.75
C GLU H 270 7.72 49.49 -40.56
N LEU H 271 8.40 50.44 -39.91
CA LEU H 271 9.17 51.41 -40.64
C LEU H 271 10.67 51.24 -40.32
N GLY H 272 11.45 52.32 -40.45
CA GLY H 272 12.89 52.18 -40.46
C GLY H 272 13.53 51.98 -39.09
N GLY H 273 14.82 51.62 -39.12
CA GLY H 273 15.60 51.51 -37.92
C GLY H 273 16.95 52.20 -38.08
N ASN H 274 17.51 52.61 -36.94
CA ASN H 274 18.89 53.12 -36.87
C ASN H 274 19.58 52.34 -35.76
N ASN H 275 19.84 51.07 -36.04
CA ASN H 275 20.08 50.07 -35.00
C ASN H 275 21.53 50.07 -34.54
N ALA H 276 21.71 49.91 -33.23
CA ALA H 276 23.03 49.97 -32.61
C ALA H 276 23.43 48.61 -32.04
N ILE H 277 24.71 48.30 -32.16
CA ILE H 277 25.36 47.24 -31.40
C ILE H 277 26.29 47.92 -30.41
N ILE H 278 26.33 47.43 -29.17
CA ILE H 278 27.19 48.01 -28.12
C ILE H 278 28.05 46.91 -27.55
N ALA H 279 29.38 47.09 -27.61
CA ALA H 279 30.33 46.12 -27.09
C ALA H 279 30.97 46.68 -25.83
N PHE H 280 30.68 46.07 -24.69
CA PHE H 280 31.28 46.48 -23.44
C PHE H 280 32.66 45.84 -23.29
N GLU H 281 33.41 46.32 -22.29
CA GLU H 281 34.81 45.89 -22.15
C GLU H 281 34.92 44.41 -21.87
N ASP H 282 33.94 43.81 -21.19
CA ASP H 282 33.99 42.39 -20.86
C ASP H 282 33.44 41.51 -21.98
N ALA H 283 33.16 42.08 -23.16
CA ALA H 283 32.51 41.33 -24.24
C ALA H 283 33.42 40.21 -24.76
N ASP H 284 32.78 39.10 -25.18
CA ASP H 284 33.48 38.07 -25.92
C ASP H 284 33.72 38.59 -27.34
N LEU H 285 34.97 38.94 -27.65
CA LEU H 285 35.28 39.55 -28.95
C LEU H 285 35.04 38.58 -30.08
N SER H 286 35.21 37.27 -29.85
CA SER H 286 34.94 36.29 -30.89
C SER H 286 33.45 36.19 -31.20
N LEU H 287 32.59 36.72 -30.33
CA LEU H 287 31.19 36.89 -30.71
C LEU H 287 30.95 38.25 -31.37
N VAL H 288 31.64 39.29 -30.89
CA VAL H 288 31.38 40.65 -31.36
C VAL H 288 31.68 40.77 -32.85
N VAL H 289 32.88 40.35 -33.28
CA VAL H 289 33.33 40.63 -34.65
C VAL H 289 32.44 39.96 -35.69
N PRO H 290 32.19 38.64 -35.65
CA PRO H 290 31.29 38.07 -36.67
C PRO H 290 29.86 38.58 -36.56
N SER H 291 29.38 38.89 -35.34
CA SER H 291 28.04 39.43 -35.20
C SER H 291 27.93 40.79 -35.87
N ALA H 292 28.93 41.66 -35.64
CA ALA H 292 28.90 42.98 -36.26
C ALA H 292 28.97 42.86 -37.77
N LEU H 293 29.78 41.91 -38.28
CA LEU H 293 29.89 41.71 -39.72
C LEU H 293 28.56 41.31 -40.33
N PHE H 294 27.93 40.25 -39.82
CA PHE H 294 26.64 39.83 -40.36
C PHE H 294 25.61 40.94 -40.21
N ALA H 295 25.56 41.59 -39.04
CA ALA H 295 24.52 42.58 -38.83
C ALA H 295 24.70 43.79 -39.75
N ALA H 296 25.94 44.16 -40.05
CA ALA H 296 26.21 45.35 -40.86
C ALA H 296 26.22 45.07 -42.34
N VAL H 297 26.75 43.93 -42.80
CA VAL H 297 26.91 43.70 -44.23
C VAL H 297 25.94 42.68 -44.79
N GLY H 298 25.22 41.93 -43.97
CA GLY H 298 24.23 41.01 -44.51
C GLY H 298 23.18 41.77 -45.30
N THR H 299 22.72 41.17 -46.41
CA THR H 299 21.79 41.83 -47.33
C THR H 299 22.37 43.14 -47.87
N ALA H 300 23.70 43.22 -47.93
CA ALA H 300 24.41 44.43 -48.35
C ALA H 300 23.92 45.66 -47.57
N GLY H 301 23.62 45.45 -46.29
CA GLY H 301 23.23 46.54 -45.41
C GLY H 301 21.85 47.09 -45.66
N GLN H 302 20.94 46.28 -46.21
CA GLN H 302 19.63 46.78 -46.63
C GLN H 302 18.48 46.19 -45.82
N ARG H 303 18.73 45.79 -44.59
CA ARG H 303 17.66 45.36 -43.70
C ARG H 303 17.20 46.57 -42.86
N CYS H 304 15.91 46.58 -42.50
CA CYS H 304 15.49 47.57 -41.53
C CYS H 304 16.22 47.35 -40.20
N THR H 305 16.59 46.10 -39.90
CA THR H 305 17.32 45.69 -38.69
C THR H 305 18.84 45.68 -38.85
N THR H 306 19.37 46.16 -39.98
CA THR H 306 20.81 46.24 -40.18
C THR H 306 21.47 47.08 -39.08
N ALA H 307 22.63 46.63 -38.61
CA ALA H 307 23.42 47.41 -37.66
C ALA H 307 24.03 48.61 -38.36
N ARG H 308 23.69 49.83 -37.91
CA ARG H 308 24.25 51.03 -38.50
C ARG H 308 25.11 51.84 -37.54
N ARG H 309 25.01 51.59 -36.24
CA ARG H 309 25.85 52.21 -35.23
C ARG H 309 26.51 51.12 -34.42
N LEU H 310 27.82 51.25 -34.21
CA LEU H 310 28.59 50.29 -33.41
C LEU H 310 29.33 51.08 -32.33
N PHE H 311 28.87 50.95 -31.09
CA PHE H 311 29.51 51.57 -29.94
C PHE H 311 30.45 50.56 -29.30
N ILE H 312 31.73 50.93 -29.15
CA ILE H 312 32.73 50.05 -28.56
C ILE H 312 33.38 50.77 -27.39
N HIS H 313 33.54 50.06 -26.28
CA HIS H 313 34.23 50.65 -25.13
C HIS H 313 35.64 51.06 -25.52
N GLU H 314 36.09 52.19 -24.95
CA GLU H 314 37.37 52.76 -25.35
C GLU H 314 38.50 51.74 -25.23
N SER H 315 38.44 50.87 -24.24
CA SER H 315 39.54 49.93 -24.00
C SER H 315 39.73 48.96 -25.16
N ILE H 316 38.66 48.61 -25.88
CA ILE H 316 38.73 47.60 -26.92
C ILE H 316 38.41 48.16 -28.30
N HIS H 317 38.21 49.48 -28.42
CA HIS H 317 37.72 50.05 -29.67
C HIS H 317 38.68 49.80 -30.83
N ASP H 318 39.97 50.09 -30.62
CA ASP H 318 40.93 49.91 -31.69
C ASP H 318 41.03 48.45 -32.11
N GLU H 319 41.09 47.54 -31.14
CA GLU H 319 41.21 46.13 -31.46
C GLU H 319 39.99 45.63 -32.23
N VAL H 320 38.78 46.03 -31.82
CA VAL H 320 37.58 45.57 -32.52
C VAL H 320 37.55 46.10 -33.96
N VAL H 321 37.88 47.38 -34.14
CA VAL H 321 37.91 47.95 -35.49
C VAL H 321 38.92 47.20 -36.37
N ASN H 322 40.10 46.88 -35.81
CA ASN H 322 41.13 46.20 -36.58
C ASN H 322 40.66 44.82 -37.04
N ARG H 323 40.07 44.04 -36.11
CA ARG H 323 39.55 42.73 -36.49
C ARG H 323 38.42 42.84 -37.49
N LEU H 324 37.56 43.86 -37.33
CA LEU H 324 36.42 43.99 -38.23
C LEU H 324 36.88 44.35 -39.64
N LYS H 325 37.89 45.21 -39.76
CA LYS H 325 38.42 45.59 -41.07
C LYS H 325 39.02 44.40 -41.80
N LYS H 326 39.74 43.52 -41.08
CA LYS H 326 40.27 42.31 -41.71
C LYS H 326 39.14 41.37 -42.11
N ALA H 327 38.09 41.28 -41.29
CA ALA H 327 36.94 40.46 -41.65
C ALA H 327 36.24 41.00 -42.89
N TYR H 328 36.14 42.33 -42.99
CA TYR H 328 35.52 42.94 -44.16
C TYR H 328 36.28 42.59 -45.44
N ALA H 329 37.62 42.56 -45.37
CA ALA H 329 38.40 42.27 -46.56
C ALA H 329 38.22 40.84 -47.05
N GLN H 330 37.74 39.94 -46.19
CA GLN H 330 37.57 38.53 -46.54
C GLN H 330 36.14 38.19 -46.95
N ILE H 331 35.30 39.19 -47.17
CA ILE H 331 33.93 38.93 -47.62
C ILE H 331 33.95 38.47 -49.07
N ARG H 332 33.33 37.32 -49.33
CA ARG H 332 33.22 36.78 -50.69
C ARG H 332 32.19 37.59 -51.47
N VAL H 333 32.65 38.31 -52.50
CA VAL H 333 31.78 39.14 -53.35
C VAL H 333 31.54 38.41 -54.67
N GLY H 334 30.34 38.55 -55.22
CA GLY H 334 30.06 38.00 -56.53
C GLY H 334 28.57 38.07 -56.82
N ASN H 335 28.16 37.30 -57.83
CA ASN H 335 26.76 37.20 -58.14
C ASN H 335 26.01 36.57 -56.97
N PRO H 336 24.86 37.12 -56.58
CA PRO H 336 24.21 36.67 -55.33
C PRO H 336 23.79 35.21 -55.38
N TRP H 337 23.54 34.66 -56.56
CA TRP H 337 23.23 33.24 -56.71
C TRP H 337 24.49 32.37 -56.82
N ASP H 338 25.70 32.96 -56.90
CA ASP H 338 26.89 32.15 -57.05
C ASP H 338 27.34 31.57 -55.71
N PRO H 339 27.93 30.37 -55.72
CA PRO H 339 28.20 29.67 -54.46
C PRO H 339 29.27 30.36 -53.63
N ASN H 340 29.10 30.26 -52.31
CA ASN H 340 29.98 30.82 -51.28
C ASN H 340 29.97 32.36 -51.27
N VAL H 341 29.21 33.00 -52.16
CA VAL H 341 29.14 34.45 -52.16
C VAL H 341 28.35 34.92 -50.94
N LEU H 342 28.86 35.95 -50.27
CA LEU H 342 28.22 36.55 -49.11
C LEU H 342 27.80 37.98 -49.32
N TYR H 343 28.15 38.61 -50.44
CA TYR H 343 27.91 40.03 -50.61
C TYR H 343 27.54 40.30 -52.06
N GLY H 344 26.34 40.82 -52.27
CA GLY H 344 25.83 41.08 -53.60
C GLY H 344 25.63 42.57 -53.81
N PRO H 345 24.84 42.94 -54.82
CA PRO H 345 24.66 44.36 -55.13
C PRO H 345 23.61 45.04 -54.26
N LEU H 346 23.67 46.37 -54.26
CA LEU H 346 22.53 47.14 -53.81
C LEU H 346 21.36 46.95 -54.78
N HIS H 347 20.16 47.30 -54.31
CA HIS H 347 18.97 46.97 -55.08
C HIS H 347 18.77 47.89 -56.28
N THR H 348 19.21 49.14 -56.19
CA THR H 348 18.95 50.11 -57.25
C THR H 348 20.19 50.96 -57.51
N LYS H 349 20.16 51.64 -58.66
CA LYS H 349 21.19 52.63 -58.96
C LYS H 349 21.10 53.82 -58.01
N GLN H 350 19.89 54.19 -57.59
CA GLN H 350 19.74 55.32 -56.69
C GLN H 350 20.35 55.03 -55.32
N ALA H 351 20.26 53.77 -54.85
CA ALA H 351 20.91 53.42 -53.59
C ALA H 351 22.43 53.58 -53.66
N VAL H 352 23.02 53.35 -54.83
CA VAL H 352 24.45 53.59 -55.01
C VAL H 352 24.76 55.07 -54.84
N SER H 353 23.95 55.93 -55.48
CA SER H 353 24.16 57.37 -55.36
CA SER H 353 24.16 57.37 -55.36
C SER H 353 23.99 57.84 -53.92
N MET H 354 22.97 57.30 -53.22
CA MET H 354 22.79 57.66 -51.82
C MET H 354 24.00 57.23 -51.00
N PHE H 355 24.56 56.06 -51.32
CA PHE H 355 25.76 55.58 -50.62
C PHE H 355 26.92 56.57 -50.74
N LEU H 356 27.25 56.97 -51.97
CA LEU H 356 28.35 57.90 -52.17
C LEU H 356 28.07 59.25 -51.50
N GLY H 357 26.81 59.67 -51.49
CA GLY H 357 26.48 60.92 -50.82
C GLY H 357 26.74 60.85 -49.34
N ALA H 358 26.32 59.74 -48.71
CA ALA H 358 26.54 59.58 -47.27
C ALA H 358 28.02 59.44 -46.93
N VAL H 359 28.80 58.77 -47.78
CA VAL H 359 30.23 58.64 -47.51
C VAL H 359 30.90 60.01 -47.58
N GLU H 360 30.58 60.76 -48.63
CA GLU H 360 31.07 62.14 -48.73
C GLU H 360 30.65 62.98 -47.54
N GLU H 361 29.39 62.86 -47.09
CA GLU H 361 28.92 63.66 -45.98
C GLU H 361 29.60 63.28 -44.67
N ALA H 362 29.74 61.97 -44.42
CA ALA H 362 30.45 61.50 -43.23
C ALA H 362 31.87 62.04 -43.17
N LYS H 363 32.54 62.17 -44.33
CA LYS H 363 33.87 62.77 -44.35
C LYS H 363 33.82 64.24 -43.98
N LYS H 364 32.81 64.97 -44.48
CA LYS H 364 32.70 66.40 -44.19
C LYS H 364 32.36 66.66 -42.74
N GLU H 365 31.71 65.71 -42.05
CA GLU H 365 31.38 65.85 -40.64
C GLU H 365 32.49 65.37 -39.70
N GLY H 366 33.64 64.97 -40.23
CA GLY H 366 34.78 64.63 -39.40
C GLY H 366 35.11 63.16 -39.33
N GLY H 367 34.37 62.30 -40.01
CA GLY H 367 34.63 60.88 -39.95
C GLY H 367 35.75 60.44 -40.87
N THR H 368 36.38 59.33 -40.50
CA THR H 368 37.47 58.73 -41.27
C THR H 368 37.00 57.38 -41.83
N VAL H 369 37.13 57.22 -43.14
CA VAL H 369 36.78 55.94 -43.75
C VAL H 369 37.96 55.01 -43.51
N VAL H 370 37.77 54.00 -42.66
CA VAL H 370 38.85 53.05 -42.40
C VAL H 370 38.75 51.81 -43.30
N TYR H 371 37.59 51.56 -43.89
CA TYR H 371 37.46 50.51 -44.89
C TYR H 371 36.35 50.89 -45.85
N GLY H 372 36.59 50.66 -47.14
CA GLY H 372 35.57 50.81 -48.15
C GLY H 372 35.34 52.24 -48.62
N GLY H 373 34.08 52.60 -48.77
CA GLY H 373 33.72 53.94 -49.17
C GLY H 373 33.55 54.16 -50.65
N LYS H 374 33.85 53.16 -51.49
CA LYS H 374 33.85 53.35 -52.93
C LYS H 374 32.87 52.38 -53.60
N VAL H 375 32.48 52.75 -54.82
CA VAL H 375 31.75 51.83 -55.69
C VAL H 375 32.70 50.77 -56.22
N MET H 376 32.23 49.52 -56.32
CA MET H 376 33.00 48.47 -56.98
C MET H 376 32.85 48.60 -58.48
N ASP H 377 33.98 48.55 -59.19
CA ASP H 377 34.05 48.71 -60.65
C ASP H 377 33.72 47.38 -61.32
N ARG H 378 32.43 47.15 -61.53
CA ARG H 378 31.91 45.91 -62.08
C ARG H 378 30.42 46.12 -62.40
N PRO H 379 29.84 45.30 -63.28
CA PRO H 379 28.40 45.42 -63.56
C PRO H 379 27.58 45.29 -62.28
N GLY H 380 26.38 45.84 -62.32
CA GLY H 380 25.50 45.80 -61.16
C GLY H 380 25.70 47.00 -60.24
N ASN H 381 24.96 46.97 -59.13
CA ASN H 381 24.96 48.07 -58.15
C ASN H 381 25.81 47.72 -56.93
N TYR H 382 27.09 47.38 -57.18
CA TYR H 382 27.98 46.95 -56.11
C TYR H 382 28.72 48.14 -55.50
N VAL H 383 28.71 48.22 -54.17
CA VAL H 383 29.51 49.18 -53.43
C VAL H 383 30.31 48.43 -52.38
N GLU H 384 31.42 49.03 -51.96
CA GLU H 384 32.23 48.44 -50.90
C GLU H 384 31.54 48.60 -49.55
N PRO H 385 31.42 47.53 -48.76
CA PRO H 385 30.91 47.71 -47.40
C PRO H 385 31.89 48.60 -46.63
N THR H 386 31.35 49.50 -45.82
CA THR H 386 32.11 50.66 -45.37
C THR H 386 32.08 50.83 -43.85
N ILE H 387 33.21 51.21 -43.28
CA ILE H 387 33.36 51.46 -41.85
C ILE H 387 33.90 52.88 -41.66
N VAL H 388 33.23 53.66 -40.81
CA VAL H 388 33.60 55.05 -40.54
C VAL H 388 33.85 55.22 -39.04
N THR H 389 35.01 55.76 -38.68
CA THR H 389 35.34 56.07 -37.29
C THR H 389 35.42 57.59 -37.09
N GLY H 390 35.54 57.98 -35.82
CA GLY H 390 35.86 59.36 -35.47
C GLY H 390 34.69 60.32 -35.37
N LEU H 391 33.48 59.90 -35.72
CA LEU H 391 32.33 60.80 -35.59
C LEU H 391 31.86 60.89 -34.15
N GLY H 392 31.26 62.01 -33.80
CA GLY H 392 30.50 62.08 -32.57
C GLY H 392 29.20 61.32 -32.69
N HIS H 393 28.71 60.81 -31.56
CA HIS H 393 27.51 59.97 -31.60
C HIS H 393 26.30 60.72 -32.14
N ASP H 394 26.34 62.05 -32.14
CA ASP H 394 25.21 62.85 -32.58
C ASP H 394 25.47 63.55 -33.90
N ALA H 395 26.46 63.11 -34.67
CA ALA H 395 26.67 63.64 -36.01
C ALA H 395 25.41 63.46 -36.83
N SER H 396 25.15 64.42 -37.73
CA SER H 396 23.92 64.42 -38.52
C SER H 396 23.82 63.15 -39.35
N ILE H 397 24.89 62.80 -40.05
CA ILE H 397 24.84 61.65 -40.96
C ILE H 397 24.55 60.36 -40.19
N ALA H 398 25.04 60.24 -38.96
CA ALA H 398 24.77 59.03 -38.19
C ALA H 398 23.34 58.95 -37.71
N HIS H 399 22.62 60.08 -37.72
CA HIS H 399 21.20 60.11 -37.42
C HIS H 399 20.36 60.20 -38.68
N THR H 400 20.86 59.63 -39.77
CA THR H 400 20.15 59.50 -41.04
C THR H 400 20.24 58.04 -41.48
N GLU H 401 19.09 57.37 -41.53
CA GLU H 401 19.05 55.99 -42.00
C GLU H 401 19.30 55.96 -43.50
N THR H 402 20.54 55.67 -43.89
CA THR H 402 20.92 55.44 -45.28
C THR H 402 20.88 53.93 -45.54
N PHE H 403 20.08 53.51 -46.52
CA PHE H 403 19.94 52.09 -46.83
C PHE H 403 21.16 51.62 -47.63
N ALA H 404 22.31 51.64 -46.95
CA ALA H 404 23.56 51.29 -47.61
C ALA H 404 24.52 50.77 -46.55
N PRO H 405 25.47 49.91 -46.93
CA PRO H 405 26.36 49.31 -45.93
C PRO H 405 27.44 50.27 -45.47
N ILE H 406 27.06 51.18 -44.58
CA ILE H 406 27.99 52.08 -43.90
C ILE H 406 27.78 51.89 -42.41
N LEU H 407 28.85 51.52 -41.70
CA LEU H 407 28.79 51.28 -40.28
C LEU H 407 29.53 52.40 -39.57
N TYR H 408 28.82 53.17 -38.74
CA TYR H 408 29.41 54.28 -37.99
C TYR H 408 29.84 53.77 -36.62
N VAL H 409 31.11 53.97 -36.29
CA VAL H 409 31.73 53.42 -35.08
C VAL H 409 32.00 54.55 -34.10
N PHE H 410 31.65 54.34 -32.83
CA PHE H 410 31.78 55.32 -31.76
C PHE H 410 32.44 54.70 -30.53
N LYS H 411 33.21 55.52 -29.81
CA LYS H 411 33.73 55.14 -28.49
C LYS H 411 32.73 55.51 -27.40
N PHE H 412 32.78 54.77 -26.30
CA PHE H 412 32.06 55.16 -25.09
C PHE H 412 32.86 54.68 -23.88
N LYS H 413 32.52 55.23 -22.71
CA LYS H 413 33.13 54.85 -21.44
C LYS H 413 32.18 54.15 -20.50
N ASN H 414 31.01 54.73 -20.21
CA ASN H 414 30.13 54.24 -19.16
CA ASN H 414 30.15 54.19 -19.17
C ASN H 414 28.81 53.76 -19.74
N GLU H 415 28.14 52.88 -18.99
CA GLU H 415 26.93 52.22 -19.45
C GLU H 415 25.75 53.18 -19.58
N GLU H 416 25.57 54.07 -18.59
CA GLU H 416 24.43 54.96 -18.61
C GLU H 416 24.45 55.86 -19.85
N GLU H 417 25.62 56.41 -20.19
CA GLU H 417 25.70 57.27 -21.36
C GLU H 417 25.46 56.50 -22.65
N VAL H 418 25.97 55.27 -22.76
CA VAL H 418 25.81 54.57 -24.03
C VAL H 418 24.39 54.03 -24.18
N PHE H 419 23.71 53.73 -23.07
CA PHE H 419 22.29 53.38 -23.19
C PHE H 419 21.51 54.58 -23.69
N ALA H 420 21.85 55.78 -23.21
CA ALA H 420 21.18 57.00 -23.66
C ALA H 420 21.46 57.25 -25.14
N TRP H 421 22.68 56.98 -25.58
CA TRP H 421 23.01 57.15 -27.00
C TRP H 421 22.27 56.15 -27.87
N ASN H 422 22.09 54.91 -27.39
CA ASN H 422 21.22 53.98 -28.10
C ASN H 422 19.84 54.59 -28.31
N ASN H 423 19.29 55.19 -27.26
CA ASN H 423 17.90 55.65 -27.22
C ASN H 423 17.68 57.02 -27.85
N GLU H 424 18.74 57.75 -28.19
CA GLU H 424 18.60 59.16 -28.59
C GLU H 424 18.09 59.35 -30.01
N VAL H 425 18.12 58.31 -30.85
CA VAL H 425 17.69 58.47 -32.24
C VAL H 425 16.16 58.41 -32.31
N LYS H 426 15.61 58.78 -33.47
CA LYS H 426 14.16 58.82 -33.66
C LYS H 426 13.54 57.44 -33.85
N GLN H 427 14.30 56.48 -34.38
CA GLN H 427 13.82 55.14 -34.63
C GLN H 427 13.91 54.27 -33.37
N GLY H 428 13.20 53.15 -33.38
CA GLY H 428 13.28 52.26 -32.22
C GLY H 428 13.05 50.80 -32.53
N LEU H 429 13.81 50.25 -33.47
CA LEU H 429 13.55 48.90 -33.94
C LEU H 429 14.35 47.85 -33.17
N SER H 430 15.65 47.75 -33.46
CA SER H 430 16.49 46.72 -32.89
C SER H 430 17.71 47.32 -32.21
N SER H 431 18.32 46.53 -31.33
CA SER H 431 19.39 46.97 -30.46
C SER H 431 20.03 45.74 -29.84
N SER H 432 21.32 45.85 -29.52
CA SER H 432 22.07 44.70 -29.04
C SER H 432 23.23 45.13 -28.15
N ILE H 433 23.47 44.39 -27.07
CA ILE H 433 24.70 44.57 -26.29
C ILE H 433 25.47 43.27 -26.23
N PHE H 434 26.80 43.41 -26.20
CA PHE H 434 27.71 42.30 -25.96
C PHE H 434 28.41 42.54 -24.63
N THR H 435 28.16 41.65 -23.69
CA THR H 435 28.70 41.78 -22.35
C THR H 435 28.48 40.46 -21.63
N LYS H 436 29.23 40.25 -20.56
CA LYS H 436 29.03 39.08 -19.72
C LYS H 436 28.37 39.45 -18.40
N ASP H 437 28.13 40.72 -18.13
CA ASP H 437 27.75 41.19 -16.80
C ASP H 437 26.27 40.96 -16.56
N LEU H 438 25.94 40.16 -15.54
CA LEU H 438 24.55 39.76 -15.31
C LEU H 438 23.65 40.97 -15.06
N GLY H 439 24.09 41.90 -14.21
CA GLY H 439 23.25 43.04 -13.88
C GLY H 439 23.04 43.98 -15.06
N ARG H 440 24.11 44.28 -15.79
CA ARG H 440 24.00 45.10 -17.00
C ARG H 440 23.00 44.51 -17.99
N ILE H 441 23.00 43.19 -18.14
CA ILE H 441 22.06 42.55 -19.06
C ILE H 441 20.62 42.82 -18.63
N PHE H 442 20.34 42.74 -17.33
CA PHE H 442 18.96 42.93 -16.91
C PHE H 442 18.59 44.41 -16.86
N ARG H 443 19.56 45.29 -16.62
CA ARG H 443 19.28 46.72 -16.77
C ARG H 443 18.98 47.07 -18.23
N TRP H 444 19.71 46.45 -19.16
CA TRP H 444 19.46 46.66 -20.58
C TRP H 444 18.03 46.26 -20.97
N LEU H 445 17.51 45.21 -20.34
CA LEU H 445 16.17 44.70 -20.60
C LEU H 445 15.09 45.42 -19.81
N GLY H 446 15.47 46.37 -18.93
CA GLY H 446 14.54 46.96 -18.01
C GLY H 446 14.09 48.36 -18.40
N PRO H 447 13.39 49.05 -17.49
CA PRO H 447 12.82 50.35 -17.86
C PRO H 447 13.85 51.42 -18.21
N LYS H 448 15.07 51.32 -17.69
CA LYS H 448 16.13 52.28 -18.00
C LYS H 448 17.11 51.73 -19.03
N GLY H 449 16.71 50.71 -19.78
CA GLY H 449 17.58 50.14 -20.81
C GLY H 449 17.17 50.56 -22.20
N SER H 450 17.28 49.63 -23.13
CA SER H 450 16.97 49.89 -24.53
C SER H 450 15.48 50.22 -24.69
N ASP H 451 15.20 51.21 -25.53
CA ASP H 451 13.82 51.60 -25.78
C ASP H 451 13.26 50.95 -27.05
N CYS H 452 13.93 49.94 -27.59
CA CYS H 452 13.53 49.40 -28.90
C CYS H 452 12.56 48.23 -28.73
N GLY H 453 11.99 47.78 -29.86
CA GLY H 453 11.10 46.63 -29.79
C GLY H 453 11.81 45.29 -29.84
N ILE H 454 13.06 45.29 -30.26
CA ILE H 454 13.92 44.11 -30.25
C ILE H 454 15.15 44.48 -29.43
N VAL H 455 15.41 43.72 -28.36
CA VAL H 455 16.45 44.05 -27.39
C VAL H 455 17.27 42.78 -27.17
N ASN H 456 18.42 42.68 -27.82
CA ASN H 456 19.18 41.44 -27.86
C ASN H 456 20.46 41.52 -27.02
N VAL H 457 20.96 40.36 -26.62
CA VAL H 457 22.17 40.22 -25.82
C VAL H 457 23.06 39.18 -26.47
N ASN H 458 24.25 39.62 -26.93
CA ASN H 458 25.28 38.77 -27.51
C ASN H 458 24.87 38.14 -28.85
N ILE H 459 24.02 38.82 -29.60
CA ILE H 459 23.72 38.49 -31.00
C ILE H 459 23.50 39.78 -31.78
N PRO H 460 23.59 39.71 -33.11
CA PRO H 460 23.34 40.90 -33.94
C PRO H 460 21.93 41.49 -33.79
N THR H 461 21.74 42.66 -34.41
CA THR H 461 20.45 43.37 -34.44
C THR H 461 19.45 42.71 -35.37
N SER H 462 19.92 41.88 -36.30
CA SER H 462 19.06 41.39 -37.37
C SER H 462 18.80 39.90 -37.20
N GLY H 463 17.87 39.40 -38.02
CA GLY H 463 17.64 37.97 -38.19
C GLY H 463 16.81 37.35 -37.07
N ALA H 464 15.61 37.90 -36.83
CA ALA H 464 14.78 37.42 -35.75
C ALA H 464 14.12 36.09 -36.12
N GLU H 465 13.82 35.27 -35.11
CA GLU H 465 12.96 34.13 -35.39
C GLU H 465 11.49 34.54 -35.35
N ILE H 466 10.60 33.60 -35.69
CA ILE H 466 9.19 33.97 -35.88
C ILE H 466 8.35 33.85 -34.62
N GLY H 467 8.84 33.17 -33.57
CA GLY H 467 8.01 32.90 -32.42
C GLY H 467 7.62 34.13 -31.59
N GLY H 468 8.38 35.23 -31.69
CA GLY H 468 8.05 36.45 -30.99
C GLY H 468 7.42 37.48 -31.90
N ALA H 469 6.78 38.48 -31.30
CA ALA H 469 6.30 39.60 -32.08
C ALA H 469 7.48 40.40 -32.62
N PHE H 470 7.39 40.83 -33.88
CA PHE H 470 8.45 41.59 -34.53
C PHE H 470 7.99 43.01 -34.85
N GLY H 471 8.79 44.01 -34.49
CA GLY H 471 8.46 45.39 -34.75
C GLY H 471 9.18 46.30 -33.78
N GLY H 472 8.97 47.61 -33.96
CA GLY H 472 9.68 48.61 -33.18
C GLY H 472 8.77 49.70 -32.62
N GLU H 473 9.40 50.63 -31.93
CA GLU H 473 8.76 51.77 -31.27
C GLU H 473 9.18 53.08 -31.95
N LYS H 474 8.65 54.19 -31.43
CA LYS H 474 9.09 55.54 -31.83
C LYS H 474 8.85 55.69 -33.32
N HIS H 475 9.81 56.20 -34.11
CA HIS H 475 9.51 56.38 -35.53
C HIS H 475 9.51 55.07 -36.31
N THR H 476 9.72 53.93 -35.67
CA THR H 476 9.55 52.67 -36.39
C THR H 476 8.06 52.34 -36.60
N GLY H 477 7.15 53.00 -35.86
CA GLY H 477 5.73 52.97 -36.20
C GLY H 477 4.85 52.18 -35.26
N GLY H 478 5.41 51.27 -34.47
CA GLY H 478 4.67 50.66 -33.39
C GLY H 478 3.99 49.33 -33.70
N GLY H 479 3.87 48.94 -34.97
CA GLY H 479 3.19 47.70 -35.29
C GLY H 479 4.01 46.47 -34.93
N ARG H 480 3.34 45.33 -34.85
CA ARG H 480 4.01 44.05 -34.64
C ARG H 480 3.51 43.00 -35.62
N GLU H 481 4.43 42.10 -36.01
CA GLU H 481 4.12 41.00 -36.91
C GLU H 481 4.56 39.68 -36.28
N SER H 482 3.99 38.59 -36.80
CA SER H 482 4.43 37.21 -36.56
C SER H 482 3.93 36.64 -35.23
N GLY H 483 4.82 36.55 -34.23
CA GLY H 483 4.59 35.70 -33.08
C GLY H 483 3.95 36.40 -31.89
N SER H 484 4.00 35.71 -30.75
CA SER H 484 3.32 36.11 -29.52
C SER H 484 1.86 36.36 -29.85
N ASP H 485 1.25 37.41 -29.27
CA ASP H 485 -0.14 37.73 -29.61
C ASP H 485 -0.25 38.86 -30.65
N ALA H 486 0.66 38.91 -31.63
CA ALA H 486 0.51 39.87 -32.73
C ALA H 486 -0.77 39.65 -33.51
N TRP H 487 -1.32 38.44 -33.45
CA TRP H 487 -2.52 38.15 -34.22
C TRP H 487 -3.67 39.06 -33.84
N LYS H 488 -3.64 39.63 -32.63
CA LYS H 488 -4.75 40.46 -32.21
C LYS H 488 -4.88 41.72 -33.06
N GLN H 489 -3.79 42.17 -33.69
CA GLN H 489 -3.92 43.35 -34.55
C GLN H 489 -4.77 43.07 -35.77
N TYR H 490 -4.92 41.82 -36.15
CA TYR H 490 -5.71 41.46 -37.32
C TYR H 490 -7.15 41.10 -36.95
N MET H 491 -7.57 41.38 -35.71
CA MET H 491 -8.93 41.05 -35.27
C MET H 491 -9.48 42.19 -34.42
N ARG H 492 -10.80 42.23 -34.27
CA ARG H 492 -11.43 43.20 -33.39
C ARG H 492 -11.89 42.51 -32.13
N ARG H 493 -11.58 43.11 -30.99
CA ARG H 493 -11.99 42.60 -29.70
C ARG H 493 -13.40 43.09 -29.39
N SER H 494 -14.20 42.21 -28.82
CA SER H 494 -15.44 42.64 -28.20
C SER H 494 -15.51 42.06 -26.79
N THR H 495 -16.05 42.86 -25.89
CA THR H 495 -16.34 42.46 -24.52
C THR H 495 -17.83 42.21 -24.44
N CYS H 496 -18.21 40.99 -24.07
CA CYS H 496 -19.57 40.50 -24.29
C CYS H 496 -20.14 40.00 -22.97
N THR H 497 -21.27 40.56 -22.56
CA THR H 497 -21.96 40.14 -21.36
C THR H 497 -23.30 39.55 -21.75
N ILE H 498 -23.61 38.35 -21.25
CA ILE H 498 -24.84 37.64 -21.58
C ILE H 498 -25.62 37.40 -20.31
N ASN H 499 -26.76 38.06 -20.17
CA ASN H 499 -27.64 37.86 -19.04
C ASN H 499 -28.54 36.67 -19.36
N TYR H 500 -28.33 35.56 -18.67
CA TYR H 500 -29.17 34.38 -18.85
C TYR H 500 -30.18 34.20 -17.72
N SER H 501 -30.41 35.23 -16.90
CA SER H 501 -31.36 35.19 -15.79
C SER H 501 -32.60 36.04 -16.10
N LYS H 502 -33.51 36.09 -15.12
CA LYS H 502 -34.71 36.93 -15.19
C LYS H 502 -34.58 38.25 -14.42
N ASP H 503 -33.37 38.60 -13.98
CA ASP H 503 -33.13 39.80 -13.19
C ASP H 503 -32.22 40.75 -13.97
N LEU H 504 -32.10 41.99 -13.46
CA LEU H 504 -31.22 42.99 -14.06
C LEU H 504 -30.45 43.75 -12.99
N PRO H 505 -29.56 43.06 -12.27
CA PRO H 505 -28.61 43.79 -11.42
C PRO H 505 -27.69 44.65 -12.28
N LEU H 506 -27.42 45.86 -11.81
CA LEU H 506 -26.52 46.77 -12.53
C LEU H 506 -25.10 46.66 -11.96
N ALA H 507 -24.11 46.93 -12.82
CA ALA H 507 -22.72 46.98 -12.37
C ALA H 507 -22.55 48.03 -11.27
N GLN H 508 -21.53 47.82 -10.43
CA GLN H 508 -21.20 48.68 -9.30
C GLN H 508 -22.34 48.81 -8.28
N GLY H 509 -23.28 47.87 -8.27
CA GLY H 509 -24.34 47.87 -7.26
C GLY H 509 -25.34 49.00 -7.37
N ILE H 510 -25.38 49.69 -8.51
CA ILE H 510 -26.28 50.84 -8.68
C ILE H 510 -27.72 50.37 -8.66
N LYS H 511 -28.54 50.98 -7.79
CA LYS H 511 -29.99 50.79 -7.75
C LYS H 511 -30.67 51.91 -8.54
N PHE H 512 -31.41 51.54 -9.59
CA PHE H 512 -32.08 52.50 -10.47
C PHE H 512 -33.57 52.18 -10.53
N GLN H 513 -34.29 52.47 -9.44
CA GLN H 513 -35.73 52.23 -9.39
C GLN H 513 -36.45 53.34 -8.65
#